data_8X26
#
_entry.id   8X26
#
_cell.length_a   72.978
_cell.length_b   263.809
_cell.length_c   131.624
_cell.angle_alpha   90.000
_cell.angle_beta   101.641
_cell.angle_gamma   90.000
#
_symmetry.space_group_name_H-M   'P 1 21 1'
#
loop_
_entity.id
_entity.type
_entity.pdbx_description
1 polymer Hemagglutinin
2 branched 2-acetamido-2-deoxy-beta-D-glucopyranose-(1-4)-2-acetamido-2-deoxy-beta-D-glucopyranose
3 branched 'N-acetyl-alpha-neuraminic acid-(2-3)-beta-D-galactopyranose-(1-3)-2-acetamido-2-deoxy-beta-D-glucopyranose-(1-3)-beta-D-galactopyranose'
4 non-polymer 2-acetamido-2-deoxy-beta-D-glucopyranose
#
_entity_poly.entity_id   1
_entity_poly.type   'polypeptide(L)'
_entity_poly.pdbx_seq_one_letter_code
;DQICIGYHANNSTEQVDTIMEKNVTVTHAQDILEKTHNGKLCDLNGVKPLILKDCSVAGWLLGNPMCDEFIRVPEWSYIV
ERANPANDLCYPGSLNDYEELKHLLSRINHFEKILIIPKSSWPNHETSLGVSAACPYQGAPSFFRNVVWLIKKNDAYPTI
KISYNNTNREDLLILWGIHHSNNAEEQTNLYKNPTTYISVGTSTLNQRLVPKIATRSQVNGQRGRMDFFWTILKPDDAIH
FESNGNFIAPEYAYKIVKKGDSTIMKSGVEYGHCNTKCQTPVGAINSSMPFHNIHPLTIGECPKYVKSNKLVLATGLRNS
PLREKRRKRGLFGAIAGFIEGGWQGMVDGWYGYHHSNEQGSGYAADKESTQKAIDGVTNKVNSIIDKMNTQFEAVGREFN
NLERRIENLNKKMEDGFLDVWTYNAELLVLMENERTLDFHDSNVKNLYDKVRLQLRDNAKELGNGCFEFYHKCDNECMES
VRNGTYDYPQYSEEARLKREEISGVK
;
_entity_poly.pdbx_strand_id   A,B,C,D,E,F
#
loop_
_chem_comp.id
_chem_comp.type
_chem_comp.name
_chem_comp.formula
GAL D-saccharide, beta linking beta-D-galactopyranose 'C6 H12 O6'
NAG D-saccharide, beta linking 2-acetamido-2-deoxy-beta-D-glucopyranose 'C8 H15 N O6'
SIA D-saccharide, alpha linking 'N-acetyl-alpha-neuraminic acid' 'C11 H19 N O9'
#
# COMPACT_ATOMS: atom_id res chain seq x y z
N ASP A 1 23.24 -22.28 -85.60
CA ASP A 1 23.43 -23.65 -85.14
C ASP A 1 23.49 -23.72 -83.62
N GLN A 2 22.36 -23.45 -82.97
CA GLN A 2 22.30 -23.41 -81.53
C GLN A 2 21.01 -24.05 -81.03
N ILE A 3 21.03 -24.46 -79.76
CA ILE A 3 19.88 -25.01 -79.04
C ILE A 3 19.71 -24.22 -77.76
N CYS A 4 18.46 -23.91 -77.42
CA CYS A 4 18.14 -23.06 -76.28
C CYS A 4 17.19 -23.76 -75.34
N ILE A 5 17.35 -23.48 -74.04
CA ILE A 5 16.45 -23.99 -73.01
C ILE A 5 15.61 -22.83 -72.49
N GLY A 6 14.31 -23.09 -72.30
CA GLY A 6 13.36 -22.06 -71.94
C GLY A 6 12.19 -22.59 -71.14
N TYR A 7 11.30 -21.67 -70.76
CA TYR A 7 10.08 -22.01 -70.03
C TYR A 7 8.86 -21.42 -70.71
N HIS A 8 7.69 -21.78 -70.18
CA HIS A 8 6.39 -21.46 -70.76
C HIS A 8 6.05 -19.99 -70.55
N ALA A 9 5.16 -19.49 -71.41
CA ALA A 9 4.59 -18.15 -71.22
C ALA A 9 3.21 -18.14 -71.86
N ASN A 10 2.35 -17.24 -71.37
CA ASN A 10 0.99 -17.15 -71.84
C ASN A 10 0.56 -15.69 -71.82
N ASN A 11 -0.75 -15.46 -71.78
CA ASN A 11 -1.32 -14.11 -71.79
C ASN A 11 -1.82 -13.69 -70.42
N SER A 12 -1.43 -14.40 -69.36
CA SER A 12 -2.01 -14.17 -68.04
C SER A 12 -1.75 -12.73 -67.56
N THR A 13 -2.77 -12.14 -66.96
CA THR A 13 -2.69 -10.82 -66.34
C THR A 13 -2.76 -10.91 -64.82
N GLU A 14 -2.75 -12.12 -64.26
CA GLU A 14 -2.88 -12.33 -62.82
C GLU A 14 -1.55 -12.12 -62.12
N GLN A 15 -1.58 -11.28 -61.08
CA GLN A 15 -0.38 -10.91 -60.34
C GLN A 15 -0.40 -11.55 -58.95
N VAL A 16 0.78 -11.91 -58.46
CA VAL A 16 0.98 -12.39 -57.09
C VAL A 16 2.11 -11.59 -56.47
N ASP A 17 2.21 -11.69 -55.15
CA ASP A 17 3.27 -11.01 -54.41
C ASP A 17 4.07 -12.03 -53.62
N THR A 18 5.34 -11.72 -53.40
CA THR A 18 6.20 -12.52 -52.54
C THR A 18 6.86 -11.60 -51.53
N ILE A 19 7.65 -12.17 -50.62
CA ILE A 19 8.28 -11.36 -49.58
C ILE A 19 9.21 -10.32 -50.18
N MET A 20 9.97 -10.71 -51.19
CA MET A 20 11.02 -9.85 -51.73
C MET A 20 10.58 -9.13 -53.00
N GLU A 21 9.47 -9.53 -53.61
CA GLU A 21 8.98 -8.94 -54.85
C GLU A 21 7.48 -8.72 -54.76
N LYS A 22 7.01 -7.63 -55.36
CA LYS A 22 5.61 -7.24 -55.34
C LYS A 22 5.12 -7.06 -56.77
N ASN A 23 3.83 -7.34 -56.98
CA ASN A 23 3.16 -7.20 -58.28
C ASN A 23 3.95 -7.91 -59.39
N VAL A 24 4.08 -9.22 -59.24
CA VAL A 24 4.77 -10.07 -60.19
C VAL A 24 3.73 -10.82 -61.01
N THR A 25 3.67 -10.55 -62.30
CA THR A 25 2.73 -11.24 -63.18
C THR A 25 3.19 -12.67 -63.41
N VAL A 26 2.27 -13.62 -63.23
CA VAL A 26 2.57 -15.04 -63.29
C VAL A 26 1.59 -15.75 -64.22
N THR A 27 1.97 -16.94 -64.67
CA THR A 27 1.18 -17.65 -65.68
C THR A 27 -0.05 -18.33 -65.07
N HIS A 28 0.12 -18.98 -63.92
CA HIS A 28 -0.98 -19.72 -63.29
C HIS A 28 -0.96 -19.46 -61.80
N ALA A 29 -2.14 -19.49 -61.19
CA ALA A 29 -2.27 -19.13 -59.78
C ALA A 29 -3.61 -19.64 -59.26
N GLN A 30 -3.74 -19.59 -57.93
CA GLN A 30 -4.92 -20.09 -57.24
C GLN A 30 -5.19 -19.24 -56.01
N ASP A 31 -6.45 -18.84 -55.83
CA ASP A 31 -6.89 -18.06 -54.68
C ASP A 31 -7.50 -18.98 -53.64
N ILE A 32 -6.96 -18.95 -52.42
CA ILE A 32 -7.44 -19.80 -51.34
C ILE A 32 -8.41 -19.06 -50.42
N LEU A 33 -8.83 -17.85 -50.80
CA LEU A 33 -9.75 -17.06 -50.00
C LEU A 33 -11.11 -17.06 -50.69
N GLU A 34 -12.14 -17.53 -49.98
CA GLU A 34 -13.47 -17.57 -50.55
C GLU A 34 -14.20 -16.26 -50.24
N LYS A 35 -14.90 -15.74 -51.25
CA LYS A 35 -15.54 -14.45 -51.17
C LYS A 35 -17.01 -14.48 -51.55
N THR A 36 -17.54 -15.62 -52.00
CA THR A 36 -18.86 -15.71 -52.58
C THR A 36 -19.80 -16.47 -51.66
N HIS A 37 -21.00 -15.91 -51.48
CA HIS A 37 -22.08 -16.57 -50.75
C HIS A 37 -23.35 -16.51 -51.56
N ASN A 38 -24.25 -17.45 -51.29
CA ASN A 38 -25.44 -17.65 -52.12
C ASN A 38 -26.57 -16.67 -51.82
N GLY A 39 -26.46 -15.85 -50.78
CA GLY A 39 -27.43 -14.83 -50.46
C GLY A 39 -28.72 -15.29 -49.82
N LYS A 40 -28.77 -16.54 -49.35
CA LYS A 40 -29.99 -17.09 -48.78
C LYS A 40 -29.65 -17.88 -47.53
N LEU A 41 -30.62 -18.04 -46.65
CA LEU A 41 -30.47 -18.83 -45.43
C LEU A 41 -30.85 -20.28 -45.72
N CYS A 42 -29.95 -21.20 -45.40
CA CYS A 42 -30.12 -22.58 -45.81
C CYS A 42 -30.19 -23.51 -44.61
N ASP A 43 -30.53 -24.76 -44.89
CA ASP A 43 -30.46 -25.82 -43.89
C ASP A 43 -29.01 -26.13 -43.57
N LEU A 44 -28.80 -26.76 -42.42
CA LEU A 44 -27.47 -27.10 -41.96
C LEU A 44 -27.41 -28.60 -41.74
N ASN A 45 -26.59 -29.29 -42.55
CA ASN A 45 -26.42 -30.74 -42.48
C ASN A 45 -27.77 -31.45 -42.49
N GLY A 46 -28.72 -30.92 -43.25
CA GLY A 46 -30.00 -31.58 -43.42
C GLY A 46 -31.05 -31.27 -42.38
N VAL A 47 -30.78 -30.35 -41.44
CA VAL A 47 -31.78 -29.90 -40.48
C VAL A 47 -32.09 -28.44 -40.76
N LYS A 48 -33.30 -28.00 -40.38
CA LYS A 48 -33.87 -26.76 -40.87
C LYS A 48 -33.83 -25.66 -39.82
N PRO A 49 -33.56 -24.43 -40.26
CA PRO A 49 -33.62 -23.29 -39.36
C PRO A 49 -35.02 -23.09 -38.81
N LEU A 50 -35.11 -22.73 -37.54
CA LEU A 50 -36.37 -22.28 -36.96
C LEU A 50 -36.47 -20.79 -37.25
N ILE A 51 -36.94 -20.44 -38.45
CA ILE A 51 -36.99 -19.03 -38.81
C ILE A 51 -38.21 -18.37 -38.17
N LEU A 52 -38.07 -18.07 -36.89
CA LEU A 52 -38.99 -17.17 -36.20
C LEU A 52 -38.98 -15.81 -36.91
N LYS A 53 -40.16 -15.24 -37.17
CA LYS A 53 -40.27 -14.00 -37.92
C LYS A 53 -40.89 -12.92 -37.04
N ASP A 54 -40.19 -11.80 -36.86
CA ASP A 54 -40.67 -10.68 -36.05
C ASP A 54 -41.27 -11.15 -34.74
N CYS A 55 -40.79 -12.28 -34.25
CA CYS A 55 -41.21 -12.83 -32.97
C CYS A 55 -39.99 -13.35 -32.25
N SER A 56 -39.93 -13.10 -30.95
CA SER A 56 -38.81 -13.50 -30.13
C SER A 56 -38.93 -14.96 -29.74
N VAL A 57 -37.82 -15.53 -29.27
CA VAL A 57 -37.88 -16.86 -28.65
C VAL A 57 -38.83 -16.83 -27.46
N ALA A 58 -38.93 -15.68 -26.78
CA ALA A 58 -39.85 -15.58 -25.64
C ALA A 58 -41.30 -15.54 -26.08
N GLY A 59 -41.60 -14.76 -27.12
CA GLY A 59 -42.99 -14.66 -27.57
C GLY A 59 -43.52 -15.97 -28.10
N TRP A 60 -42.69 -16.71 -28.84
CA TRP A 60 -43.11 -18.00 -29.39
C TRP A 60 -43.36 -19.01 -28.27
N LEU A 61 -42.42 -19.11 -27.33
CA LEU A 61 -42.58 -20.06 -26.22
C LEU A 61 -43.83 -19.77 -25.41
N LEU A 62 -44.01 -18.52 -24.99
CA LEU A 62 -45.14 -18.20 -24.14
C LEU A 62 -46.44 -18.12 -24.92
N GLY A 63 -46.36 -18.06 -26.25
CA GLY A 63 -47.54 -18.00 -27.08
C GLY A 63 -48.10 -16.60 -27.19
N ASN A 64 -47.25 -15.65 -27.56
CA ASN A 64 -47.73 -14.32 -27.91
C ASN A 64 -48.81 -14.44 -28.97
N PRO A 65 -49.97 -13.79 -28.78
CA PRO A 65 -51.06 -13.93 -29.76
C PRO A 65 -50.70 -13.47 -31.17
N MET A 66 -49.65 -12.67 -31.35
CA MET A 66 -49.36 -12.06 -32.64
C MET A 66 -48.34 -12.86 -33.46
N CYS A 67 -48.10 -14.11 -33.11
CA CYS A 67 -47.12 -14.94 -33.80
C CYS A 67 -47.80 -16.20 -34.31
N ASP A 68 -47.60 -16.54 -35.59
CA ASP A 68 -48.34 -17.66 -36.23
C ASP A 68 -47.62 -18.99 -36.10
N GLU A 69 -46.80 -19.16 -35.08
CA GLU A 69 -46.01 -20.41 -34.99
C GLU A 69 -46.41 -21.14 -33.71
N PHE A 70 -46.76 -22.42 -33.81
CA PHE A 70 -47.25 -23.11 -32.60
C PHE A 70 -46.38 -24.35 -32.36
N ILE A 71 -46.58 -25.38 -33.16
CA ILE A 71 -45.70 -26.57 -33.08
C ILE A 71 -45.21 -26.79 -34.50
N ARG A 72 -44.98 -25.69 -35.21
CA ARG A 72 -44.62 -25.79 -36.64
C ARG A 72 -43.37 -26.63 -36.84
N VAL A 73 -42.36 -26.49 -36.00
CA VAL A 73 -41.11 -27.24 -36.32
C VAL A 73 -40.68 -28.16 -35.16
N PRO A 74 -40.41 -29.49 -35.34
CA PRO A 74 -40.01 -30.35 -34.22
C PRO A 74 -38.50 -30.56 -34.06
N GLU A 75 -37.70 -30.07 -34.99
CA GLU A 75 -36.26 -30.21 -34.97
C GLU A 75 -35.66 -29.01 -35.68
N TRP A 76 -34.61 -28.43 -35.10
CA TRP A 76 -33.92 -27.36 -35.80
C TRP A 76 -32.42 -27.42 -35.51
N SER A 77 -31.66 -26.82 -36.41
CA SER A 77 -30.22 -26.69 -36.32
C SER A 77 -29.79 -25.33 -35.81
N TYR A 78 -30.49 -24.28 -36.20
CA TYR A 78 -30.24 -22.96 -35.67
C TYR A 78 -31.55 -22.17 -35.68
N ILE A 79 -31.61 -21.15 -34.82
CA ILE A 79 -32.75 -20.25 -34.74
C ILE A 79 -32.38 -18.98 -35.49
N VAL A 80 -33.34 -18.42 -36.23
CA VAL A 80 -33.15 -17.12 -36.86
C VAL A 80 -34.14 -16.15 -36.25
N GLU A 81 -33.60 -15.09 -35.65
CA GLU A 81 -34.38 -14.07 -35.01
C GLU A 81 -33.98 -12.74 -35.65
N ARG A 82 -34.94 -11.82 -35.76
CA ARG A 82 -34.63 -10.54 -36.36
C ARG A 82 -33.90 -9.69 -35.32
N ALA A 83 -33.22 -8.64 -35.81
CA ALA A 83 -32.37 -7.86 -34.91
C ALA A 83 -33.17 -7.21 -33.80
N ASN A 84 -34.33 -6.67 -34.13
CA ASN A 84 -35.28 -6.16 -33.15
C ASN A 84 -36.63 -6.80 -33.44
N PRO A 85 -36.85 -8.00 -32.92
CA PRO A 85 -38.11 -8.69 -33.16
C PRO A 85 -39.27 -7.87 -32.63
N ALA A 86 -40.32 -7.75 -33.46
CA ALA A 86 -41.35 -6.78 -33.15
C ALA A 86 -42.24 -7.19 -31.98
N ASN A 87 -42.45 -8.49 -31.75
CA ASN A 87 -43.53 -8.91 -30.85
C ASN A 87 -43.07 -9.26 -29.43
N ASP A 88 -42.18 -10.25 -29.24
CA ASP A 88 -41.56 -10.48 -27.91
C ASP A 88 -42.63 -10.63 -26.83
N LEU A 89 -42.51 -9.91 -25.72
CA LEU A 89 -43.39 -10.02 -24.57
C LEU A 89 -44.44 -8.92 -24.71
N CYS A 90 -45.67 -9.31 -25.03
CA CYS A 90 -46.70 -8.29 -25.28
C CYS A 90 -47.11 -7.60 -23.98
N TYR A 91 -47.34 -8.35 -22.92
CA TYR A 91 -47.55 -7.67 -21.65
C TYR A 91 -46.19 -7.33 -21.06
N PRO A 92 -45.95 -6.09 -20.65
CA PRO A 92 -44.63 -5.69 -20.15
C PRO A 92 -44.11 -6.67 -19.10
N GLY A 93 -42.84 -7.03 -19.21
CA GLY A 93 -42.27 -7.95 -18.24
C GLY A 93 -40.91 -8.46 -18.63
N SER A 94 -40.57 -9.63 -18.07
CA SER A 94 -39.26 -10.23 -18.18
C SER A 94 -39.37 -11.75 -18.22
N LEU A 95 -38.31 -12.39 -18.71
CA LEU A 95 -38.16 -13.84 -18.64
C LEU A 95 -36.79 -14.12 -18.06
N ASN A 96 -36.74 -14.82 -16.92
CA ASN A 96 -35.48 -15.07 -16.25
C ASN A 96 -34.58 -15.96 -17.11
N ASP A 97 -33.27 -15.72 -17.00
CA ASP A 97 -32.26 -16.52 -17.69
C ASP A 97 -32.68 -16.77 -19.15
N TYR A 98 -33.16 -15.71 -19.80
CA TYR A 98 -33.58 -15.77 -21.19
C TYR A 98 -32.42 -16.14 -22.11
N GLU A 99 -31.27 -15.49 -21.90
CA GLU A 99 -30.12 -15.75 -22.76
C GLU A 99 -29.64 -17.19 -22.64
N GLU A 100 -29.82 -17.79 -21.46
CA GLU A 100 -29.48 -19.20 -21.28
C GLU A 100 -30.54 -20.11 -21.89
N LEU A 101 -31.82 -19.72 -21.79
CA LEU A 101 -32.86 -20.46 -22.49
C LEU A 101 -32.60 -20.49 -23.99
N LYS A 102 -32.18 -19.35 -24.56
CA LYS A 102 -31.92 -19.29 -26.00
C LYS A 102 -30.75 -20.18 -26.39
N HIS A 103 -29.79 -20.38 -25.50
CA HIS A 103 -28.72 -21.34 -25.75
C HIS A 103 -29.21 -22.77 -25.67
N LEU A 104 -30.01 -23.10 -24.65
CA LEU A 104 -30.55 -24.45 -24.54
C LEU A 104 -31.42 -24.80 -25.74
N LEU A 105 -32.21 -23.84 -26.21
CA LEU A 105 -33.17 -24.01 -27.28
C LEU A 105 -32.52 -23.77 -28.65
N SER A 106 -31.21 -23.59 -28.66
CA SER A 106 -30.50 -23.23 -29.89
C SER A 106 -30.51 -24.37 -30.89
N ARG A 107 -30.35 -25.60 -30.40
CA ARG A 107 -30.43 -26.81 -31.21
C ARG A 107 -31.21 -27.85 -30.41
N ILE A 108 -32.33 -28.31 -30.94
CA ILE A 108 -33.17 -29.28 -30.25
C ILE A 108 -33.52 -30.39 -31.23
N ASN A 109 -33.27 -31.64 -30.83
CA ASN A 109 -33.64 -32.79 -31.66
C ASN A 109 -35.14 -33.04 -31.65
N HIS A 110 -35.79 -32.91 -30.49
CA HIS A 110 -37.22 -33.19 -30.35
C HIS A 110 -37.87 -32.11 -29.50
N PHE A 111 -38.89 -31.45 -30.07
CA PHE A 111 -39.65 -30.39 -29.42
C PHE A 111 -41.13 -30.68 -29.67
N GLU A 112 -41.92 -30.75 -28.60
CA GLU A 112 -43.36 -30.99 -28.74
C GLU A 112 -44.11 -30.30 -27.63
N LYS A 113 -45.10 -29.49 -28.01
CA LYS A 113 -45.98 -28.81 -27.07
C LYS A 113 -47.05 -29.77 -26.62
N ILE A 114 -47.08 -30.02 -25.31
CA ILE A 114 -48.06 -30.93 -24.72
C ILE A 114 -48.81 -30.17 -23.63
N LEU A 115 -50.14 -30.28 -23.67
CA LEU A 115 -50.97 -29.74 -22.60
C LEU A 115 -50.64 -30.47 -21.31
N ILE A 116 -50.33 -29.73 -20.24
CA ILE A 116 -49.90 -30.34 -18.99
C ILE A 116 -50.85 -30.05 -17.83
N ILE A 117 -51.28 -28.80 -17.66
CA ILE A 117 -52.32 -28.52 -16.67
C ILE A 117 -53.57 -28.01 -17.37
N PRO A 118 -54.71 -28.74 -17.42
CA PRO A 118 -55.83 -28.31 -18.20
C PRO A 118 -56.66 -27.26 -17.48
N LYS A 119 -57.42 -26.49 -18.24
CA LYS A 119 -58.28 -25.44 -17.67
C LYS A 119 -59.46 -26.11 -16.99
N SER A 120 -59.62 -27.40 -17.19
CA SER A 120 -60.66 -28.19 -16.49
C SER A 120 -60.32 -28.11 -15.02
N SER A 121 -59.03 -28.01 -14.71
CA SER A 121 -58.59 -27.86 -13.31
C SER A 121 -58.80 -26.41 -12.95
N TRP A 122 -58.42 -26.02 -11.76
CA TRP A 122 -58.73 -24.63 -11.33
C TRP A 122 -60.22 -24.36 -11.47
N PRO A 123 -61.12 -25.14 -10.84
CA PRO A 123 -62.54 -24.94 -11.04
C PRO A 123 -63.08 -23.89 -10.07
N ASN A 124 -62.25 -23.43 -9.15
CA ASN A 124 -62.67 -22.44 -8.14
C ASN A 124 -62.08 -21.08 -8.52
N HIS A 125 -61.55 -20.97 -9.73
CA HIS A 125 -60.90 -19.72 -10.19
C HIS A 125 -61.41 -19.35 -11.58
N GLU A 126 -61.21 -18.11 -12.01
CA GLU A 126 -61.72 -17.61 -13.27
C GLU A 126 -60.63 -17.62 -14.33
N THR A 127 -60.84 -18.41 -15.39
CA THR A 127 -59.89 -18.58 -16.49
C THR A 127 -60.28 -17.76 -17.72
N SER A 128 -61.28 -16.90 -17.62
CA SER A 128 -61.86 -16.27 -18.80
C SER A 128 -61.56 -14.80 -18.91
N LEU A 129 -61.23 -14.13 -17.81
CA LEU A 129 -61.06 -12.70 -17.79
C LEU A 129 -59.59 -12.29 -17.75
N GLY A 130 -58.67 -13.24 -17.88
CA GLY A 130 -57.24 -12.96 -17.88
C GLY A 130 -56.72 -12.53 -19.22
N VAL A 131 -57.08 -11.30 -19.63
CA VAL A 131 -56.70 -10.76 -20.93
C VAL A 131 -56.25 -9.32 -20.71
N SER A 132 -55.43 -8.83 -21.64
CA SER A 132 -55.02 -7.43 -21.62
C SER A 132 -54.93 -6.91 -23.05
N ALA A 133 -55.19 -5.61 -23.20
CA ALA A 133 -55.05 -4.98 -24.51
C ALA A 133 -53.59 -4.88 -24.95
N ALA A 134 -52.62 -4.91 -24.01
CA ALA A 134 -51.22 -5.01 -24.39
C ALA A 134 -50.98 -6.20 -25.33
N CYS A 135 -51.64 -7.33 -25.06
CA CYS A 135 -51.62 -8.54 -25.88
C CYS A 135 -52.89 -8.56 -26.74
N PRO A 136 -52.83 -8.13 -28.02
CA PRO A 136 -54.07 -7.68 -28.69
C PRO A 136 -54.81 -8.64 -29.62
N TYR A 137 -54.19 -9.68 -30.20
CA TYR A 137 -54.88 -10.54 -31.20
C TYR A 137 -55.57 -9.68 -32.26
N GLN A 138 -56.84 -9.94 -32.58
CA GLN A 138 -57.56 -9.27 -33.66
C GLN A 138 -58.38 -8.12 -33.06
N GLY A 139 -57.64 -7.08 -32.68
CA GLY A 139 -58.22 -5.90 -32.06
C GLY A 139 -59.08 -6.17 -30.84
N ALA A 140 -58.67 -7.11 -29.99
CA ALA A 140 -59.47 -7.45 -28.81
C ALA A 140 -58.56 -7.95 -27.71
N PRO A 141 -58.76 -7.50 -26.47
CA PRO A 141 -57.89 -7.93 -25.37
C PRO A 141 -57.68 -9.44 -25.37
N SER A 142 -56.41 -9.83 -25.37
CA SER A 142 -56.04 -11.24 -25.33
C SER A 142 -54.82 -11.38 -24.42
N PHE A 143 -54.18 -12.54 -24.46
CA PHE A 143 -53.10 -12.83 -23.53
C PHE A 143 -52.18 -13.86 -24.18
N PHE A 144 -51.10 -14.19 -23.48
CA PHE A 144 -50.24 -15.28 -23.91
C PHE A 144 -51.06 -16.58 -23.94
N ARG A 145 -50.72 -17.47 -24.87
CA ARG A 145 -51.59 -18.61 -25.12
C ARG A 145 -51.20 -19.88 -24.38
N ASN A 146 -49.94 -20.08 -24.04
CA ASN A 146 -49.52 -21.32 -23.39
C ASN A 146 -49.47 -21.19 -21.88
N VAL A 147 -50.09 -20.13 -21.33
CA VAL A 147 -50.06 -19.82 -19.92
C VAL A 147 -51.41 -19.19 -19.59
N VAL A 148 -51.86 -19.34 -18.34
CA VAL A 148 -53.18 -18.90 -17.93
C VAL A 148 -53.07 -17.89 -16.80
N TRP A 149 -53.64 -16.70 -17.01
CA TRP A 149 -53.74 -15.68 -15.98
C TRP A 149 -55.02 -15.93 -15.20
N LEU A 150 -54.88 -16.44 -13.99
CA LEU A 150 -56.02 -16.83 -13.16
C LEU A 150 -56.41 -15.67 -12.25
N ILE A 151 -57.68 -15.26 -12.30
CA ILE A 151 -58.14 -14.19 -11.43
C ILE A 151 -59.24 -14.74 -10.53
N LYS A 152 -59.84 -13.86 -9.72
CA LYS A 152 -60.72 -14.27 -8.63
C LYS A 152 -62.05 -14.81 -9.17
N LYS A 153 -62.69 -15.62 -8.32
CA LYS A 153 -64.04 -16.11 -8.54
C LYS A 153 -64.89 -15.78 -7.32
N ASN A 154 -66.07 -15.19 -7.55
CA ASN A 154 -67.02 -14.89 -6.48
C ASN A 154 -66.36 -14.10 -5.34
N ASP A 155 -65.48 -13.18 -5.71
CA ASP A 155 -64.67 -12.42 -4.75
C ASP A 155 -63.89 -13.34 -3.81
N ALA A 156 -63.35 -14.42 -4.36
CA ALA A 156 -62.52 -15.32 -3.57
C ALA A 156 -61.44 -15.90 -4.47
N TYR A 157 -60.26 -16.09 -3.89
CA TYR A 157 -59.12 -16.72 -4.57
C TYR A 157 -58.60 -17.81 -3.64
N PRO A 158 -59.27 -18.96 -3.58
CA PRO A 158 -58.75 -20.07 -2.78
C PRO A 158 -57.30 -20.36 -3.17
N THR A 159 -56.51 -20.78 -2.20
CA THR A 159 -55.10 -21.05 -2.50
C THR A 159 -54.99 -22.24 -3.45
N ILE A 160 -54.08 -22.13 -4.40
CA ILE A 160 -53.86 -23.16 -5.41
C ILE A 160 -52.77 -24.09 -4.90
N LYS A 161 -53.07 -25.38 -4.82
CA LYS A 161 -52.06 -26.40 -4.59
C LYS A 161 -52.21 -27.43 -5.71
N ILE A 162 -51.21 -27.50 -6.58
CA ILE A 162 -51.28 -28.35 -7.76
C ILE A 162 -49.91 -28.98 -7.98
N SER A 163 -49.91 -30.11 -8.69
CA SER A 163 -48.69 -30.88 -8.94
C SER A 163 -48.77 -31.48 -10.33
N TYR A 164 -47.63 -31.63 -10.98
CA TYR A 164 -47.57 -32.35 -12.25
C TYR A 164 -46.37 -33.29 -12.19
N ASN A 165 -46.63 -34.57 -12.43
CA ASN A 165 -45.59 -35.58 -12.46
C ASN A 165 -45.33 -35.91 -13.92
N ASN A 166 -44.09 -35.73 -14.37
CA ASN A 166 -43.75 -36.05 -15.75
C ASN A 166 -43.86 -37.56 -15.94
N THR A 167 -44.84 -37.97 -16.72
CA THR A 167 -45.02 -39.36 -17.06
C THR A 167 -44.39 -39.70 -18.40
N ASN A 168 -43.84 -38.69 -19.07
CA ASN A 168 -43.10 -38.86 -20.32
C ASN A 168 -41.66 -39.24 -20.04
N ARG A 169 -41.00 -39.80 -21.04
CA ARG A 169 -39.61 -40.19 -20.94
C ARG A 169 -38.66 -39.08 -21.36
N GLU A 170 -39.19 -37.93 -21.75
CA GLU A 170 -38.40 -36.80 -22.20
C GLU A 170 -38.52 -35.65 -21.21
N ASP A 171 -37.47 -34.85 -21.11
CA ASP A 171 -37.53 -33.69 -20.22
C ASP A 171 -38.54 -32.67 -20.74
N LEU A 172 -39.06 -31.88 -19.80
CA LEU A 172 -40.15 -30.95 -20.06
C LEU A 172 -39.72 -29.53 -19.70
N LEU A 173 -40.02 -28.59 -20.59
CA LEU A 173 -39.77 -27.17 -20.35
C LEU A 173 -41.07 -26.53 -19.89
N ILE A 174 -41.11 -26.09 -18.64
CA ILE A 174 -42.33 -25.59 -18.02
C ILE A 174 -42.12 -24.13 -17.65
N LEU A 175 -43.14 -23.30 -17.89
CA LEU A 175 -43.02 -21.85 -17.74
C LEU A 175 -44.17 -21.31 -16.91
N TRP A 176 -43.84 -20.44 -15.94
CA TRP A 176 -44.83 -19.79 -15.11
C TRP A 176 -44.44 -18.32 -14.94
N GLY A 177 -45.26 -17.59 -14.21
CA GLY A 177 -45.05 -16.16 -14.09
C GLY A 177 -45.75 -15.56 -12.89
N ILE A 178 -45.43 -14.30 -12.64
CA ILE A 178 -46.01 -13.54 -11.55
C ILE A 178 -46.47 -12.19 -12.10
N HIS A 179 -47.63 -11.72 -11.63
CA HIS A 179 -48.12 -10.41 -12.02
C HIS A 179 -47.80 -9.43 -10.89
N HIS A 180 -47.10 -8.36 -11.21
CA HIS A 180 -46.82 -7.30 -10.28
C HIS A 180 -47.88 -6.23 -10.51
N SER A 181 -48.85 -6.16 -9.59
CA SER A 181 -49.99 -5.27 -9.73
C SER A 181 -49.63 -3.85 -9.34
N ASN A 182 -50.41 -2.89 -9.87
CA ASN A 182 -50.02 -1.48 -9.77
C ASN A 182 -50.44 -0.86 -8.44
N ASN A 183 -51.62 -1.19 -7.92
CA ASN A 183 -52.04 -0.56 -6.69
C ASN A 183 -52.74 -1.57 -5.78
N ALA A 184 -52.99 -1.14 -4.55
CA ALA A 184 -53.61 -2.02 -3.56
C ALA A 184 -55.01 -2.44 -4.00
N GLU A 185 -55.75 -1.52 -4.65
CA GLU A 185 -57.07 -1.87 -5.16
C GLU A 185 -56.99 -2.88 -6.29
N GLU A 186 -56.11 -2.63 -7.27
CA GLU A 186 -55.97 -3.56 -8.37
C GLU A 186 -55.63 -4.96 -7.88
N GLN A 187 -54.91 -5.05 -6.77
CA GLN A 187 -54.69 -6.36 -6.17
C GLN A 187 -56.02 -6.96 -5.72
N THR A 188 -56.74 -6.28 -4.84
CA THR A 188 -58.02 -6.81 -4.35
C THR A 188 -58.97 -7.10 -5.50
N ASN A 189 -59.02 -6.22 -6.51
CA ASN A 189 -59.97 -6.40 -7.60
C ASN A 189 -59.66 -7.65 -8.42
N LEU A 190 -58.39 -7.95 -8.63
CA LEU A 190 -57.99 -9.08 -9.48
C LEU A 190 -57.85 -10.37 -8.69
N TYR A 191 -57.40 -10.27 -7.44
CA TYR A 191 -57.22 -11.41 -6.55
C TYR A 191 -57.65 -10.91 -5.17
N LYS A 192 -58.66 -11.53 -4.56
CA LYS A 192 -59.21 -10.96 -3.33
C LYS A 192 -58.13 -10.67 -2.30
N ASN A 193 -57.17 -11.56 -2.16
CA ASN A 193 -56.26 -11.53 -1.01
C ASN A 193 -55.21 -10.43 -1.17
N PRO A 194 -54.90 -9.69 -0.09
CA PRO A 194 -54.03 -8.51 -0.20
C PRO A 194 -52.55 -8.86 -0.33
N THR A 195 -52.09 -9.84 0.46
CA THR A 195 -50.70 -10.27 0.45
C THR A 195 -50.64 -11.68 -0.13
N THR A 196 -49.83 -11.87 -1.18
CA THR A 196 -49.85 -13.12 -1.93
C THR A 196 -48.45 -13.68 -2.09
N TYR A 197 -48.39 -14.92 -2.56
CA TYR A 197 -47.13 -15.61 -2.78
C TYR A 197 -47.31 -16.65 -3.87
N ILE A 198 -46.17 -17.07 -4.44
CA ILE A 198 -46.08 -18.17 -5.39
C ILE A 198 -44.90 -19.04 -4.98
N SER A 199 -45.16 -20.28 -4.58
CA SER A 199 -44.12 -21.27 -4.29
C SER A 199 -44.05 -22.28 -5.43
N VAL A 200 -42.85 -22.61 -5.87
CA VAL A 200 -42.65 -23.59 -6.94
C VAL A 200 -41.52 -24.54 -6.52
N GLY A 201 -41.82 -25.83 -6.47
CA GLY A 201 -40.87 -26.81 -5.98
C GLY A 201 -40.79 -28.03 -6.86
N THR A 202 -39.57 -28.44 -7.15
CA THR A 202 -39.29 -29.72 -7.82
C THR A 202 -38.21 -30.43 -7.02
N SER A 203 -37.49 -31.35 -7.67
CA SER A 203 -36.36 -31.99 -7.01
C SER A 203 -35.15 -31.09 -6.92
N THR A 204 -35.09 -30.06 -7.77
CA THR A 204 -34.00 -29.10 -7.76
C THR A 204 -34.44 -27.69 -7.44
N LEU A 205 -35.75 -27.40 -7.49
CA LEU A 205 -36.24 -26.03 -7.51
C LEU A 205 -36.98 -25.70 -6.23
N ASN A 206 -36.60 -24.57 -5.63
CA ASN A 206 -37.22 -24.08 -4.41
C ASN A 206 -37.38 -22.57 -4.59
N GLN A 207 -38.58 -22.14 -4.94
CA GLN A 207 -38.82 -20.76 -5.29
C GLN A 207 -39.89 -20.17 -4.39
N ARG A 208 -39.75 -18.88 -4.10
CA ARG A 208 -40.86 -18.11 -3.54
C ARG A 208 -40.88 -16.76 -4.24
N LEU A 209 -41.97 -16.47 -4.93
CA LEU A 209 -42.14 -15.20 -5.58
C LEU A 209 -43.21 -14.42 -4.83
N VAL A 210 -42.90 -13.18 -4.47
CA VAL A 210 -43.89 -12.30 -3.85
C VAL A 210 -44.03 -11.11 -4.80
N PRO A 211 -45.22 -10.57 -4.99
CA PRO A 211 -45.38 -9.43 -5.90
C PRO A 211 -44.76 -8.15 -5.35
N LYS A 212 -44.30 -7.33 -6.28
CA LYS A 212 -43.79 -5.99 -6.01
C LYS A 212 -44.87 -5.01 -6.50
N ILE A 213 -45.64 -4.45 -5.57
CA ILE A 213 -46.70 -3.52 -5.91
C ILE A 213 -46.12 -2.12 -5.83
N ALA A 214 -45.95 -1.48 -6.99
CA ALA A 214 -45.25 -0.21 -7.02
C ALA A 214 -45.65 0.58 -8.25
N THR A 215 -45.51 1.90 -8.14
CA THR A 215 -45.72 2.78 -9.28
C THR A 215 -44.57 2.60 -10.26
N ARG A 216 -44.92 2.35 -11.52
CA ARG A 216 -43.95 2.05 -12.57
C ARG A 216 -44.39 2.77 -13.84
N SER A 217 -43.54 2.73 -14.85
CA SER A 217 -43.84 3.43 -16.09
C SER A 217 -44.65 2.56 -17.06
N GLN A 218 -45.38 3.22 -17.96
CA GLN A 218 -46.31 2.55 -18.86
C GLN A 218 -45.58 1.97 -20.06
N VAL A 219 -45.57 0.65 -20.19
CA VAL A 219 -45.06 -0.04 -21.37
C VAL A 219 -46.20 -0.81 -22.02
N ASN A 220 -46.35 -0.65 -23.33
CA ASN A 220 -47.51 -1.16 -24.06
C ASN A 220 -48.80 -0.87 -23.31
N GLY A 221 -48.91 0.34 -22.76
CA GLY A 221 -50.14 0.83 -22.18
C GLY A 221 -50.36 0.48 -20.72
N GLN A 222 -49.66 -0.50 -20.17
CA GLN A 222 -49.90 -0.93 -18.81
C GLN A 222 -48.71 -0.60 -17.91
N ARG A 223 -49.00 -0.12 -16.71
CA ARG A 223 -47.97 0.11 -15.70
C ARG A 223 -47.62 -1.15 -14.94
N GLY A 224 -48.32 -2.27 -15.22
CA GLY A 224 -48.02 -3.52 -14.57
C GLY A 224 -46.95 -4.29 -15.29
N ARG A 225 -46.47 -5.34 -14.64
CA ARG A 225 -45.44 -6.20 -15.20
C ARG A 225 -45.79 -7.63 -14.89
N MET A 226 -45.39 -8.52 -15.79
CA MET A 226 -45.41 -9.95 -15.52
C MET A 226 -44.02 -10.52 -15.77
N ASP A 227 -43.43 -11.08 -14.71
CA ASP A 227 -42.11 -11.69 -14.77
C ASP A 227 -42.27 -13.20 -14.85
N PHE A 228 -41.64 -13.83 -15.83
CA PHE A 228 -41.79 -15.25 -16.11
C PHE A 228 -40.51 -16.01 -15.76
N PHE A 229 -40.67 -17.26 -15.33
CA PHE A 229 -39.57 -18.12 -14.92
C PHE A 229 -39.74 -19.51 -15.55
N TRP A 230 -38.64 -20.28 -15.59
CA TRP A 230 -38.67 -21.58 -16.28
C TRP A 230 -37.84 -22.62 -15.53
N THR A 231 -38.23 -23.88 -15.69
CA THR A 231 -37.46 -25.04 -15.22
C THR A 231 -37.54 -26.14 -16.26
N ILE A 232 -36.66 -27.13 -16.12
CA ILE A 232 -36.68 -28.35 -16.92
C ILE A 232 -37.00 -29.50 -15.98
N LEU A 233 -38.17 -30.11 -16.16
CA LEU A 233 -38.59 -31.19 -15.28
C LEU A 233 -38.07 -32.51 -15.84
N LYS A 234 -37.28 -33.22 -15.03
CA LYS A 234 -36.65 -34.45 -15.46
C LYS A 234 -37.71 -35.56 -15.52
N PRO A 235 -37.42 -36.69 -16.19
CA PRO A 235 -38.51 -37.60 -16.61
C PRO A 235 -39.43 -38.15 -15.53
N ASP A 236 -39.04 -38.35 -14.27
CA ASP A 236 -40.01 -38.85 -13.29
C ASP A 236 -40.05 -37.98 -12.03
N ASP A 237 -39.69 -36.71 -12.14
CA ASP A 237 -39.82 -35.73 -11.08
C ASP A 237 -41.18 -35.00 -11.22
N ALA A 238 -41.57 -34.29 -10.15
CA ALA A 238 -42.84 -33.58 -10.13
C ALA A 238 -42.64 -32.15 -9.68
N ILE A 239 -43.37 -31.23 -10.32
CA ILE A 239 -43.36 -29.82 -10.00
C ILE A 239 -44.58 -29.51 -9.14
N HIS A 240 -44.41 -28.67 -8.13
CA HIS A 240 -45.45 -28.38 -7.15
C HIS A 240 -45.67 -26.87 -7.05
N PHE A 241 -46.89 -26.43 -7.35
CA PHE A 241 -47.27 -25.02 -7.38
C PHE A 241 -48.22 -24.71 -6.23
N GLU A 242 -47.86 -23.72 -5.40
CA GLU A 242 -48.78 -23.23 -4.37
C GLU A 242 -48.88 -21.72 -4.46
N SER A 243 -50.10 -21.19 -4.49
CA SER A 243 -50.28 -19.76 -4.70
C SER A 243 -51.53 -19.22 -4.01
N ASN A 244 -51.38 -18.00 -3.51
CA ASN A 244 -52.44 -17.21 -2.89
C ASN A 244 -53.05 -16.24 -3.87
N GLY A 245 -52.48 -16.11 -5.06
CA GLY A 245 -52.87 -15.10 -6.02
C GLY A 245 -51.66 -14.70 -6.87
N ASN A 246 -51.92 -13.78 -7.81
CA ASN A 246 -50.90 -13.20 -8.67
C ASN A 246 -50.15 -14.26 -9.48
N PHE A 247 -50.81 -15.38 -9.76
CA PHE A 247 -50.20 -16.53 -10.41
C PHE A 247 -50.57 -16.57 -11.90
N ILE A 248 -49.55 -16.52 -12.75
CA ILE A 248 -49.69 -16.89 -14.16
C ILE A 248 -49.27 -18.36 -14.25
N ALA A 249 -50.23 -19.24 -14.51
CA ALA A 249 -50.01 -20.66 -14.34
C ALA A 249 -49.81 -21.37 -15.68
N PRO A 250 -48.96 -22.40 -15.72
CA PRO A 250 -48.75 -23.12 -16.98
C PRO A 250 -49.98 -23.92 -17.39
N GLU A 251 -50.34 -23.81 -18.66
CA GLU A 251 -51.30 -24.69 -19.29
C GLU A 251 -50.63 -25.69 -20.23
N TYR A 252 -49.60 -25.25 -20.94
CA TYR A 252 -48.87 -26.07 -21.89
C TYR A 252 -47.39 -26.07 -21.52
N ALA A 253 -46.70 -27.13 -21.91
CA ALA A 253 -45.25 -27.23 -21.75
C ALA A 253 -44.66 -27.89 -22.98
N TYR A 254 -43.34 -27.88 -23.07
CA TYR A 254 -42.65 -28.36 -24.25
C TYR A 254 -41.74 -29.55 -23.89
N LYS A 255 -41.89 -30.66 -24.62
CA LYS A 255 -40.99 -31.79 -24.44
C LYS A 255 -39.69 -31.51 -25.17
N ILE A 256 -38.57 -31.73 -24.49
CA ILE A 256 -37.27 -31.31 -24.99
C ILE A 256 -36.35 -32.52 -25.00
N VAL A 257 -35.69 -32.74 -26.13
CA VAL A 257 -34.57 -33.66 -26.24
C VAL A 257 -33.43 -32.89 -26.88
N LYS A 258 -32.37 -32.63 -26.12
CA LYS A 258 -31.23 -31.85 -26.60
C LYS A 258 -30.04 -32.77 -26.80
N LYS A 259 -29.38 -32.66 -27.95
CA LYS A 259 -28.17 -33.43 -28.21
C LYS A 259 -27.02 -32.57 -28.75
N GLY A 260 -27.17 -31.25 -28.83
CA GLY A 260 -26.12 -30.37 -29.31
C GLY A 260 -26.50 -28.91 -29.16
N ASP A 261 -25.56 -28.02 -29.57
CA ASP A 261 -25.69 -26.56 -29.41
C ASP A 261 -25.39 -25.80 -30.70
N SER A 262 -26.09 -24.67 -30.92
CA SER A 262 -25.88 -23.78 -32.08
C SER A 262 -26.69 -22.49 -31.96
N THR A 263 -25.98 -21.35 -31.91
CA THR A 263 -26.52 -20.05 -31.50
C THR A 263 -27.69 -19.59 -32.37
N ILE A 264 -28.31 -18.51 -31.88
CA ILE A 264 -29.37 -17.78 -32.56
C ILE A 264 -28.77 -16.80 -33.56
N MET A 265 -29.17 -16.93 -34.81
CA MET A 265 -28.66 -16.06 -35.87
C MET A 265 -29.59 -14.88 -36.08
N LYS A 266 -29.00 -13.70 -36.29
CA LYS A 266 -29.75 -12.47 -36.51
C LYS A 266 -29.65 -12.13 -38.00
N SER A 267 -30.76 -12.29 -38.72
CA SER A 267 -30.77 -12.01 -40.15
C SER A 267 -32.18 -11.76 -40.65
N GLY A 268 -32.26 -11.09 -41.79
CA GLY A 268 -33.50 -10.88 -42.50
C GLY A 268 -33.51 -11.54 -43.86
N VAL A 269 -32.40 -12.20 -44.20
CA VAL A 269 -32.36 -13.06 -45.37
C VAL A 269 -33.39 -14.17 -45.24
N GLU A 270 -33.87 -14.66 -46.37
CA GLU A 270 -34.99 -15.59 -46.35
C GLU A 270 -34.56 -17.01 -46.70
N TYR A 271 -35.40 -17.96 -46.29
CA TYR A 271 -35.13 -19.36 -46.51
C TYR A 271 -35.03 -19.65 -48.00
N GLY A 272 -33.92 -20.26 -48.40
CA GLY A 272 -33.67 -20.57 -49.80
C GLY A 272 -33.95 -21.98 -50.21
N HIS A 273 -34.46 -22.81 -49.29
CA HIS A 273 -34.70 -24.22 -49.56
C HIS A 273 -33.41 -24.85 -50.11
N CYS A 274 -32.39 -24.88 -49.26
CA CYS A 274 -31.07 -25.36 -49.60
C CYS A 274 -30.48 -26.10 -48.41
N ASN A 275 -29.28 -26.65 -48.59
CA ASN A 275 -28.53 -27.24 -47.51
C ASN A 275 -27.10 -26.73 -47.58
N THR A 276 -26.52 -26.39 -46.42
CA THR A 276 -25.14 -25.94 -46.38
C THR A 276 -24.42 -26.61 -45.22
N LYS A 277 -23.09 -26.57 -45.26
CA LYS A 277 -22.26 -26.94 -44.13
C LYS A 277 -21.89 -25.73 -43.28
N CYS A 278 -21.89 -24.54 -43.89
CA CYS A 278 -21.47 -23.28 -43.30
C CYS A 278 -22.48 -22.18 -43.61
N GLN A 279 -22.96 -21.49 -42.58
CA GLN A 279 -24.00 -20.48 -42.76
C GLN A 279 -23.49 -19.15 -42.23
N THR A 280 -23.55 -18.11 -43.07
CA THR A 280 -23.34 -16.74 -42.64
C THR A 280 -24.67 -16.01 -42.51
N PRO A 281 -24.73 -14.92 -41.75
CA PRO A 281 -25.98 -14.16 -41.67
C PRO A 281 -26.39 -13.55 -43.00
N VAL A 282 -25.44 -13.36 -43.93
CA VAL A 282 -25.75 -12.78 -45.23
C VAL A 282 -25.95 -13.84 -46.31
N GLY A 283 -25.57 -15.09 -46.05
CA GLY A 283 -25.67 -16.13 -47.05
C GLY A 283 -25.00 -17.40 -46.55
N ALA A 284 -24.68 -18.29 -47.49
CA ALA A 284 -24.06 -19.57 -47.16
C ALA A 284 -22.88 -19.84 -48.08
N ILE A 285 -21.93 -20.62 -47.56
CA ILE A 285 -20.64 -20.87 -48.20
C ILE A 285 -20.55 -22.34 -48.53
N ASN A 286 -20.18 -22.65 -49.79
CA ASN A 286 -19.84 -23.99 -50.23
C ASN A 286 -18.42 -23.96 -50.77
N SER A 287 -17.44 -24.05 -49.87
CA SER A 287 -16.06 -24.08 -50.33
C SER A 287 -15.24 -25.01 -49.44
N SER A 288 -14.24 -25.62 -50.05
CA SER A 288 -13.13 -26.26 -49.36
C SER A 288 -12.01 -25.27 -49.07
N MET A 289 -12.12 -24.05 -49.59
CA MET A 289 -11.06 -23.06 -49.42
C MET A 289 -10.83 -22.83 -47.93
N PRO A 290 -9.57 -22.75 -47.50
CA PRO A 290 -9.29 -22.71 -46.06
C PRO A 290 -9.69 -21.41 -45.36
N PHE A 291 -9.81 -20.27 -46.07
CA PHE A 291 -10.07 -18.99 -45.40
C PHE A 291 -11.21 -18.24 -46.11
N HIS A 292 -11.87 -17.31 -45.38
CA HIS A 292 -13.05 -16.61 -45.91
C HIS A 292 -13.11 -15.18 -45.37
N ASN A 293 -13.85 -14.30 -46.07
CA ASN A 293 -13.96 -12.88 -45.71
C ASN A 293 -15.40 -12.40 -45.77
N ILE A 294 -16.38 -13.24 -45.44
CA ILE A 294 -17.76 -12.86 -45.72
C ILE A 294 -18.45 -12.30 -44.49
N HIS A 295 -18.50 -13.06 -43.38
CA HIS A 295 -19.11 -12.58 -42.15
C HIS A 295 -18.45 -13.21 -40.94
N PRO A 296 -18.31 -12.46 -39.83
CA PRO A 296 -17.68 -13.04 -38.63
C PRO A 296 -18.51 -14.16 -38.04
N LEU A 297 -19.83 -14.00 -38.05
CA LEU A 297 -20.78 -14.74 -37.20
C LEU A 297 -21.32 -15.91 -38.01
N THR A 298 -20.57 -17.00 -38.03
CA THR A 298 -20.88 -18.16 -38.87
C THR A 298 -21.24 -19.35 -38.01
N ILE A 299 -22.24 -20.11 -38.46
CA ILE A 299 -22.66 -21.35 -37.82
C ILE A 299 -22.40 -22.51 -38.80
N GLY A 300 -21.58 -23.46 -38.39
CA GLY A 300 -21.36 -24.67 -39.15
C GLY A 300 -19.88 -25.03 -39.20
N GLU A 301 -19.56 -25.98 -40.08
CA GLU A 301 -18.18 -26.35 -40.37
C GLU A 301 -17.68 -25.35 -41.40
N CYS A 302 -17.03 -24.28 -40.94
CA CYS A 302 -16.76 -23.11 -41.74
C CYS A 302 -15.26 -22.87 -41.92
N PRO A 303 -14.87 -22.10 -42.95
CA PRO A 303 -13.47 -21.66 -43.04
C PRO A 303 -13.14 -20.66 -41.94
N LYS A 304 -11.97 -20.04 -42.02
CA LYS A 304 -11.47 -19.14 -41.00
C LYS A 304 -11.54 -17.71 -41.51
N TYR A 305 -12.17 -16.84 -40.73
CA TYR A 305 -12.39 -15.47 -41.16
C TYR A 305 -11.08 -14.67 -41.07
N VAL A 306 -10.81 -13.91 -42.12
CA VAL A 306 -9.62 -13.06 -42.21
C VAL A 306 -10.04 -11.70 -42.75
N LYS A 307 -9.15 -10.72 -42.60
CA LYS A 307 -9.40 -9.38 -43.10
C LYS A 307 -8.92 -9.21 -44.54
N SER A 308 -8.32 -10.25 -45.11
CA SER A 308 -7.78 -10.21 -46.46
C SER A 308 -8.91 -10.04 -47.47
N ASN A 309 -8.61 -9.33 -48.56
CA ASN A 309 -9.53 -9.22 -49.67
C ASN A 309 -9.06 -10.03 -50.87
N LYS A 310 -7.93 -10.74 -50.73
CA LYS A 310 -7.26 -11.48 -51.78
C LYS A 310 -6.11 -12.29 -51.17
N LEU A 311 -6.10 -13.60 -51.37
CA LEU A 311 -5.04 -14.45 -50.83
C LEU A 311 -4.62 -15.41 -51.95
N VAL A 312 -3.90 -14.88 -52.92
CA VAL A 312 -3.61 -15.59 -54.16
C VAL A 312 -2.23 -16.25 -54.05
N LEU A 313 -2.23 -17.57 -54.03
CA LEU A 313 -1.01 -18.36 -54.19
C LEU A 313 -0.65 -18.41 -55.67
N ALA A 314 0.58 -18.80 -55.97
CA ALA A 314 1.07 -18.85 -57.35
C ALA A 314 1.47 -20.27 -57.69
N THR A 315 0.84 -20.85 -58.70
CA THR A 315 1.04 -22.24 -59.07
C THR A 315 1.98 -22.44 -60.24
N GLY A 316 2.31 -21.39 -60.99
CA GLY A 316 3.08 -21.57 -62.20
C GLY A 316 4.42 -20.87 -62.22
N LEU A 317 4.58 -19.91 -63.13
CA LEU A 317 5.87 -19.23 -63.32
C LEU A 317 5.61 -17.84 -63.88
N ARG A 318 6.70 -17.09 -64.09
CA ARG A 318 6.62 -15.68 -64.44
C ARG A 318 6.25 -15.51 -65.91
N ASN A 319 5.88 -14.28 -66.28
CA ASN A 319 5.38 -14.00 -67.62
C ASN A 319 5.97 -12.71 -68.15
N SER A 320 6.22 -12.68 -69.46
CA SER A 320 6.70 -11.48 -70.12
C SER A 320 5.59 -10.43 -70.20
N GLY A 337 18.25 -14.56 -68.48
CA GLY A 337 19.53 -15.24 -68.57
C GLY A 337 19.42 -16.56 -69.29
N PHE A 338 19.26 -17.64 -68.53
CA PHE A 338 18.92 -18.91 -69.15
C PHE A 338 17.69 -18.74 -70.01
N ILE A 339 16.78 -17.87 -69.55
CA ILE A 339 15.61 -17.44 -70.28
C ILE A 339 15.54 -15.94 -70.04
N GLU A 340 16.21 -15.16 -70.88
CA GLU A 340 16.15 -13.71 -70.70
C GLU A 340 14.71 -13.23 -70.73
N GLY A 341 13.91 -13.74 -71.66
CA GLY A 341 12.46 -13.64 -71.59
C GLY A 341 11.81 -14.96 -71.93
N GLY A 342 10.71 -15.31 -71.24
CA GLY A 342 10.04 -16.56 -71.51
C GLY A 342 9.44 -16.62 -72.90
N TRP A 343 9.27 -17.85 -73.39
CA TRP A 343 8.78 -18.07 -74.75
C TRP A 343 7.28 -18.26 -74.69
N GLN A 344 6.53 -17.28 -75.20
CA GLN A 344 5.09 -17.41 -75.33
C GLN A 344 4.69 -18.50 -76.32
N GLY A 345 5.63 -18.95 -77.17
CA GLY A 345 5.28 -19.92 -78.19
C GLY A 345 4.95 -21.30 -77.65
N MET A 346 5.72 -21.77 -76.67
CA MET A 346 5.46 -23.07 -76.07
C MET A 346 4.06 -23.09 -75.48
N VAL A 347 3.24 -24.03 -75.92
CA VAL A 347 1.90 -24.23 -75.37
C VAL A 347 1.71 -25.60 -74.75
N ASP A 348 2.66 -26.52 -74.94
CA ASP A 348 2.49 -27.89 -74.48
C ASP A 348 3.21 -28.20 -73.18
N GLY A 349 3.98 -27.28 -72.61
CA GLY A 349 4.67 -27.60 -71.37
C GLY A 349 5.24 -26.38 -70.69
N TRP A 350 5.57 -26.56 -69.41
CA TRP A 350 6.19 -25.50 -68.62
C TRP A 350 7.68 -25.35 -68.91
N TYR A 351 8.37 -26.47 -69.16
CA TYR A 351 9.80 -26.48 -69.42
C TYR A 351 10.07 -27.15 -70.76
N GLY A 352 10.83 -26.48 -71.64
CA GLY A 352 11.05 -27.01 -72.98
C GLY A 352 12.23 -26.40 -73.71
N TYR A 353 12.63 -27.10 -74.78
CA TYR A 353 13.82 -26.77 -75.58
C TYR A 353 13.40 -26.21 -76.94
N HIS A 354 14.35 -25.56 -77.63
CA HIS A 354 14.13 -25.02 -78.97
C HIS A 354 15.31 -25.38 -79.87
N HIS A 355 15.02 -25.83 -81.10
CA HIS A 355 16.06 -26.24 -82.03
C HIS A 355 16.15 -25.27 -83.20
N SER A 356 17.39 -24.95 -83.61
CA SER A 356 17.62 -24.03 -84.72
C SER A 356 18.61 -24.66 -85.70
N ASN A 357 18.07 -25.16 -86.81
CA ASN A 357 18.84 -25.57 -87.97
C ASN A 357 17.91 -25.47 -89.17
N GLU A 358 18.46 -25.58 -90.37
CA GLU A 358 17.61 -25.53 -91.55
C GLU A 358 16.64 -26.70 -91.59
N GLN A 359 17.05 -27.83 -91.00
CA GLN A 359 16.22 -29.03 -91.00
C GLN A 359 14.88 -28.79 -90.31
N GLY A 360 14.89 -28.12 -89.17
CA GLY A 360 13.65 -27.79 -88.48
C GLY A 360 13.88 -26.81 -87.36
N SER A 361 12.78 -26.27 -86.85
CA SER A 361 12.81 -25.33 -85.73
C SER A 361 11.49 -25.37 -84.98
N GLY A 362 11.53 -24.99 -83.70
CA GLY A 362 10.33 -24.96 -82.88
C GLY A 362 10.66 -25.24 -81.42
N TYR A 363 9.62 -25.17 -80.59
CA TYR A 363 9.73 -25.35 -79.14
C TYR A 363 9.10 -26.68 -78.71
N ALA A 364 9.81 -27.45 -77.89
CA ALA A 364 9.42 -28.81 -77.51
C ALA A 364 9.59 -29.03 -76.01
N ALA A 365 8.59 -29.64 -75.38
CA ALA A 365 8.49 -29.73 -73.93
C ALA A 365 9.14 -31.01 -73.38
N ASP A 366 9.12 -31.13 -72.05
CA ASP A 366 9.69 -32.26 -71.33
C ASP A 366 8.57 -32.95 -70.55
N LYS A 367 8.69 -34.27 -70.42
CA LYS A 367 7.65 -35.10 -69.79
C LYS A 367 8.05 -35.70 -68.45
N GLU A 368 9.30 -36.14 -68.29
CA GLU A 368 9.75 -36.51 -66.95
C GLU A 368 9.67 -35.31 -66.03
N SER A 369 10.06 -34.14 -66.53
CA SER A 369 9.84 -32.86 -65.89
C SER A 369 8.50 -32.27 -66.33
N THR A 370 8.24 -31.03 -65.88
CA THR A 370 6.97 -30.34 -66.09
C THR A 370 5.81 -31.01 -65.36
N GLN A 371 5.57 -32.30 -65.61
CA GLN A 371 4.58 -33.00 -64.78
C GLN A 371 5.03 -33.10 -63.34
N LYS A 372 6.32 -33.42 -63.11
CA LYS A 372 6.84 -33.42 -61.75
C LYS A 372 6.56 -32.10 -61.04
N ALA A 373 6.75 -30.98 -61.74
CA ALA A 373 6.39 -29.68 -61.21
C ALA A 373 4.90 -29.57 -60.93
N ILE A 374 4.06 -29.75 -61.97
CA ILE A 374 2.61 -29.64 -61.81
C ILE A 374 2.15 -30.44 -60.59
N ASP A 375 2.60 -31.70 -60.51
CA ASP A 375 2.22 -32.57 -59.40
C ASP A 375 2.67 -31.98 -58.06
N GLY A 376 3.87 -31.41 -58.01
CA GLY A 376 4.41 -30.91 -56.76
C GLY A 376 3.77 -29.63 -56.27
N VAL A 377 3.59 -28.66 -57.18
CA VAL A 377 2.92 -27.40 -56.81
C VAL A 377 1.46 -27.66 -56.47
N THR A 378 0.79 -28.52 -57.23
CA THR A 378 -0.62 -28.82 -56.95
C THR A 378 -0.76 -29.50 -55.60
N ASN A 379 0.18 -30.40 -55.26
CA ASN A 379 0.19 -30.97 -53.92
C ASN A 379 0.46 -29.91 -52.86
N LYS A 380 1.21 -28.85 -53.21
CA LYS A 380 1.40 -27.76 -52.27
C LYS A 380 0.08 -27.03 -52.01
N VAL A 381 -0.63 -26.66 -53.08
CA VAL A 381 -1.92 -25.99 -52.93
C VAL A 381 -2.88 -26.86 -52.14
N ASN A 382 -2.88 -28.17 -52.40
CA ASN A 382 -3.78 -29.06 -51.68
C ASN A 382 -3.34 -29.20 -50.21
N SER A 383 -2.04 -29.28 -49.96
CA SER A 383 -1.55 -29.41 -48.59
C SER A 383 -1.96 -28.21 -47.74
N ILE A 384 -1.85 -27.00 -48.30
CA ILE A 384 -2.31 -25.81 -47.59
C ILE A 384 -3.81 -25.90 -47.34
N ILE A 385 -4.57 -26.32 -48.35
CA ILE A 385 -6.02 -26.36 -48.24
C ILE A 385 -6.46 -27.50 -47.33
N ASP A 386 -5.79 -28.65 -47.45
CA ASP A 386 -6.26 -29.84 -46.74
C ASP A 386 -5.96 -29.81 -45.24
N LYS A 387 -4.84 -29.21 -44.82
CA LYS A 387 -4.43 -29.27 -43.42
C LYS A 387 -5.28 -28.42 -42.49
N MET A 388 -6.21 -27.63 -43.02
CA MET A 388 -7.15 -26.91 -42.17
C MET A 388 -8.11 -27.88 -41.50
N ASN A 389 -8.14 -27.89 -40.17
CA ASN A 389 -9.06 -28.76 -39.43
C ASN A 389 -10.29 -27.94 -39.05
N THR A 390 -11.45 -28.39 -39.51
CA THR A 390 -12.70 -27.67 -39.29
C THR A 390 -13.42 -28.24 -38.08
N GLN A 391 -13.77 -27.35 -37.15
CA GLN A 391 -14.60 -27.68 -36.01
C GLN A 391 -15.94 -27.01 -36.24
N PHE A 392 -17.02 -27.77 -36.10
CA PHE A 392 -18.34 -27.17 -36.09
C PHE A 392 -18.36 -26.11 -35.01
N GLU A 393 -18.77 -24.89 -35.35
CA GLU A 393 -18.78 -23.87 -34.32
C GLU A 393 -19.92 -22.90 -34.58
N ALA A 394 -20.38 -22.27 -33.50
CA ALA A 394 -21.41 -21.25 -33.55
C ALA A 394 -20.86 -19.96 -32.97
N VAL A 395 -20.74 -18.93 -33.80
CA VAL A 395 -20.32 -17.60 -33.37
C VAL A 395 -21.57 -16.74 -33.32
N GLY A 396 -22.01 -16.39 -32.11
CA GLY A 396 -23.17 -15.55 -31.90
C GLY A 396 -23.13 -15.00 -30.50
N ARG A 397 -23.70 -13.81 -30.32
CA ARG A 397 -23.68 -13.10 -29.04
C ARG A 397 -24.98 -13.37 -28.29
N GLU A 398 -24.86 -13.92 -27.07
CA GLU A 398 -26.00 -14.11 -26.18
C GLU A 398 -25.68 -13.54 -24.80
N PHE A 399 -25.43 -12.23 -24.76
CA PHE A 399 -25.05 -11.51 -23.54
C PHE A 399 -25.92 -10.28 -23.41
N ASN A 400 -26.43 -10.02 -22.22
CA ASN A 400 -27.39 -8.94 -22.05
C ASN A 400 -26.64 -7.64 -21.72
N ASN A 401 -27.38 -6.61 -21.30
CA ASN A 401 -26.82 -5.29 -21.10
C ASN A 401 -25.94 -5.18 -19.87
N LEU A 402 -26.09 -6.08 -18.90
CA LEU A 402 -25.25 -6.15 -17.72
C LEU A 402 -24.30 -7.34 -17.80
N GLU A 403 -23.93 -7.75 -19.02
CA GLU A 403 -22.93 -8.79 -19.27
C GLU A 403 -21.95 -8.32 -20.33
N ARG A 404 -21.67 -7.01 -20.39
CA ARG A 404 -20.82 -6.46 -21.43
C ARG A 404 -19.36 -6.84 -21.25
N ARG A 405 -18.92 -7.06 -20.01
CA ARG A 405 -17.53 -7.44 -19.82
C ARG A 405 -17.25 -8.83 -20.36
N ILE A 406 -18.18 -9.76 -20.15
CA ILE A 406 -18.05 -11.09 -20.76
C ILE A 406 -18.14 -10.97 -22.28
N GLU A 407 -18.92 -10.01 -22.77
CA GLU A 407 -19.04 -9.76 -24.19
C GLU A 407 -17.74 -9.23 -24.79
N ASN A 408 -17.06 -8.32 -24.08
CA ASN A 408 -15.75 -7.87 -24.53
C ASN A 408 -14.74 -9.00 -24.50
N LEU A 409 -14.79 -9.85 -23.46
CA LEU A 409 -13.97 -11.06 -23.42
C LEU A 409 -14.16 -11.88 -24.70
N ASN A 410 -15.42 -12.03 -25.12
CA ASN A 410 -15.72 -12.71 -26.37
C ASN A 410 -15.10 -11.97 -27.56
N LYS A 411 -15.31 -10.66 -27.65
CA LYS A 411 -14.78 -9.90 -28.78
C LYS A 411 -13.25 -9.91 -28.79
N LYS A 412 -12.62 -9.84 -27.62
CA LYS A 412 -11.16 -9.91 -27.60
C LYS A 412 -10.67 -11.22 -28.21
N MET A 413 -11.26 -12.34 -27.79
CA MET A 413 -10.89 -13.64 -28.36
C MET A 413 -11.12 -13.65 -29.86
N GLU A 414 -12.32 -13.26 -30.29
CA GLU A 414 -12.68 -13.27 -31.70
C GLU A 414 -11.71 -12.43 -32.51
N ASP A 415 -11.43 -11.21 -32.06
CA ASP A 415 -10.47 -10.34 -32.72
C ASP A 415 -9.05 -10.87 -32.65
N GLY A 416 -8.68 -11.50 -31.53
CA GLY A 416 -7.34 -12.05 -31.41
C GLY A 416 -7.09 -13.15 -32.43
N PHE A 417 -8.11 -13.97 -32.69
CA PHE A 417 -7.98 -15.05 -33.67
C PHE A 417 -7.95 -14.51 -35.09
N LEU A 418 -8.81 -13.54 -35.39
CA LEU A 418 -8.76 -12.85 -36.68
C LEU A 418 -7.36 -12.38 -36.99
N ASP A 419 -6.72 -11.71 -36.04
CA ASP A 419 -5.38 -11.19 -36.28
C ASP A 419 -4.36 -12.31 -36.41
N VAL A 420 -4.57 -13.43 -35.69
CA VAL A 420 -3.64 -14.55 -35.78
C VAL A 420 -3.72 -15.19 -37.16
N TRP A 421 -4.94 -15.47 -37.62
CA TRP A 421 -5.09 -16.15 -38.91
C TRP A 421 -4.66 -15.24 -40.06
N THR A 422 -5.04 -13.96 -40.01
CA THR A 422 -4.72 -13.05 -41.10
C THR A 422 -3.21 -12.95 -41.31
N TYR A 423 -2.46 -12.78 -40.21
CA TYR A 423 -1.01 -12.65 -40.36
C TYR A 423 -0.40 -13.92 -40.93
N ASN A 424 -0.65 -15.06 -40.29
CA ASN A 424 -0.05 -16.32 -40.74
C ASN A 424 -0.44 -16.64 -42.17
N ALA A 425 -1.70 -16.46 -42.53
CA ALA A 425 -2.16 -16.79 -43.89
C ALA A 425 -1.48 -15.90 -44.93
N GLU A 426 -1.30 -14.62 -44.64
CA GLU A 426 -0.70 -13.76 -45.65
C GLU A 426 0.80 -14.01 -45.77
N LEU A 427 1.49 -14.23 -44.64
CA LEU A 427 2.90 -14.56 -44.71
C LEU A 427 3.12 -15.92 -45.35
N LEU A 428 2.22 -16.87 -45.10
CA LEU A 428 2.33 -18.18 -45.74
C LEU A 428 2.29 -18.06 -47.26
N VAL A 429 1.43 -17.19 -47.78
CA VAL A 429 1.40 -16.95 -49.22
C VAL A 429 2.71 -16.33 -49.70
N LEU A 430 3.12 -15.24 -49.04
CA LEU A 430 4.34 -14.55 -49.43
C LEU A 430 5.56 -15.48 -49.38
N MET A 431 5.63 -16.33 -48.35
CA MET A 431 6.78 -17.22 -48.20
C MET A 431 6.74 -18.33 -49.24
N GLU A 432 5.60 -19.00 -49.39
CA GLU A 432 5.51 -20.11 -50.33
C GLU A 432 5.46 -19.63 -51.77
N ASN A 433 5.15 -18.35 -52.00
CA ASN A 433 5.20 -17.84 -53.37
C ASN A 433 6.65 -17.69 -53.85
N GLU A 434 7.55 -17.26 -52.95
CA GLU A 434 8.96 -17.16 -53.35
C GLU A 434 9.54 -18.53 -53.65
N ARG A 435 9.28 -19.52 -52.78
CA ARG A 435 9.85 -20.84 -52.98
C ARG A 435 9.36 -21.48 -54.28
N THR A 436 8.10 -21.23 -54.65
CA THR A 436 7.59 -21.72 -55.93
C THR A 436 8.36 -21.15 -57.11
N LEU A 437 8.62 -19.83 -57.10
CA LEU A 437 9.33 -19.22 -58.23
C LEU A 437 10.78 -19.69 -58.29
N ASP A 438 11.40 -19.93 -57.14
CA ASP A 438 12.77 -20.40 -57.12
C ASP A 438 12.86 -21.88 -57.46
N PHE A 439 11.81 -22.64 -57.15
CA PHE A 439 11.71 -24.02 -57.63
C PHE A 439 11.75 -24.05 -59.14
N HIS A 440 11.08 -23.12 -59.81
CA HIS A 440 11.07 -23.11 -61.27
C HIS A 440 12.41 -22.69 -61.83
N ASP A 441 13.07 -21.72 -61.19
CA ASP A 441 14.41 -21.34 -61.62
C ASP A 441 15.38 -22.50 -61.46
N SER A 442 15.17 -23.34 -60.44
CA SER A 442 16.03 -24.49 -60.20
C SER A 442 15.84 -25.56 -61.26
N ASN A 443 14.59 -25.77 -61.69
CA ASN A 443 14.29 -26.85 -62.62
C ASN A 443 14.92 -26.60 -63.98
N VAL A 444 14.84 -25.36 -64.45
CA VAL A 444 15.49 -24.99 -65.70
C VAL A 444 16.99 -25.24 -65.62
N LYS A 445 17.62 -24.79 -64.53
CA LYS A 445 19.07 -24.90 -64.42
C LYS A 445 19.54 -26.35 -64.43
N ASN A 446 18.74 -27.27 -63.87
CA ASN A 446 19.13 -28.68 -63.89
C ASN A 446 19.25 -29.19 -65.32
N LEU A 447 18.26 -28.86 -66.15
CA LEU A 447 18.27 -29.37 -67.53
C LEU A 447 19.42 -28.76 -68.32
N TYR A 448 19.73 -27.49 -68.08
CA TYR A 448 20.87 -26.87 -68.74
C TYR A 448 22.16 -27.59 -68.35
N ASP A 449 22.28 -28.00 -67.09
CA ASP A 449 23.47 -28.73 -66.66
C ASP A 449 23.51 -30.14 -67.23
N LYS A 450 22.35 -30.72 -67.54
CA LYS A 450 22.32 -32.05 -68.16
C LYS A 450 22.76 -31.99 -69.61
N VAL A 451 22.33 -30.96 -70.34
CA VAL A 451 22.72 -30.81 -71.74
C VAL A 451 24.22 -30.57 -71.84
N ARG A 452 24.77 -29.78 -70.92
CA ARG A 452 26.21 -29.56 -70.89
C ARG A 452 26.96 -30.82 -70.49
N LEU A 453 26.34 -31.69 -69.70
CA LEU A 453 27.01 -32.90 -69.26
C LEU A 453 27.03 -33.97 -70.33
N GLN A 454 26.13 -33.89 -71.31
CA GLN A 454 26.11 -34.82 -72.43
C GLN A 454 27.11 -34.40 -73.50
N LEU A 455 26.83 -33.28 -74.17
CA LEU A 455 27.77 -32.70 -75.12
C LEU A 455 28.76 -31.83 -74.36
N ARG A 456 30.05 -32.01 -74.64
CA ARG A 456 31.06 -31.30 -73.87
C ARG A 456 32.06 -30.58 -74.76
N ASP A 457 32.84 -31.33 -75.54
CA ASP A 457 33.86 -30.71 -76.38
C ASP A 457 33.31 -30.23 -77.72
N ASN A 458 32.21 -30.82 -78.18
CA ASN A 458 31.68 -30.52 -79.51
C ASN A 458 30.87 -29.23 -79.56
N ALA A 459 30.47 -28.67 -78.43
CA ALA A 459 29.68 -27.46 -78.38
C ALA A 459 30.29 -26.46 -77.42
N LYS A 460 29.92 -25.20 -77.60
CA LYS A 460 30.44 -24.09 -76.81
C LYS A 460 29.31 -23.42 -76.04
N GLU A 461 29.66 -22.86 -74.88
CA GLU A 461 28.70 -22.15 -74.05
C GLU A 461 28.62 -20.69 -74.50
N LEU A 462 27.43 -20.25 -74.90
CA LEU A 462 27.25 -18.86 -75.30
C LEU A 462 26.91 -17.97 -74.12
N GLY A 463 26.14 -18.47 -73.16
CA GLY A 463 25.86 -17.75 -71.93
C GLY A 463 24.46 -17.22 -71.79
N ASN A 464 23.67 -17.18 -72.87
CA ASN A 464 22.29 -16.76 -72.82
C ASN A 464 21.33 -17.93 -72.71
N GLY A 465 21.76 -19.02 -72.06
CA GLY A 465 20.97 -20.23 -72.05
C GLY A 465 20.89 -20.94 -73.38
N CYS A 466 21.63 -20.48 -74.39
CA CYS A 466 21.57 -21.01 -75.74
C CYS A 466 22.93 -21.62 -76.08
N PHE A 467 23.02 -22.94 -75.98
CA PHE A 467 24.23 -23.66 -76.38
C PHE A 467 24.46 -23.51 -77.88
N GLU A 468 25.72 -23.34 -78.28
CA GLU A 468 26.09 -23.24 -79.69
C GLU A 468 26.84 -24.49 -80.11
N PHE A 469 26.22 -25.29 -80.98
CA PHE A 469 26.83 -26.51 -81.53
C PHE A 469 27.61 -26.11 -82.78
N TYR A 470 28.95 -26.14 -82.70
CA TYR A 470 29.77 -25.88 -83.87
C TYR A 470 29.33 -26.75 -85.04
N HIS A 471 29.31 -28.05 -84.80
CA HIS A 471 28.82 -29.02 -85.77
C HIS A 471 27.34 -28.77 -86.06
N LYS A 472 26.91 -29.16 -87.26
CA LYS A 472 25.55 -28.90 -87.70
C LYS A 472 24.56 -29.50 -86.71
N CYS A 473 23.61 -28.69 -86.26
CA CYS A 473 22.57 -29.16 -85.35
C CYS A 473 21.68 -30.17 -86.06
N ASP A 474 21.42 -31.30 -85.41
CA ASP A 474 20.70 -32.42 -86.00
C ASP A 474 19.34 -32.58 -85.34
N ASN A 475 18.27 -32.58 -86.15
CA ASN A 475 16.96 -32.95 -85.65
C ASN A 475 16.96 -34.34 -85.06
N GLU A 476 17.91 -35.18 -85.48
CA GLU A 476 17.95 -36.57 -85.02
C GLU A 476 18.70 -36.69 -83.71
N CYS A 477 19.66 -35.80 -83.46
CA CYS A 477 20.32 -35.74 -82.17
C CYS A 477 19.51 -34.95 -81.16
N MET A 478 18.46 -34.24 -81.59
CA MET A 478 17.60 -33.51 -80.67
C MET A 478 16.96 -34.44 -79.66
N GLU A 479 16.15 -35.38 -80.14
CA GLU A 479 15.58 -36.35 -79.19
C GLU A 479 16.73 -37.15 -78.60
N SER A 480 17.87 -37.19 -79.27
CA SER A 480 18.98 -37.93 -78.63
C SER A 480 19.43 -37.21 -77.37
N VAL A 481 19.64 -35.89 -77.43
CA VAL A 481 20.02 -35.13 -76.21
C VAL A 481 18.87 -35.17 -75.21
N ARG A 482 17.65 -35.08 -75.71
CA ARG A 482 16.47 -35.11 -74.83
C ARG A 482 16.59 -36.36 -73.97
N ASN A 483 17.21 -37.43 -74.49
CA ASN A 483 17.25 -38.68 -73.69
C ASN A 483 18.67 -38.93 -73.24
N GLY A 484 19.65 -38.18 -73.77
CA GLY A 484 21.06 -38.45 -73.44
C GLY A 484 21.85 -39.46 -74.26
N THR A 485 21.35 -39.90 -75.41
CA THR A 485 22.07 -40.95 -76.19
C THR A 485 23.06 -40.29 -77.17
N TYR A 486 23.22 -38.96 -77.05
CA TYR A 486 24.06 -38.21 -78.01
C TYR A 486 25.47 -38.81 -77.89
N ASP A 487 26.16 -39.02 -79.03
CA ASP A 487 27.55 -39.55 -79.03
C ASP A 487 28.50 -38.42 -79.46
N TYR A 488 29.41 -38.00 -78.59
CA TYR A 488 30.35 -36.96 -78.95
C TYR A 488 31.55 -37.48 -79.75
N PRO A 489 32.01 -38.72 -79.56
CA PRO A 489 33.01 -39.26 -80.51
C PRO A 489 32.51 -39.30 -81.95
N GLN A 490 31.19 -39.26 -82.16
CA GLN A 490 30.64 -39.25 -83.50
C GLN A 490 31.05 -38.00 -84.26
N TYR A 491 31.09 -36.85 -83.58
CA TYR A 491 31.39 -35.57 -84.20
C TYR A 491 32.57 -34.88 -83.53
N SER A 492 33.48 -35.65 -82.95
CA SER A 492 34.58 -35.06 -82.18
C SER A 492 35.55 -34.32 -83.08
N GLU A 493 36.09 -35.00 -84.09
CA GLU A 493 37.04 -34.34 -84.98
C GLU A 493 36.36 -33.32 -85.87
N GLU A 494 35.13 -33.60 -86.30
CA GLU A 494 34.35 -32.63 -87.07
C GLU A 494 34.24 -31.32 -86.31
N ALA A 495 34.68 -30.25 -86.95
CA ALA A 495 34.68 -28.91 -86.36
C ALA A 495 35.42 -28.90 -85.03
N ARG A 496 36.53 -29.66 -84.96
CA ARG A 496 37.42 -29.55 -83.82
C ARG A 496 37.94 -28.12 -83.69
N LEU A 497 38.35 -27.54 -84.81
CA LEU A 497 38.70 -26.12 -84.90
C LEU A 497 37.95 -25.55 -86.12
N LYS A 498 36.64 -25.41 -85.98
CA LYS A 498 35.85 -24.82 -87.05
C LYS A 498 36.19 -23.35 -87.24
N ARG A 499 36.42 -22.64 -86.14
CA ARG A 499 36.86 -21.24 -86.19
C ARG A 499 38.38 -21.21 -86.10
N GLU A 500 39.03 -20.93 -87.23
CA GLU A 500 40.49 -20.93 -87.33
C GLU A 500 41.08 -22.27 -86.87
N ASP B 1 -22.45 64.78 61.34
CA ASP B 1 -22.24 63.76 62.37
C ASP B 1 -22.48 62.37 61.80
N GLN B 2 -21.65 61.95 60.85
CA GLN B 2 -21.85 60.68 60.16
C GLN B 2 -20.61 59.81 60.26
N ILE B 3 -20.81 58.52 60.56
CA ILE B 3 -19.75 57.53 60.43
C ILE B 3 -19.70 57.03 59.00
N CYS B 4 -18.50 56.71 58.51
CA CYS B 4 -18.33 56.30 57.12
C CYS B 4 -17.15 55.37 57.01
N ILE B 5 -17.34 54.25 56.34
CA ILE B 5 -16.32 53.22 56.19
C ILE B 5 -15.46 53.55 54.98
N GLY B 6 -14.18 53.15 55.04
CA GLY B 6 -13.28 53.32 53.90
C GLY B 6 -12.24 52.22 53.88
N TYR B 7 -11.43 52.24 52.82
CA TYR B 7 -10.33 51.30 52.66
C TYR B 7 -9.05 52.05 52.34
N HIS B 8 -7.93 51.37 52.58
CA HIS B 8 -6.62 52.01 52.55
C HIS B 8 -6.24 52.45 51.14
N ALA B 9 -5.43 53.51 51.07
CA ALA B 9 -4.92 54.03 49.80
C ALA B 9 -3.49 54.51 50.00
N ASN B 10 -2.76 54.60 48.90
CA ASN B 10 -1.34 54.96 48.95
C ASN B 10 -0.96 55.68 47.66
N ASN B 11 0.35 55.85 47.44
CA ASN B 11 0.88 56.57 46.29
C ASN B 11 1.43 55.64 45.23
N SER B 12 1.02 54.38 45.22
CA SER B 12 1.65 53.41 44.32
C SER B 12 1.24 53.64 42.87
N THR B 13 2.22 53.55 41.98
CA THR B 13 2.01 53.57 40.54
C THR B 13 2.03 52.18 39.93
N GLU B 14 2.02 51.14 40.77
CA GLU B 14 2.18 49.78 40.28
C GLU B 14 0.86 49.23 39.77
N GLN B 15 0.90 48.63 38.58
CA GLN B 15 -0.28 48.07 37.94
C GLN B 15 -0.19 46.55 37.92
N VAL B 16 -1.32 45.90 38.17
CA VAL B 16 -1.46 44.46 37.99
C VAL B 16 -2.58 44.21 36.99
N ASP B 17 -2.58 43.01 36.42
CA ASP B 17 -3.53 42.61 35.40
C ASP B 17 -4.39 41.46 35.92
N THR B 18 -5.70 41.52 35.69
CA THR B 18 -6.62 40.48 36.08
C THR B 18 -7.18 39.78 34.85
N ILE B 19 -8.11 38.85 35.08
CA ILE B 19 -8.65 38.07 33.98
C ILE B 19 -9.71 38.87 33.23
N MET B 20 -10.41 39.79 33.90
CA MET B 20 -11.48 40.54 33.28
C MET B 20 -11.22 42.04 33.20
N GLU B 21 -10.09 42.52 33.74
CA GLU B 21 -9.73 43.91 33.67
C GLU B 21 -8.22 44.02 33.58
N LYS B 22 -7.74 45.07 32.91
CA LYS B 22 -6.31 45.26 32.68
C LYS B 22 -5.84 46.55 33.32
N ASN B 23 -4.56 46.55 33.72
CA ASN B 23 -3.87 47.72 34.26
C ASN B 23 -4.63 48.31 35.46
N VAL B 24 -4.68 47.51 36.52
CA VAL B 24 -5.35 47.90 37.76
C VAL B 24 -4.29 48.37 38.75
N THR B 25 -4.26 49.68 38.98
CA THR B 25 -3.32 50.25 39.94
C THR B 25 -3.64 49.75 41.35
N VAL B 26 -2.64 49.15 42.00
CA VAL B 26 -2.84 48.53 43.31
C VAL B 26 -1.96 49.22 44.32
N THR B 27 -2.40 49.17 45.58
CA THR B 27 -1.63 49.76 46.66
C THR B 27 -0.42 48.91 47.02
N HIS B 28 -0.53 47.58 46.90
CA HIS B 28 0.55 46.67 47.21
C HIS B 28 0.50 45.49 46.25
N ALA B 29 1.66 44.88 46.02
CA ALA B 29 1.79 43.78 45.07
C ALA B 29 3.15 43.12 45.25
N GLN B 30 3.25 41.86 44.81
CA GLN B 30 4.49 41.11 44.83
C GLN B 30 4.78 40.52 43.46
N ASP B 31 5.97 40.79 42.94
CA ASP B 31 6.44 40.11 41.74
C ASP B 31 6.96 38.72 42.10
N ILE B 32 6.85 37.81 41.14
CA ILE B 32 7.29 36.43 41.35
C ILE B 32 8.20 36.02 40.20
N LEU B 33 8.68 37.00 39.44
CA LEU B 33 9.55 36.75 38.29
C LEU B 33 10.90 37.41 38.55
N GLU B 34 11.95 36.61 38.64
CA GLU B 34 13.29 37.09 38.92
C GLU B 34 14.02 37.38 37.63
N LYS B 35 14.40 38.64 37.43
CA LYS B 35 14.96 39.09 36.15
C LYS B 35 16.39 39.60 36.27
N THR B 36 17.05 39.42 37.41
CA THR B 36 18.37 39.97 37.64
C THR B 36 19.39 38.89 37.97
N HIS B 37 20.60 39.06 37.43
CA HIS B 37 21.73 38.19 37.73
C HIS B 37 22.95 39.06 38.02
N ASN B 38 23.98 38.44 38.59
CA ASN B 38 25.17 39.18 39.00
C ASN B 38 26.18 39.36 37.87
N GLY B 39 26.05 38.60 36.80
CA GLY B 39 26.95 38.81 35.66
C GLY B 39 28.22 38.04 35.79
N LYS B 40 28.28 37.12 36.75
CA LYS B 40 29.56 36.43 36.97
C LYS B 40 29.37 34.93 37.13
N LEU B 41 30.42 34.17 36.83
CA LEU B 41 30.34 32.70 36.94
C LEU B 41 30.74 32.32 38.36
N CYS B 42 29.80 32.42 39.29
CA CYS B 42 30.09 32.17 40.68
C CYS B 42 30.29 30.68 40.93
N ASP B 43 30.77 30.37 42.12
CA ASP B 43 30.91 28.98 42.54
C ASP B 43 29.53 28.33 42.63
N LEU B 44 29.53 27.01 42.79
CA LEU B 44 28.31 26.25 43.01
C LEU B 44 28.48 25.46 44.30
N ASN B 45 27.65 25.79 45.29
CA ASN B 45 27.71 25.23 46.64
C ASN B 45 29.14 24.97 47.10
N GLY B 46 29.95 26.03 47.06
CA GLY B 46 31.31 26.00 47.58
C GLY B 46 32.33 25.40 46.64
N VAL B 47 31.91 24.70 45.61
CA VAL B 47 32.82 23.99 44.71
C VAL B 47 33.10 24.88 43.50
N LYS B 48 34.39 25.01 43.14
CA LYS B 48 34.75 25.87 42.03
C LYS B 48 34.41 25.21 40.69
N PRO B 49 34.06 25.99 39.67
CA PRO B 49 33.99 25.43 38.33
C PRO B 49 35.38 25.24 37.74
N LEU B 50 35.46 24.33 36.78
CA LEU B 50 36.67 24.16 35.98
C LEU B 50 36.54 25.03 34.74
N ILE B 51 37.28 26.14 34.71
CA ILE B 51 37.20 27.10 33.62
C ILE B 51 38.40 26.86 32.70
N LEU B 52 38.15 26.14 31.61
CA LEU B 52 39.13 25.95 30.56
C LEU B 52 39.06 27.12 29.59
N LYS B 53 40.19 27.79 29.37
CA LYS B 53 40.23 29.02 28.59
C LYS B 53 40.86 28.72 27.23
N ASP B 54 40.06 28.85 26.17
CA ASP B 54 40.51 28.55 24.81
C ASP B 54 41.14 27.17 24.71
N CYS B 55 40.66 26.25 25.54
CA CYS B 55 40.99 24.83 25.44
C CYS B 55 39.72 24.02 25.44
N SER B 56 39.76 22.91 24.72
CA SER B 56 38.66 21.97 24.66
C SER B 56 38.87 20.85 25.67
N VAL B 57 37.78 20.13 25.96
CA VAL B 57 37.86 19.00 26.87
C VAL B 57 38.72 17.88 26.29
N ALA B 58 38.94 17.90 24.96
CA ALA B 58 39.88 16.98 24.35
C ALA B 58 41.32 17.41 24.58
N GLY B 59 41.61 18.70 24.41
CA GLY B 59 42.97 19.18 24.61
C GLY B 59 43.42 19.07 26.05
N TRP B 60 42.50 19.33 27.00
CA TRP B 60 42.86 19.19 28.40
C TRP B 60 43.06 17.72 28.77
N LEU B 61 42.27 16.83 28.19
CA LEU B 61 42.41 15.41 28.49
C LEU B 61 43.67 14.81 27.86
N LEU B 62 43.82 14.97 26.53
CA LEU B 62 44.89 14.29 25.81
C LEU B 62 46.25 14.94 26.02
N GLY B 63 46.31 16.04 26.76
CA GLY B 63 47.47 16.88 26.74
C GLY B 63 47.46 17.74 25.48
N ASN B 64 48.25 18.80 25.52
CA ASN B 64 48.35 19.70 24.39
C ASN B 64 49.47 20.68 24.68
N PRO B 65 50.30 21.00 23.69
CA PRO B 65 51.31 22.05 23.89
C PRO B 65 50.73 23.35 24.41
N MET B 66 49.48 23.66 24.07
CA MET B 66 48.88 24.93 24.46
C MET B 66 47.98 24.84 25.70
N CYS B 67 47.73 23.64 26.24
CA CYS B 67 46.82 23.44 27.37
C CYS B 67 47.60 22.84 28.54
N ASP B 68 48.45 23.64 29.17
CA ASP B 68 49.29 23.14 30.24
C ASP B 68 49.00 23.75 31.60
N GLU B 69 48.17 24.81 31.66
CA GLU B 69 47.72 25.34 32.95
C GLU B 69 47.01 24.27 33.77
N PHE B 70 46.24 23.42 33.11
CA PHE B 70 45.38 22.43 33.76
C PHE B 70 45.99 21.04 33.77
N ILE B 71 47.33 20.94 33.76
CA ILE B 71 47.97 19.63 33.88
C ILE B 71 47.54 18.95 35.17
N ARG B 72 47.56 19.68 36.28
CA ARG B 72 47.03 19.22 37.55
C ARG B 72 45.90 20.15 37.97
N VAL B 73 44.73 19.58 38.27
CA VAL B 73 43.54 20.40 38.53
C VAL B 73 42.73 19.86 39.70
N PRO B 74 42.20 20.74 40.57
CA PRO B 74 41.47 20.28 41.76
C PRO B 74 40.02 19.89 41.52
N GLU B 75 39.29 19.64 42.60
CA GLU B 75 37.88 19.29 42.52
C GLU B 75 37.08 20.40 41.84
N TRP B 76 36.05 20.01 41.07
CA TRP B 76 35.24 20.97 40.35
C TRP B 76 33.78 20.54 40.34
N SER B 77 32.89 21.53 40.20
CA SER B 77 31.46 21.28 40.11
C SER B 77 30.97 21.26 38.67
N TYR B 78 31.13 22.36 37.93
CA TYR B 78 30.75 22.43 36.52
C TYR B 78 31.94 22.88 35.68
N ILE B 79 31.89 22.53 34.39
CA ILE B 79 33.00 22.75 33.47
C ILE B 79 32.61 23.84 32.49
N VAL B 80 33.39 24.92 32.47
CA VAL B 80 33.19 26.05 31.58
C VAL B 80 34.16 25.94 30.42
N GLU B 81 33.61 25.83 29.22
CA GLU B 81 34.36 25.84 27.97
C GLU B 81 33.98 27.09 27.20
N ARG B 82 34.94 27.74 26.57
CA ARG B 82 34.56 28.85 25.72
C ARG B 82 33.79 28.33 24.51
N ALA B 83 33.05 29.25 23.87
CA ALA B 83 32.11 28.86 22.83
C ALA B 83 32.80 28.06 21.73
N ASN B 84 33.81 28.68 21.13
CA ASN B 84 34.61 27.94 20.11
C ASN B 84 36.03 27.83 20.64
N PRO B 85 36.36 26.75 21.36
CA PRO B 85 37.67 26.62 21.95
C PRO B 85 38.69 26.55 20.82
N ALA B 86 39.85 27.19 21.01
CA ALA B 86 40.82 27.27 19.89
C ALA B 86 41.94 26.27 20.01
N ASN B 87 42.07 25.59 21.14
CA ASN B 87 43.12 24.55 21.19
C ASN B 87 42.42 23.21 21.36
N ASP B 88 42.47 22.38 20.32
CA ASP B 88 41.80 21.06 20.34
C ASP B 88 42.49 20.20 19.31
N LEU B 89 42.90 18.98 19.65
CA LEU B 89 43.38 18.03 18.62
C LEU B 89 44.31 18.72 17.63
N CYS B 90 45.47 19.16 18.11
CA CYS B 90 46.39 19.91 17.23
C CYS B 90 46.73 19.02 16.05
N TYR B 91 47.03 17.76 16.29
CA TYR B 91 47.22 16.87 15.13
C TYR B 91 45.82 16.55 14.70
N PRO B 92 45.50 16.70 13.41
CA PRO B 92 44.15 16.57 12.99
C PRO B 92 43.62 15.16 13.27
N GLY B 93 42.34 15.07 13.62
CA GLY B 93 41.80 13.76 13.97
C GLY B 93 40.51 13.78 14.74
N SER B 94 40.27 12.73 15.53
CA SER B 94 38.99 12.59 16.24
C SER B 94 39.15 11.95 17.60
N LEU B 95 38.24 12.23 18.52
CA LEU B 95 38.21 11.49 19.79
C LEU B 95 36.86 10.79 19.80
N ASN B 96 36.85 9.46 19.88
CA ASN B 96 35.57 8.71 19.77
C ASN B 96 34.68 9.00 20.96
N ASP B 97 33.39 9.12 20.74
CA ASP B 97 32.42 9.28 21.83
C ASP B 97 32.82 10.45 22.71
N TYR B 98 33.26 11.54 22.11
CA TYR B 98 33.69 12.74 22.85
C TYR B 98 32.48 13.26 23.62
N GLU B 99 31.34 13.26 22.96
CA GLU B 99 30.14 13.84 23.57
C GLU B 99 29.76 13.02 24.78
N GLU B 100 29.90 11.71 24.69
CA GLU B 100 29.62 10.84 25.86
C GLU B 100 30.66 11.03 26.96
N LEU B 101 31.93 11.19 26.60
CA LEU B 101 33.01 11.39 27.59
C LEU B 101 32.74 12.70 28.29
N LYS B 102 32.35 13.72 27.55
CA LYS B 102 32.15 15.03 28.16
C LYS B 102 31.05 14.90 29.20
N HIS B 103 30.04 14.11 28.94
CA HIS B 103 28.99 13.88 29.97
C HIS B 103 29.63 13.23 31.17
N LEU B 104 30.48 12.23 30.96
CA LEU B 104 31.04 11.49 32.11
C LEU B 104 31.89 12.46 32.92
N LEU B 105 32.71 13.25 32.24
CA LEU B 105 33.64 14.16 32.92
C LEU B 105 32.84 15.22 33.68
N SER B 106 31.70 15.64 33.17
CA SER B 106 30.95 16.70 33.84
C SER B 106 30.57 16.20 35.23
N ARG B 107 30.13 14.94 35.32
CA ARG B 107 29.75 14.33 36.61
C ARG B 107 30.96 14.30 37.53
N ILE B 108 32.13 13.94 37.00
CA ILE B 108 33.34 13.77 37.86
C ILE B 108 33.59 15.09 38.54
N ASN B 109 33.85 15.05 39.83
CA ASN B 109 34.22 16.28 40.55
C ASN B 109 35.73 16.31 40.76
N HIS B 110 36.41 15.18 40.93
CA HIS B 110 37.91 15.25 41.04
C HIS B 110 38.61 14.14 40.28
N PHE B 111 39.80 14.42 39.77
CA PHE B 111 40.58 13.45 38.97
C PHE B 111 42.04 13.53 39.44
N GLU B 112 42.81 12.45 39.31
CA GLU B 112 44.25 12.52 39.63
C GLU B 112 45.04 11.88 38.50
N LYS B 113 45.91 12.63 37.85
CA LYS B 113 46.64 12.08 36.70
C LYS B 113 47.69 11.13 37.27
N ILE B 114 47.75 9.90 36.76
CA ILE B 114 48.81 8.97 37.21
C ILE B 114 49.54 8.38 36.01
N LEU B 115 50.86 8.33 36.06
CA LEU B 115 51.62 7.68 34.97
C LEU B 115 51.38 6.19 35.15
N ILE B 116 50.89 5.52 34.12
CA ILE B 116 50.58 4.08 34.26
C ILE B 116 51.59 3.33 33.40
N ILE B 117 52.09 3.97 32.36
CA ILE B 117 53.14 3.33 31.53
C ILE B 117 54.27 4.32 31.42
N PRO B 118 55.46 4.03 31.95
CA PRO B 118 56.59 4.91 31.80
C PRO B 118 57.19 4.79 30.41
N LYS B 119 57.88 5.83 29.95
CA LYS B 119 58.49 5.82 28.60
C LYS B 119 59.55 4.74 28.57
N SER B 120 60.01 4.33 29.74
CA SER B 120 61.06 3.30 29.85
C SER B 120 60.59 1.98 29.29
N SER B 121 59.28 1.72 29.24
CA SER B 121 58.80 0.38 28.85
C SER B 121 58.84 0.21 27.33
N TRP B 122 59.43 1.16 26.62
CA TRP B 122 59.58 1.04 25.15
C TRP B 122 61.08 1.06 24.84
N PRO B 123 61.83 0.00 25.17
CA PRO B 123 63.28 0.01 25.02
C PRO B 123 63.79 0.05 23.59
N ASN B 124 63.13 -0.71 22.71
CA ASN B 124 63.64 -0.84 21.32
C ASN B 124 62.87 0.09 20.36
N HIS B 125 62.08 1.03 20.89
CA HIS B 125 61.29 1.95 20.04
C HIS B 125 61.64 3.39 20.35
N GLU B 126 61.54 4.30 19.38
CA GLU B 126 62.00 5.69 19.64
C GLU B 126 60.91 6.48 20.36
N THR B 127 61.12 6.76 21.65
CA THR B 127 60.17 7.58 22.44
C THR B 127 60.19 9.00 21.88
N SER B 128 61.35 9.46 21.46
CA SER B 128 61.42 10.78 20.81
C SER B 128 61.07 10.67 19.35
N LEU B 129 61.06 11.79 18.63
CA LEU B 129 60.77 11.83 17.17
C LEU B 129 59.27 11.74 16.93
N GLY B 130 58.50 11.49 17.98
CA GLY B 130 57.03 11.47 17.87
C GLY B 130 56.51 12.87 18.06
N VAL B 131 56.80 13.76 17.11
CA VAL B 131 56.42 15.19 17.25
C VAL B 131 55.86 15.65 15.91
N SER B 132 55.14 16.76 15.91
CA SER B 132 54.68 17.34 14.62
C SER B 132 54.70 18.85 14.72
N ALA B 133 54.81 19.51 13.59
CA ALA B 133 54.76 20.97 13.56
C ALA B 133 53.40 21.40 14.05
N ALA B 134 52.38 20.63 13.72
CA ALA B 134 51.00 21.03 14.03
C ALA B 134 50.81 21.22 15.52
N CYS B 135 51.39 20.37 16.36
CA CYS B 135 51.30 20.62 17.81
C CYS B 135 52.57 21.34 18.23
N PRO B 136 52.57 22.66 18.51
CA PRO B 136 53.80 23.40 18.77
C PRO B 136 54.08 24.03 20.14
N TYR B 137 55.24 23.75 20.73
CA TYR B 137 55.64 24.38 22.02
C TYR B 137 56.90 25.17 21.77
N GLN B 138 56.92 26.41 22.21
CA GLN B 138 58.12 27.26 22.02
C GLN B 138 58.51 27.23 20.57
N GLY B 139 57.55 27.42 19.68
CA GLY B 139 57.82 27.50 18.23
C GLY B 139 58.41 26.21 17.71
N ALA B 140 58.39 25.16 18.52
CA ALA B 140 59.07 23.96 18.06
C ALA B 140 58.08 22.82 17.86
N PRO B 141 58.39 21.89 16.96
CA PRO B 141 57.59 20.65 16.85
C PRO B 141 57.43 19.98 18.21
N SER B 142 56.18 19.68 18.54
CA SER B 142 55.92 18.93 19.79
C SER B 142 54.68 18.07 19.60
N PHE B 143 54.21 17.48 20.69
CA PHE B 143 53.12 16.51 20.62
C PHE B 143 52.30 16.59 21.92
N PHE B 144 51.17 15.88 21.93
CA PHE B 144 50.41 15.72 23.17
C PHE B 144 51.31 15.11 24.24
N ARG B 145 51.13 15.54 25.49
CA ARG B 145 52.05 15.16 26.56
C ARG B 145 51.61 13.96 27.36
N ASN B 146 50.38 13.51 27.25
CA ASN B 146 49.90 12.41 28.05
C ASN B 146 49.89 11.09 27.29
N VAL B 147 50.32 11.11 26.03
CA VAL B 147 50.31 9.95 25.15
C VAL B 147 51.59 10.01 24.31
N VAL B 148 52.15 8.85 24.00
CA VAL B 148 53.44 8.77 23.35
C VAL B 148 53.29 8.10 21.99
N TRP B 149 53.98 8.67 21.00
CA TRP B 149 53.92 8.26 19.61
C TRP B 149 55.22 7.52 19.30
N LEU B 150 55.12 6.21 19.07
CA LEU B 150 56.30 5.39 18.91
C LEU B 150 56.69 5.28 17.43
N ILE B 151 58.00 5.25 17.19
CA ILE B 151 58.58 5.26 15.84
C ILE B 151 59.63 4.15 15.78
N LYS B 152 59.97 3.74 14.56
CA LYS B 152 60.96 2.70 14.33
C LYS B 152 62.33 3.09 14.90
N LYS B 153 63.14 2.08 15.22
CA LYS B 153 64.52 2.25 15.66
C LYS B 153 65.42 1.50 14.70
N ASN B 154 66.21 2.24 13.91
CA ASN B 154 67.19 1.67 12.98
C ASN B 154 66.50 0.74 11.98
N ASP B 155 65.43 1.24 11.36
CA ASP B 155 64.59 0.47 10.44
C ASP B 155 64.02 -0.80 11.09
N ALA B 156 63.75 -0.75 12.39
CA ALA B 156 63.22 -1.91 13.11
C ALA B 156 62.04 -1.48 13.96
N TYR B 157 60.91 -2.15 13.79
CA TYR B 157 59.72 -1.93 14.60
C TYR B 157 59.14 -3.28 14.99
N PRO B 158 59.63 -3.88 16.07
CA PRO B 158 59.06 -5.15 16.53
C PRO B 158 57.64 -4.95 17.07
N THR B 159 56.96 -6.08 17.27
CA THR B 159 55.63 -6.04 17.86
C THR B 159 55.70 -5.54 19.30
N ILE B 160 54.56 -5.01 19.75
CA ILE B 160 54.40 -4.49 21.11
C ILE B 160 53.41 -5.39 21.83
N LYS B 161 53.77 -5.81 23.04
CA LYS B 161 52.89 -6.59 23.90
C LYS B 161 53.04 -6.04 25.31
N ILE B 162 52.03 -5.30 25.77
CA ILE B 162 52.10 -4.59 27.04
C ILE B 162 50.78 -4.78 27.78
N SER B 163 50.86 -4.73 29.12
CA SER B 163 49.69 -4.96 29.95
C SER B 163 49.79 -4.11 31.22
N TYR B 164 48.63 -3.75 31.77
CA TYR B 164 48.59 -2.91 32.97
C TYR B 164 47.43 -3.33 33.85
N ASN B 165 47.74 -3.89 35.02
CA ASN B 165 46.75 -4.08 36.07
C ASN B 165 46.41 -2.76 36.74
N ASN B 166 45.10 -2.46 36.84
CA ASN B 166 44.66 -1.39 37.71
C ASN B 166 44.55 -1.93 39.13
N THR B 167 45.19 -1.25 40.07
CA THR B 167 45.17 -1.66 41.47
C THR B 167 44.60 -0.60 42.40
N ASN B 168 44.20 0.55 41.86
CA ASN B 168 44.05 1.77 42.62
C ASN B 168 42.69 1.91 43.31
N ARG B 169 41.82 0.91 43.22
CA ARG B 169 40.50 0.96 43.86
C ARG B 169 39.68 2.15 43.38
N GLU B 170 40.10 2.75 42.28
CA GLU B 170 39.45 3.90 41.66
C GLU B 170 39.28 3.59 40.18
N ASP B 171 38.22 4.14 39.59
CA ASP B 171 38.04 3.98 38.16
C ASP B 171 39.08 4.79 37.40
N LEU B 172 39.64 4.19 36.36
CA LEU B 172 40.79 4.76 35.65
C LEU B 172 40.43 5.00 34.20
N LEU B 173 40.54 6.25 33.76
CA LEU B 173 40.32 6.63 32.37
C LEU B 173 41.63 6.52 31.59
N ILE B 174 41.61 5.72 30.53
CA ILE B 174 42.78 5.48 29.69
C ILE B 174 42.47 5.90 28.26
N LEU B 175 43.51 6.34 27.55
CA LEU B 175 43.37 6.90 26.22
C LEU B 175 44.52 6.46 25.34
N TRP B 176 44.20 6.09 24.10
CA TRP B 176 45.19 5.65 23.13
C TRP B 176 44.76 6.13 21.75
N GLY B 177 45.63 5.91 20.76
CA GLY B 177 45.37 6.42 19.43
C GLY B 177 45.95 5.58 18.32
N ILE B 178 45.49 5.89 17.12
CA ILE B 178 45.93 5.30 15.86
C ILE B 178 46.39 6.44 14.96
N HIS B 179 47.43 6.19 14.18
CA HIS B 179 47.92 7.16 13.21
C HIS B 179 47.61 6.68 11.80
N HIS B 180 47.12 7.59 10.97
CA HIS B 180 46.79 7.30 9.57
C HIS B 180 47.85 7.94 8.69
N SER B 181 48.64 7.09 8.03
CA SER B 181 49.71 7.52 7.14
C SER B 181 49.13 8.05 5.84
N ASN B 182 49.95 8.80 5.09
CA ASN B 182 49.49 9.39 3.84
C ASN B 182 49.91 8.61 2.61
N ASN B 183 50.91 7.74 2.71
CA ASN B 183 51.36 6.95 1.57
C ASN B 183 52.15 5.76 2.08
N ALA B 184 52.42 4.82 1.17
CA ALA B 184 53.20 3.64 1.55
C ALA B 184 54.64 3.99 1.89
N GLU B 185 55.19 5.04 1.25
CA GLU B 185 56.55 5.47 1.59
C GLU B 185 56.63 6.01 3.01
N GLU B 186 55.67 6.86 3.39
CA GLU B 186 55.61 7.34 4.76
C GLU B 186 55.49 6.19 5.74
N GLN B 187 54.62 5.24 5.45
CA GLN B 187 54.43 4.11 6.36
C GLN B 187 55.75 3.38 6.57
N THR B 188 56.43 3.01 5.49
CA THR B 188 57.71 2.33 5.61
C THR B 188 58.78 3.22 6.22
N ASN B 189 58.71 4.53 5.99
CA ASN B 189 59.70 5.44 6.55
C ASN B 189 59.61 5.47 8.07
N LEU B 190 58.38 5.55 8.60
CA LEU B 190 58.18 5.76 10.04
C LEU B 190 57.96 4.47 10.82
N TYR B 191 57.51 3.42 10.16
CA TYR B 191 57.41 2.10 10.77
C TYR B 191 57.92 1.12 9.72
N LYS B 192 58.61 0.07 10.15
CA LYS B 192 59.13 -0.85 9.14
C LYS B 192 57.98 -1.58 8.45
N ASN B 193 57.01 -2.04 9.23
CA ASN B 193 55.95 -2.89 8.71
C ASN B 193 55.01 -2.09 7.80
N PRO B 194 54.68 -2.60 6.61
CA PRO B 194 53.76 -1.87 5.72
C PRO B 194 52.30 -2.05 6.07
N THR B 195 51.94 -3.26 6.51
CA THR B 195 50.60 -3.56 7.01
C THR B 195 50.67 -3.73 8.51
N THR B 196 49.83 -2.99 9.24
CA THR B 196 49.94 -2.93 10.69
C THR B 196 48.56 -3.10 11.31
N TYR B 197 48.55 -3.17 12.64
CA TYR B 197 47.33 -3.40 13.40
C TYR B 197 47.55 -2.95 14.83
N ILE B 198 46.43 -2.64 15.50
CA ILE B 198 46.41 -2.38 16.94
C ILE B 198 45.25 -3.18 17.52
N SER B 199 45.52 -3.89 18.61
CA SER B 199 44.49 -4.69 19.27
C SER B 199 44.50 -4.39 20.76
N VAL B 200 43.38 -3.85 21.26
CA VAL B 200 43.26 -3.42 22.63
C VAL B 200 42.22 -4.31 23.32
N GLY B 201 42.57 -4.85 24.49
CA GLY B 201 41.69 -5.77 25.17
C GLY B 201 41.58 -5.56 26.66
N THR B 202 40.34 -5.40 27.15
CA THR B 202 40.06 -5.37 28.57
C THR B 202 39.07 -6.47 28.91
N SER B 203 38.40 -6.38 30.06
CA SER B 203 37.36 -7.37 30.36
C SER B 203 36.14 -7.16 29.48
N THR B 204 35.77 -5.90 29.23
CA THR B 204 34.58 -5.58 28.46
C THR B 204 34.89 -5.06 27.06
N LEU B 205 36.15 -4.84 26.70
CA LEU B 205 36.51 -4.18 25.46
C LEU B 205 37.43 -5.08 24.65
N ASN B 206 36.95 -5.49 23.47
CA ASN B 206 37.77 -6.06 22.42
C ASN B 206 37.79 -5.06 21.28
N GLN B 207 38.96 -4.83 20.68
CA GLN B 207 39.11 -3.72 19.74
C GLN B 207 40.28 -3.99 18.81
N ARG B 208 40.05 -3.78 17.51
CA ARG B 208 41.10 -3.89 16.51
C ARG B 208 41.01 -2.68 15.59
N LEU B 209 42.12 -1.96 15.46
CA LEU B 209 42.19 -0.75 14.65
C LEU B 209 43.23 -0.94 13.56
N VAL B 210 42.87 -0.59 12.33
CA VAL B 210 43.81 -0.69 11.22
C VAL B 210 43.96 0.68 10.55
N PRO B 211 45.17 1.09 10.19
CA PRO B 211 45.36 2.39 9.53
C PRO B 211 44.58 2.49 8.23
N LYS B 212 44.27 3.73 7.84
CA LYS B 212 43.63 4.04 6.56
C LYS B 212 44.54 5.02 5.81
N ILE B 213 45.31 4.50 4.85
CA ILE B 213 46.32 5.28 4.14
C ILE B 213 45.70 5.76 2.83
N ALA B 214 45.24 7.02 2.83
CA ALA B 214 44.63 7.61 1.66
C ALA B 214 44.99 9.09 1.58
N THR B 215 44.89 9.63 0.36
CA THR B 215 45.09 11.05 0.14
C THR B 215 43.97 11.85 0.81
N ARG B 216 44.35 12.73 1.73
CA ARG B 216 43.43 13.61 2.43
C ARG B 216 43.88 15.05 2.22
N SER B 217 43.02 15.99 2.60
CA SER B 217 43.37 17.40 2.56
C SER B 217 44.11 17.78 3.84
N GLN B 218 44.94 18.81 3.74
CA GLN B 218 45.79 19.20 4.86
C GLN B 218 45.01 20.06 5.85
N VAL B 219 44.92 19.58 7.09
CA VAL B 219 44.49 20.38 8.23
C VAL B 219 45.69 20.60 9.12
N ASN B 220 45.83 21.83 9.63
CA ASN B 220 46.99 22.21 10.43
C ASN B 220 48.28 21.80 9.73
N GLY B 221 48.28 21.91 8.41
CA GLY B 221 49.45 21.57 7.61
C GLY B 221 49.87 20.11 7.70
N GLN B 222 48.92 19.19 7.90
CA GLN B 222 49.23 17.77 7.90
C GLN B 222 48.10 17.00 7.23
N ARG B 223 48.46 16.16 6.27
CA ARG B 223 47.52 15.29 5.56
C ARG B 223 47.37 13.94 6.25
N GLY B 224 47.95 13.77 7.44
CA GLY B 224 47.72 12.61 8.26
C GLY B 224 46.59 12.85 9.26
N ARG B 225 46.17 11.77 9.92
CA ARG B 225 45.11 11.86 10.90
C ARG B 225 45.38 10.90 12.05
N MET B 226 44.83 11.25 13.22
CA MET B 226 44.97 10.47 14.43
C MET B 226 43.61 10.35 15.09
N ASP B 227 43.16 9.12 15.30
CA ASP B 227 41.90 8.84 15.96
C ASP B 227 42.19 8.31 17.36
N PHE B 228 41.47 8.82 18.36
CA PHE B 228 41.73 8.48 19.76
C PHE B 228 40.49 7.84 20.39
N PHE B 229 40.71 6.93 21.35
CA PHE B 229 39.63 6.17 21.97
C PHE B 229 39.85 6.11 23.48
N TRP B 230 38.76 5.89 24.23
CA TRP B 230 38.82 5.91 25.69
C TRP B 230 38.09 4.72 26.28
N THR B 231 38.54 4.27 27.45
CA THR B 231 37.85 3.26 28.23
C THR B 231 38.05 3.56 29.71
N ILE B 232 37.17 3.01 30.53
CA ILE B 232 37.25 3.11 31.98
C ILE B 232 37.64 1.74 32.52
N LEU B 233 38.87 1.61 33.01
CA LEU B 233 39.34 0.35 33.55
C LEU B 233 38.82 0.18 34.97
N LYS B 234 38.04 -0.89 35.20
CA LYS B 234 37.47 -1.13 36.51
C LYS B 234 38.58 -1.44 37.51
N PRO B 235 38.30 -1.28 38.82
CA PRO B 235 39.40 -1.27 39.81
C PRO B 235 40.29 -2.51 39.82
N ASP B 236 39.84 -3.66 39.31
CA ASP B 236 40.65 -4.87 39.35
C ASP B 236 40.91 -5.45 37.97
N ASP B 237 40.55 -4.75 36.89
CA ASP B 237 40.77 -5.24 35.54
C ASP B 237 42.14 -4.82 35.01
N ALA B 238 42.52 -5.41 33.89
CA ALA B 238 43.78 -5.13 33.20
C ALA B 238 43.51 -4.89 31.73
N ILE B 239 44.32 -4.01 31.14
CA ILE B 239 44.24 -3.69 29.71
C ILE B 239 45.48 -4.25 29.03
N HIS B 240 45.29 -4.81 27.84
CA HIS B 240 46.36 -5.46 27.09
C HIS B 240 46.38 -4.87 25.68
N PHE B 241 47.47 -4.19 25.36
CA PHE B 241 47.67 -3.65 24.02
C PHE B 241 48.59 -4.56 23.22
N GLU B 242 48.40 -4.54 21.91
CA GLU B 242 49.30 -5.22 20.99
C GLU B 242 49.30 -4.44 19.69
N SER B 243 50.47 -4.31 19.07
CA SER B 243 50.54 -3.54 17.84
C SER B 243 51.83 -3.85 17.10
N ASN B 244 51.77 -3.62 15.79
CA ASN B 244 52.91 -3.72 14.89
C ASN B 244 53.38 -2.36 14.41
N GLY B 245 52.63 -1.30 14.70
CA GLY B 245 52.92 0.04 14.24
C GLY B 245 51.71 0.94 14.41
N ASN B 246 51.91 2.21 14.07
CA ASN B 246 50.85 3.23 14.09
C ASN B 246 50.21 3.35 15.49
N PHE B 247 50.96 3.03 16.53
CA PHE B 247 50.43 3.02 17.89
C PHE B 247 50.72 4.35 18.58
N ILE B 248 49.67 5.06 18.96
CA ILE B 248 49.79 6.19 19.88
C ILE B 248 49.49 5.63 21.26
N ALA B 249 50.56 5.39 22.03
CA ALA B 249 50.46 4.59 23.25
C ALA B 249 50.24 5.46 24.47
N PRO B 250 49.35 5.02 25.37
CA PRO B 250 49.09 5.80 26.59
C PRO B 250 50.33 5.89 27.47
N GLU B 251 50.50 7.05 28.10
CA GLU B 251 51.54 7.23 29.11
C GLU B 251 50.95 7.65 30.44
N TYR B 252 50.04 8.61 30.44
CA TYR B 252 49.37 9.08 31.64
C TYR B 252 47.87 8.80 31.53
N ALA B 253 47.28 8.35 32.63
CA ALA B 253 45.85 8.09 32.72
C ALA B 253 45.26 8.93 33.85
N TYR B 254 43.95 8.80 34.04
CA TYR B 254 43.22 9.60 35.02
C TYR B 254 42.44 8.69 35.96
N LYS B 255 42.29 9.15 37.20
CA LYS B 255 41.43 8.51 38.19
C LYS B 255 40.22 9.38 38.43
N ILE B 256 39.15 8.76 38.95
CA ILE B 256 37.92 9.49 39.27
C ILE B 256 37.79 9.59 40.78
N VAL B 257 38.44 10.59 41.36
CA VAL B 257 38.52 10.69 42.81
C VAL B 257 37.19 11.13 43.42
N LYS B 258 36.59 12.17 42.86
CA LYS B 258 35.33 12.70 43.36
C LYS B 258 34.34 12.80 42.21
N LYS B 259 33.06 12.62 42.54
CA LYS B 259 31.99 12.63 41.55
C LYS B 259 30.86 13.53 42.01
N GLY B 260 30.02 13.91 41.05
CA GLY B 260 28.87 14.75 41.30
C GLY B 260 27.94 14.77 40.09
N ASP B 261 27.30 15.91 39.82
CA ASP B 261 26.42 16.04 38.68
C ASP B 261 26.59 17.41 38.07
N SER B 262 26.55 17.48 36.74
CA SER B 262 26.82 18.73 36.02
C SER B 262 26.68 18.58 34.52
N THR B 263 26.93 19.68 33.79
CA THR B 263 27.11 19.64 32.35
C THR B 263 28.25 20.58 31.98
N ILE B 264 28.48 20.72 30.68
CA ILE B 264 29.45 21.67 30.16
C ILE B 264 28.72 22.95 29.79
N MET B 265 29.20 24.08 30.29
CA MET B 265 28.61 25.38 30.06
C MET B 265 29.48 26.17 29.09
N LYS B 266 28.85 26.82 28.11
CA LYS B 266 29.54 27.70 27.17
C LYS B 266 29.31 29.14 27.60
N SER B 267 30.37 29.82 28.02
CA SER B 267 30.26 31.20 28.46
C SER B 267 31.61 31.88 28.41
N GLY B 268 31.59 33.18 28.10
CA GLY B 268 32.75 34.03 28.18
C GLY B 268 32.79 34.88 29.43
N VAL B 269 31.81 34.71 30.32
CA VAL B 269 31.79 35.47 31.56
C VAL B 269 32.98 35.09 32.44
N GLU B 270 33.22 35.91 33.46
CA GLU B 270 34.35 35.77 34.36
C GLU B 270 33.91 35.12 35.66
N TYR B 271 34.89 34.62 36.43
CA TYR B 271 34.64 33.89 37.66
C TYR B 271 33.89 34.77 38.67
N GLY B 272 34.55 35.78 39.22
CA GLY B 272 33.87 36.77 40.03
C GLY B 272 33.76 36.46 41.51
N HIS B 273 34.26 35.31 41.97
CA HIS B 273 34.50 35.04 43.38
C HIS B 273 33.25 35.20 44.24
N CYS B 274 32.24 34.40 43.91
CA CYS B 274 30.98 34.36 44.66
C CYS B 274 30.57 32.90 44.81
N ASN B 275 29.42 32.68 45.43
CA ASN B 275 28.92 31.32 45.54
C ASN B 275 27.41 31.37 45.30
N THR B 276 26.93 30.50 44.42
CA THR B 276 25.53 30.49 44.05
C THR B 276 25.02 29.06 44.01
N LYS B 277 23.69 28.93 43.92
CA LYS B 277 23.03 27.65 43.74
C LYS B 277 22.32 27.54 42.41
N CYS B 278 22.36 28.60 41.60
CA CYS B 278 21.74 28.60 40.26
C CYS B 278 22.62 29.46 39.38
N GLN B 279 23.23 28.80 38.39
CA GLN B 279 24.20 29.49 37.53
C GLN B 279 23.77 29.39 36.07
N THR B 280 23.68 30.53 35.42
CA THR B 280 23.39 30.62 33.99
C THR B 280 24.66 31.03 33.25
N PRO B 281 24.72 30.82 31.94
CA PRO B 281 25.92 31.25 31.19
C PRO B 281 26.16 32.75 31.23
N VAL B 282 25.15 33.56 31.58
CA VAL B 282 25.29 35.00 31.64
C VAL B 282 25.45 35.52 33.07
N GLY B 283 25.27 34.66 34.07
CA GLY B 283 25.34 35.12 35.44
C GLY B 283 24.85 34.05 36.40
N ALA B 284 24.58 34.49 37.62
CA ALA B 284 24.17 33.59 38.69
C ALA B 284 23.00 34.21 39.43
N ILE B 285 22.06 33.38 39.87
CA ILE B 285 20.81 33.86 40.47
C ILE B 285 20.82 33.53 41.96
N ASN B 286 20.17 34.41 42.74
CA ASN B 286 20.05 34.27 44.18
C ASN B 286 18.63 34.69 44.61
N SER B 287 17.65 33.83 44.34
CA SER B 287 16.29 34.12 44.74
C SER B 287 15.53 32.82 44.93
N SER B 288 14.48 32.90 45.75
CA SER B 288 13.52 31.81 45.93
C SER B 288 12.30 31.97 45.04
N MET B 289 12.29 32.99 44.18
CA MET B 289 11.18 33.19 43.27
C MET B 289 11.02 31.98 42.36
N PRO B 290 9.79 31.59 42.00
CA PRO B 290 9.59 30.33 41.29
C PRO B 290 9.86 30.38 39.79
N PHE B 291 10.04 31.58 39.21
CA PHE B 291 10.17 31.69 37.77
C PHE B 291 11.27 32.70 37.45
N HIS B 292 11.93 32.49 36.32
CA HIS B 292 13.04 33.34 35.90
C HIS B 292 13.01 33.46 34.38
N ASN B 293 13.54 34.56 33.86
CA ASN B 293 13.59 34.80 32.41
C ASN B 293 15.02 35.00 31.93
N ILE B 294 16.00 34.53 32.69
CA ILE B 294 17.39 34.87 32.47
C ILE B 294 17.97 34.08 31.30
N HIS B 295 18.19 32.78 31.50
CA HIS B 295 18.82 32.00 30.47
C HIS B 295 18.25 30.58 30.50
N PRO B 296 17.89 30.02 29.35
CA PRO B 296 17.36 28.64 29.34
C PRO B 296 18.29 27.63 29.98
N LEU B 297 19.57 27.69 29.68
CA LEU B 297 20.52 26.61 30.01
C LEU B 297 21.16 26.89 31.36
N THR B 298 20.50 26.43 32.42
CA THR B 298 20.95 26.64 33.79
C THR B 298 21.52 25.34 34.35
N ILE B 299 22.16 25.44 35.52
CA ILE B 299 22.60 24.29 36.29
C ILE B 299 22.35 24.55 37.76
N GLY B 300 21.78 23.58 38.46
CA GLY B 300 21.52 23.66 39.88
C GLY B 300 20.03 23.83 40.18
N GLU B 301 19.75 24.08 41.44
CA GLU B 301 18.38 24.38 41.89
C GLU B 301 17.97 25.72 41.29
N CYS B 302 17.05 25.70 40.33
CA CYS B 302 16.79 26.92 39.57
C CYS B 302 15.29 27.13 39.39
N PRO B 303 14.86 28.39 39.28
CA PRO B 303 13.47 28.67 38.91
C PRO B 303 13.17 28.18 37.51
N LYS B 304 11.87 28.09 37.20
CA LYS B 304 11.44 27.58 35.92
C LYS B 304 11.48 28.69 34.87
N TYR B 305 12.18 28.42 33.76
CA TYR B 305 12.35 29.43 32.73
C TYR B 305 11.03 29.66 32.00
N VAL B 306 10.62 30.93 31.91
CA VAL B 306 9.36 31.30 31.30
C VAL B 306 9.62 32.36 30.24
N LYS B 307 8.62 32.57 29.39
CA LYS B 307 8.67 33.62 28.36
C LYS B 307 8.15 34.95 28.89
N SER B 308 7.84 35.06 30.17
CA SER B 308 7.17 36.25 30.68
C SER B 308 8.17 37.37 30.94
N ASN B 309 7.65 38.59 30.92
CA ASN B 309 8.42 39.78 31.27
C ASN B 309 7.95 40.41 32.57
N LYS B 310 6.81 39.97 33.11
CA LYS B 310 6.27 40.47 34.36
C LYS B 310 5.24 39.46 34.88
N LEU B 311 5.30 39.17 36.18
CA LEU B 311 4.33 38.27 36.81
C LEU B 311 4.01 38.84 38.18
N VAL B 312 2.95 39.62 38.28
CA VAL B 312 2.64 40.40 39.46
C VAL B 312 1.38 39.83 40.11
N LEU B 313 1.53 39.39 41.36
CA LEU B 313 0.39 39.03 42.20
C LEU B 313 0.04 40.24 43.06
N ALA B 314 -1.14 40.81 42.83
CA ALA B 314 -1.60 41.88 43.70
C ALA B 314 -1.80 41.33 45.11
N THR B 315 -1.14 41.97 46.08
CA THR B 315 -1.31 41.59 47.47
C THR B 315 -2.20 42.54 48.24
N GLY B 316 -2.18 43.82 47.90
CA GLY B 316 -2.99 44.82 48.58
C GLY B 316 -4.37 44.98 47.98
N LEU B 317 -4.66 46.17 47.48
CA LEU B 317 -6.00 46.49 47.00
C LEU B 317 -5.95 47.66 46.03
N ARG B 318 -7.12 48.06 45.54
CA ARG B 318 -7.24 49.07 44.50
C ARG B 318 -6.84 50.45 45.01
N ASN B 319 -6.45 51.32 44.09
CA ASN B 319 -6.07 52.67 44.43
C ASN B 319 -6.54 53.63 43.34
N SER B 320 -6.79 54.87 43.75
CA SER B 320 -7.18 55.93 42.82
C SER B 320 -6.24 57.12 42.96
N ALA B 336 -13.97 51.29 42.96
CA ALA B 336 -14.82 52.47 43.08
C ALA B 336 -16.29 52.09 43.18
N GLY B 337 -16.66 51.42 44.27
CA GLY B 337 -18.04 50.99 44.48
C GLY B 337 -18.81 51.91 45.41
N PHE B 338 -19.51 51.33 46.41
CA PHE B 338 -20.24 52.17 47.35
C PHE B 338 -19.32 53.13 48.06
N ILE B 339 -18.11 52.69 48.40
CA ILE B 339 -17.02 53.59 48.74
C ILE B 339 -16.46 54.07 47.41
N GLU B 340 -16.83 55.30 47.00
CA GLU B 340 -16.41 55.80 45.69
C GLU B 340 -14.89 55.72 45.53
N GLY B 341 -14.16 56.02 46.59
CA GLY B 341 -12.73 55.82 46.62
C GLY B 341 -12.25 55.65 48.04
N GLY B 342 -11.26 54.79 48.23
CA GLY B 342 -10.64 54.66 49.54
C GLY B 342 -9.85 55.90 49.90
N TRP B 343 -9.77 56.18 51.19
CA TRP B 343 -9.17 57.43 51.65
C TRP B 343 -7.66 57.33 51.72
N GLN B 344 -6.99 58.31 51.12
CA GLN B 344 -5.54 58.29 51.03
C GLN B 344 -4.89 58.38 52.40
N GLY B 345 -5.56 59.04 53.35
CA GLY B 345 -4.91 59.38 54.61
C GLY B 345 -4.66 58.20 55.52
N MET B 346 -5.60 57.24 55.56
CA MET B 346 -5.49 56.10 56.47
C MET B 346 -4.19 55.34 56.23
N VAL B 347 -3.41 55.16 57.30
CA VAL B 347 -2.12 54.50 57.21
C VAL B 347 -2.03 53.36 58.22
N ASP B 348 -2.99 53.29 59.13
CA ASP B 348 -2.91 52.32 60.23
C ASP B 348 -3.09 50.89 59.74
N GLY B 349 -4.08 50.64 58.91
CA GLY B 349 -4.41 49.29 58.48
C GLY B 349 -4.87 49.24 57.03
N TRP B 350 -5.75 48.29 56.75
CA TRP B 350 -6.26 48.07 55.40
C TRP B 350 -7.71 48.51 55.26
N TYR B 351 -8.59 48.06 56.17
CA TYR B 351 -9.99 48.44 56.24
C TYR B 351 -10.23 49.20 57.54
N GLY B 352 -11.09 50.22 57.52
CA GLY B 352 -11.30 50.99 58.74
C GLY B 352 -12.47 51.94 58.67
N TYR B 353 -12.60 52.71 59.76
CA TYR B 353 -13.75 53.60 60.04
C TYR B 353 -13.30 55.04 60.21
N HIS B 354 -14.03 55.96 59.60
CA HIS B 354 -13.77 57.39 59.75
C HIS B 354 -14.93 58.03 60.49
N HIS B 355 -14.61 58.77 61.55
CA HIS B 355 -15.59 59.45 62.39
C HIS B 355 -15.63 60.94 62.04
N SER B 356 -16.83 61.55 62.13
CA SER B 356 -17.05 62.93 61.68
C SER B 356 -17.95 63.71 62.64
N ASN B 357 -17.41 64.06 63.80
CA ASN B 357 -18.10 64.90 64.78
C ASN B 357 -17.29 66.18 65.03
N GLU B 358 -17.85 67.08 65.84
CA GLU B 358 -17.24 68.39 66.03
C GLU B 358 -15.85 68.25 66.64
N GLN B 359 -15.70 67.34 67.61
CA GLN B 359 -14.40 67.15 68.26
C GLN B 359 -13.34 66.70 67.25
N GLY B 360 -13.70 65.79 66.35
CA GLY B 360 -12.75 65.30 65.36
C GLY B 360 -13.38 64.63 64.16
N SER B 361 -12.81 64.84 62.98
CA SER B 361 -13.30 64.25 61.73
C SER B 361 -12.12 63.65 60.97
N GLY B 362 -11.59 62.53 61.46
CA GLY B 362 -10.42 61.91 60.88
C GLY B 362 -10.60 60.42 60.68
N TYR B 363 -9.71 59.85 59.89
CA TYR B 363 -9.78 58.44 59.48
C TYR B 363 -9.14 57.53 60.51
N ALA B 364 -9.75 56.37 60.74
CA ALA B 364 -9.28 55.37 61.69
C ALA B 364 -9.47 53.98 61.08
N ALA B 365 -9.06 52.93 61.80
CA ALA B 365 -8.92 51.62 61.19
C ALA B 365 -9.47 50.51 62.09
N ASP B 366 -9.66 49.35 61.47
CA ASP B 366 -10.15 48.11 62.06
C ASP B 366 -9.04 47.09 62.17
N LYS B 367 -9.19 46.15 63.11
CA LYS B 367 -8.21 45.09 63.33
C LYS B 367 -8.94 43.77 63.52
N GLU B 368 -8.16 42.68 63.51
CA GLU B 368 -8.68 41.30 63.52
C GLU B 368 -9.46 40.98 62.25
N SER B 369 -9.73 42.00 61.44
CA SER B 369 -10.26 41.85 60.10
C SER B 369 -9.23 42.20 59.04
N THR B 370 -8.56 43.35 59.21
CA THR B 370 -7.39 43.66 58.39
C THR B 370 -6.29 42.63 58.61
N GLN B 371 -6.00 42.30 59.87
CA GLN B 371 -4.97 41.32 60.19
C GLN B 371 -5.35 39.93 59.68
N LYS B 372 -6.64 39.59 59.71
CA LYS B 372 -7.08 38.29 59.21
C LYS B 372 -6.89 38.18 57.70
N ALA B 373 -7.05 39.30 56.97
CA ALA B 373 -6.95 39.26 55.53
C ALA B 373 -5.50 39.15 55.07
N ILE B 374 -4.62 40.00 55.62
CA ILE B 374 -3.22 40.00 55.19
C ILE B 374 -2.57 38.65 55.50
N ASP B 375 -2.95 38.05 56.62
CA ASP B 375 -2.50 36.69 56.90
C ASP B 375 -2.97 35.71 55.84
N GLY B 376 -4.16 35.95 55.28
CA GLY B 376 -4.64 35.09 54.21
C GLY B 376 -3.94 35.38 52.89
N VAL B 377 -3.88 36.65 52.50
CA VAL B 377 -3.26 37.02 51.23
C VAL B 377 -1.82 36.53 51.17
N THR B 378 -1.07 36.70 52.26
CA THR B 378 0.30 36.20 52.30
C THR B 378 0.34 34.68 52.16
N ASN B 379 -0.58 33.99 52.84
CA ASN B 379 -0.65 32.53 52.69
C ASN B 379 -0.85 32.14 51.23
N LYS B 380 -1.58 32.94 50.46
CA LYS B 380 -1.71 32.69 49.03
C LYS B 380 -0.40 32.91 48.31
N VAL B 381 0.20 34.09 48.46
CA VAL B 381 1.50 34.37 47.87
C VAL B 381 2.52 33.33 48.30
N ASN B 382 2.53 32.98 49.59
CA ASN B 382 3.41 31.92 50.06
C ASN B 382 3.03 30.56 49.48
N SER B 383 1.74 30.32 49.24
CA SER B 383 1.33 29.05 48.63
C SER B 383 1.89 28.91 47.23
N ILE B 384 1.79 29.95 46.41
CA ILE B 384 2.25 29.85 45.02
C ILE B 384 3.76 29.58 44.97
N ILE B 385 4.54 30.40 45.68
CA ILE B 385 6.00 30.29 45.59
C ILE B 385 6.50 28.99 46.20
N ASP B 386 6.00 28.61 47.38
CA ASP B 386 6.54 27.44 48.06
C ASP B 386 6.14 26.13 47.35
N LYS B 387 4.96 26.09 46.74
CA LYS B 387 4.52 24.85 46.10
C LYS B 387 5.39 24.48 44.91
N MET B 388 5.90 25.46 44.17
CA MET B 388 6.89 25.16 43.15
C MET B 388 8.14 24.64 43.84
N ASN B 389 8.38 23.33 43.79
CA ASN B 389 9.51 22.74 44.47
C ASN B 389 10.43 22.17 43.42
N THR B 390 11.55 22.86 43.21
CA THR B 390 12.59 22.44 42.26
C THR B 390 13.92 22.49 42.99
N GLN B 391 14.38 21.33 43.45
CA GLN B 391 15.75 21.17 43.87
C GLN B 391 16.52 20.49 42.75
N PHE B 392 15.83 20.21 41.65
CA PHE B 392 16.35 19.45 40.53
C PHE B 392 17.52 20.16 39.90
N GLU B 393 18.64 19.47 39.80
CA GLU B 393 19.76 19.99 39.05
C GLU B 393 19.36 20.01 37.57
N ALA B 394 19.93 20.93 36.81
CA ALA B 394 19.53 21.14 35.42
C ALA B 394 20.70 20.82 34.49
N VAL B 395 20.51 21.06 33.19
CA VAL B 395 21.50 20.67 32.21
C VAL B 395 21.22 21.39 30.89
N GLY B 396 22.22 21.42 30.01
CA GLY B 396 22.07 21.74 28.61
C GLY B 396 23.00 20.84 27.82
N ARG B 397 22.45 19.94 27.00
CA ARG B 397 23.19 18.78 26.53
C ARG B 397 24.04 19.10 25.30
N GLU B 398 24.70 18.06 24.77
CA GLU B 398 25.68 18.14 23.70
C GLU B 398 25.38 17.05 22.69
N PHE B 399 25.21 17.43 21.41
CA PHE B 399 24.90 16.47 20.36
C PHE B 399 25.73 16.84 19.12
N ASN B 400 26.06 15.85 18.28
CA ASN B 400 26.97 16.13 17.18
C ASN B 400 26.22 16.53 15.91
N ASN B 401 26.95 16.62 14.79
CA ASN B 401 26.35 16.99 13.51
C ASN B 401 25.39 15.91 12.99
N LEU B 402 25.64 14.66 13.36
CA LEU B 402 24.83 13.53 12.93
C LEU B 402 23.90 13.05 14.04
N GLU B 403 23.70 13.86 15.07
CA GLU B 403 22.71 13.60 16.10
C GLU B 403 21.64 14.68 16.12
N ARG B 404 21.50 15.42 15.01
CA ARG B 404 20.59 16.55 14.94
C ARG B 404 19.13 16.15 15.10
N ARG B 405 18.78 14.91 14.79
CA ARG B 405 17.42 14.46 15.05
C ARG B 405 17.13 14.39 16.54
N ILE B 406 18.10 13.89 17.31
CA ILE B 406 17.92 13.81 18.75
C ILE B 406 17.95 15.20 19.36
N GLU B 407 18.71 16.12 18.76
CA GLU B 407 18.69 17.52 19.22
C GLU B 407 17.30 18.13 19.05
N ASN B 408 16.61 17.80 17.97
CA ASN B 408 15.24 18.27 17.79
C ASN B 408 14.33 17.75 18.88
N LEU B 409 14.47 16.46 19.22
CA LEU B 409 13.75 15.90 20.36
C LEU B 409 13.99 16.73 21.62
N ASN B 410 15.26 17.08 21.85
CA ASN B 410 15.61 17.91 23.00
C ASN B 410 14.88 19.25 22.93
N LYS B 411 15.04 19.97 21.82
CA LYS B 411 14.40 21.27 21.67
C LYS B 411 12.88 21.16 21.78
N LYS B 412 12.28 20.10 21.22
CA LYS B 412 10.84 19.92 21.35
C LYS B 412 10.42 19.74 22.80
N MET B 413 11.19 18.97 23.58
CA MET B 413 10.93 18.85 25.02
C MET B 413 11.00 20.21 25.70
N GLU B 414 12.17 20.84 25.65
CA GLU B 414 12.42 22.11 26.31
C GLU B 414 11.40 23.17 25.91
N ASP B 415 11.25 23.41 24.61
CA ASP B 415 10.36 24.46 24.15
C ASP B 415 8.91 24.17 24.54
N GLY B 416 8.53 22.91 24.63
CA GLY B 416 7.20 22.53 25.08
C GLY B 416 7.02 22.78 26.57
N PHE B 417 8.04 22.45 27.35
CA PHE B 417 7.96 22.70 28.78
C PHE B 417 7.92 24.20 29.09
N LEU B 418 8.51 25.03 28.23
CA LEU B 418 8.40 26.47 28.43
C LEU B 418 6.96 26.93 28.32
N ASP B 419 6.30 26.56 27.21
CA ASP B 419 4.94 27.04 26.99
C ASP B 419 3.98 26.50 28.02
N VAL B 420 4.25 25.31 28.58
CA VAL B 420 3.42 24.80 29.65
C VAL B 420 3.56 25.67 30.90
N TRP B 421 4.80 25.91 31.32
CA TRP B 421 5.04 26.70 32.53
C TRP B 421 4.67 28.16 32.32
N THR B 422 4.96 28.70 31.14
CA THR B 422 4.64 30.09 30.86
C THR B 422 3.14 30.32 30.85
N TYR B 423 2.39 29.42 30.21
CA TYR B 423 0.95 29.60 30.13
C TYR B 423 0.27 29.43 31.48
N ASN B 424 0.60 28.33 32.17
CA ASN B 424 -0.05 28.03 33.45
C ASN B 424 0.19 29.15 34.45
N ALA B 425 1.43 29.63 34.55
CA ALA B 425 1.75 30.68 35.51
C ALA B 425 1.06 32.00 35.14
N GLU B 426 0.99 32.31 33.84
CA GLU B 426 0.44 33.60 33.43
C GLU B 426 -1.07 33.67 33.63
N LEU B 427 -1.77 32.55 33.46
CA LEU B 427 -3.20 32.56 33.77
C LEU B 427 -3.43 32.46 35.27
N LEU B 428 -2.61 31.69 35.97
CA LEU B 428 -2.72 31.61 37.42
C LEU B 428 -2.69 33.00 38.04
N VAL B 429 -1.76 33.84 37.59
CA VAL B 429 -1.69 35.23 38.04
C VAL B 429 -3.00 35.95 37.78
N LEU B 430 -3.50 35.88 36.54
CA LEU B 430 -4.73 36.58 36.18
C LEU B 430 -5.92 36.07 36.96
N MET B 431 -5.97 34.76 37.22
CA MET B 431 -7.12 34.18 37.91
C MET B 431 -7.12 34.56 39.39
N GLU B 432 -5.98 34.37 40.07
CA GLU B 432 -5.91 34.70 41.48
C GLU B 432 -6.01 36.20 41.72
N ASN B 433 -5.47 37.02 40.82
CA ASN B 433 -5.57 38.46 41.00
C ASN B 433 -7.01 38.91 41.00
N GLU B 434 -7.85 38.31 40.17
CA GLU B 434 -9.26 38.67 40.19
C GLU B 434 -9.90 38.25 41.52
N ARG B 435 -9.54 37.06 42.02
CA ARG B 435 -10.16 36.56 43.24
C ARG B 435 -9.80 37.42 44.44
N THR B 436 -8.53 37.85 44.55
CA THR B 436 -8.11 38.66 45.68
C THR B 436 -8.83 40.00 45.71
N LEU B 437 -8.96 40.65 44.55
CA LEU B 437 -9.59 41.97 44.52
C LEU B 437 -11.07 41.87 44.90
N ASP B 438 -11.73 40.78 44.51
CA ASP B 438 -13.11 40.57 44.94
C ASP B 438 -13.17 40.20 46.42
N PHE B 439 -12.17 39.46 46.90
CA PHE B 439 -12.15 39.07 48.31
C PHE B 439 -12.12 40.28 49.23
N HIS B 440 -11.52 41.38 48.79
CA HIS B 440 -11.48 42.59 49.60
C HIS B 440 -12.82 43.33 49.60
N ASP B 441 -13.51 43.35 48.44
CA ASP B 441 -14.84 43.96 48.40
C ASP B 441 -15.81 43.21 49.32
N SER B 442 -15.60 41.91 49.50
CA SER B 442 -16.44 41.14 50.39
C SER B 442 -16.20 41.51 51.86
N ASN B 443 -14.95 41.81 52.22
CA ASN B 443 -14.62 42.09 53.60
C ASN B 443 -15.13 43.45 54.03
N VAL B 444 -15.03 44.46 53.15
CA VAL B 444 -15.62 45.76 53.44
C VAL B 444 -17.13 45.65 53.58
N LYS B 445 -17.76 44.82 52.74
CA LYS B 445 -19.19 44.61 52.83
C LYS B 445 -19.58 44.03 54.19
N ASN B 446 -18.71 43.23 54.80
CA ASN B 446 -19.04 42.64 56.10
C ASN B 446 -18.95 43.68 57.22
N LEU B 447 -17.99 44.61 57.12
CA LEU B 447 -17.94 45.69 58.08
C LEU B 447 -19.18 46.57 58.00
N TYR B 448 -19.64 46.87 56.78
CA TYR B 448 -20.84 47.67 56.60
C TYR B 448 -22.05 47.01 57.24
N ASP B 449 -22.12 45.68 57.20
CA ASP B 449 -23.29 44.97 57.69
C ASP B 449 -23.39 45.04 59.21
N LYS B 450 -22.26 44.86 59.91
CA LYS B 450 -22.30 44.95 61.37
C LYS B 450 -22.65 46.35 61.85
N VAL B 451 -22.22 47.37 61.12
CA VAL B 451 -22.58 48.75 61.47
C VAL B 451 -24.06 48.99 61.20
N ARG B 452 -24.56 48.52 60.06
CA ARG B 452 -25.96 48.73 59.70
C ARG B 452 -26.89 47.94 60.61
N LEU B 453 -26.50 46.71 60.97
CA LEU B 453 -27.39 45.85 61.74
C LEU B 453 -27.63 46.40 63.13
N GLN B 454 -26.55 46.77 63.84
CA GLN B 454 -26.69 47.31 65.18
C GLN B 454 -27.37 48.68 65.17
N LEU B 455 -27.12 49.46 64.12
CA LEU B 455 -27.67 50.81 64.05
C LEU B 455 -29.19 50.78 63.86
N ARG B 456 -29.65 50.04 62.86
CA ARG B 456 -31.08 49.88 62.56
C ARG B 456 -31.65 51.25 62.22
N ASP B 457 -32.80 51.64 62.75
CA ASP B 457 -33.42 52.92 62.43
C ASP B 457 -33.05 54.03 63.41
N ASN B 458 -32.03 53.80 64.25
CA ASN B 458 -31.49 54.85 65.09
C ASN B 458 -30.69 55.87 64.29
N ALA B 459 -30.48 55.61 62.99
CA ALA B 459 -29.78 56.53 62.11
C ALA B 459 -30.05 56.11 60.68
N LYS B 460 -29.65 56.96 59.73
CA LYS B 460 -29.98 56.78 58.32
C LYS B 460 -28.72 56.50 57.51
N GLU B 461 -28.87 55.70 56.46
CA GLU B 461 -27.79 55.37 55.53
C GLU B 461 -28.09 56.02 54.19
N LEU B 462 -27.24 56.99 53.81
CA LEU B 462 -27.46 57.70 52.55
C LEU B 462 -27.27 56.80 51.34
N GLY B 463 -26.42 55.77 51.45
CA GLY B 463 -26.07 54.94 50.33
C GLY B 463 -24.70 55.21 49.74
N ASN B 464 -24.06 56.31 50.14
CA ASN B 464 -22.72 56.65 49.68
C ASN B 464 -21.63 55.99 50.52
N GLY B 465 -22.00 55.03 51.37
CA GLY B 465 -21.06 54.37 52.26
C GLY B 465 -21.05 54.93 53.67
N CYS B 466 -21.80 55.99 53.94
CA CYS B 466 -21.82 56.62 55.26
C CYS B 466 -23.19 56.48 55.90
N PHE B 467 -23.20 56.61 57.23
CA PHE B 467 -24.42 56.59 58.05
C PHE B 467 -24.51 57.91 58.80
N GLU B 468 -25.53 58.73 58.50
CA GLU B 468 -25.76 59.93 59.30
C GLU B 468 -26.46 59.54 60.60
N PHE B 469 -25.78 59.74 61.73
CA PHE B 469 -26.39 59.48 63.03
C PHE B 469 -27.51 60.49 63.29
N TYR B 470 -28.64 59.98 63.80
CA TYR B 470 -29.68 60.88 64.27
C TYR B 470 -29.26 61.53 65.59
N HIS B 471 -28.81 60.72 66.54
CA HIS B 471 -28.23 61.20 67.78
C HIS B 471 -26.78 61.63 67.53
N LYS B 472 -26.44 62.83 67.97
CA LYS B 472 -25.06 63.30 67.87
C LYS B 472 -24.14 62.35 68.62
N CYS B 473 -23.17 61.79 67.92
CA CYS B 473 -22.33 60.74 68.49
C CYS B 473 -20.93 61.27 68.75
N ASP B 474 -20.49 61.16 69.99
CA ASP B 474 -19.16 61.59 70.41
C ASP B 474 -18.13 60.54 70.00
N ASN B 475 -16.87 60.80 70.37
CA ASN B 475 -15.79 59.91 69.97
C ASN B 475 -15.92 58.53 70.62
N GLU B 476 -16.59 58.44 71.78
CA GLU B 476 -16.80 57.13 72.38
C GLU B 476 -17.97 56.40 71.73
N CYS B 477 -19.02 57.13 71.33
CA CYS B 477 -20.07 56.48 70.55
C CYS B 477 -19.50 55.82 69.32
N MET B 478 -18.56 56.50 68.65
CA MET B 478 -17.89 55.90 67.51
C MET B 478 -17.07 54.68 67.94
N GLU B 479 -16.39 54.79 69.09
CA GLU B 479 -15.53 53.70 69.55
C GLU B 479 -16.35 52.51 70.04
N SER B 480 -17.50 52.77 70.68
CA SER B 480 -18.37 51.66 71.08
C SER B 480 -18.92 50.94 69.85
N VAL B 481 -19.01 51.63 68.72
CA VAL B 481 -19.46 51.01 67.49
C VAL B 481 -18.35 50.15 66.89
N ARG B 482 -17.12 50.67 66.88
CA ARG B 482 -15.98 49.91 66.34
C ARG B 482 -15.80 48.60 67.09
N ASN B 483 -15.79 48.67 68.43
CA ASN B 483 -15.77 47.45 69.23
C ASN B 483 -17.00 46.60 68.95
N GLY B 484 -18.14 47.23 68.74
CA GLY B 484 -19.39 46.52 68.49
C GLY B 484 -20.34 46.47 69.66
N THR B 485 -20.07 47.20 70.74
CA THR B 485 -20.96 47.23 71.90
C THR B 485 -21.97 48.37 71.72
N TYR B 486 -23.26 48.02 71.74
CA TYR B 486 -24.30 48.98 71.44
C TYR B 486 -25.63 48.46 71.97
N ASP B 487 -26.54 49.39 72.27
CA ASP B 487 -27.88 49.07 72.72
C ASP B 487 -28.88 49.81 71.85
N TYR B 488 -29.82 49.07 71.26
CA TYR B 488 -30.69 49.66 70.24
C TYR B 488 -31.73 50.61 70.81
N PRO B 489 -32.47 50.27 71.88
CA PRO B 489 -33.54 51.19 72.31
C PRO B 489 -33.05 52.47 72.98
N GLN B 490 -31.91 52.43 73.68
CA GLN B 490 -31.41 53.56 74.45
C GLN B 490 -31.56 54.90 73.73
N TYR B 491 -31.04 54.97 72.51
CA TYR B 491 -31.04 56.20 71.72
C TYR B 491 -32.27 56.34 70.83
N SER B 492 -33.17 55.36 70.83
CA SER B 492 -34.22 55.34 69.82
C SER B 492 -35.26 56.43 70.03
N GLU B 493 -35.45 56.89 71.28
CA GLU B 493 -36.49 57.87 71.56
C GLU B 493 -36.23 59.18 70.83
N GLU B 494 -34.97 59.63 70.81
CA GLU B 494 -34.63 60.82 70.03
C GLU B 494 -34.82 60.57 68.54
N ALA B 495 -34.58 59.34 68.09
CA ALA B 495 -34.63 59.05 66.66
C ALA B 495 -36.05 59.12 66.11
N ARG B 496 -37.01 58.52 66.82
CA ARG B 496 -38.40 58.60 66.38
C ARG B 496 -38.89 60.04 66.36
N LEU B 497 -38.52 60.83 67.37
CA LEU B 497 -38.85 62.24 67.38
C LEU B 497 -38.03 63.00 66.34
N LYS B 498 -36.83 62.50 66.00
CA LYS B 498 -35.95 63.22 65.08
C LYS B 498 -36.56 63.33 63.69
N ARG B 499 -37.31 62.33 63.26
CA ARG B 499 -37.86 62.33 61.90
C ARG B 499 -38.82 63.49 61.69
N GLU B 500 -39.65 63.79 62.69
CA GLU B 500 -40.55 64.93 62.65
C GLU B 500 -41.47 64.91 61.43
N ASP C 1 48.10 -12.98 -63.29
CA ASP C 1 46.97 -12.05 -63.35
C ASP C 1 45.69 -12.80 -62.99
N GLN C 2 44.77 -12.13 -62.29
CA GLN C 2 43.59 -12.83 -61.80
C GLN C 2 42.45 -11.86 -61.54
N ILE C 3 41.25 -12.43 -61.42
CA ILE C 3 40.03 -11.71 -61.03
C ILE C 3 39.26 -12.56 -60.03
N CYS C 4 38.58 -11.90 -59.09
CA CYS C 4 37.84 -12.57 -58.04
C CYS C 4 36.46 -11.92 -57.87
N ILE C 5 35.59 -12.62 -57.15
CA ILE C 5 34.25 -12.15 -56.84
C ILE C 5 34.15 -12.09 -55.33
N GLY C 6 33.36 -11.14 -54.81
CA GLY C 6 33.31 -11.01 -53.36
C GLY C 6 32.10 -10.25 -52.88
N TYR C 7 31.87 -10.34 -51.57
CA TYR C 7 30.78 -9.64 -50.91
C TYR C 7 31.31 -8.72 -49.82
N HIS C 8 30.46 -7.77 -49.41
CA HIS C 8 30.84 -6.65 -48.56
C HIS C 8 30.95 -7.07 -47.10
N ALA C 9 31.79 -6.34 -46.35
CA ALA C 9 32.01 -6.58 -44.93
C ALA C 9 32.24 -5.25 -44.22
N ASN C 10 31.91 -5.22 -42.92
CA ASN C 10 31.99 -4.00 -42.13
C ASN C 10 32.32 -4.37 -40.68
N ASN C 11 32.24 -3.39 -39.78
CA ASN C 11 32.59 -3.61 -38.39
C ASN C 11 31.41 -4.07 -37.54
N SER C 12 30.24 -4.30 -38.15
CA SER C 12 29.05 -4.59 -37.37
C SER C 12 29.23 -5.85 -36.55
N THR C 13 28.84 -5.78 -35.27
CA THR C 13 28.85 -6.94 -34.39
C THR C 13 27.46 -7.52 -34.18
N GLU C 14 26.46 -7.01 -34.91
CA GLU C 14 25.10 -7.51 -34.79
C GLU C 14 25.05 -9.00 -35.13
N GLN C 15 24.45 -9.78 -34.25
CA GLN C 15 24.39 -11.23 -34.38
C GLN C 15 22.95 -11.66 -34.57
N VAL C 16 22.71 -12.55 -35.53
CA VAL C 16 21.40 -13.13 -35.77
C VAL C 16 21.52 -14.64 -35.67
N ASP C 17 20.36 -15.30 -35.55
CA ASP C 17 20.28 -16.75 -35.54
C ASP C 17 19.37 -17.21 -36.66
N THR C 18 19.69 -18.38 -37.21
CA THR C 18 18.86 -19.01 -38.22
C THR C 18 18.33 -20.32 -37.69
N ILE C 19 17.52 -21.00 -38.51
CA ILE C 19 16.95 -22.26 -38.09
C ILE C 19 18.01 -23.35 -37.96
N MET C 20 19.05 -23.30 -38.80
CA MET C 20 20.11 -24.30 -38.80
C MET C 20 21.43 -23.81 -38.25
N GLU C 21 21.59 -22.50 -38.05
CA GLU C 21 22.84 -21.92 -37.60
C GLU C 21 22.56 -20.93 -36.48
N LYS C 22 23.51 -20.81 -35.56
CA LYS C 22 23.37 -19.96 -34.38
C LYS C 22 24.51 -18.95 -34.34
N ASN C 23 24.20 -17.74 -33.89
CA ASN C 23 25.17 -16.66 -33.66
C ASN C 23 26.00 -16.39 -34.93
N VAL C 24 25.32 -15.86 -35.93
CA VAL C 24 25.95 -15.52 -37.21
C VAL C 24 26.04 -14.01 -37.31
N THR C 25 27.28 -13.49 -37.26
CA THR C 25 27.52 -12.06 -37.41
C THR C 25 27.15 -11.59 -38.81
N VAL C 26 26.43 -10.47 -38.88
CA VAL C 26 25.87 -9.95 -40.12
C VAL C 26 26.28 -8.49 -40.27
N THR C 27 26.28 -8.01 -41.53
CA THR C 27 26.65 -6.63 -41.80
C THR C 27 25.55 -5.68 -41.41
N HIS C 28 24.29 -6.09 -41.58
CA HIS C 28 23.15 -5.24 -41.33
C HIS C 28 22.01 -6.11 -40.81
N ALA C 29 21.17 -5.52 -39.97
CA ALA C 29 20.04 -6.24 -39.39
C ALA C 29 18.95 -5.26 -39.03
N GLN C 30 17.75 -5.79 -38.80
CA GLN C 30 16.63 -5.01 -38.29
C GLN C 30 15.91 -5.79 -37.21
N ASP C 31 15.61 -5.10 -36.11
CA ASP C 31 14.79 -5.66 -35.05
C ASP C 31 13.34 -5.23 -35.29
N ILE C 32 12.42 -6.17 -35.11
CA ILE C 32 10.99 -5.89 -35.31
C ILE C 32 10.24 -5.95 -33.99
N LEU C 33 10.97 -5.83 -32.88
CA LEU C 33 10.41 -5.73 -31.56
C LEU C 33 10.54 -4.31 -31.08
N GLU C 34 9.42 -3.72 -30.63
CA GLU C 34 9.48 -2.41 -29.99
C GLU C 34 9.68 -2.62 -28.50
N LYS C 35 10.75 -2.03 -27.97
CA LYS C 35 11.11 -2.17 -26.56
C LYS C 35 11.04 -0.82 -25.84
N THR C 36 10.49 0.20 -26.49
CA THR C 36 10.59 1.58 -26.04
C THR C 36 9.21 2.18 -25.80
N HIS C 37 9.08 2.91 -24.70
CA HIS C 37 7.89 3.67 -24.40
C HIS C 37 8.28 5.05 -23.88
N ASN C 38 7.33 5.98 -23.91
CA ASN C 38 7.62 7.36 -23.53
C ASN C 38 7.58 7.60 -22.03
N GLY C 39 7.09 6.63 -21.24
CA GLY C 39 7.11 6.77 -19.80
C GLY C 39 6.06 7.69 -19.22
N LYS C 40 5.13 8.18 -20.03
CA LYS C 40 4.07 9.06 -19.59
C LYS C 40 2.73 8.47 -20.02
N LEU C 41 1.64 9.06 -19.51
CA LEU C 41 0.29 8.69 -19.90
C LEU C 41 -0.28 9.79 -20.81
N CYS C 42 -0.77 9.41 -21.98
CA CYS C 42 -1.13 10.39 -22.98
C CYS C 42 -2.60 10.27 -23.37
N ASP C 43 -3.04 11.19 -24.22
CA ASP C 43 -4.32 11.06 -24.90
C ASP C 43 -4.29 9.88 -25.87
N LEU C 44 -5.46 9.34 -26.16
CA LEU C 44 -5.60 8.24 -27.11
C LEU C 44 -6.41 8.73 -28.29
N ASN C 45 -5.73 8.96 -29.42
CA ASN C 45 -6.37 9.43 -30.65
C ASN C 45 -7.10 10.76 -30.44
N GLY C 46 -6.49 11.63 -29.63
CA GLY C 46 -6.95 12.99 -29.45
C GLY C 46 -7.83 13.22 -28.23
N VAL C 47 -8.18 12.19 -27.47
CA VAL C 47 -9.03 12.33 -26.30
C VAL C 47 -8.23 12.00 -25.06
N LYS C 48 -8.38 12.84 -24.02
CA LYS C 48 -7.64 12.78 -22.77
C LYS C 48 -8.24 11.74 -21.81
N PRO C 49 -7.41 11.10 -21.01
CA PRO C 49 -7.94 10.20 -19.99
C PRO C 49 -8.61 11.00 -18.88
N LEU C 50 -9.53 10.34 -18.20
CA LEU C 50 -10.07 10.86 -16.94
C LEU C 50 -9.20 10.28 -15.82
N ILE C 51 -8.35 11.10 -15.23
CA ILE C 51 -7.42 10.66 -14.20
C ILE C 51 -8.05 10.94 -12.85
N LEU C 52 -8.52 9.87 -12.22
CA LEU C 52 -9.02 9.92 -10.85
C LEU C 52 -7.83 9.67 -9.93
N LYS C 53 -7.57 10.60 -9.02
CA LYS C 53 -6.33 10.62 -8.24
C LYS C 53 -6.65 10.19 -6.82
N ASP C 54 -6.21 8.99 -6.46
CA ASP C 54 -6.57 8.38 -5.19
C ASP C 54 -8.08 8.36 -4.98
N CYS C 55 -8.83 8.36 -6.06
CA CYS C 55 -10.26 8.18 -5.99
C CYS C 55 -10.61 6.94 -6.79
N SER C 56 -11.77 6.37 -6.50
CA SER C 56 -12.34 5.29 -7.27
C SER C 56 -13.52 5.85 -8.05
N VAL C 57 -14.02 5.05 -8.99
CA VAL C 57 -15.17 5.50 -9.77
C VAL C 57 -16.37 5.72 -8.86
N ALA C 58 -16.50 4.91 -7.81
CA ALA C 58 -17.60 5.07 -6.86
C ALA C 58 -17.50 6.38 -6.11
N GLY C 59 -16.32 6.69 -5.57
CA GLY C 59 -16.17 7.93 -4.83
C GLY C 59 -16.35 9.16 -5.69
N TRP C 60 -16.05 9.04 -6.99
CA TRP C 60 -16.17 10.17 -7.90
C TRP C 60 -17.62 10.37 -8.34
N LEU C 61 -18.36 9.27 -8.57
CA LEU C 61 -19.74 9.37 -9.07
C LEU C 61 -20.70 9.82 -7.97
N LEU C 62 -20.80 9.02 -6.91
CA LEU C 62 -21.29 9.52 -5.64
C LEU C 62 -20.34 10.62 -5.18
N GLY C 63 -20.81 11.50 -4.30
CA GLY C 63 -19.94 12.62 -4.01
C GLY C 63 -19.03 12.45 -2.81
N ASN C 64 -17.98 11.62 -2.87
CA ASN C 64 -17.07 11.53 -1.74
C ASN C 64 -16.51 12.92 -1.47
N PRO C 65 -16.65 13.45 -0.26
CA PRO C 65 -16.20 14.83 0.01
C PRO C 65 -14.75 15.07 -0.37
N MET C 66 -13.93 14.03 -0.39
CA MET C 66 -12.50 14.15 -0.68
C MET C 66 -12.16 13.85 -2.13
N CYS C 67 -13.16 13.73 -2.99
CA CYS C 67 -12.97 13.55 -4.42
C CYS C 67 -13.34 14.84 -5.14
N ASP C 68 -12.72 15.07 -6.30
CA ASP C 68 -12.94 16.31 -7.01
C ASP C 68 -14.41 16.51 -7.34
N GLU C 69 -14.93 17.68 -6.97
CA GLU C 69 -16.34 18.03 -7.05
C GLU C 69 -16.83 18.25 -8.46
N PHE C 70 -15.96 18.63 -9.38
CA PHE C 70 -16.36 19.09 -10.70
C PHE C 70 -15.76 18.19 -11.77
N ILE C 71 -16.56 17.89 -12.79
CA ILE C 71 -16.10 17.11 -13.92
C ILE C 71 -15.65 18.10 -14.99
N ARG C 72 -14.34 18.39 -14.99
CA ARG C 72 -13.77 19.33 -15.95
C ARG C 72 -13.84 18.80 -17.37
N VAL C 73 -13.59 17.51 -17.54
CA VAL C 73 -13.49 16.94 -18.88
C VAL C 73 -14.84 16.30 -19.21
N PRO C 74 -15.43 16.64 -20.35
CA PRO C 74 -16.74 16.07 -20.72
C PRO C 74 -16.64 14.71 -21.39
N GLU C 75 -15.44 14.28 -21.73
CA GLU C 75 -15.21 13.05 -22.46
C GLU C 75 -13.84 12.52 -22.09
N TRP C 76 -13.72 11.21 -22.09
CA TRP C 76 -12.44 10.56 -21.85
C TRP C 76 -12.28 9.39 -22.80
N SER C 77 -11.03 9.00 -22.99
CA SER C 77 -10.71 7.78 -23.73
C SER C 77 -10.55 6.58 -22.83
N TYR C 78 -10.04 6.77 -21.62
CA TYR C 78 -9.90 5.73 -20.62
C TYR C 78 -9.92 6.39 -19.26
N ILE C 79 -10.16 5.59 -18.22
CA ILE C 79 -10.14 6.05 -16.84
C ILE C 79 -8.86 5.54 -16.22
N VAL C 80 -8.11 6.42 -15.56
CA VAL C 80 -6.85 6.06 -14.91
C VAL C 80 -7.07 6.12 -13.41
N GLU C 81 -6.96 4.96 -12.78
CA GLU C 81 -7.17 4.80 -11.35
C GLU C 81 -5.86 4.33 -10.71
N ARG C 82 -5.64 4.74 -9.47
CA ARG C 82 -4.54 4.15 -8.74
C ARG C 82 -4.89 2.73 -8.33
N ALA C 83 -3.84 1.95 -8.03
CA ALA C 83 -4.02 0.51 -7.80
C ALA C 83 -5.00 0.25 -6.67
N ASN C 84 -4.79 0.91 -5.53
CA ASN C 84 -5.67 0.76 -4.38
C ASN C 84 -6.11 2.16 -3.97
N PRO C 85 -7.12 2.72 -4.64
CA PRO C 85 -7.51 4.12 -4.38
C PRO C 85 -7.78 4.33 -2.89
N ALA C 86 -7.50 5.53 -2.41
CA ALA C 86 -7.62 5.80 -0.99
C ALA C 86 -9.03 6.20 -0.58
N ASN C 87 -9.88 6.69 -1.50
CA ASN C 87 -11.10 7.36 -1.05
C ASN C 87 -12.37 6.53 -1.22
N ASP C 88 -12.74 6.14 -2.44
CA ASP C 88 -13.84 5.18 -2.59
C ASP C 88 -15.13 5.54 -1.85
N LEU C 89 -15.66 4.58 -1.09
CA LEU C 89 -16.93 4.69 -0.38
C LEU C 89 -16.67 4.95 1.10
N CYS C 90 -16.71 6.22 1.50
CA CYS C 90 -16.39 6.58 2.89
C CYS C 90 -17.35 5.91 3.88
N TYR C 91 -18.65 6.06 3.68
CA TYR C 91 -19.59 5.28 4.50
C TYR C 91 -19.61 3.86 3.97
N PRO C 92 -19.29 2.86 4.81
CA PRO C 92 -19.11 1.51 4.28
C PRO C 92 -20.40 0.96 3.68
N GLY C 93 -20.24 0.16 2.63
CA GLY C 93 -21.35 -0.39 1.89
C GLY C 93 -20.93 -1.01 0.58
N SER C 94 -21.69 -0.73 -0.48
CA SER C 94 -21.52 -1.42 -1.75
C SER C 94 -22.11 -0.58 -2.86
N LEU C 95 -21.63 -0.82 -4.08
CA LEU C 95 -22.24 -0.27 -5.29
C LEU C 95 -22.58 -1.44 -6.21
N ASN C 96 -23.86 -1.52 -6.58
CA ASN C 96 -24.34 -2.66 -7.34
C ASN C 96 -23.81 -2.65 -8.76
N ASP C 97 -23.47 -3.84 -9.26
CA ASP C 97 -22.88 -4.01 -10.58
C ASP C 97 -21.79 -2.98 -10.82
N TYR C 98 -20.87 -2.85 -9.86
CA TYR C 98 -19.84 -1.82 -9.95
C TYR C 98 -18.99 -2.01 -11.21
N GLU C 99 -18.42 -3.20 -11.38
CA GLU C 99 -17.54 -3.48 -12.50
C GLU C 99 -18.20 -3.25 -13.86
N GLU C 100 -19.53 -3.37 -13.94
CA GLU C 100 -20.20 -3.08 -15.20
C GLU C 100 -20.46 -1.59 -15.37
N LEU C 101 -20.69 -0.86 -14.28
CA LEU C 101 -20.71 0.59 -14.37
C LEU C 101 -19.38 1.11 -14.90
N LYS C 102 -18.27 0.59 -14.36
CA LYS C 102 -16.93 1.06 -14.73
C LYS C 102 -16.65 0.80 -16.21
N HIS C 103 -17.14 -0.31 -16.75
CA HIS C 103 -16.99 -0.58 -18.17
C HIS C 103 -17.80 0.39 -19.01
N LEU C 104 -19.04 0.65 -18.62
CA LEU C 104 -19.84 1.67 -19.28
C LEU C 104 -19.14 3.02 -19.25
N LEU C 105 -18.51 3.36 -18.11
CA LEU C 105 -17.93 4.68 -17.88
C LEU C 105 -16.51 4.80 -18.42
N SER C 106 -15.91 3.67 -18.80
CA SER C 106 -14.51 3.65 -19.18
C SER C 106 -14.25 4.62 -20.34
N ARG C 107 -15.19 4.72 -21.27
CA ARG C 107 -15.10 5.68 -22.35
C ARG C 107 -16.46 6.32 -22.57
N ILE C 108 -16.56 7.62 -22.32
CA ILE C 108 -17.81 8.34 -22.44
C ILE C 108 -17.64 9.49 -23.43
N ASN C 109 -18.62 9.64 -24.33
CA ASN C 109 -18.60 10.75 -25.26
C ASN C 109 -19.06 12.05 -24.61
N HIS C 110 -20.07 11.99 -23.75
CA HIS C 110 -20.57 13.22 -23.12
C HIS C 110 -20.99 12.90 -21.69
N PHE C 111 -20.44 13.65 -20.74
CA PHE C 111 -20.76 13.53 -19.33
C PHE C 111 -21.05 14.91 -18.77
N GLU C 112 -22.16 15.05 -18.05
CA GLU C 112 -22.54 16.35 -17.53
C GLU C 112 -23.48 16.14 -16.35
N LYS C 113 -23.04 16.55 -15.17
CA LYS C 113 -23.90 16.49 -13.99
C LYS C 113 -25.05 17.47 -14.11
N ILE C 114 -26.25 17.02 -13.76
CA ILE C 114 -27.41 17.90 -13.68
C ILE C 114 -28.18 17.58 -12.40
N LEU C 115 -28.75 18.63 -11.81
CA LEU C 115 -29.62 18.48 -10.65
C LEU C 115 -30.98 17.96 -11.10
N ILE C 116 -31.37 16.79 -10.60
CA ILE C 116 -32.66 16.22 -10.96
C ILE C 116 -33.68 16.37 -9.83
N ILE C 117 -33.24 16.25 -8.59
CA ILE C 117 -34.18 16.36 -7.45
C ILE C 117 -33.64 17.37 -6.46
N PRO C 118 -34.17 18.60 -6.50
CA PRO C 118 -33.71 19.65 -5.64
C PRO C 118 -34.05 19.38 -4.18
N LYS C 119 -33.24 19.89 -3.25
CA LYS C 119 -33.46 19.68 -1.80
C LYS C 119 -34.64 20.53 -1.35
N SER C 120 -35.14 21.39 -2.23
CA SER C 120 -36.35 22.20 -1.98
C SER C 120 -37.48 21.22 -1.86
N SER C 121 -37.34 20.09 -2.54
CA SER C 121 -38.33 19.01 -2.44
C SER C 121 -38.10 18.37 -1.09
N TRP C 122 -38.88 17.38 -0.73
CA TRP C 122 -38.73 16.83 0.63
C TRP C 122 -38.96 17.91 1.68
N PRO C 123 -40.13 18.57 1.70
CA PRO C 123 -40.36 19.59 2.67
C PRO C 123 -40.73 19.00 4.03
N ASN C 124 -41.07 17.72 4.06
CA ASN C 124 -41.56 17.12 5.32
C ASN C 124 -40.49 16.19 5.89
N HIS C 125 -39.29 16.23 5.34
CA HIS C 125 -38.17 15.37 5.81
C HIS C 125 -36.97 16.25 6.07
N GLU C 126 -35.93 15.71 6.69
CA GLU C 126 -34.78 16.51 7.07
C GLU C 126 -33.61 16.21 6.13
N THR C 127 -33.06 17.28 5.56
CA THR C 127 -32.01 17.24 4.55
C THR C 127 -30.66 17.62 5.12
N SER C 128 -30.60 18.03 6.39
CA SER C 128 -29.41 18.66 6.94
C SER C 128 -28.66 17.79 7.94
N LEU C 129 -29.29 16.74 8.47
CA LEU C 129 -28.71 15.94 9.53
C LEU C 129 -28.01 14.69 9.01
N GLY C 130 -28.01 14.48 7.70
CA GLY C 130 -27.50 13.26 7.09
C GLY C 130 -26.00 13.29 6.85
N VAL C 131 -25.23 13.19 7.93
CA VAL C 131 -23.78 13.24 7.89
C VAL C 131 -23.24 12.07 8.70
N SER C 132 -21.98 11.73 8.44
CA SER C 132 -21.30 10.73 9.24
C SER C 132 -19.83 11.11 9.39
N ALA C 133 -19.25 10.75 10.53
CA ALA C 133 -17.83 10.91 10.70
C ALA C 133 -17.02 9.98 9.80
N ALA C 134 -17.67 9.00 9.16
CA ALA C 134 -17.00 8.18 8.15
C ALA C 134 -16.69 9.00 6.90
N CYS C 135 -17.51 10.00 6.58
CA CYS C 135 -17.33 10.85 5.42
C CYS C 135 -16.95 12.24 5.92
N PRO C 136 -15.69 12.47 6.26
CA PRO C 136 -15.31 13.77 6.83
C PRO C 136 -14.91 14.78 5.78
N TYR C 137 -15.22 16.04 6.02
CA TYR C 137 -14.80 17.13 5.14
C TYR C 137 -14.36 18.30 6.02
N GLN C 138 -13.08 18.66 5.91
CA GLN C 138 -12.54 19.83 6.60
C GLN C 138 -12.84 19.76 8.08
N GLY C 139 -12.59 18.57 8.64
CA GLY C 139 -12.76 18.35 10.06
C GLY C 139 -14.19 18.28 10.53
N ALA C 140 -15.15 18.10 9.63
CA ALA C 140 -16.54 17.97 10.02
C ALA C 140 -17.15 16.73 9.40
N PRO C 141 -18.01 16.01 10.14
CA PRO C 141 -18.82 14.97 9.52
C PRO C 141 -19.52 15.52 8.29
N SER C 142 -19.36 14.83 7.18
CA SER C 142 -20.02 15.19 5.92
C SER C 142 -20.62 13.91 5.36
N PHE C 143 -20.95 13.95 4.07
CA PHE C 143 -21.59 12.82 3.41
C PHE C 143 -21.39 12.99 1.91
N PHE C 144 -21.78 11.97 1.16
CA PHE C 144 -21.70 12.03 -0.30
C PHE C 144 -22.46 13.25 -0.81
N ARG C 145 -21.87 13.96 -1.78
CA ARG C 145 -22.46 15.21 -2.24
C ARG C 145 -23.67 14.98 -3.14
N ASN C 146 -23.62 13.98 -4.01
CA ASN C 146 -24.64 13.90 -5.04
C ASN C 146 -25.86 13.08 -4.66
N VAL C 147 -25.90 12.51 -3.45
CA VAL C 147 -27.11 11.91 -2.90
C VAL C 147 -27.43 12.60 -1.57
N VAL C 148 -28.64 12.33 -1.06
CA VAL C 148 -29.14 12.97 0.16
C VAL C 148 -29.62 11.90 1.13
N TRP C 149 -29.16 11.99 2.38
CA TRP C 149 -29.54 11.07 3.44
C TRP C 149 -30.68 11.72 4.23
N LEU C 150 -31.91 11.49 3.78
CA LEU C 150 -33.10 12.01 4.43
C LEU C 150 -33.30 11.38 5.81
N ILE C 151 -33.87 12.17 6.73
CA ILE C 151 -34.07 11.77 8.12
C ILE C 151 -35.46 12.24 8.54
N LYS C 152 -35.92 11.73 9.68
CA LYS C 152 -37.24 12.08 10.18
C LYS C 152 -37.32 13.55 10.57
N LYS C 153 -38.48 14.15 10.32
CA LYS C 153 -38.80 15.50 10.78
C LYS C 153 -39.93 15.41 11.80
N ASN C 154 -39.67 15.90 13.00
CA ASN C 154 -40.70 15.99 14.05
C ASN C 154 -41.26 14.60 14.39
N ASP C 155 -40.37 13.61 14.47
CA ASP C 155 -40.76 12.21 14.71
C ASP C 155 -41.77 11.70 13.69
N ALA C 156 -41.64 12.15 12.45
CA ALA C 156 -42.54 11.69 11.40
C ALA C 156 -41.76 11.58 10.10
N TYR C 157 -41.87 10.43 9.43
CA TYR C 157 -41.23 10.19 8.14
C TYR C 157 -42.36 9.82 7.17
N PRO C 158 -43.05 10.83 6.63
CA PRO C 158 -44.09 10.54 5.64
C PRO C 158 -43.52 9.70 4.51
N THR C 159 -44.34 8.79 3.99
CA THR C 159 -43.92 8.04 2.81
C THR C 159 -43.68 9.00 1.65
N ILE C 160 -42.59 8.79 0.94
CA ILE C 160 -42.18 9.64 -0.18
C ILE C 160 -42.71 9.03 -1.47
N LYS C 161 -43.17 9.88 -2.39
CA LYS C 161 -43.62 9.43 -3.72
C LYS C 161 -43.25 10.51 -4.73
N ILE C 162 -42.15 10.29 -5.45
CA ILE C 162 -41.53 11.28 -6.31
C ILE C 162 -41.17 10.65 -7.65
N SER C 163 -41.29 11.42 -8.73
CA SER C 163 -40.96 10.97 -10.07
C SER C 163 -40.08 12.00 -10.78
N TYR C 164 -39.21 11.49 -11.67
CA TYR C 164 -38.39 12.36 -12.52
C TYR C 164 -38.47 11.87 -13.96
N ASN C 165 -39.08 12.67 -14.82
CA ASN C 165 -39.19 12.40 -16.24
C ASN C 165 -37.97 12.99 -16.94
N ASN C 166 -37.29 12.19 -17.76
CA ASN C 166 -36.10 12.66 -18.46
C ASN C 166 -36.57 13.54 -19.61
N THR C 167 -36.31 14.84 -19.51
CA THR C 167 -36.61 15.79 -20.57
C THR C 167 -35.34 16.17 -21.32
N ASN C 168 -34.23 15.52 -21.02
CA ASN C 168 -32.95 16.02 -21.46
C ASN C 168 -32.50 15.46 -22.80
N ARG C 169 -33.24 14.53 -23.43
CA ARG C 169 -32.91 14.06 -24.77
C ARG C 169 -31.65 13.22 -24.78
N GLU C 170 -31.09 12.92 -23.62
CA GLU C 170 -29.90 12.09 -23.52
C GLU C 170 -30.13 11.15 -22.33
N ASP C 171 -29.50 9.97 -22.37
CA ASP C 171 -29.63 9.06 -21.24
C ASP C 171 -29.03 9.65 -19.97
N LEU C 172 -29.57 9.21 -18.84
CA LEU C 172 -29.25 9.77 -17.54
C LEU C 172 -28.86 8.64 -16.61
N LEU C 173 -27.66 8.70 -16.06
CA LEU C 173 -27.28 7.79 -14.98
C LEU C 173 -27.83 8.32 -13.68
N ILE C 174 -28.64 7.50 -13.00
CA ILE C 174 -29.26 7.86 -11.74
C ILE C 174 -28.84 6.85 -10.69
N LEU C 175 -28.56 7.35 -9.49
CA LEU C 175 -28.05 6.55 -8.39
C LEU C 175 -28.89 6.84 -7.14
N TRP C 176 -29.14 5.79 -6.35
CA TRP C 176 -29.87 5.89 -5.11
C TRP C 176 -29.29 4.88 -4.12
N GLY C 177 -29.87 4.82 -2.92
CA GLY C 177 -29.30 3.93 -1.92
C GLY C 177 -30.26 3.50 -0.84
N ILE C 178 -29.84 2.47 -0.12
CA ILE C 178 -30.52 1.93 1.05
C ILE C 178 -29.56 1.97 2.24
N HIS C 179 -30.04 2.46 3.39
CA HIS C 179 -29.26 2.41 4.62
C HIS C 179 -29.72 1.22 5.46
N HIS C 180 -28.77 0.38 5.83
CA HIS C 180 -29.03 -0.79 6.64
C HIS C 180 -28.74 -0.41 8.09
N SER C 181 -29.79 -0.28 8.88
CA SER C 181 -29.68 0.16 10.25
C SER C 181 -29.02 -0.92 11.10
N ASN C 182 -28.63 -0.57 12.33
CA ASN C 182 -27.88 -1.54 13.10
C ASN C 182 -28.64 -2.12 14.28
N ASN C 183 -29.61 -1.39 14.84
CA ASN C 183 -30.55 -1.97 15.79
C ASN C 183 -31.93 -1.37 15.56
N ALA C 184 -32.92 -1.89 16.30
CA ALA C 184 -34.28 -1.39 16.18
C ALA C 184 -34.46 -0.03 16.85
N GLU C 185 -33.64 0.29 17.86
CA GLU C 185 -33.68 1.62 18.45
C GLU C 185 -33.08 2.66 17.50
N GLU C 186 -31.96 2.33 16.85
CA GLU C 186 -31.37 3.24 15.87
C GLU C 186 -32.34 3.51 14.73
N GLN C 187 -33.04 2.47 14.26
CA GLN C 187 -33.99 2.65 13.16
C GLN C 187 -35.03 3.71 13.52
N THR C 188 -35.71 3.55 14.65
CA THR C 188 -36.79 4.49 14.99
C THR C 188 -36.26 5.89 15.25
N ASN C 189 -35.02 6.01 15.75
CA ASN C 189 -34.44 7.33 15.95
C ASN C 189 -34.27 8.07 14.61
N LEU C 190 -33.77 7.37 13.59
CA LEU C 190 -33.47 8.00 12.32
C LEU C 190 -34.72 8.14 11.46
N TYR C 191 -35.60 7.14 11.51
CA TYR C 191 -36.82 7.10 10.72
C TYR C 191 -37.87 6.54 11.66
N LYS C 192 -38.91 7.32 11.96
CA LYS C 192 -39.89 6.87 12.96
C LYS C 192 -40.41 5.47 12.64
N ASN C 193 -40.56 5.17 11.37
CA ASN C 193 -41.22 3.93 10.94
C ASN C 193 -40.32 2.72 11.18
N PRO C 194 -40.84 1.63 11.80
CA PRO C 194 -39.97 0.50 12.16
C PRO C 194 -39.72 -0.51 11.05
N THR C 195 -40.71 -0.74 10.18
CA THR C 195 -40.56 -1.61 9.02
C THR C 195 -40.68 -0.76 7.77
N THR C 196 -39.62 -0.75 6.96
CA THR C 196 -39.50 0.22 5.86
C THR C 196 -39.24 -0.48 4.53
N TYR C 197 -39.34 0.29 3.45
CA TYR C 197 -39.19 -0.24 2.10
C TYR C 197 -38.76 0.88 1.16
N ILE C 198 -38.11 0.50 0.06
CA ILE C 198 -37.88 1.37 -1.09
C ILE C 198 -38.32 0.67 -2.38
N SER C 199 -39.22 1.33 -3.11
CA SER C 199 -39.73 0.84 -4.38
C SER C 199 -39.28 1.79 -5.48
N VAL C 200 -38.46 1.28 -6.41
CA VAL C 200 -37.98 2.05 -7.55
C VAL C 200 -38.57 1.42 -8.81
N GLY C 201 -39.14 2.26 -9.68
CA GLY C 201 -39.73 1.75 -10.91
C GLY C 201 -39.58 2.63 -12.12
N THR C 202 -39.03 2.08 -13.21
CA THR C 202 -38.98 2.78 -14.49
C THR C 202 -39.74 1.98 -15.54
N SER C 203 -39.42 2.17 -16.82
CA SER C 203 -39.99 1.31 -17.86
C SER C 203 -39.36 -0.07 -17.85
N THR C 204 -38.14 -0.20 -17.33
CA THR C 204 -37.43 -1.46 -17.31
C THR C 204 -37.13 -1.95 -15.90
N LEU C 205 -37.41 -1.16 -14.88
CA LEU C 205 -36.98 -1.48 -13.54
C LEU C 205 -38.19 -1.76 -12.66
N ASN C 206 -38.03 -2.74 -11.77
CA ASN C 206 -39.00 -3.00 -10.71
C ASN C 206 -38.18 -3.47 -9.52
N GLN C 207 -38.00 -2.60 -8.54
CA GLN C 207 -37.06 -2.85 -7.46
C GLN C 207 -37.77 -2.65 -6.14
N ARG C 208 -37.57 -3.59 -5.21
CA ARG C 208 -37.95 -3.36 -3.83
C ARG C 208 -36.73 -3.64 -2.99
N LEU C 209 -36.30 -2.65 -2.24
CA LEU C 209 -35.22 -2.78 -1.28
C LEU C 209 -35.81 -2.70 0.12
N VAL C 210 -35.33 -3.56 1.01
CA VAL C 210 -35.77 -3.55 2.40
C VAL C 210 -34.53 -3.57 3.28
N PRO C 211 -34.45 -2.72 4.33
CA PRO C 211 -33.23 -2.68 5.16
C PRO C 211 -32.93 -4.02 5.82
N LYS C 212 -31.66 -4.22 6.16
CA LYS C 212 -31.18 -5.40 6.87
C LYS C 212 -30.60 -4.93 8.21
N ILE C 213 -31.44 -4.87 9.24
CA ILE C 213 -31.04 -4.43 10.57
C ILE C 213 -30.36 -5.61 11.26
N ALA C 214 -29.03 -5.57 11.36
CA ALA C 214 -28.28 -6.68 11.90
C ALA C 214 -26.91 -6.21 12.39
N THR C 215 -26.34 -6.99 13.32
CA THR C 215 -25.02 -6.71 13.85
C THR C 215 -23.94 -7.02 12.82
N ARG C 216 -23.11 -6.02 12.52
CA ARG C 216 -22.02 -6.12 11.58
C ARG C 216 -20.76 -5.56 12.24
N SER C 217 -19.62 -5.79 11.59
CA SER C 217 -18.34 -5.29 12.07
C SER C 217 -18.10 -3.85 11.62
N GLN C 218 -17.37 -3.11 12.45
CA GLN C 218 -17.08 -1.72 12.13
C GLN C 218 -16.18 -1.64 10.91
N VAL C 219 -16.55 -0.76 9.99
CA VAL C 219 -15.67 -0.32 8.91
C VAL C 219 -15.78 1.19 8.83
N ASN C 220 -14.62 1.86 8.79
CA ASN C 220 -14.57 3.32 8.85
C ASN C 220 -15.33 3.83 10.08
N GLY C 221 -15.23 3.09 11.19
CA GLY C 221 -15.83 3.48 12.44
C GLY C 221 -17.31 3.25 12.57
N GLN C 222 -18.01 2.81 11.51
CA GLN C 222 -19.44 2.57 11.57
C GLN C 222 -19.76 1.11 11.35
N ARG C 223 -20.79 0.63 12.06
CA ARG C 223 -21.30 -0.72 11.86
C ARG C 223 -22.45 -0.76 10.87
N GLY C 224 -23.00 0.41 10.50
CA GLY C 224 -24.00 0.47 9.46
C GLY C 224 -23.39 0.31 8.09
N ARG C 225 -24.26 0.00 7.12
CA ARG C 225 -23.86 -0.14 5.72
C ARG C 225 -24.80 0.68 4.85
N MET C 226 -24.33 1.02 3.66
CA MET C 226 -25.14 1.68 2.65
C MET C 226 -24.92 0.97 1.32
N ASP C 227 -25.98 0.42 0.75
CA ASP C 227 -25.91 -0.23 -0.56
C ASP C 227 -26.53 0.69 -1.59
N PHE C 228 -25.76 0.99 -2.63
CA PHE C 228 -26.18 1.88 -3.70
C PHE C 228 -26.50 1.08 -4.96
N PHE C 229 -27.37 1.65 -5.78
CA PHE C 229 -27.89 1.00 -6.97
C PHE C 229 -27.99 2.05 -8.07
N TRP C 230 -27.96 1.60 -9.34
CA TRP C 230 -27.98 2.56 -10.44
C TRP C 230 -28.84 2.05 -11.59
N THR C 231 -29.33 3.01 -12.38
CA THR C 231 -30.05 2.73 -13.61
C THR C 231 -29.78 3.85 -14.61
N ILE C 232 -30.12 3.58 -15.86
CA ILE C 232 -30.02 4.55 -16.94
C ILE C 232 -31.44 4.85 -17.43
N LEU C 233 -31.87 6.09 -17.24
CA LEU C 233 -33.19 6.51 -17.66
C LEU C 233 -33.12 6.96 -19.11
N LYS C 234 -33.85 6.28 -19.99
CA LYS C 234 -33.77 6.59 -21.40
C LYS C 234 -34.55 7.89 -21.69
N PRO C 235 -34.36 8.51 -22.86
CA PRO C 235 -34.65 9.95 -23.01
C PRO C 235 -36.07 10.43 -22.68
N ASP C 236 -37.11 9.60 -22.66
CA ASP C 236 -38.43 10.15 -22.30
C ASP C 236 -39.19 9.21 -21.39
N ASP C 237 -38.51 8.66 -20.39
CA ASP C 237 -39.09 7.78 -19.42
C ASP C 237 -39.00 8.45 -18.05
N ALA C 238 -39.65 7.86 -17.06
CA ALA C 238 -39.63 8.42 -15.71
C ALA C 238 -39.15 7.37 -14.73
N ILE C 239 -38.57 7.84 -13.64
CA ILE C 239 -38.21 7.00 -12.50
C ILE C 239 -39.13 7.35 -11.35
N HIS C 240 -39.65 6.34 -10.67
CA HIS C 240 -40.66 6.51 -9.63
C HIS C 240 -40.13 5.94 -8.33
N PHE C 241 -40.04 6.77 -7.29
CA PHE C 241 -39.54 6.36 -5.99
C PHE C 241 -40.66 6.35 -4.97
N GLU C 242 -40.59 5.40 -4.05
CA GLU C 242 -41.50 5.36 -2.91
C GLU C 242 -40.73 4.80 -1.72
N SER C 243 -40.83 5.45 -0.57
CA SER C 243 -40.11 4.95 0.61
C SER C 243 -40.72 5.53 1.87
N ASN C 244 -40.67 4.74 2.95
CA ASN C 244 -41.05 5.20 4.27
C ASN C 244 -39.86 5.22 5.24
N GLY C 245 -38.65 5.14 4.72
CA GLY C 245 -37.45 5.19 5.53
C GLY C 245 -36.27 4.62 4.78
N ASN C 246 -35.08 4.90 5.33
CA ASN C 246 -33.83 4.27 4.90
C ASN C 246 -33.46 4.64 3.46
N PHE C 247 -33.96 5.77 2.96
CA PHE C 247 -33.77 6.20 1.59
C PHE C 247 -32.62 7.20 1.49
N ILE C 248 -31.53 6.77 0.84
CA ILE C 248 -30.50 7.70 0.37
C ILE C 248 -30.94 8.19 -1.00
N ALA C 249 -31.53 9.37 -1.03
CA ALA C 249 -32.21 9.89 -2.22
C ALA C 249 -31.22 10.39 -3.26
N PRO C 250 -31.63 10.44 -4.54
CA PRO C 250 -30.81 11.12 -5.54
C PRO C 250 -31.05 12.62 -5.55
N GLU C 251 -29.96 13.35 -5.71
CA GLU C 251 -29.98 14.80 -5.87
C GLU C 251 -29.39 15.23 -7.20
N TYR C 252 -28.23 14.71 -7.56
CA TYR C 252 -27.58 15.00 -8.81
C TYR C 252 -27.52 13.74 -9.64
N ALA C 253 -27.60 13.91 -10.95
CA ALA C 253 -27.48 12.81 -11.90
C ALA C 253 -26.49 13.21 -12.98
N TYR C 254 -26.21 12.29 -13.89
CA TYR C 254 -25.17 12.50 -14.89
C TYR C 254 -25.74 12.16 -16.26
N LYS C 255 -25.61 13.11 -17.19
CA LYS C 255 -26.02 12.87 -18.57
C LYS C 255 -24.94 12.07 -19.29
N ILE C 256 -25.35 10.98 -19.94
CA ILE C 256 -24.44 10.02 -20.55
C ILE C 256 -24.75 9.92 -22.03
N VAL C 257 -23.70 10.03 -22.86
CA VAL C 257 -23.75 9.63 -24.25
C VAL C 257 -22.56 8.70 -24.48
N LYS C 258 -22.83 7.48 -24.94
CA LYS C 258 -21.77 6.47 -25.03
C LYS C 258 -21.71 5.92 -26.45
N LYS C 259 -20.51 5.93 -27.01
CA LYS C 259 -20.34 5.47 -28.41
C LYS C 259 -19.19 4.48 -28.52
N GLY C 260 -18.50 4.19 -27.43
CA GLY C 260 -17.33 3.31 -27.50
C GLY C 260 -16.97 2.74 -26.16
N ASP C 261 -16.08 1.77 -26.15
CA ASP C 261 -15.69 1.10 -24.89
C ASP C 261 -14.18 1.04 -24.79
N SER C 262 -13.63 1.11 -23.58
CA SER C 262 -12.18 1.03 -23.34
C SER C 262 -12.08 0.43 -21.95
N THR C 263 -11.01 0.65 -21.22
CA THR C 263 -10.96 0.00 -19.89
C THR C 263 -10.43 0.95 -18.84
N ILE C 264 -10.52 0.55 -17.58
CA ILE C 264 -9.94 1.36 -16.49
C ILE C 264 -8.48 0.91 -16.39
N MET C 265 -7.54 1.84 -16.49
CA MET C 265 -6.11 1.52 -16.39
C MET C 265 -5.66 1.79 -14.98
N LYS C 266 -4.93 0.85 -14.40
CA LYS C 266 -4.40 1.05 -13.04
C LYS C 266 -2.94 1.45 -13.22
N SER C 267 -2.67 2.74 -13.10
CA SER C 267 -1.33 3.26 -13.28
C SER C 267 -1.08 4.41 -12.32
N GLY C 268 0.15 4.50 -11.82
CA GLY C 268 0.63 5.63 -11.06
C GLY C 268 1.38 6.65 -11.88
N VAL C 269 1.62 6.38 -13.16
CA VAL C 269 2.33 7.32 -14.02
C VAL C 269 1.51 8.60 -14.18
N GLU C 270 2.11 9.63 -14.78
CA GLU C 270 1.48 10.94 -14.82
C GLU C 270 1.15 11.32 -16.26
N TYR C 271 0.21 12.25 -16.39
CA TYR C 271 -0.16 12.78 -17.70
C TYR C 271 1.05 13.45 -18.34
N GLY C 272 1.22 13.25 -19.64
CA GLY C 272 2.39 13.76 -20.31
C GLY C 272 2.11 14.85 -21.32
N HIS C 273 0.84 15.23 -21.47
CA HIS C 273 0.40 16.19 -22.49
C HIS C 273 0.89 15.74 -23.87
N CYS C 274 0.63 14.48 -24.18
CA CYS C 274 1.03 13.86 -25.43
C CYS C 274 -0.17 13.14 -26.03
N ASN C 275 0.02 12.64 -27.24
CA ASN C 275 -0.99 11.85 -27.90
C ASN C 275 -0.38 10.52 -28.31
N THR C 276 -1.20 9.47 -28.33
CA THR C 276 -0.71 8.17 -28.72
C THR C 276 -1.84 7.33 -29.28
N LYS C 277 -1.46 6.32 -30.05
CA LYS C 277 -2.39 5.31 -30.51
C LYS C 277 -2.36 4.07 -29.63
N CYS C 278 -1.28 3.87 -28.88
CA CYS C 278 -1.07 2.73 -28.00
C CYS C 278 -0.65 3.26 -26.64
N GLN C 279 -1.28 2.75 -25.58
CA GLN C 279 -0.98 3.17 -24.22
C GLN C 279 -0.81 1.94 -23.34
N THR C 280 0.26 1.93 -22.55
CA THR C 280 0.48 0.96 -21.50
C THR C 280 0.46 1.66 -20.15
N PRO C 281 0.41 0.90 -19.05
CA PRO C 281 0.48 1.55 -17.73
C PRO C 281 1.86 2.10 -17.43
N VAL C 282 2.89 1.57 -18.09
CA VAL C 282 4.25 2.07 -17.88
C VAL C 282 4.50 3.29 -18.74
N GLY C 283 3.83 3.38 -19.89
CA GLY C 283 4.01 4.48 -20.81
C GLY C 283 3.33 4.20 -22.12
N ALA C 284 3.48 5.15 -23.04
CA ALA C 284 2.84 5.08 -24.34
C ALA C 284 3.84 4.64 -25.40
N ILE C 285 3.34 4.00 -26.44
CA ILE C 285 4.16 3.42 -27.49
C ILE C 285 3.91 4.18 -28.78
N ASN C 286 5.00 4.56 -29.46
CA ASN C 286 4.96 5.12 -30.80
C ASN C 286 5.80 4.21 -31.69
N SER C 287 5.15 3.18 -32.24
CA SER C 287 5.85 2.21 -33.07
C SER C 287 4.96 1.74 -34.20
N SER C 288 5.60 1.30 -35.27
CA SER C 288 4.95 0.62 -36.37
C SER C 288 5.36 -0.85 -36.45
N MET C 289 6.13 -1.34 -35.48
CA MET C 289 6.60 -2.72 -35.48
C MET C 289 5.46 -3.67 -35.10
N PRO C 290 5.59 -4.95 -35.44
CA PRO C 290 4.50 -5.89 -35.17
C PRO C 290 4.43 -6.41 -33.74
N PHE C 291 5.55 -6.40 -33.01
CA PHE C 291 5.62 -7.05 -31.70
C PHE C 291 6.25 -6.12 -30.68
N HIS C 292 5.99 -6.39 -29.39
CA HIS C 292 6.50 -5.55 -28.32
C HIS C 292 6.60 -6.36 -27.01
N ASN C 293 7.33 -5.80 -26.04
CA ASN C 293 7.51 -6.43 -24.74
C ASN C 293 7.24 -5.48 -23.57
N ILE C 294 6.57 -4.35 -23.81
CA ILE C 294 6.44 -3.31 -22.79
C ILE C 294 5.52 -3.74 -21.66
N HIS C 295 4.26 -4.09 -21.98
CA HIS C 295 3.28 -4.41 -20.95
C HIS C 295 2.14 -5.24 -21.50
N PRO C 296 1.57 -6.16 -20.71
CA PRO C 296 0.40 -6.91 -21.19
C PRO C 296 -0.79 -6.04 -21.47
N LEU C 297 -1.12 -5.14 -20.54
CA LEU C 297 -2.42 -4.48 -20.43
C LEU C 297 -2.34 -3.16 -21.19
N THR C 298 -2.63 -3.21 -22.47
CA THR C 298 -2.53 -2.02 -23.29
C THR C 298 -3.93 -1.59 -23.71
N ILE C 299 -4.01 -0.37 -24.24
CA ILE C 299 -5.25 0.16 -24.82
C ILE C 299 -4.92 0.79 -26.16
N GLY C 300 -5.69 0.44 -27.18
CA GLY C 300 -5.54 1.02 -28.50
C GLY C 300 -4.97 0.02 -29.49
N GLU C 301 -4.69 0.54 -30.69
CA GLU C 301 -4.10 -0.22 -31.78
C GLU C 301 -2.63 -0.44 -31.48
N CYS C 302 -2.34 -1.59 -30.89
CA CYS C 302 -1.03 -1.83 -30.32
C CYS C 302 -0.34 -3.01 -30.99
N PRO C 303 0.99 -3.02 -31.01
CA PRO C 303 1.71 -4.21 -31.46
C PRO C 303 1.32 -5.43 -30.65
N LYS C 304 1.70 -6.61 -31.16
CA LYS C 304 1.39 -7.84 -30.45
C LYS C 304 2.38 -8.02 -29.30
N TYR C 305 1.87 -8.44 -28.15
CA TYR C 305 2.71 -8.67 -26.97
C TYR C 305 3.33 -10.05 -27.04
N VAL C 306 4.66 -10.11 -27.00
CA VAL C 306 5.40 -11.37 -27.07
C VAL C 306 6.36 -11.44 -25.88
N LYS C 307 6.87 -12.65 -25.64
CA LYS C 307 7.80 -12.92 -24.56
C LYS C 307 9.26 -12.83 -24.98
N SER C 308 9.55 -12.29 -26.16
CA SER C 308 10.89 -12.31 -26.71
C SER C 308 11.66 -11.05 -26.30
N ASN C 309 12.93 -11.24 -25.91
CA ASN C 309 13.77 -10.10 -25.59
C ASN C 309 14.31 -9.41 -26.83
N LYS C 310 14.45 -10.15 -27.93
CA LYS C 310 14.90 -9.56 -29.18
C LYS C 310 14.33 -10.37 -30.34
N LEU C 311 14.08 -9.67 -31.45
CA LEU C 311 13.54 -10.27 -32.67
C LEU C 311 14.27 -9.59 -33.83
N VAL C 312 15.45 -10.11 -34.17
CA VAL C 312 16.36 -9.45 -35.10
C VAL C 312 16.39 -10.21 -36.41
N LEU C 313 16.13 -9.48 -37.50
CA LEU C 313 16.05 -10.03 -38.85
C LEU C 313 17.27 -9.59 -39.64
N ALA C 314 18.05 -10.56 -40.11
CA ALA C 314 19.21 -10.25 -40.93
C ALA C 314 18.78 -9.60 -42.24
N THR C 315 19.45 -8.49 -42.60
CA THR C 315 19.17 -7.77 -43.85
C THR C 315 20.44 -7.56 -44.66
N GLY C 316 21.47 -8.36 -44.41
CA GLY C 316 22.75 -8.12 -45.07
C GLY C 316 23.59 -9.37 -45.13
N LEU C 317 24.84 -9.16 -45.52
CA LEU C 317 25.81 -10.22 -45.77
C LEU C 317 26.41 -10.72 -44.46
N ARG C 318 26.96 -11.92 -44.53
CA ARG C 318 27.74 -12.42 -43.40
C ARG C 318 29.09 -11.71 -43.37
N ASN C 319 29.48 -11.27 -42.19
CA ASN C 319 30.61 -10.36 -42.03
C ASN C 319 31.79 -11.07 -41.38
N SER C 320 32.98 -10.82 -41.91
CA SER C 320 34.19 -11.49 -41.43
C SER C 320 35.09 -10.52 -40.69
N PHE C 338 32.31 -20.34 -52.23
CA PHE C 338 33.57 -20.15 -52.98
C PHE C 338 34.47 -19.14 -52.26
N ILE C 339 34.07 -17.87 -52.18
CA ILE C 339 35.01 -16.90 -51.57
C ILE C 339 35.22 -17.36 -50.13
N GLU C 340 36.48 -17.44 -49.71
CA GLU C 340 36.79 -17.91 -48.33
C GLU C 340 36.24 -16.89 -47.33
N GLY C 341 36.32 -15.61 -47.67
CA GLY C 341 35.89 -14.56 -46.73
C GLY C 341 35.31 -13.37 -47.44
N GLY C 342 34.89 -12.37 -46.68
CA GLY C 342 34.30 -11.16 -47.27
C GLY C 342 35.31 -10.05 -47.40
N TRP C 343 34.97 -9.01 -48.14
CA TRP C 343 35.91 -7.92 -48.41
C TRP C 343 35.56 -6.73 -47.53
N GLN C 344 36.32 -6.54 -46.46
CA GLN C 344 36.19 -5.31 -45.69
C GLN C 344 36.52 -4.10 -46.55
N GLY C 345 37.35 -4.28 -47.60
CA GLY C 345 37.78 -3.15 -48.40
C GLY C 345 36.71 -2.59 -49.32
N MET C 346 35.75 -3.42 -49.74
CA MET C 346 34.68 -2.91 -50.59
C MET C 346 33.79 -1.98 -49.81
N VAL C 347 33.56 -0.78 -50.35
CA VAL C 347 32.86 0.28 -49.63
C VAL C 347 31.76 0.93 -50.47
N ASP C 348 31.38 0.30 -51.58
CA ASP C 348 30.39 0.93 -52.46
C ASP C 348 29.27 0.00 -52.91
N GLY C 349 29.29 -1.27 -52.52
CA GLY C 349 28.20 -2.17 -52.86
C GLY C 349 28.33 -3.46 -52.10
N TRP C 350 27.24 -4.23 -52.10
CA TRP C 350 27.23 -5.51 -51.40
C TRP C 350 27.94 -6.61 -52.17
N TYR C 351 27.85 -6.61 -53.51
CA TYR C 351 28.45 -7.63 -54.36
C TYR C 351 29.47 -6.97 -55.27
N GLY C 352 30.63 -7.59 -55.47
CA GLY C 352 31.65 -6.88 -56.21
C GLY C 352 32.71 -7.74 -56.88
N TYR C 353 33.64 -7.02 -57.53
CA TYR C 353 34.72 -7.60 -58.33
C TYR C 353 36.05 -7.03 -57.82
N HIS C 354 37.10 -7.85 -57.89
CA HIS C 354 38.45 -7.44 -57.54
C HIS C 354 39.37 -7.68 -58.74
N HIS C 355 40.00 -6.61 -59.22
CA HIS C 355 40.83 -6.67 -60.42
C HIS C 355 42.30 -6.45 -60.06
N SER C 356 43.19 -7.13 -60.79
CA SER C 356 44.63 -7.06 -60.55
C SER C 356 45.35 -6.89 -61.88
N ASN C 357 45.75 -5.66 -62.19
CA ASN C 357 46.60 -5.39 -63.34
C ASN C 357 47.53 -4.23 -63.00
N GLU C 358 48.57 -4.06 -63.83
CA GLU C 358 49.55 -3.02 -63.55
C GLU C 358 48.98 -1.63 -63.79
N GLN C 359 48.01 -1.50 -64.70
CA GLN C 359 47.42 -0.21 -64.99
C GLN C 359 46.68 0.37 -63.80
N GLY C 360 46.03 -0.48 -63.00
CA GLY C 360 45.31 0.00 -61.84
C GLY C 360 45.00 -1.10 -60.86
N SER C 361 44.60 -0.70 -59.65
CA SER C 361 44.26 -1.65 -58.61
C SER C 361 43.08 -1.13 -57.81
N GLY C 362 42.38 -2.06 -57.15
CA GLY C 362 41.29 -1.71 -56.26
C GLY C 362 40.12 -2.65 -56.42
N TYR C 363 38.95 -2.18 -55.98
CA TYR C 363 37.72 -2.94 -55.95
C TYR C 363 36.65 -2.27 -56.82
N ALA C 364 35.61 -3.03 -57.12
CA ALA C 364 34.44 -2.52 -57.81
C ALA C 364 33.24 -3.37 -57.43
N ALA C 365 32.03 -2.83 -57.62
CA ALA C 365 30.82 -3.48 -57.14
C ALA C 365 29.71 -3.41 -58.19
N ASP C 366 28.89 -4.46 -58.21
CA ASP C 366 27.79 -4.58 -59.17
C ASP C 366 26.63 -3.70 -58.73
N LYS C 367 26.36 -2.64 -59.50
CA LYS C 367 25.35 -1.66 -59.12
C LYS C 367 23.95 -2.27 -59.13
N GLU C 368 23.56 -2.90 -60.23
CA GLU C 368 22.19 -3.38 -60.36
C GLU C 368 21.91 -4.54 -59.41
N SER C 369 22.84 -5.49 -59.30
CA SER C 369 22.65 -6.62 -58.41
C SER C 369 22.48 -6.15 -56.96
N THR C 370 23.28 -5.17 -56.54
CA THR C 370 23.20 -4.68 -55.17
C THR C 370 21.84 -4.07 -54.89
N GLN C 371 21.36 -3.19 -55.78
CA GLN C 371 20.06 -2.56 -55.55
C GLN C 371 18.93 -3.59 -55.57
N LYS C 372 19.03 -4.59 -56.46
CA LYS C 372 18.04 -5.66 -56.48
C LYS C 372 17.93 -6.34 -55.13
N ALA C 373 19.07 -6.58 -54.48
CA ALA C 373 19.07 -7.28 -53.20
C ALA C 373 18.59 -6.39 -52.06
N ILE C 374 19.05 -5.14 -52.01
CA ILE C 374 18.56 -4.23 -50.97
C ILE C 374 17.06 -4.06 -51.08
N ASP C 375 16.53 -3.98 -52.31
CA ASP C 375 15.09 -3.98 -52.49
C ASP C 375 14.47 -5.28 -52.01
N GLY C 376 15.17 -6.40 -52.23
CA GLY C 376 14.69 -7.70 -51.80
C GLY C 376 14.53 -7.82 -50.30
N VAL C 377 15.61 -7.60 -49.56
CA VAL C 377 15.53 -7.71 -48.11
C VAL C 377 14.66 -6.59 -47.52
N THR C 378 14.70 -5.39 -48.12
CA THR C 378 13.82 -4.31 -47.65
C THR C 378 12.36 -4.71 -47.78
N ASN C 379 11.99 -5.32 -48.91
CA ASN C 379 10.61 -5.78 -49.08
C ASN C 379 10.30 -6.93 -48.16
N LYS C 380 11.28 -7.78 -47.85
CA LYS C 380 11.05 -8.85 -46.89
C LYS C 380 10.71 -8.29 -45.52
N VAL C 381 11.49 -7.31 -45.04
CA VAL C 381 11.21 -6.70 -43.74
C VAL C 381 9.89 -5.96 -43.76
N ASN C 382 9.70 -5.05 -44.71
CA ASN C 382 8.49 -4.24 -44.73
C ASN C 382 7.22 -5.08 -44.82
N SER C 383 7.27 -6.21 -45.54
CA SER C 383 6.13 -7.11 -45.56
C SER C 383 5.81 -7.61 -44.15
N ILE C 384 6.81 -8.17 -43.46
CA ILE C 384 6.60 -8.71 -42.11
C ILE C 384 5.99 -7.65 -41.21
N ILE C 385 6.45 -6.40 -41.34
CA ILE C 385 5.89 -5.32 -40.54
C ILE C 385 4.48 -4.97 -41.02
N ASP C 386 4.32 -4.78 -42.33
CA ASP C 386 3.06 -4.21 -42.84
C ASP C 386 1.92 -5.22 -42.80
N LYS C 387 2.22 -6.52 -42.91
CA LYS C 387 1.16 -7.53 -42.95
C LYS C 387 0.41 -7.62 -41.63
N MET C 388 0.98 -7.10 -40.56
CA MET C 388 0.33 -7.08 -39.25
C MET C 388 -0.72 -5.97 -39.24
N ASN C 389 -1.97 -6.35 -38.99
CA ASN C 389 -3.06 -5.40 -38.83
C ASN C 389 -3.61 -5.51 -37.42
N THR C 390 -3.87 -4.36 -36.79
CA THR C 390 -4.21 -4.29 -35.38
C THR C 390 -5.64 -3.80 -35.21
N GLN C 391 -6.34 -4.39 -34.25
CA GLN C 391 -7.68 -3.97 -33.89
C GLN C 391 -7.61 -3.22 -32.57
N PHE C 392 -8.26 -2.05 -32.50
CA PHE C 392 -8.35 -1.35 -31.24
C PHE C 392 -8.91 -2.28 -30.19
N GLU C 393 -8.19 -2.45 -29.08
CA GLU C 393 -8.61 -3.41 -28.07
C GLU C 393 -8.01 -3.01 -26.73
N ALA C 394 -8.79 -3.15 -25.66
CA ALA C 394 -8.37 -2.78 -24.31
C ALA C 394 -8.16 -4.04 -23.47
N VAL C 395 -6.92 -4.28 -23.01
CA VAL C 395 -6.54 -5.55 -22.42
C VAL C 395 -6.75 -5.50 -20.90
N GLY C 396 -7.31 -4.41 -20.37
CA GLY C 396 -7.63 -4.35 -18.96
C GLY C 396 -8.64 -5.41 -18.53
N ARG C 397 -8.61 -5.72 -17.23
CA ARG C 397 -9.32 -6.84 -16.62
C ARG C 397 -10.22 -6.35 -15.49
N GLU C 398 -11.53 -6.74 -15.51
CA GLU C 398 -12.54 -6.12 -14.63
C GLU C 398 -13.37 -7.20 -13.90
N PHE C 399 -12.78 -7.97 -13.02
CA PHE C 399 -13.58 -9.04 -12.41
C PHE C 399 -13.45 -9.05 -10.88
N ASN C 400 -14.53 -9.50 -10.23
CA ASN C 400 -14.71 -9.49 -8.78
C ASN C 400 -13.94 -10.65 -8.13
N ASN C 401 -14.01 -10.72 -6.79
CA ASN C 401 -13.46 -11.87 -6.07
C ASN C 401 -14.28 -13.12 -6.25
N LEU C 402 -15.56 -12.99 -6.57
CA LEU C 402 -16.45 -14.11 -6.85
C LEU C 402 -16.64 -14.32 -8.35
N GLU C 403 -15.74 -13.75 -9.15
CA GLU C 403 -15.76 -13.95 -10.61
C GLU C 403 -14.35 -14.35 -11.03
N ARG C 404 -13.72 -15.23 -10.25
CA ARG C 404 -12.32 -15.62 -10.50
C ARG C 404 -12.22 -16.75 -11.51
N ARG C 405 -13.32 -17.41 -11.84
CA ARG C 405 -13.25 -18.39 -12.92
C ARG C 405 -13.28 -17.72 -14.28
N ILE C 406 -14.07 -16.65 -14.40
CA ILE C 406 -14.06 -15.86 -15.63
C ILE C 406 -12.73 -15.14 -15.77
N GLU C 407 -12.07 -14.84 -14.64
CA GLU C 407 -10.73 -14.25 -14.69
C GLU C 407 -9.74 -15.17 -15.38
N ASN C 408 -9.79 -16.47 -15.08
CA ASN C 408 -8.84 -17.39 -15.70
C ASN C 408 -9.08 -17.55 -17.20
N LEU C 409 -10.33 -17.45 -17.65
CA LEU C 409 -10.58 -17.45 -19.09
C LEU C 409 -9.80 -16.35 -19.78
N ASN C 410 -9.85 -15.13 -19.23
CA ASN C 410 -9.05 -14.05 -19.79
C ASN C 410 -7.57 -14.36 -19.75
N LYS C 411 -7.09 -14.91 -18.63
CA LYS C 411 -5.68 -15.28 -18.52
C LYS C 411 -5.31 -16.32 -19.56
N LYS C 412 -6.12 -17.39 -19.68
CA LYS C 412 -5.90 -18.43 -20.68
C LYS C 412 -5.86 -17.86 -22.10
N MET C 413 -6.82 -17.00 -22.42
CA MET C 413 -6.86 -16.33 -23.71
C MET C 413 -5.58 -15.55 -23.96
N GLU C 414 -5.31 -14.59 -23.08
CA GLU C 414 -4.14 -13.72 -23.18
C GLU C 414 -2.87 -14.55 -23.27
N ASP C 415 -2.69 -15.49 -22.35
CA ASP C 415 -1.47 -16.30 -22.32
C ASP C 415 -1.35 -17.15 -23.60
N GLY C 416 -2.47 -17.72 -24.05
CA GLY C 416 -2.44 -18.54 -25.26
C GLY C 416 -2.02 -17.77 -26.49
N PHE C 417 -2.55 -16.55 -26.65
CA PHE C 417 -2.14 -15.71 -27.78
C PHE C 417 -0.67 -15.32 -27.67
N LEU C 418 -0.16 -15.10 -26.45
CA LEU C 418 1.26 -14.84 -26.27
C LEU C 418 2.08 -16.01 -26.80
N ASP C 419 1.74 -17.22 -26.35
CA ASP C 419 2.50 -18.40 -26.75
C ASP C 419 2.43 -18.59 -28.26
N VAL C 420 1.27 -18.32 -28.85
CA VAL C 420 1.15 -18.33 -30.30
C VAL C 420 2.06 -17.27 -30.92
N TRP C 421 1.83 -16.00 -30.57
CA TRP C 421 2.57 -14.91 -31.20
C TRP C 421 4.07 -15.04 -30.99
N THR C 422 4.49 -15.55 -29.83
CA THR C 422 5.92 -15.71 -29.57
C THR C 422 6.53 -16.79 -30.45
N TYR C 423 5.92 -17.97 -30.46
CA TYR C 423 6.48 -19.08 -31.23
C TYR C 423 6.51 -18.77 -32.72
N ASN C 424 5.45 -18.13 -33.23
CA ASN C 424 5.39 -17.78 -34.64
C ASN C 424 6.43 -16.73 -34.99
N ALA C 425 6.46 -15.63 -34.23
CA ALA C 425 7.42 -14.57 -34.51
C ALA C 425 8.85 -15.07 -34.39
N GLU C 426 9.13 -15.94 -33.42
CA GLU C 426 10.50 -16.40 -33.22
C GLU C 426 10.94 -17.32 -34.36
N LEU C 427 10.06 -18.22 -34.79
CA LEU C 427 10.40 -19.13 -35.90
C LEU C 427 10.32 -18.45 -37.26
N LEU C 428 9.46 -17.44 -37.41
CA LEU C 428 9.50 -16.66 -38.64
C LEU C 428 10.87 -16.03 -38.84
N VAL C 429 11.47 -15.54 -37.76
CA VAL C 429 12.78 -14.91 -37.84
C VAL C 429 13.85 -15.95 -38.17
N LEU C 430 13.85 -17.07 -37.44
CA LEU C 430 14.82 -18.14 -37.70
C LEU C 430 14.72 -18.64 -39.14
N MET C 431 13.51 -18.91 -39.60
CA MET C 431 13.31 -19.43 -40.95
C MET C 431 13.75 -18.42 -42.00
N GLU C 432 13.28 -17.18 -41.88
CA GLU C 432 13.54 -16.17 -42.91
C GLU C 432 14.99 -15.69 -42.91
N ASN C 433 15.72 -15.87 -41.81
CA ASN C 433 17.13 -15.55 -41.81
C ASN C 433 17.93 -16.60 -42.59
N GLU C 434 17.55 -17.87 -42.48
CA GLU C 434 18.16 -18.89 -43.33
C GLU C 434 17.90 -18.59 -44.80
N ARG C 435 16.69 -18.17 -45.14
CA ARG C 435 16.41 -17.78 -46.52
C ARG C 435 17.20 -16.53 -46.91
N THR C 436 17.29 -15.54 -46.01
CA THR C 436 17.99 -14.32 -46.35
C THR C 436 19.47 -14.57 -46.62
N LEU C 437 20.08 -15.52 -45.92
CA LEU C 437 21.51 -15.76 -46.09
C LEU C 437 21.81 -16.53 -47.37
N ASP C 438 20.99 -17.56 -47.68
CA ASP C 438 21.15 -18.26 -48.94
C ASP C 438 20.89 -17.35 -50.14
N PHE C 439 20.01 -16.36 -49.97
CA PHE C 439 19.74 -15.39 -51.02
C PHE C 439 21.00 -14.66 -51.42
N HIS C 440 21.82 -14.29 -50.43
CA HIS C 440 23.06 -13.57 -50.71
C HIS C 440 24.07 -14.47 -51.40
N ASP C 441 24.37 -15.62 -50.80
CA ASP C 441 25.36 -16.53 -51.37
C ASP C 441 24.95 -17.03 -52.76
N SER C 442 23.65 -17.04 -53.07
CA SER C 442 23.23 -17.42 -54.41
C SER C 442 23.53 -16.31 -55.43
N ASN C 443 23.34 -15.05 -55.03
CA ASN C 443 23.57 -13.94 -55.95
C ASN C 443 25.04 -13.83 -56.33
N VAL C 444 25.95 -14.08 -55.37
CA VAL C 444 27.37 -13.98 -55.65
C VAL C 444 27.80 -15.08 -56.63
N LYS C 445 27.41 -16.33 -56.36
CA LYS C 445 27.77 -17.42 -57.26
C LYS C 445 27.23 -17.18 -58.66
N ASN C 446 26.09 -16.51 -58.78
CA ASN C 446 25.57 -16.16 -60.11
C ASN C 446 26.52 -15.24 -60.85
N LEU C 447 27.21 -14.35 -60.12
CA LEU C 447 28.19 -13.48 -60.75
C LEU C 447 29.46 -14.24 -61.10
N TYR C 448 29.86 -15.18 -60.24
CA TYR C 448 31.01 -16.03 -60.53
C TYR C 448 30.81 -16.80 -61.83
N ASP C 449 29.67 -17.49 -61.95
CA ASP C 449 29.37 -18.24 -63.17
C ASP C 449 29.14 -17.32 -64.35
N LYS C 450 28.57 -16.13 -64.13
CA LYS C 450 28.43 -15.16 -65.21
C LYS C 450 29.78 -14.80 -65.80
N VAL C 451 30.78 -14.63 -64.94
CA VAL C 451 32.14 -14.37 -65.44
C VAL C 451 32.74 -15.62 -66.06
N ARG C 452 32.44 -16.79 -65.48
CA ARG C 452 33.01 -18.03 -66.00
C ARG C 452 32.56 -18.30 -67.43
N LEU C 453 31.32 -17.95 -67.76
CA LEU C 453 30.84 -18.22 -69.12
C LEU C 453 31.39 -17.24 -70.15
N GLN C 454 31.61 -15.99 -69.78
CA GLN C 454 32.23 -15.04 -70.70
C GLN C 454 33.75 -15.15 -70.72
N LEU C 455 34.35 -16.03 -69.90
CA LEU C 455 35.79 -16.26 -69.86
C LEU C 455 36.03 -17.77 -69.92
N ARG C 456 35.78 -18.36 -71.09
CA ARG C 456 35.75 -19.82 -71.16
C ARG C 456 37.15 -20.42 -71.08
N ASP C 457 38.05 -20.04 -71.99
CA ASP C 457 39.37 -20.65 -72.09
C ASP C 457 40.50 -19.73 -71.67
N ASN C 458 40.27 -18.44 -71.51
CA ASN C 458 41.29 -17.50 -71.08
C ASN C 458 41.40 -17.43 -69.56
N ALA C 459 40.88 -18.41 -68.84
CA ALA C 459 40.85 -18.39 -67.39
C ALA C 459 40.92 -19.82 -66.85
N LYS C 460 41.46 -19.95 -65.65
CA LYS C 460 41.53 -21.21 -64.92
C LYS C 460 40.96 -21.01 -63.53
N GLU C 461 40.41 -22.07 -62.95
CA GLU C 461 39.78 -22.01 -61.64
C GLU C 461 40.75 -22.54 -60.58
N LEU C 462 41.07 -21.71 -59.60
CA LEU C 462 41.85 -22.14 -58.45
C LEU C 462 40.97 -22.56 -57.27
N GLY C 463 39.67 -22.26 -57.32
CA GLY C 463 38.76 -22.68 -56.27
C GLY C 463 38.55 -21.66 -55.17
N ASN C 464 39.24 -20.53 -55.23
CA ASN C 464 39.04 -19.44 -54.27
C ASN C 464 38.19 -18.32 -54.85
N GLY C 465 37.25 -18.67 -55.72
CA GLY C 465 36.48 -17.66 -56.42
C GLY C 465 37.32 -16.76 -57.30
N CYS C 466 38.39 -17.28 -57.88
CA CYS C 466 39.31 -16.45 -58.65
C CYS C 466 39.77 -17.21 -59.89
N PHE C 467 39.88 -16.50 -61.00
CA PHE C 467 40.32 -17.05 -62.28
C PHE C 467 41.78 -16.67 -62.55
N GLU C 468 42.40 -17.42 -63.46
CA GLU C 468 43.79 -17.21 -63.83
C GLU C 468 43.85 -16.61 -65.23
N PHE C 469 44.37 -15.39 -65.34
CA PHE C 469 44.39 -14.66 -66.61
C PHE C 469 45.60 -15.07 -67.43
N TYR C 470 45.37 -15.88 -68.47
CA TYR C 470 46.40 -16.09 -69.48
C TYR C 470 46.62 -14.81 -70.28
N HIS C 471 45.53 -14.20 -70.72
CA HIS C 471 45.54 -12.89 -71.37
C HIS C 471 45.88 -11.81 -70.33
N LYS C 472 46.29 -10.65 -70.83
CA LYS C 472 46.62 -9.52 -69.93
C LYS C 472 45.42 -8.60 -69.90
N CYS C 473 44.69 -8.57 -68.79
CA CYS C 473 43.42 -7.81 -68.78
C CYS C 473 43.65 -6.33 -68.55
N ASP C 474 43.25 -5.53 -69.52
CA ASP C 474 43.39 -4.06 -69.42
C ASP C 474 42.36 -3.56 -68.43
N ASN C 475 42.53 -2.35 -67.91
CA ASN C 475 41.49 -1.76 -67.04
C ASN C 475 40.24 -1.65 -67.91
N GLU C 476 40.40 -1.30 -69.19
CA GLU C 476 39.23 -1.29 -70.10
C GLU C 476 38.68 -2.71 -70.24
N CYS C 477 39.55 -3.72 -70.32
CA CYS C 477 39.09 -5.14 -70.37
C CYS C 477 38.33 -5.43 -69.10
N MET C 478 38.88 -5.07 -67.95
CA MET C 478 38.22 -5.25 -66.67
C MET C 478 36.80 -4.69 -66.71
N GLU C 479 36.65 -3.47 -67.24
CA GLU C 479 35.33 -2.89 -67.39
C GLU C 479 34.54 -3.55 -68.51
N SER C 480 35.23 -4.11 -69.50
CA SER C 480 34.52 -4.81 -70.57
C SER C 480 33.96 -6.15 -70.09
N VAL C 481 34.60 -6.76 -69.10
CA VAL C 481 34.04 -7.97 -68.50
C VAL C 481 32.96 -7.61 -67.48
N ARG C 482 33.10 -6.48 -66.80
CA ARG C 482 32.03 -5.99 -65.93
C ARG C 482 30.75 -5.81 -66.72
N ASN C 483 30.84 -5.11 -67.85
CA ASN C 483 29.70 -4.99 -68.76
C ASN C 483 29.32 -6.31 -69.38
N GLY C 484 30.26 -7.25 -69.47
CA GLY C 484 30.03 -8.47 -70.24
C GLY C 484 30.33 -8.31 -71.70
N THR C 485 30.89 -7.17 -72.10
CA THR C 485 31.23 -6.87 -73.48
C THR C 485 32.61 -7.41 -73.87
N TYR C 486 33.13 -8.35 -73.09
CA TYR C 486 34.39 -9.01 -73.40
C TYR C 486 34.25 -9.86 -74.65
N ASP C 487 35.28 -9.83 -75.51
CA ASP C 487 35.34 -10.67 -76.70
C ASP C 487 36.44 -11.71 -76.53
N TYR C 488 36.06 -12.98 -76.35
CA TYR C 488 37.03 -14.07 -76.21
C TYR C 488 37.81 -14.35 -77.49
N PRO C 489 37.20 -14.28 -78.69
CA PRO C 489 37.99 -14.44 -79.91
C PRO C 489 39.18 -13.49 -80.02
N GLN C 490 39.00 -12.25 -79.58
CA GLN C 490 40.09 -11.27 -79.68
C GLN C 490 41.34 -11.69 -78.93
N TYR C 491 41.21 -12.55 -77.91
CA TYR C 491 42.34 -12.92 -77.06
C TYR C 491 42.50 -14.43 -76.92
N SER C 492 41.90 -15.21 -77.82
CA SER C 492 41.96 -16.67 -77.69
C SER C 492 43.35 -17.20 -78.01
N GLU C 493 43.98 -16.70 -79.08
CA GLU C 493 45.32 -17.15 -79.46
C GLU C 493 46.34 -16.83 -78.36
N GLU C 494 46.23 -15.65 -77.75
CA GLU C 494 47.15 -15.25 -76.69
C GLU C 494 47.19 -16.28 -75.56
N ALA C 495 46.07 -16.95 -75.30
CA ALA C 495 46.03 -17.98 -74.26
C ALA C 495 46.83 -19.21 -74.70
N ARG C 496 46.63 -19.66 -75.94
CA ARG C 496 47.37 -20.82 -76.44
C ARG C 496 48.87 -20.58 -76.39
N LEU C 497 49.30 -19.33 -76.61
CA LEU C 497 50.71 -18.99 -76.50
C LEU C 497 51.18 -19.12 -75.05
N LYS C 498 50.46 -18.51 -74.12
CA LYS C 498 50.84 -18.56 -72.71
C LYS C 498 50.79 -19.99 -72.17
N ARG C 499 49.82 -20.77 -72.66
CA ARG C 499 49.70 -22.15 -72.20
C ARG C 499 50.85 -23.00 -72.69
N GLU C 500 51.10 -24.10 -71.99
CA GLU C 500 52.28 -24.96 -72.17
C GLU C 500 53.58 -24.20 -71.89
N ASP D 1 40.12 -44.75 -65.16
CA ASP D 1 39.75 -44.80 -63.76
C ASP D 1 38.59 -43.85 -63.45
N GLN D 2 38.01 -43.97 -62.26
CA GLN D 2 36.79 -43.26 -61.91
C GLN D 2 36.80 -42.82 -60.46
N ILE D 3 36.14 -41.70 -60.19
CA ILE D 3 35.83 -41.23 -58.85
C ILE D 3 34.41 -40.68 -58.86
N CYS D 4 33.67 -40.93 -57.78
CA CYS D 4 32.25 -40.60 -57.76
C CYS D 4 31.84 -40.08 -56.40
N ILE D 5 30.85 -39.18 -56.41
CA ILE D 5 30.29 -38.56 -55.21
C ILE D 5 28.87 -39.09 -55.02
N GLY D 6 28.54 -39.49 -53.80
CA GLY D 6 27.23 -40.03 -53.51
C GLY D 6 26.79 -39.79 -52.09
N TYR D 7 25.55 -40.17 -51.81
CA TYR D 7 24.96 -40.01 -50.48
C TYR D 7 24.54 -41.37 -49.92
N HIS D 8 24.16 -41.36 -48.64
CA HIS D 8 23.92 -42.56 -47.86
C HIS D 8 22.50 -43.09 -48.04
N ALA D 9 22.36 -44.38 -47.81
CA ALA D 9 21.07 -45.06 -47.77
C ALA D 9 21.18 -46.23 -46.80
N ASN D 10 20.06 -46.59 -46.18
CA ASN D 10 20.04 -47.59 -45.13
C ASN D 10 18.76 -48.40 -45.23
N ASN D 11 18.42 -49.13 -44.16
CA ASN D 11 17.21 -49.95 -44.15
C ASN D 11 16.01 -49.23 -43.57
N SER D 12 16.07 -47.92 -43.40
CA SER D 12 14.97 -47.21 -42.75
C SER D 12 13.74 -47.18 -43.63
N THR D 13 12.60 -47.51 -43.03
CA THR D 13 11.30 -47.43 -43.68
C THR D 13 10.54 -46.16 -43.30
N GLU D 14 11.19 -45.25 -42.57
CA GLU D 14 10.52 -44.05 -42.09
C GLU D 14 10.21 -43.12 -43.26
N GLN D 15 8.94 -42.72 -43.36
CA GLN D 15 8.46 -41.87 -44.45
C GLN D 15 7.99 -40.54 -43.89
N VAL D 16 8.26 -39.47 -44.64
CA VAL D 16 7.86 -38.12 -44.26
C VAL D 16 7.15 -37.47 -45.44
N ASP D 17 6.55 -36.32 -45.16
CA ASP D 17 5.84 -35.52 -46.16
C ASP D 17 6.50 -34.15 -46.25
N THR D 18 6.60 -33.64 -47.47
CA THR D 18 6.98 -32.25 -47.67
C THR D 18 5.78 -31.49 -48.20
N ILE D 19 5.99 -30.20 -48.46
CA ILE D 19 4.93 -29.37 -49.02
C ILE D 19 4.59 -29.85 -50.44
N MET D 20 5.59 -30.36 -51.17
CA MET D 20 5.43 -30.70 -52.56
C MET D 20 5.51 -32.19 -52.85
N GLU D 21 5.82 -33.01 -51.85
CA GLU D 21 5.95 -34.45 -52.06
C GLU D 21 5.36 -35.18 -50.87
N LYS D 22 4.88 -36.40 -51.12
CA LYS D 22 4.22 -37.20 -50.10
C LYS D 22 4.87 -38.58 -50.00
N ASN D 23 4.82 -39.13 -48.78
CA ASN D 23 5.43 -40.43 -48.45
C ASN D 23 6.83 -40.56 -49.03
N VAL D 24 7.70 -39.64 -48.63
CA VAL D 24 9.10 -39.67 -49.03
C VAL D 24 9.90 -40.44 -47.99
N THR D 25 10.48 -41.57 -48.40
CA THR D 25 11.23 -42.41 -47.48
C THR D 25 12.60 -41.81 -47.22
N VAL D 26 12.95 -41.70 -45.93
CA VAL D 26 14.16 -41.01 -45.51
C VAL D 26 14.99 -41.94 -44.64
N THR D 27 16.29 -41.61 -44.54
CA THR D 27 17.22 -42.42 -43.77
C THR D 27 17.02 -42.23 -42.27
N HIS D 28 16.71 -41.01 -41.85
CA HIS D 28 16.57 -40.71 -40.43
C HIS D 28 15.48 -39.66 -40.24
N ALA D 29 14.82 -39.71 -39.10
CA ALA D 29 13.70 -38.83 -38.82
C ALA D 29 13.53 -38.65 -37.33
N GLN D 30 12.73 -37.65 -36.96
CA GLN D 30 12.45 -37.34 -35.57
C GLN D 30 11.01 -36.84 -35.44
N ASP D 31 10.26 -37.42 -34.51
CA ASP D 31 8.89 -37.01 -34.23
C ASP D 31 8.88 -35.96 -33.13
N ILE D 32 8.24 -34.82 -33.40
CA ILE D 32 8.12 -33.76 -32.40
C ILE D 32 6.77 -33.82 -31.69
N LEU D 33 5.97 -34.85 -31.96
CA LEU D 33 4.72 -35.11 -31.26
C LEU D 33 4.95 -36.16 -30.18
N GLU D 34 4.49 -35.87 -28.97
CA GLU D 34 4.55 -36.82 -27.87
C GLU D 34 3.22 -37.53 -27.74
N LYS D 35 3.25 -38.86 -27.73
CA LYS D 35 2.05 -39.66 -27.54
C LYS D 35 2.11 -40.53 -26.30
N THR D 36 3.23 -40.54 -25.57
CA THR D 36 3.39 -41.41 -24.42
C THR D 36 3.01 -40.68 -23.14
N HIS D 37 2.31 -41.38 -22.26
CA HIS D 37 1.97 -40.82 -20.97
C HIS D 37 2.16 -41.88 -19.91
N ASN D 38 2.20 -41.43 -18.67
CA ASN D 38 2.55 -42.29 -17.54
C ASN D 38 1.41 -43.19 -17.12
N GLY D 39 0.17 -42.82 -17.41
CA GLY D 39 -0.96 -43.64 -17.05
C GLY D 39 -1.33 -43.61 -15.58
N LYS D 40 -0.85 -42.61 -14.83
CA LYS D 40 -1.18 -42.49 -13.43
C LYS D 40 -1.18 -41.01 -13.06
N LEU D 41 -1.74 -40.71 -11.87
CA LEU D 41 -1.84 -39.34 -11.37
C LEU D 41 -0.70 -39.07 -10.41
N CYS D 42 0.11 -38.06 -10.71
CA CYS D 42 1.35 -37.83 -9.99
C CYS D 42 1.32 -36.49 -9.24
N ASP D 43 2.37 -36.27 -8.45
CA ASP D 43 2.58 -34.97 -7.84
C ASP D 43 2.87 -33.94 -8.92
N LEU D 44 2.43 -32.71 -8.68
CA LEU D 44 2.65 -31.61 -9.60
C LEU D 44 3.69 -30.68 -8.98
N ASN D 45 4.93 -30.82 -9.41
CA ASN D 45 6.03 -30.02 -8.90
C ASN D 45 6.20 -30.24 -7.40
N GLY D 46 6.33 -31.51 -7.02
CA GLY D 46 6.62 -31.89 -5.66
C GLY D 46 5.46 -31.85 -4.68
N VAL D 47 4.25 -31.49 -5.11
CA VAL D 47 3.10 -31.38 -4.23
C VAL D 47 2.06 -32.43 -4.63
N LYS D 48 1.57 -33.20 -3.64
CA LYS D 48 0.63 -34.29 -3.90
C LYS D 48 -0.79 -33.75 -4.03
N PRO D 49 -1.52 -34.16 -5.07
CA PRO D 49 -2.91 -33.69 -5.21
C PRO D 49 -3.79 -34.21 -4.10
N LEU D 50 -4.93 -33.57 -3.94
CA LEU D 50 -5.96 -34.03 -3.02
C LEU D 50 -6.93 -34.92 -3.79
N ILE D 51 -6.87 -36.22 -3.54
CA ILE D 51 -7.76 -37.19 -4.15
C ILE D 51 -8.90 -37.44 -3.18
N LEU D 52 -10.10 -37.00 -3.55
CA LEU D 52 -11.25 -36.99 -2.65
C LEU D 52 -12.08 -38.27 -2.74
N LYS D 53 -11.69 -39.23 -3.59
CA LYS D 53 -12.35 -40.54 -3.77
C LYS D 53 -13.77 -40.29 -4.27
N ASP D 54 -14.81 -40.91 -3.69
CA ASP D 54 -16.17 -40.71 -4.17
C ASP D 54 -16.92 -39.67 -3.36
N CYS D 55 -16.20 -38.82 -2.63
CA CYS D 55 -16.75 -37.66 -1.95
C CYS D 55 -16.52 -36.43 -2.82
N SER D 56 -17.48 -35.51 -2.81
CA SER D 56 -17.31 -34.23 -3.47
C SER D 56 -16.62 -33.24 -2.54
N VAL D 57 -16.18 -32.12 -3.11
CA VAL D 57 -15.58 -31.08 -2.29
C VAL D 57 -16.57 -30.61 -1.23
N ALA D 58 -17.84 -30.46 -1.61
CA ALA D 58 -18.88 -30.10 -0.65
C ALA D 58 -19.00 -31.13 0.47
N GLY D 59 -19.02 -32.42 0.11
CA GLY D 59 -19.14 -33.45 1.14
C GLY D 59 -17.95 -33.50 2.07
N TRP D 60 -16.75 -33.37 1.53
CA TRP D 60 -15.54 -33.36 2.35
C TRP D 60 -15.51 -32.14 3.26
N LEU D 61 -15.88 -30.97 2.73
CA LEU D 61 -15.83 -29.74 3.51
C LEU D 61 -16.89 -29.72 4.60
N LEU D 62 -18.13 -30.08 4.28
CA LEU D 62 -19.23 -30.02 5.21
C LEU D 62 -19.30 -31.24 6.12
N GLY D 63 -18.63 -32.33 5.77
CA GLY D 63 -18.55 -33.49 6.60
C GLY D 63 -19.66 -34.49 6.32
N ASN D 64 -19.82 -34.92 5.06
CA ASN D 64 -20.73 -36.01 4.79
C ASN D 64 -20.32 -37.17 5.70
N PRO D 65 -21.27 -37.81 6.40
CA PRO D 65 -20.87 -38.92 7.29
C PRO D 65 -20.03 -39.96 6.60
N MET D 66 -20.34 -40.23 5.33
CA MET D 66 -19.69 -41.26 4.53
C MET D 66 -18.43 -40.73 3.86
N CYS D 67 -17.59 -40.03 4.63
CA CYS D 67 -16.36 -39.47 4.07
C CYS D 67 -15.27 -39.57 5.12
N ASP D 68 -14.02 -39.41 4.69
CA ASP D 68 -12.91 -39.35 5.64
C ASP D 68 -13.08 -38.14 6.54
N GLU D 69 -12.98 -38.36 7.85
CA GLU D 69 -13.25 -37.29 8.80
C GLU D 69 -12.33 -36.10 8.58
N PHE D 70 -11.04 -36.36 8.41
CA PHE D 70 -10.05 -35.34 8.09
C PHE D 70 -8.86 -36.07 7.50
N ILE D 71 -7.94 -35.31 6.92
CA ILE D 71 -6.82 -35.93 6.23
C ILE D 71 -5.57 -35.07 6.44
N ARG D 72 -4.41 -35.72 6.38
CA ARG D 72 -3.12 -35.06 6.59
C ARG D 72 -2.64 -34.41 5.31
N VAL D 73 -3.55 -33.73 4.62
CA VAL D 73 -3.18 -32.99 3.42
C VAL D 73 -3.32 -31.51 3.75
N PRO D 74 -2.30 -30.88 4.34
CA PRO D 74 -2.38 -29.43 4.54
C PRO D 74 -2.14 -28.67 3.26
N GLU D 75 -1.45 -29.28 2.30
CA GLU D 75 -1.09 -28.65 1.04
C GLU D 75 -1.45 -29.59 -0.10
N TRP D 76 -1.87 -29.03 -1.22
CA TRP D 76 -2.11 -29.84 -2.40
C TRP D 76 -2.04 -28.97 -3.64
N SER D 77 -1.67 -29.61 -4.75
CA SER D 77 -1.48 -28.90 -6.01
C SER D 77 -2.74 -28.87 -6.86
N TYR D 78 -3.54 -29.94 -6.84
CA TYR D 78 -4.85 -29.94 -7.51
C TYR D 78 -5.75 -30.95 -6.81
N ILE D 79 -7.04 -30.89 -7.13
CA ILE D 79 -8.04 -31.78 -6.54
C ILE D 79 -8.47 -32.77 -7.61
N VAL D 80 -8.52 -34.05 -7.24
CA VAL D 80 -8.96 -35.12 -8.13
C VAL D 80 -10.34 -35.56 -7.68
N GLU D 81 -11.35 -35.30 -8.50
CA GLU D 81 -12.73 -35.65 -8.22
C GLU D 81 -13.16 -36.72 -9.23
N ARG D 82 -14.05 -37.62 -8.79
CA ARG D 82 -14.57 -38.59 -9.74
C ARG D 82 -15.63 -37.91 -10.61
N ALA D 83 -15.86 -38.49 -11.79
CA ALA D 83 -16.78 -37.88 -12.76
C ALA D 83 -18.14 -37.60 -12.14
N ASN D 84 -18.72 -38.60 -11.47
CA ASN D 84 -19.96 -38.45 -10.71
C ASN D 84 -19.67 -38.83 -9.26
N PRO D 85 -19.19 -37.88 -8.46
CA PRO D 85 -18.93 -38.21 -7.05
C PRO D 85 -20.20 -38.64 -6.33
N ALA D 86 -20.07 -39.68 -5.53
CA ALA D 86 -21.24 -40.40 -5.02
C ALA D 86 -21.85 -39.78 -3.77
N ASN D 87 -21.02 -39.30 -2.84
CA ASN D 87 -21.56 -38.97 -1.52
C ASN D 87 -22.08 -37.54 -1.43
N ASP D 88 -21.34 -36.55 -1.94
CA ASP D 88 -21.83 -35.17 -2.05
C ASP D 88 -22.60 -34.66 -0.83
N LEU D 89 -23.72 -33.98 -1.09
CA LEU D 89 -24.58 -33.38 -0.08
C LEU D 89 -25.65 -34.40 0.29
N CYS D 90 -25.45 -35.11 1.41
CA CYS D 90 -26.39 -36.14 1.81
C CYS D 90 -27.79 -35.54 2.04
N TYR D 91 -27.89 -34.56 2.93
CA TYR D 91 -29.19 -33.89 3.03
C TYR D 91 -29.36 -32.95 1.84
N PRO D 92 -30.47 -33.06 1.10
CA PRO D 92 -30.58 -32.34 -0.17
C PRO D 92 -30.50 -30.83 0.02
N GLY D 93 -29.87 -30.16 -0.95
CA GLY D 93 -29.78 -28.72 -0.88
C GLY D 93 -28.80 -28.17 -1.89
N SER D 94 -28.16 -27.07 -1.49
CA SER D 94 -27.26 -26.32 -2.36
C SER D 94 -26.13 -25.73 -1.53
N LEU D 95 -25.03 -25.44 -2.21
CA LEU D 95 -23.95 -24.65 -1.65
C LEU D 95 -23.74 -23.46 -2.57
N ASN D 96 -23.84 -22.25 -2.01
CA ASN D 96 -23.72 -21.04 -2.82
C ASN D 96 -22.30 -20.87 -3.33
N ASP D 97 -22.19 -20.38 -4.56
CA ASP D 97 -20.90 -20.11 -5.20
C ASP D 97 -19.97 -21.30 -4.98
N TYR D 98 -20.51 -22.49 -5.25
CA TYR D 98 -19.77 -23.74 -5.11
C TYR D 98 -18.60 -23.80 -6.08
N GLU D 99 -18.83 -23.42 -7.34
CA GLU D 99 -17.79 -23.54 -8.35
C GLU D 99 -16.64 -22.58 -8.08
N GLU D 100 -16.93 -21.43 -7.45
CA GLU D 100 -15.85 -20.52 -7.05
C GLU D 100 -15.10 -21.05 -5.83
N LEU D 101 -15.80 -21.69 -4.90
CA LEU D 101 -15.11 -22.34 -3.78
C LEU D 101 -14.16 -23.42 -4.28
N LYS D 102 -14.59 -24.22 -5.26
CA LYS D 102 -13.75 -25.27 -5.80
C LYS D 102 -12.51 -24.68 -6.47
N HIS D 103 -12.66 -23.51 -7.09
CA HIS D 103 -11.51 -22.78 -7.64
C HIS D 103 -10.59 -22.29 -6.53
N LEU D 104 -11.15 -21.71 -5.47
CA LEU D 104 -10.34 -21.24 -4.35
C LEU D 104 -9.62 -22.38 -3.66
N LEU D 105 -10.29 -23.51 -3.50
CA LEU D 105 -9.77 -24.68 -2.80
C LEU D 105 -8.96 -25.59 -3.73
N SER D 106 -8.70 -25.12 -4.94
CA SER D 106 -8.05 -25.94 -5.96
C SER D 106 -6.56 -26.09 -5.68
N ARG D 107 -5.91 -25.02 -5.22
CA ARG D 107 -4.52 -25.05 -4.78
C ARG D 107 -4.43 -24.30 -3.46
N ILE D 108 -4.05 -25.00 -2.39
CA ILE D 108 -4.03 -24.39 -1.06
C ILE D 108 -2.74 -24.80 -0.35
N ASN D 109 -1.99 -23.79 0.13
CA ASN D 109 -0.74 -24.05 0.83
C ASN D 109 -0.97 -24.53 2.25
N HIS D 110 -1.99 -24.01 2.93
CA HIS D 110 -2.27 -24.45 4.30
C HIS D 110 -3.77 -24.57 4.50
N PHE D 111 -4.20 -25.77 4.90
CA PHE D 111 -5.59 -26.08 5.20
C PHE D 111 -5.58 -26.80 6.54
N GLU D 112 -6.23 -26.21 7.55
CA GLU D 112 -6.30 -26.82 8.86
C GLU D 112 -7.68 -26.58 9.46
N LYS D 113 -8.30 -27.65 9.94
CA LYS D 113 -9.62 -27.55 10.57
C LYS D 113 -9.47 -27.13 12.02
N ILE D 114 -10.25 -26.13 12.42
CA ILE D 114 -10.23 -25.64 13.79
C ILE D 114 -11.67 -25.53 14.31
N LEU D 115 -11.83 -25.64 15.62
CA LEU D 115 -13.14 -25.58 16.27
C LEU D 115 -13.39 -24.15 16.70
N ILE D 116 -14.36 -23.49 16.08
CA ILE D 116 -14.63 -22.08 16.32
C ILE D 116 -15.81 -21.88 17.26
N ILE D 117 -16.90 -22.63 17.09
CA ILE D 117 -18.02 -22.55 18.02
C ILE D 117 -18.32 -23.91 18.66
N PRO D 118 -18.03 -24.08 19.94
CA PRO D 118 -18.23 -25.39 20.57
C PRO D 118 -19.71 -25.67 20.84
N LYS D 119 -20.02 -26.94 21.02
CA LYS D 119 -21.37 -27.30 21.37
C LYS D 119 -21.75 -26.81 22.77
N SER D 120 -20.76 -26.56 23.64
CA SER D 120 -21.01 -25.87 24.91
C SER D 120 -21.63 -24.50 24.72
N SER D 121 -21.44 -23.88 23.57
CA SER D 121 -21.90 -22.52 23.33
C SER D 121 -23.39 -22.44 23.01
N TRP D 122 -24.14 -23.55 23.10
CA TRP D 122 -25.57 -23.60 22.80
C TRP D 122 -26.33 -24.12 24.01
N PRO D 123 -26.41 -23.33 25.09
CA PRO D 123 -26.97 -23.87 26.34
C PRO D 123 -28.47 -24.11 26.29
N ASN D 124 -29.24 -23.23 25.65
CA ASN D 124 -30.70 -23.32 25.67
C ASN D 124 -31.25 -23.91 24.37
N HIS D 125 -30.43 -24.67 23.64
CA HIS D 125 -30.81 -25.30 22.39
C HIS D 125 -30.31 -26.74 22.38
N GLU D 126 -30.91 -27.57 21.53
CA GLU D 126 -30.61 -29.00 21.48
C GLU D 126 -29.58 -29.30 20.39
N THR D 127 -28.46 -29.90 20.80
CA THR D 127 -27.31 -30.20 19.95
C THR D 127 -27.29 -31.64 19.47
N SER D 128 -28.22 -32.48 19.93
CA SER D 128 -28.11 -33.91 19.76
C SER D 128 -29.17 -34.50 18.86
N LEU D 129 -30.32 -33.86 18.71
CA LEU D 129 -31.43 -34.39 17.96
C LEU D 129 -31.37 -34.00 16.49
N GLY D 130 -30.34 -33.28 16.06
CA GLY D 130 -30.22 -32.82 14.69
C GLY D 130 -29.58 -33.84 13.76
N VAL D 131 -30.35 -34.86 13.39
CA VAL D 131 -29.86 -35.95 12.56
C VAL D 131 -30.92 -36.29 11.52
N SER D 132 -30.51 -36.87 10.40
CA SER D 132 -31.45 -37.25 9.36
C SER D 132 -31.04 -38.56 8.70
N ALA D 133 -32.04 -39.22 8.10
CA ALA D 133 -31.79 -40.46 7.38
C ALA D 133 -30.96 -40.23 6.12
N ALA D 134 -31.24 -39.13 5.40
CA ALA D 134 -30.50 -38.82 4.17
C ALA D 134 -28.99 -38.81 4.40
N CYS D 135 -28.60 -38.52 5.62
CA CYS D 135 -27.16 -38.43 5.95
C CYS D 135 -26.84 -39.56 6.89
N PRO D 136 -26.45 -40.75 6.41
CA PRO D 136 -26.30 -41.89 7.29
C PRO D 136 -24.91 -42.46 7.64
N TYR D 137 -24.69 -42.76 8.90
CA TYR D 137 -23.46 -43.43 9.30
C TYR D 137 -23.86 -44.80 9.84
N GLN D 138 -23.37 -45.86 9.19
CA GLN D 138 -23.65 -47.24 9.60
C GLN D 138 -25.15 -47.48 9.71
N GLY D 139 -25.90 -47.00 8.71
CA GLY D 139 -27.33 -47.16 8.63
C GLY D 139 -28.09 -46.27 9.61
N ALA D 140 -27.39 -45.80 10.63
CA ALA D 140 -27.96 -44.95 11.64
C ALA D 140 -28.11 -43.52 11.12
N PRO D 141 -29.19 -42.83 11.48
CA PRO D 141 -29.32 -41.41 11.14
C PRO D 141 -28.15 -40.62 11.70
N SER D 142 -27.47 -39.89 10.84
CA SER D 142 -26.45 -38.97 11.31
C SER D 142 -26.63 -37.65 10.56
N PHE D 143 -25.60 -36.81 10.58
CA PHE D 143 -25.67 -35.51 9.94
C PHE D 143 -24.26 -35.07 9.59
N PHE D 144 -24.17 -33.98 8.83
CA PHE D 144 -22.88 -33.40 8.50
C PHE D 144 -22.07 -33.19 9.77
N ARG D 145 -20.78 -33.51 9.70
CA ARG D 145 -19.97 -33.53 10.92
C ARG D 145 -19.54 -32.12 11.35
N ASN D 146 -19.20 -31.26 10.41
CA ASN D 146 -18.59 -29.99 10.76
C ASN D 146 -19.61 -28.86 10.91
N VAL D 147 -20.91 -29.14 10.81
CA VAL D 147 -21.96 -28.17 11.11
C VAL D 147 -22.96 -28.79 12.06
N VAL D 148 -23.72 -27.94 12.76
CA VAL D 148 -24.66 -28.37 13.79
C VAL D 148 -26.07 -27.92 13.42
N TRP D 149 -27.01 -28.85 13.43
CA TRP D 149 -28.42 -28.56 13.20
C TRP D 149 -29.05 -28.36 14.58
N LEU D 150 -29.31 -27.10 14.92
CA LEU D 150 -29.80 -26.73 16.23
C LEU D 150 -31.32 -26.72 16.22
N ILE D 151 -31.94 -27.42 17.18
CA ILE D 151 -33.40 -27.47 17.24
C ILE D 151 -33.88 -27.03 18.61
N LYS D 152 -35.20 -26.94 18.78
CA LYS D 152 -35.78 -26.33 19.97
C LYS D 152 -35.39 -27.10 21.23
N LYS D 153 -35.47 -26.40 22.37
CA LYS D 153 -35.36 -27.05 23.67
C LYS D 153 -36.50 -26.55 24.55
N ASN D 154 -37.17 -27.48 25.24
CA ASN D 154 -38.28 -27.16 26.13
C ASN D 154 -39.37 -26.35 25.41
N ASP D 155 -39.71 -26.78 24.20
CA ASP D 155 -40.73 -26.12 23.37
C ASP D 155 -40.44 -24.63 23.22
N ALA D 156 -39.16 -24.28 23.16
CA ALA D 156 -38.75 -22.89 23.10
C ALA D 156 -37.46 -22.79 22.28
N TYR D 157 -37.32 -21.67 21.56
CA TYR D 157 -36.16 -21.42 20.70
C TYR D 157 -35.70 -19.99 20.91
N PRO D 158 -34.97 -19.71 21.99
CA PRO D 158 -34.50 -18.35 22.23
C PRO D 158 -33.59 -17.92 21.08
N THR D 159 -33.75 -16.68 20.61
CA THR D 159 -32.97 -16.25 19.47
C THR D 159 -31.49 -16.25 19.82
N ILE D 160 -30.68 -16.61 18.84
CA ILE D 160 -29.25 -16.81 19.04
C ILE D 160 -28.50 -15.53 18.66
N LYS D 161 -27.39 -15.26 19.38
CA LYS D 161 -26.53 -14.11 19.10
C LYS D 161 -25.11 -14.50 19.49
N ILE D 162 -24.31 -14.91 18.50
CA ILE D 162 -22.97 -15.41 18.72
C ILE D 162 -22.03 -14.69 17.76
N SER D 163 -20.79 -14.49 18.20
CA SER D 163 -19.78 -13.82 17.36
C SER D 163 -18.44 -14.53 17.51
N TYR D 164 -17.74 -14.72 16.38
CA TYR D 164 -16.42 -15.31 16.39
C TYR D 164 -15.43 -14.33 15.76
N ASN D 165 -14.37 -14.03 16.50
CA ASN D 165 -13.31 -13.13 16.10
C ASN D 165 -12.10 -13.97 15.69
N ASN D 166 -11.64 -13.81 14.44
CA ASN D 166 -10.53 -14.61 13.93
C ASN D 166 -9.21 -14.19 14.54
N THR D 167 -8.90 -14.75 15.71
CA THR D 167 -7.65 -14.44 16.40
C THR D 167 -6.43 -14.92 15.62
N ASN D 168 -6.59 -15.93 14.76
CA ASN D 168 -5.47 -16.51 14.03
C ASN D 168 -4.92 -15.51 13.02
N ARG D 169 -3.75 -15.83 12.46
CA ARG D 169 -3.10 -14.97 11.50
C ARG D 169 -3.38 -15.38 10.06
N GLU D 170 -4.30 -16.32 9.85
CA GLU D 170 -4.67 -16.80 8.52
C GLU D 170 -6.16 -16.56 8.30
N ASP D 171 -6.57 -16.57 7.04
CA ASP D 171 -8.00 -16.49 6.74
C ASP D 171 -8.71 -17.73 7.25
N LEU D 172 -10.01 -17.56 7.54
CA LEU D 172 -10.88 -18.68 7.87
C LEU D 172 -12.01 -18.77 6.84
N LEU D 173 -12.17 -19.96 6.28
CA LEU D 173 -13.36 -20.32 5.52
C LEU D 173 -14.42 -20.83 6.49
N ILE D 174 -15.56 -20.15 6.55
CA ILE D 174 -16.63 -20.46 7.49
C ILE D 174 -17.88 -20.82 6.71
N LEU D 175 -18.57 -21.88 7.14
CA LEU D 175 -19.77 -22.37 6.48
C LEU D 175 -20.94 -22.40 7.45
N TRP D 176 -22.11 -22.08 6.90
CA TRP D 176 -23.35 -22.14 7.65
C TRP D 176 -24.47 -22.44 6.67
N GLY D 177 -25.66 -22.69 7.19
CA GLY D 177 -26.76 -23.08 6.33
C GLY D 177 -28.10 -22.66 6.91
N ILE D 178 -29.11 -22.69 6.04
CA ILE D 178 -30.51 -22.49 6.44
C ILE D 178 -31.28 -23.76 6.11
N HIS D 179 -32.24 -24.11 6.96
CA HIS D 179 -33.08 -25.28 6.74
C HIS D 179 -34.46 -24.82 6.26
N HIS D 180 -34.85 -25.27 5.06
CA HIS D 180 -36.18 -25.03 4.54
C HIS D 180 -37.10 -26.14 5.01
N SER D 181 -38.15 -25.78 5.75
CA SER D 181 -39.12 -26.75 6.24
C SER D 181 -40.11 -27.11 5.13
N ASN D 182 -41.00 -28.04 5.45
CA ASN D 182 -41.97 -28.56 4.49
C ASN D 182 -43.37 -28.04 4.72
N ASN D 183 -43.75 -27.79 5.98
CA ASN D 183 -45.07 -27.31 6.32
C ASN D 183 -44.97 -26.48 7.59
N ALA D 184 -46.05 -25.75 7.88
CA ALA D 184 -46.09 -24.96 9.10
C ALA D 184 -46.02 -25.84 10.34
N GLU D 185 -46.53 -27.08 10.25
CA GLU D 185 -46.45 -27.98 11.39
C GLU D 185 -45.02 -28.42 11.65
N GLU D 186 -44.26 -28.71 10.59
CA GLU D 186 -42.85 -29.02 10.74
C GLU D 186 -42.09 -27.90 11.43
N GLN D 187 -42.34 -26.66 10.98
CA GLN D 187 -41.62 -25.51 11.52
C GLN D 187 -41.72 -25.46 13.03
N THR D 188 -42.94 -25.32 13.55
CA THR D 188 -43.14 -25.19 14.98
C THR D 188 -42.57 -26.39 15.74
N ASN D 189 -42.60 -27.58 15.14
CA ASN D 189 -42.20 -28.80 15.84
C ASN D 189 -40.70 -28.82 16.11
N LEU D 190 -39.89 -28.38 15.15
CA LEU D 190 -38.45 -28.31 15.35
C LEU D 190 -38.02 -26.98 15.93
N TYR D 191 -38.71 -25.90 15.56
CA TYR D 191 -38.45 -24.55 16.04
C TYR D 191 -39.79 -23.96 16.43
N LYS D 192 -40.05 -23.84 17.73
CA LYS D 192 -41.34 -23.34 18.19
C LYS D 192 -41.77 -22.06 17.48
N ASN D 193 -40.80 -21.30 16.93
CA ASN D 193 -41.07 -19.99 16.33
C ASN D 193 -41.50 -20.13 14.87
N PRO D 194 -42.69 -19.65 14.50
CA PRO D 194 -43.17 -19.89 13.13
C PRO D 194 -42.43 -19.09 12.07
N THR D 195 -42.13 -17.82 12.32
CA THR D 195 -41.50 -16.94 11.35
C THR D 195 -40.07 -16.68 11.80
N THR D 196 -39.10 -17.10 10.98
CA THR D 196 -37.70 -17.14 11.39
C THR D 196 -36.82 -16.44 10.36
N TYR D 197 -35.59 -16.20 10.78
CA TYR D 197 -34.59 -15.50 9.98
C TYR D 197 -33.21 -15.95 10.40
N ILE D 198 -32.20 -15.62 9.58
CA ILE D 198 -30.80 -15.72 9.94
C ILE D 198 -30.10 -14.49 9.39
N SER D 199 -29.54 -13.66 10.27
CA SER D 199 -28.66 -12.57 9.88
C SER D 199 -27.21 -12.97 10.07
N VAL D 200 -26.39 -12.73 9.06
CA VAL D 200 -24.95 -12.97 9.15
C VAL D 200 -24.22 -11.71 8.70
N GLY D 201 -23.36 -11.18 9.57
CA GLY D 201 -22.63 -9.98 9.23
C GLY D 201 -21.16 -9.99 9.62
N THR D 202 -20.30 -9.65 8.66
CA THR D 202 -18.89 -9.39 8.97
C THR D 202 -18.55 -7.98 8.49
N SER D 203 -17.26 -7.67 8.33
CA SER D 203 -16.87 -6.36 7.84
C SER D 203 -17.31 -6.14 6.40
N THR D 204 -17.52 -7.21 5.64
CA THR D 204 -17.91 -7.12 4.24
C THR D 204 -19.20 -7.88 3.94
N LEU D 205 -19.72 -8.66 4.88
CA LEU D 205 -20.84 -9.56 4.66
C LEU D 205 -22.09 -9.04 5.35
N ASN D 206 -23.20 -9.00 4.63
CA ASN D 206 -24.46 -8.48 5.16
C ASN D 206 -25.59 -9.34 4.59
N GLN D 207 -25.99 -10.36 5.35
CA GLN D 207 -26.86 -11.43 4.87
C GLN D 207 -28.11 -11.54 5.72
N ARG D 208 -29.25 -11.75 5.06
CA ARG D 208 -30.49 -12.15 5.73
C ARG D 208 -31.09 -13.33 4.98
N LEU D 209 -31.15 -14.48 5.64
CA LEU D 209 -31.78 -15.68 5.07
C LEU D 209 -33.11 -15.90 5.76
N VAL D 210 -34.13 -16.30 4.98
CA VAL D 210 -35.43 -16.65 5.52
C VAL D 210 -35.92 -17.94 4.85
N PRO D 211 -36.51 -18.87 5.61
CA PRO D 211 -36.85 -20.18 5.03
C PRO D 211 -38.03 -20.11 4.07
N LYS D 212 -37.96 -20.93 3.02
CA LYS D 212 -39.04 -21.09 2.05
C LYS D 212 -39.78 -22.38 2.39
N ILE D 213 -41.01 -22.25 2.88
CA ILE D 213 -41.81 -23.38 3.33
C ILE D 213 -42.79 -23.71 2.21
N ALA D 214 -42.51 -24.80 1.49
CA ALA D 214 -43.36 -25.23 0.39
C ALA D 214 -43.21 -26.74 0.23
N THR D 215 -44.18 -27.35 -0.46
CA THR D 215 -44.05 -28.77 -0.76
C THR D 215 -43.06 -28.94 -1.91
N ARG D 216 -42.18 -29.93 -1.75
CA ARG D 216 -41.18 -30.25 -2.75
C ARG D 216 -41.12 -31.77 -2.87
N SER D 217 -40.54 -32.24 -3.95
CA SER D 217 -40.46 -33.68 -4.16
C SER D 217 -39.35 -34.27 -3.29
N GLN D 218 -39.39 -35.61 -3.17
CA GLN D 218 -38.43 -36.29 -2.33
C GLN D 218 -37.09 -36.41 -3.04
N VAL D 219 -36.02 -36.02 -2.34
CA VAL D 219 -34.66 -36.34 -2.73
C VAL D 219 -33.98 -36.95 -1.52
N ASN D 220 -33.35 -38.12 -1.71
CA ASN D 220 -32.75 -38.87 -0.61
C ASN D 220 -33.73 -39.04 0.54
N GLY D 221 -35.02 -39.20 0.20
CA GLY D 221 -36.05 -39.50 1.16
C GLY D 221 -36.60 -38.32 1.94
N GLN D 222 -36.00 -37.14 1.80
CA GLN D 222 -36.48 -35.95 2.48
C GLN D 222 -36.95 -34.93 1.46
N ARG D 223 -38.10 -34.31 1.74
CA ARG D 223 -38.68 -33.30 0.88
C ARG D 223 -38.22 -31.90 1.23
N GLY D 224 -37.60 -31.72 2.39
CA GLY D 224 -36.99 -30.46 2.71
C GLY D 224 -35.61 -30.31 2.10
N ARG D 225 -35.12 -29.08 2.15
CA ARG D 225 -33.84 -28.73 1.59
C ARG D 225 -33.03 -27.95 2.61
N MET D 226 -31.71 -28.02 2.48
CA MET D 226 -30.78 -27.31 3.35
C MET D 226 -29.80 -26.57 2.45
N ASP D 227 -29.87 -25.25 2.45
CA ASP D 227 -29.02 -24.42 1.59
C ASP D 227 -27.86 -23.84 2.40
N PHE D 228 -26.64 -24.07 1.92
CA PHE D 228 -25.42 -23.71 2.62
C PHE D 228 -24.69 -22.55 1.96
N PHE D 229 -23.98 -21.77 2.77
CA PHE D 229 -23.26 -20.56 2.35
C PHE D 229 -21.90 -20.53 3.01
N TRP D 230 -21.01 -19.71 2.45
CA TRP D 230 -19.66 -19.61 2.95
C TRP D 230 -19.14 -18.18 2.81
N THR D 231 -18.13 -17.88 3.63
CA THR D 231 -17.42 -16.61 3.56
C THR D 231 -15.99 -16.88 3.97
N ILE D 232 -15.16 -15.85 3.87
CA ILE D 232 -13.77 -15.92 4.28
C ILE D 232 -13.54 -14.80 5.27
N LEU D 233 -13.41 -15.15 6.54
CA LEU D 233 -13.23 -14.17 7.60
C LEU D 233 -11.74 -13.81 7.67
N LYS D 234 -11.45 -12.54 7.49
CA LYS D 234 -10.09 -12.05 7.50
C LYS D 234 -9.56 -11.94 8.92
N PRO D 235 -8.24 -12.01 9.10
CA PRO D 235 -7.67 -11.88 10.45
C PRO D 235 -8.11 -10.59 11.13
N ASP D 236 -8.57 -10.73 12.38
CA ASP D 236 -9.03 -9.65 13.25
C ASP D 236 -10.37 -9.07 12.80
N ASP D 237 -11.12 -9.83 12.01
CA ASP D 237 -12.51 -9.55 11.70
C ASP D 237 -13.39 -10.46 12.57
N ALA D 238 -14.68 -10.18 12.59
CA ALA D 238 -15.62 -10.99 13.36
C ALA D 238 -16.85 -11.27 12.53
N ILE D 239 -17.42 -12.45 12.75
CA ILE D 239 -18.68 -12.85 12.13
C ILE D 239 -19.75 -12.87 13.21
N HIS D 240 -20.93 -12.34 12.89
CA HIS D 240 -21.98 -12.11 13.87
C HIS D 240 -23.25 -12.80 13.41
N PHE D 241 -23.67 -13.82 14.15
CA PHE D 241 -24.85 -14.59 13.79
C PHE D 241 -26.02 -14.20 14.67
N GLU D 242 -27.21 -14.27 14.10
CA GLU D 242 -28.44 -14.09 14.84
C GLU D 242 -29.53 -14.86 14.13
N SER D 243 -30.24 -15.70 14.88
CA SER D 243 -31.30 -16.51 14.31
C SER D 243 -32.25 -16.95 15.40
N ASN D 244 -33.52 -17.10 15.03
CA ASN D 244 -34.53 -17.69 15.87
C ASN D 244 -35.08 -19.00 15.29
N GLY D 245 -34.35 -19.61 14.37
CA GLY D 245 -34.77 -20.88 13.81
C GLY D 245 -34.12 -21.17 12.47
N ASN D 246 -34.19 -22.46 12.09
CA ASN D 246 -33.74 -22.97 10.80
C ASN D 246 -32.28 -22.66 10.52
N PHE D 247 -31.45 -22.72 11.55
CA PHE D 247 -30.03 -22.36 11.47
C PHE D 247 -29.19 -23.63 11.59
N ILE D 248 -28.46 -23.94 10.52
CA ILE D 248 -27.43 -24.98 10.56
C ILE D 248 -26.13 -24.25 10.92
N ALA D 249 -25.78 -24.28 12.21
CA ALA D 249 -24.74 -23.44 12.74
C ALA D 249 -23.36 -23.97 12.38
N PRO D 250 -22.35 -23.11 12.32
CA PRO D 250 -20.98 -23.59 12.19
C PRO D 250 -20.49 -24.18 13.50
N GLU D 251 -19.71 -25.25 13.40
CA GLU D 251 -18.98 -25.78 14.54
C GLU D 251 -17.49 -25.72 14.32
N TYR D 252 -17.01 -26.26 13.20
CA TYR D 252 -15.63 -26.21 12.79
C TYR D 252 -15.50 -25.21 11.64
N ALA D 253 -14.27 -24.80 11.35
CA ALA D 253 -13.97 -23.91 10.25
C ALA D 253 -12.60 -24.30 9.70
N TYR D 254 -12.16 -23.62 8.64
CA TYR D 254 -10.92 -23.98 7.98
C TYR D 254 -9.98 -22.79 7.88
N LYS D 255 -8.74 -23.01 8.33
CA LYS D 255 -7.66 -22.04 8.16
C LYS D 255 -7.06 -22.21 6.77
N ILE D 256 -7.13 -21.15 5.96
CA ILE D 256 -6.75 -21.19 4.55
C ILE D 256 -5.59 -20.23 4.32
N VAL D 257 -4.58 -20.71 3.60
CA VAL D 257 -3.55 -19.85 3.01
C VAL D 257 -3.48 -20.19 1.54
N LYS D 258 -3.71 -19.20 0.68
CA LYS D 258 -3.78 -19.41 -0.76
C LYS D 258 -2.73 -18.58 -1.47
N LYS D 259 -1.93 -19.24 -2.31
CA LYS D 259 -0.88 -18.60 -3.07
C LYS D 259 -0.97 -18.88 -4.57
N GLY D 260 -1.93 -19.67 -5.01
CA GLY D 260 -2.06 -20.04 -6.41
C GLY D 260 -3.39 -20.70 -6.74
N ASP D 261 -3.56 -21.06 -8.02
CA ASP D 261 -4.79 -21.60 -8.58
C ASP D 261 -4.49 -22.76 -9.54
N SER D 262 -5.31 -23.83 -9.48
CA SER D 262 -5.17 -25.00 -10.34
C SER D 262 -6.40 -25.91 -10.24
N THR D 263 -7.05 -26.16 -11.38
CA THR D 263 -8.40 -26.71 -11.41
C THR D 263 -8.54 -28.06 -10.72
N ILE D 264 -9.80 -28.42 -10.56
CA ILE D 264 -10.25 -29.75 -10.13
C ILE D 264 -10.24 -30.67 -11.33
N MET D 265 -9.64 -31.84 -11.19
CA MET D 265 -9.49 -32.80 -12.29
C MET D 265 -10.46 -33.94 -12.11
N LYS D 266 -11.24 -34.24 -13.16
CA LYS D 266 -12.16 -35.36 -13.15
C LYS D 266 -11.43 -36.57 -13.73
N SER D 267 -11.10 -37.54 -12.89
CA SER D 267 -10.30 -38.68 -13.32
C SER D 267 -10.46 -39.85 -12.37
N GLY D 268 -10.14 -41.04 -12.87
CA GLY D 268 -10.19 -42.26 -12.09
C GLY D 268 -8.86 -42.97 -12.00
N VAL D 269 -7.81 -42.37 -12.56
CA VAL D 269 -6.49 -42.98 -12.50
C VAL D 269 -5.99 -43.00 -11.05
N GLU D 270 -5.15 -43.98 -10.74
CA GLU D 270 -4.63 -44.13 -9.40
C GLU D 270 -3.37 -43.28 -9.20
N TYR D 271 -3.08 -42.97 -7.95
CA TYR D 271 -1.87 -42.23 -7.61
C TYR D 271 -0.65 -43.11 -7.81
N GLY D 272 0.36 -42.57 -8.49
CA GLY D 272 1.51 -43.34 -8.89
C GLY D 272 2.79 -43.10 -8.11
N HIS D 273 2.76 -42.25 -7.08
CA HIS D 273 3.96 -41.89 -6.32
C HIS D 273 5.06 -41.40 -7.25
N CYS D 274 4.69 -40.38 -8.04
CA CYS D 274 5.58 -39.79 -9.04
C CYS D 274 5.50 -38.28 -8.93
N ASN D 275 6.38 -37.62 -9.66
CA ASN D 275 6.32 -36.17 -9.80
C ASN D 275 6.39 -35.82 -11.28
N THR D 276 5.66 -34.77 -11.66
CA THR D 276 5.57 -34.38 -13.05
C THR D 276 5.36 -32.88 -13.15
N LYS D 277 5.76 -32.33 -14.29
CA LYS D 277 5.46 -30.94 -14.61
C LYS D 277 4.12 -30.81 -15.33
N CYS D 278 3.59 -31.91 -15.87
CA CYS D 278 2.37 -31.90 -16.64
C CYS D 278 1.57 -33.13 -16.27
N GLN D 279 0.30 -32.92 -15.93
CA GLN D 279 -0.62 -33.98 -15.54
C GLN D 279 -1.84 -33.92 -16.43
N THR D 280 -2.23 -35.08 -16.94
CA THR D 280 -3.38 -35.35 -17.78
C THR D 280 -4.30 -36.35 -17.08
N PRO D 281 -5.63 -36.24 -17.25
CA PRO D 281 -6.51 -37.23 -16.61
C PRO D 281 -6.15 -38.68 -16.91
N VAL D 282 -5.66 -38.99 -18.11
CA VAL D 282 -5.27 -40.36 -18.40
C VAL D 282 -3.93 -40.71 -17.75
N GLY D 283 -3.01 -39.76 -17.72
CA GLY D 283 -1.69 -40.03 -17.17
C GLY D 283 -0.84 -38.78 -17.17
N ALA D 284 0.45 -38.95 -16.87
CA ALA D 284 1.36 -37.82 -16.78
C ALA D 284 2.34 -37.83 -17.94
N ILE D 285 2.79 -36.64 -18.33
CA ILE D 285 3.68 -36.46 -19.47
C ILE D 285 5.03 -35.97 -18.97
N ASN D 286 6.10 -36.61 -19.44
CA ASN D 286 7.49 -36.20 -19.19
C ASN D 286 8.16 -36.01 -20.56
N SER D 287 7.88 -34.88 -21.19
CA SER D 287 8.36 -34.60 -22.53
C SER D 287 8.80 -33.16 -22.63
N SER D 288 9.83 -32.93 -23.45
CA SER D 288 10.22 -31.59 -23.87
C SER D 288 9.67 -31.24 -25.24
N MET D 289 8.93 -32.15 -25.85
CA MET D 289 8.44 -31.96 -27.21
C MET D 289 7.44 -30.80 -27.25
N PRO D 290 7.37 -30.08 -28.36
CA PRO D 290 6.49 -28.91 -28.42
C PRO D 290 4.99 -29.24 -28.40
N PHE D 291 4.56 -30.36 -28.99
CA PHE D 291 3.13 -30.64 -29.12
C PHE D 291 2.81 -32.06 -28.67
N HIS D 292 1.53 -32.28 -28.38
CA HIS D 292 1.07 -33.57 -27.86
C HIS D 292 -0.38 -33.80 -28.29
N ASN D 293 -0.88 -35.02 -28.01
CA ASN D 293 -2.26 -35.36 -28.36
C ASN D 293 -2.97 -36.18 -27.27
N ILE D 294 -2.49 -36.16 -26.03
CA ILE D 294 -2.93 -37.15 -25.06
C ILE D 294 -4.32 -36.82 -24.50
N HIS D 295 -4.56 -35.56 -24.10
CA HIS D 295 -5.89 -35.21 -23.61
C HIS D 295 -5.94 -33.69 -23.49
N PRO D 296 -7.09 -33.07 -23.72
CA PRO D 296 -7.14 -31.60 -23.73
C PRO D 296 -6.90 -30.96 -22.36
N LEU D 297 -7.51 -31.53 -21.33
CA LEU D 297 -7.63 -30.88 -20.02
C LEU D 297 -6.40 -31.18 -19.16
N THR D 298 -5.30 -30.50 -19.48
CA THR D 298 -4.03 -30.70 -18.79
C THR D 298 -3.81 -29.58 -17.79
N ILE D 299 -3.13 -29.89 -16.68
CA ILE D 299 -2.71 -28.86 -15.73
C ILE D 299 -1.21 -29.02 -15.48
N GLY D 300 -0.48 -27.91 -15.56
CA GLY D 300 0.95 -27.84 -15.42
C GLY D 300 1.59 -27.20 -16.63
N GLU D 301 2.92 -27.29 -16.70
CA GLU D 301 3.67 -26.81 -17.86
C GLU D 301 3.62 -27.90 -18.93
N CYS D 302 2.82 -27.68 -19.98
CA CYS D 302 2.46 -28.74 -20.90
C CYS D 302 2.73 -28.35 -22.34
N PRO D 303 2.95 -29.34 -23.21
CA PRO D 303 2.99 -29.06 -24.66
C PRO D 303 1.64 -28.56 -25.15
N LYS D 304 1.64 -28.01 -26.36
CA LYS D 304 0.39 -27.61 -26.97
C LYS D 304 -0.35 -28.82 -27.49
N TYR D 305 -1.67 -28.79 -27.35
CA TYR D 305 -2.53 -29.90 -27.76
C TYR D 305 -2.98 -29.70 -29.20
N VAL D 306 -2.64 -30.66 -30.06
CA VAL D 306 -2.99 -30.60 -31.48
C VAL D 306 -3.81 -31.83 -31.85
N LYS D 307 -4.41 -31.76 -33.05
CA LYS D 307 -5.24 -32.82 -33.59
C LYS D 307 -4.46 -33.78 -34.50
N SER D 308 -3.13 -33.73 -34.45
CA SER D 308 -2.30 -34.54 -35.32
C SER D 308 -1.99 -35.89 -34.68
N ASN D 309 -1.83 -36.92 -35.50
CA ASN D 309 -1.37 -38.20 -34.98
C ASN D 309 0.14 -38.35 -35.08
N LYS D 310 0.78 -37.68 -36.04
CA LYS D 310 2.23 -37.70 -36.16
C LYS D 310 2.72 -36.36 -36.70
N LEU D 311 3.89 -35.91 -36.22
CA LEU D 311 4.55 -34.69 -36.68
C LEU D 311 6.02 -35.05 -36.84
N VAL D 312 6.38 -35.59 -38.00
CA VAL D 312 7.69 -36.20 -38.22
C VAL D 312 8.55 -35.25 -39.02
N LEU D 313 9.66 -34.83 -38.44
CA LEU D 313 10.61 -33.98 -39.14
C LEU D 313 11.70 -34.83 -39.79
N ALA D 314 12.07 -34.48 -41.02
CA ALA D 314 13.14 -35.17 -41.72
C ALA D 314 14.49 -34.72 -41.18
N THR D 315 15.31 -35.69 -40.76
CA THR D 315 16.65 -35.40 -40.26
C THR D 315 17.72 -36.14 -41.05
N GLY D 316 17.37 -36.67 -42.21
CA GLY D 316 18.30 -37.48 -42.97
C GLY D 316 18.24 -37.34 -44.48
N LEU D 317 18.48 -38.43 -45.19
CA LEU D 317 18.57 -38.46 -46.64
C LEU D 317 17.43 -39.29 -47.23
N ARG D 318 17.15 -39.03 -48.51
CA ARG D 318 16.23 -39.87 -49.25
C ARG D 318 16.87 -41.23 -49.51
N ASN D 319 16.09 -42.30 -49.35
CA ASN D 319 16.62 -43.65 -49.26
C ASN D 319 15.93 -44.55 -50.27
N SER D 320 16.70 -45.46 -50.87
CA SER D 320 16.18 -46.42 -51.84
C SER D 320 16.27 -47.85 -51.32
N GLY D 337 26.25 -41.22 -58.21
CA GLY D 337 25.59 -41.12 -56.92
C GLY D 337 24.79 -39.85 -56.76
N PHE D 338 25.45 -38.71 -56.98
CA PHE D 338 24.76 -37.43 -56.91
C PHE D 338 23.60 -37.39 -57.91
N ILE D 339 23.77 -38.06 -59.05
CA ILE D 339 22.69 -38.29 -60.00
C ILE D 339 22.17 -39.71 -59.79
N GLU D 340 20.95 -39.80 -59.23
CA GLU D 340 20.15 -41.04 -59.20
C GLU D 340 20.81 -42.18 -58.43
N GLY D 341 21.47 -41.87 -57.31
CA GLY D 341 22.11 -42.95 -56.59
C GLY D 341 22.19 -42.85 -55.08
N GLY D 342 21.49 -43.75 -54.38
CA GLY D 342 21.60 -43.87 -52.96
C GLY D 342 22.47 -45.05 -52.58
N TRP D 343 23.64 -44.76 -52.00
CA TRP D 343 24.65 -45.77 -51.72
C TRP D 343 24.38 -46.41 -50.36
N GLN D 344 23.83 -47.63 -50.38
CA GLN D 344 23.72 -48.39 -49.16
C GLN D 344 25.08 -48.87 -48.68
N GLY D 345 26.09 -48.87 -49.55
CA GLY D 345 27.38 -49.44 -49.18
C GLY D 345 28.10 -48.62 -48.12
N MET D 346 28.20 -47.31 -48.32
CA MET D 346 28.96 -46.49 -47.38
C MET D 346 28.16 -46.36 -46.08
N VAL D 347 28.49 -47.21 -45.11
CA VAL D 347 27.93 -47.11 -43.77
C VAL D 347 28.72 -46.13 -42.91
N ASP D 348 29.87 -45.67 -43.42
CA ASP D 348 30.79 -44.87 -42.62
C ASP D 348 30.41 -43.39 -42.54
N GLY D 349 29.53 -42.90 -43.40
CA GLY D 349 29.18 -41.50 -43.35
C GLY D 349 27.85 -41.19 -44.02
N TRP D 350 27.59 -39.89 -44.18
CA TRP D 350 26.39 -39.36 -44.84
C TRP D 350 26.65 -38.97 -46.29
N TYR D 351 27.65 -38.13 -46.52
CA TYR D 351 28.13 -37.76 -47.85
C TYR D 351 29.46 -38.47 -48.06
N GLY D 352 29.70 -38.99 -49.27
CA GLY D 352 30.92 -39.76 -49.43
C GLY D 352 31.33 -39.99 -50.86
N TYR D 353 32.32 -40.86 -51.03
CA TYR D 353 33.05 -41.05 -52.28
C TYR D 353 33.15 -42.53 -52.62
N HIS D 354 33.38 -42.81 -53.90
CA HIS D 354 33.66 -44.15 -54.40
C HIS D 354 34.75 -44.07 -55.46
N HIS D 355 35.76 -44.93 -55.34
CA HIS D 355 36.90 -44.92 -56.24
C HIS D 355 36.96 -46.20 -57.07
N SER D 356 37.35 -46.06 -58.34
CA SER D 356 37.45 -47.18 -59.28
C SER D 356 38.78 -47.06 -60.03
N ASN D 357 39.83 -47.65 -59.49
CA ASN D 357 41.15 -47.62 -60.12
C ASN D 357 41.75 -49.02 -60.15
N GLU D 358 42.96 -49.13 -60.70
CA GLU D 358 43.62 -50.42 -60.81
C GLU D 358 43.98 -50.99 -59.44
N GLN D 359 44.10 -50.14 -58.42
CA GLN D 359 44.41 -50.62 -57.07
C GLN D 359 43.23 -51.39 -56.48
N GLY D 360 42.04 -50.81 -56.56
CA GLY D 360 40.87 -51.48 -56.04
C GLY D 360 39.63 -50.61 -56.14
N SER D 361 38.61 -50.98 -55.39
CA SER D 361 37.35 -50.25 -55.36
C SER D 361 36.85 -50.23 -53.93
N GLY D 362 36.28 -49.11 -53.52
CA GLY D 362 35.86 -48.98 -52.13
C GLY D 362 35.12 -47.68 -51.89
N TYR D 363 34.78 -47.47 -50.62
CA TYR D 363 33.93 -46.37 -50.19
C TYR D 363 34.66 -45.49 -49.18
N ALA D 364 34.44 -44.18 -49.28
CA ALA D 364 35.03 -43.22 -48.37
C ALA D 364 33.98 -42.17 -48.02
N ALA D 365 34.18 -41.54 -46.86
CA ALA D 365 33.28 -40.51 -46.35
C ALA D 365 34.02 -39.19 -46.24
N ASP D 366 33.28 -38.09 -46.38
CA ASP D 366 33.80 -36.74 -46.22
C ASP D 366 33.32 -36.19 -44.89
N LYS D 367 34.23 -36.11 -43.91
CA LYS D 367 33.84 -35.74 -42.55
C LYS D 367 33.54 -34.26 -42.42
N GLU D 368 34.22 -33.39 -43.18
CA GLU D 368 33.98 -31.96 -43.06
C GLU D 368 32.63 -31.56 -43.65
N SER D 369 32.08 -32.34 -44.58
CA SER D 369 30.76 -32.05 -45.13
C SER D 369 29.64 -32.79 -44.40
N THR D 370 29.91 -34.02 -43.94
CA THR D 370 28.90 -34.77 -43.21
C THR D 370 28.54 -34.09 -41.90
N GLN D 371 29.55 -33.57 -41.19
CA GLN D 371 29.29 -32.94 -39.90
C GLN D 371 28.57 -31.62 -40.06
N LYS D 372 28.92 -30.83 -41.08
CA LYS D 372 28.28 -29.54 -41.31
C LYS D 372 26.76 -29.68 -41.43
N ALA D 373 26.30 -30.78 -42.02
CA ALA D 373 24.87 -30.99 -42.20
C ALA D 373 24.23 -31.54 -40.94
N ILE D 374 24.92 -32.47 -40.25
CA ILE D 374 24.37 -33.02 -39.00
C ILE D 374 24.18 -31.92 -37.97
N ASP D 375 25.16 -31.02 -37.85
CA ASP D 375 25.03 -29.91 -36.91
C ASP D 375 23.88 -29.00 -37.31
N GLY D 376 23.69 -28.77 -38.60
CA GLY D 376 22.61 -27.90 -39.04
C GLY D 376 21.24 -28.53 -38.90
N VAL D 377 21.14 -29.84 -39.16
CA VAL D 377 19.85 -30.51 -39.03
C VAL D 377 19.42 -30.60 -37.57
N THR D 378 20.37 -30.84 -36.66
CA THR D 378 20.03 -30.86 -35.24
C THR D 378 19.58 -29.48 -34.76
N ASN D 379 20.12 -28.41 -35.35
CA ASN D 379 19.64 -27.08 -34.99
C ASN D 379 18.23 -26.84 -35.50
N LYS D 380 17.91 -27.32 -36.70
CA LYS D 380 16.53 -27.28 -37.17
C LYS D 380 15.59 -27.94 -36.17
N VAL D 381 15.94 -29.15 -35.73
CA VAL D 381 15.11 -29.87 -34.76
C VAL D 381 15.09 -29.14 -33.43
N ASN D 382 16.25 -28.70 -32.94
CA ASN D 382 16.31 -28.10 -31.61
C ASN D 382 15.62 -26.73 -31.57
N SER D 383 15.78 -25.93 -32.63
CA SER D 383 15.13 -24.62 -32.66
C SER D 383 13.61 -24.75 -32.61
N ILE D 384 13.06 -25.69 -33.38
CA ILE D 384 11.61 -25.89 -33.38
C ILE D 384 11.13 -26.40 -32.03
N ILE D 385 11.94 -27.25 -31.39
CA ILE D 385 11.57 -27.79 -30.08
C ILE D 385 11.69 -26.72 -28.99
N ASP D 386 12.84 -26.05 -28.92
CA ASP D 386 13.11 -25.21 -27.77
C ASP D 386 12.50 -23.82 -27.86
N LYS D 387 12.17 -23.32 -29.06
CA LYS D 387 11.63 -21.96 -29.15
C LYS D 387 10.27 -21.85 -28.50
N MET D 388 9.44 -22.90 -28.60
CA MET D 388 8.24 -22.96 -27.77
C MET D 388 8.60 -23.48 -26.39
N ASN D 389 9.40 -22.71 -25.67
CA ASN D 389 9.58 -22.96 -24.25
C ASN D 389 8.77 -21.96 -23.44
N THR D 390 7.67 -21.47 -24.04
CA THR D 390 6.74 -20.54 -23.40
C THR D 390 5.60 -21.26 -22.69
N GLN D 391 5.83 -22.52 -22.32
CA GLN D 391 4.96 -23.29 -21.44
C GLN D 391 4.64 -22.50 -20.16
N PHE D 392 3.35 -22.48 -19.82
CA PHE D 392 2.80 -21.78 -18.66
C PHE D 392 1.90 -22.78 -17.94
N GLU D 393 1.45 -22.42 -16.74
CA GLU D 393 0.47 -23.24 -16.03
C GLU D 393 -0.89 -23.16 -16.74
N ALA D 394 -1.78 -24.12 -16.45
CA ALA D 394 -3.04 -24.25 -17.20
C ALA D 394 -4.14 -24.87 -16.31
N VAL D 395 -5.32 -25.10 -16.91
CA VAL D 395 -6.51 -25.56 -16.20
C VAL D 395 -7.44 -26.43 -17.06
N GLY D 396 -8.56 -26.88 -16.44
CA GLY D 396 -9.64 -27.63 -17.07
C GLY D 396 -10.99 -26.91 -17.13
N ARG D 397 -12.07 -27.50 -16.61
CA ARG D 397 -13.42 -26.96 -16.76
C ARG D 397 -14.17 -26.85 -15.44
N GLU D 398 -14.96 -25.77 -15.29
CA GLU D 398 -15.68 -25.44 -14.05
C GLU D 398 -16.91 -24.53 -14.18
N PHE D 399 -17.97 -24.92 -14.87
CA PHE D 399 -19.12 -24.03 -15.02
C PHE D 399 -20.42 -24.80 -14.78
N ASN D 400 -21.49 -24.08 -14.41
CA ASN D 400 -22.71 -24.78 -13.98
C ASN D 400 -23.73 -24.89 -15.12
N ASN D 401 -24.93 -25.36 -14.81
CA ASN D 401 -25.92 -25.65 -15.85
C ASN D 401 -26.59 -24.41 -16.38
N LEU D 402 -26.66 -23.34 -15.59
CA LEU D 402 -27.10 -22.04 -16.05
C LEU D 402 -25.94 -21.16 -16.49
N GLU D 403 -24.78 -21.77 -16.77
CA GLU D 403 -23.59 -21.07 -17.23
C GLU D 403 -23.11 -21.63 -18.57
N ARG D 404 -24.05 -22.14 -19.39
CA ARG D 404 -23.67 -22.78 -20.65
C ARG D 404 -23.04 -21.80 -21.63
N ARG D 405 -23.41 -20.53 -21.56
CA ARG D 405 -22.87 -19.56 -22.49
C ARG D 405 -21.39 -19.31 -22.22
N ILE D 406 -21.02 -19.16 -20.93
CA ILE D 406 -19.61 -19.00 -20.58
C ILE D 406 -18.85 -20.28 -20.91
N GLU D 407 -19.51 -21.42 -20.74
CA GLU D 407 -18.90 -22.70 -21.09
C GLU D 407 -18.59 -22.79 -22.57
N ASN D 408 -19.48 -22.25 -23.41
CA ASN D 408 -19.20 -22.18 -24.84
C ASN D 408 -17.97 -21.30 -25.11
N LEU D 409 -17.90 -20.15 -24.44
CA LEU D 409 -16.75 -19.26 -24.56
C LEU D 409 -15.45 -20.02 -24.35
N ASN D 410 -15.37 -20.80 -23.27
CA ASN D 410 -14.18 -21.61 -23.03
C ASN D 410 -13.93 -22.57 -24.20
N LYS D 411 -15.00 -23.18 -24.73
CA LYS D 411 -14.84 -24.19 -25.78
C LYS D 411 -14.42 -23.57 -27.11
N LYS D 412 -15.06 -22.45 -27.49
CA LYS D 412 -14.64 -21.74 -28.69
C LYS D 412 -13.16 -21.38 -28.61
N MET D 413 -12.70 -20.97 -27.43
CA MET D 413 -11.31 -20.61 -27.24
C MET D 413 -10.38 -21.80 -27.42
N GLU D 414 -10.56 -22.84 -26.60
CA GLU D 414 -9.60 -23.92 -26.64
C GLU D 414 -9.69 -24.72 -27.94
N ASP D 415 -10.84 -24.70 -28.61
CA ASP D 415 -10.89 -25.25 -29.97
C ASP D 415 -10.18 -24.33 -30.95
N GLY D 416 -10.49 -23.03 -30.92
CA GLY D 416 -9.82 -22.09 -31.79
C GLY D 416 -8.31 -22.15 -31.68
N PHE D 417 -7.81 -22.33 -30.47
CA PHE D 417 -6.37 -22.47 -30.28
C PHE D 417 -5.86 -23.79 -30.86
N LEU D 418 -6.70 -24.83 -30.80
CA LEU D 418 -6.36 -26.11 -31.40
C LEU D 418 -6.25 -25.99 -32.91
N ASP D 419 -7.17 -25.26 -33.54
CA ASP D 419 -7.10 -25.05 -34.98
C ASP D 419 -5.86 -24.23 -35.35
N VAL D 420 -5.42 -23.34 -34.47
CA VAL D 420 -4.24 -22.52 -34.76
C VAL D 420 -2.97 -23.35 -34.65
N TRP D 421 -2.82 -24.15 -33.60
CA TRP D 421 -1.58 -24.91 -33.41
C TRP D 421 -1.44 -26.01 -34.45
N THR D 422 -2.55 -26.72 -34.76
CA THR D 422 -2.45 -27.84 -35.69
C THR D 422 -2.15 -27.38 -37.10
N TYR D 423 -2.79 -26.29 -37.55
CA TYR D 423 -2.50 -25.79 -38.88
C TYR D 423 -1.06 -25.26 -38.97
N ASN D 424 -0.60 -24.55 -37.93
CA ASN D 424 0.76 -24.01 -37.96
C ASN D 424 1.80 -25.12 -37.82
N ALA D 425 1.56 -26.08 -36.91
CA ALA D 425 2.52 -27.16 -36.72
C ALA D 425 2.71 -27.96 -38.00
N GLU D 426 1.60 -28.35 -38.64
CA GLU D 426 1.70 -29.23 -39.80
C GLU D 426 2.35 -28.53 -40.98
N LEU D 427 1.98 -27.27 -41.24
CA LEU D 427 2.62 -26.56 -42.34
C LEU D 427 4.11 -26.36 -42.06
N LEU D 428 4.48 -26.08 -40.82
CA LEU D 428 5.90 -25.97 -40.49
C LEU D 428 6.65 -27.25 -40.83
N VAL D 429 6.09 -28.40 -40.44
CA VAL D 429 6.73 -29.68 -40.76
C VAL D 429 6.82 -29.88 -42.26
N LEU D 430 5.76 -29.54 -43.00
CA LEU D 430 5.80 -29.65 -44.45
C LEU D 430 6.83 -28.69 -45.05
N MET D 431 6.88 -27.46 -44.55
CA MET D 431 7.78 -26.46 -45.13
C MET D 431 9.24 -26.75 -44.84
N GLU D 432 9.56 -27.10 -43.59
CA GLU D 432 10.97 -27.32 -43.26
C GLU D 432 11.48 -28.65 -43.78
N ASN D 433 10.59 -29.63 -43.98
CA ASN D 433 11.03 -30.89 -44.57
C ASN D 433 11.39 -30.72 -46.03
N GLU D 434 10.63 -29.92 -46.76
CA GLU D 434 11.03 -29.56 -48.11
C GLU D 434 12.40 -28.88 -48.12
N ARG D 435 12.62 -27.96 -47.17
CA ARG D 435 13.90 -27.24 -47.13
C ARG D 435 15.05 -28.15 -46.72
N THR D 436 14.81 -29.09 -45.80
CA THR D 436 15.88 -30.02 -45.42
C THR D 436 16.37 -30.82 -46.62
N LEU D 437 15.44 -31.37 -47.40
CA LEU D 437 15.81 -32.22 -48.53
C LEU D 437 16.61 -31.43 -49.57
N ASP D 438 16.18 -30.21 -49.87
CA ASP D 438 16.93 -29.36 -50.79
C ASP D 438 18.31 -29.01 -50.23
N PHE D 439 18.41 -28.86 -48.91
CA PHE D 439 19.70 -28.55 -48.29
C PHE D 439 20.71 -29.68 -48.49
N HIS D 440 20.23 -30.93 -48.51
CA HIS D 440 21.14 -32.04 -48.78
C HIS D 440 21.58 -32.05 -50.24
N ASP D 441 20.68 -31.68 -51.16
CA ASP D 441 21.01 -31.69 -52.57
C ASP D 441 22.12 -30.69 -52.90
N SER D 442 22.11 -29.53 -52.24
CA SER D 442 23.13 -28.52 -52.50
C SER D 442 24.49 -28.90 -51.94
N ASN D 443 24.52 -29.78 -50.92
CA ASN D 443 25.80 -30.16 -50.33
C ASN D 443 26.59 -31.09 -51.25
N VAL D 444 25.93 -32.10 -51.84
CA VAL D 444 26.62 -33.01 -52.74
C VAL D 444 27.08 -32.28 -54.00
N LYS D 445 26.26 -31.37 -54.53
CA LYS D 445 26.64 -30.65 -55.73
C LYS D 445 27.91 -29.84 -55.51
N ASN D 446 28.11 -29.36 -54.29
CA ASN D 446 29.33 -28.62 -53.98
C ASN D 446 30.53 -29.54 -53.85
N LEU D 447 30.33 -30.76 -53.35
CA LEU D 447 31.39 -31.77 -53.38
C LEU D 447 31.75 -32.12 -54.81
N TYR D 448 30.74 -32.38 -55.64
CA TYR D 448 30.98 -32.60 -57.07
C TYR D 448 31.77 -31.45 -57.68
N ASP D 449 31.36 -30.21 -57.38
CA ASP D 449 32.04 -29.06 -57.95
C ASP D 449 33.45 -28.87 -57.39
N LYS D 450 33.67 -29.25 -56.13
CA LYS D 450 35.04 -29.20 -55.61
C LYS D 450 35.94 -30.13 -56.41
N VAL D 451 35.53 -31.40 -56.56
CA VAL D 451 36.27 -32.34 -57.38
C VAL D 451 36.26 -31.91 -58.84
N ARG D 452 35.20 -31.23 -59.28
CA ARG D 452 35.16 -30.72 -60.65
C ARG D 452 36.10 -29.54 -60.84
N LEU D 453 36.22 -28.68 -59.82
CA LEU D 453 37.07 -27.50 -59.95
C LEU D 453 38.54 -27.89 -59.96
N GLN D 454 38.94 -28.83 -59.11
CA GLN D 454 40.18 -29.53 -59.33
C GLN D 454 39.99 -30.55 -60.45
N LEU D 455 41.09 -31.07 -60.99
CA LEU D 455 41.03 -32.14 -62.00
C LEU D 455 40.19 -31.74 -63.20
N ARG D 456 40.31 -30.48 -63.66
CA ARG D 456 39.42 -29.99 -64.71
C ARG D 456 39.75 -30.63 -66.06
N ASP D 457 41.02 -30.54 -66.49
CA ASP D 457 41.42 -31.10 -67.77
C ASP D 457 41.81 -32.57 -67.68
N ASN D 458 42.06 -33.08 -66.47
CA ASN D 458 42.55 -34.43 -66.27
C ASN D 458 41.42 -35.47 -66.16
N ALA D 459 40.17 -35.07 -66.37
CA ALA D 459 39.07 -36.00 -66.16
C ALA D 459 37.89 -35.62 -67.04
N LYS D 460 36.96 -36.57 -67.18
CA LYS D 460 35.78 -36.41 -68.02
C LYS D 460 34.52 -36.62 -67.19
N GLU D 461 33.58 -35.67 -67.31
CA GLU D 461 32.30 -35.78 -66.63
C GLU D 461 31.43 -36.80 -67.36
N LEU D 462 31.04 -37.86 -66.66
CA LEU D 462 30.35 -38.98 -67.29
C LEU D 462 28.83 -38.86 -67.28
N GLY D 463 28.27 -37.96 -66.48
CA GLY D 463 26.83 -37.81 -66.41
C GLY D 463 26.18 -38.52 -65.24
N ASN D 464 26.92 -39.32 -64.49
CA ASN D 464 26.41 -40.06 -63.35
C ASN D 464 26.86 -39.47 -62.03
N GLY D 465 27.38 -38.25 -62.04
CA GLY D 465 28.08 -37.71 -60.90
C GLY D 465 29.49 -38.25 -60.72
N CYS D 466 29.91 -39.21 -61.54
CA CYS D 466 31.24 -39.79 -61.47
C CYS D 466 32.10 -39.27 -62.62
N PHE D 467 33.38 -39.04 -62.32
CA PHE D 467 34.34 -38.52 -63.30
C PHE D 467 35.13 -39.67 -63.93
N GLU D 468 35.63 -39.42 -65.14
CA GLU D 468 36.45 -40.38 -65.87
C GLU D 468 37.90 -39.90 -65.87
N PHE D 469 38.79 -40.69 -65.26
CA PHE D 469 40.21 -40.33 -65.18
C PHE D 469 40.92 -40.72 -66.47
N TYR D 470 41.41 -39.72 -67.20
CA TYR D 470 42.26 -40.01 -68.36
C TYR D 470 43.56 -40.65 -67.91
N HIS D 471 44.30 -39.98 -67.03
CA HIS D 471 45.51 -40.55 -66.46
C HIS D 471 45.16 -41.62 -65.43
N LYS D 472 46.17 -42.39 -65.04
CA LYS D 472 45.98 -43.47 -64.08
C LYS D 472 45.98 -42.90 -62.66
N CYS D 473 45.21 -43.55 -61.79
CA CYS D 473 45.00 -43.06 -60.43
C CYS D 473 45.28 -44.16 -59.41
N ASP D 474 45.89 -43.77 -58.30
CA ASP D 474 46.19 -44.66 -57.21
C ASP D 474 45.20 -44.42 -56.07
N ASN D 475 45.05 -45.43 -55.20
CA ASN D 475 44.30 -45.24 -53.97
C ASN D 475 44.82 -44.02 -53.22
N GLU D 476 46.15 -43.96 -53.04
CA GLU D 476 46.78 -42.78 -52.46
C GLU D 476 46.55 -41.54 -53.31
N CYS D 477 46.48 -41.67 -54.63
CA CYS D 477 46.26 -40.47 -55.44
C CYS D 477 44.91 -39.84 -55.12
N MET D 478 43.84 -40.64 -55.11
CA MET D 478 42.51 -40.15 -54.75
C MET D 478 42.55 -39.37 -53.44
N GLU D 479 42.94 -40.02 -52.34
CA GLU D 479 43.13 -39.41 -51.02
C GLU D 479 41.94 -38.55 -50.60
N SER D 480 40.76 -38.92 -51.09
CA SER D 480 39.57 -38.12 -50.84
C SER D 480 39.88 -36.66 -51.14
N VAL D 481 39.82 -35.82 -50.11
CA VAL D 481 40.29 -34.45 -50.19
C VAL D 481 41.47 -34.20 -49.26
N ARG D 482 42.07 -35.26 -48.70
CA ARG D 482 43.15 -35.13 -47.73
C ARG D 482 44.18 -34.09 -48.17
N ASN D 483 44.66 -34.21 -49.40
CA ASN D 483 45.46 -33.13 -49.96
C ASN D 483 44.56 -31.99 -50.42
N GLY D 484 43.52 -32.30 -51.20
CA GLY D 484 42.60 -31.30 -51.69
C GLY D 484 43.14 -30.40 -52.79
N THR D 485 44.45 -30.43 -53.03
CA THR D 485 45.08 -29.66 -54.10
C THR D 485 46.05 -30.57 -54.86
N TYR D 486 45.49 -31.60 -55.48
CA TYR D 486 46.28 -32.59 -56.19
C TYR D 486 46.92 -31.95 -57.43
N ASP D 487 48.19 -32.26 -57.66
CA ASP D 487 49.00 -31.48 -58.57
C ASP D 487 48.44 -31.46 -59.99
N TYR D 488 47.94 -30.30 -60.39
CA TYR D 488 47.43 -30.06 -61.73
C TYR D 488 48.43 -30.43 -62.83
N PRO D 489 49.71 -30.04 -62.77
CA PRO D 489 50.64 -30.41 -63.85
C PRO D 489 51.41 -31.69 -63.63
N GLN D 490 51.29 -32.34 -62.47
CA GLN D 490 52.03 -33.59 -62.24
C GLN D 490 51.63 -34.66 -63.24
N TYR D 491 50.34 -34.73 -63.57
CA TYR D 491 49.83 -35.74 -64.48
C TYR D 491 49.14 -35.13 -65.69
N SER D 492 49.38 -33.84 -65.95
CA SER D 492 48.73 -33.18 -67.09
C SER D 492 49.24 -33.74 -68.42
N GLU D 493 50.53 -34.07 -68.49
CA GLU D 493 51.08 -34.61 -69.73
C GLU D 493 50.54 -36.00 -70.00
N GLU D 494 50.34 -36.81 -68.95
CA GLU D 494 49.84 -38.17 -69.14
C GLU D 494 48.42 -38.17 -69.72
N ALA D 495 47.59 -37.23 -69.28
CA ALA D 495 46.24 -37.12 -69.84
C ALA D 495 46.24 -36.47 -71.22
N ARG D 496 47.27 -35.68 -71.53
CA ARG D 496 47.37 -35.08 -72.85
C ARG D 496 47.62 -36.13 -73.93
N LEU D 497 48.36 -37.19 -73.61
CA LEU D 497 48.58 -38.28 -74.54
C LEU D 497 47.47 -39.33 -74.48
N LYS D 498 46.67 -39.35 -73.41
CA LYS D 498 45.49 -40.20 -73.31
C LYS D 498 44.33 -39.63 -74.12
N ARG D 499 44.51 -38.48 -74.76
CA ARG D 499 43.55 -37.95 -75.71
C ARG D 499 43.74 -38.67 -77.04
N GLU D 500 42.79 -39.53 -77.40
CA GLU D 500 42.87 -40.37 -78.59
C GLU D 500 44.04 -41.35 -78.51
N ASP E 1 -47.75 50.48 42.45
CA ASP E 1 -46.96 50.17 41.27
C ASP E 1 -45.84 49.18 41.60
N GLN E 2 -45.09 48.76 40.58
CA GLN E 2 -44.07 47.72 40.74
C GLN E 2 -42.85 48.04 39.88
N ILE E 3 -41.65 47.80 40.42
CA ILE E 3 -40.42 47.85 39.64
C ILE E 3 -39.63 46.56 39.85
N CYS E 4 -38.97 46.09 38.78
CA CYS E 4 -38.30 44.80 38.75
C CYS E 4 -36.95 44.92 38.08
N ILE E 5 -36.04 43.99 38.43
CA ILE E 5 -34.72 43.88 37.81
C ILE E 5 -34.54 42.44 37.31
N GLY E 6 -33.70 42.28 36.28
CA GLY E 6 -33.56 40.95 35.66
C GLY E 6 -32.39 40.78 34.72
N TYR E 7 -32.27 39.55 34.21
CA TYR E 7 -31.19 39.17 33.28
C TYR E 7 -31.75 38.77 31.92
N HIS E 8 -30.98 39.09 30.87
CA HIS E 8 -31.39 38.85 29.46
C HIS E 8 -31.50 37.36 29.13
N ALA E 9 -32.36 37.03 28.18
CA ALA E 9 -32.60 35.63 27.81
C ALA E 9 -32.77 35.55 26.30
N ASN E 10 -32.61 34.37 25.70
CA ASN E 10 -32.64 34.29 24.21
C ASN E 10 -33.00 32.90 23.69
N ASN E 11 -32.89 32.73 22.38
CA ASN E 11 -33.20 31.44 21.74
C ASN E 11 -31.97 30.52 21.73
N SER E 12 -30.81 30.99 22.16
CA SER E 12 -29.59 30.16 22.03
C SER E 12 -29.68 28.88 22.86
N THR E 13 -29.27 27.76 22.27
CA THR E 13 -29.30 26.47 22.99
C THR E 13 -27.87 26.06 23.31
N GLU E 14 -26.92 26.95 23.06
CA GLU E 14 -25.50 26.63 23.33
C GLU E 14 -25.38 26.23 24.79
N GLN E 15 -24.82 25.05 25.08
CA GLN E 15 -24.68 24.54 26.43
C GLN E 15 -23.22 24.54 26.83
N VAL E 16 -22.93 25.17 27.96
CA VAL E 16 -21.61 25.13 28.55
C VAL E 16 -21.68 24.31 29.82
N ASP E 17 -20.52 23.93 30.33
CA ASP E 17 -20.43 23.14 31.54
C ASP E 17 -19.55 23.87 32.55
N THR E 18 -19.79 23.59 33.82
CA THR E 18 -19.10 24.24 34.93
C THR E 18 -18.57 23.12 35.83
N ILE E 19 -17.59 23.44 36.68
CA ILE E 19 -17.01 22.36 37.48
C ILE E 19 -18.07 21.70 38.35
N MET E 20 -19.01 22.50 38.87
CA MET E 20 -20.08 22.01 39.72
C MET E 20 -21.37 21.70 38.97
N GLU E 21 -21.49 22.10 37.71
CA GLU E 21 -22.76 22.01 36.99
C GLU E 21 -22.51 21.50 35.57
N LYS E 22 -23.51 20.80 35.03
CA LYS E 22 -23.42 20.19 33.72
C LYS E 22 -24.57 20.69 32.85
N ASN E 23 -24.29 20.82 31.54
CA ASN E 23 -25.28 21.18 30.54
C ASN E 23 -26.08 22.41 30.95
N VAL E 24 -25.38 23.50 31.20
CA VAL E 24 -26.01 24.77 31.56
C VAL E 24 -26.12 25.61 30.28
N THR E 25 -27.34 25.72 29.77
CA THR E 25 -27.59 26.48 28.55
C THR E 25 -27.39 27.98 28.82
N VAL E 26 -26.77 28.68 27.86
CA VAL E 26 -26.40 30.08 28.04
C VAL E 26 -26.77 30.89 26.80
N THR E 27 -26.84 32.22 26.99
CA THR E 27 -27.13 33.13 25.89
C THR E 27 -25.99 33.14 24.87
N HIS E 28 -24.74 33.23 25.33
CA HIS E 28 -23.60 33.48 24.47
C HIS E 28 -22.41 32.66 24.96
N ALA E 29 -21.52 32.32 24.03
CA ALA E 29 -20.36 31.50 24.35
C ALA E 29 -19.35 31.61 23.22
N GLN E 30 -18.13 31.11 23.49
CA GLN E 30 -17.08 31.03 22.48
C GLN E 30 -16.29 29.76 22.67
N ASP E 31 -15.94 29.11 21.55
CA ASP E 31 -15.18 27.87 21.56
C ASP E 31 -13.71 28.19 21.29
N ILE E 32 -12.82 27.68 22.14
CA ILE E 32 -11.39 27.94 22.02
C ILE E 32 -10.67 26.82 21.27
N LEU E 33 -11.43 25.89 20.69
CA LEU E 33 -10.88 24.79 19.90
C LEU E 33 -11.14 25.06 18.43
N GLU E 34 -10.11 24.87 17.60
CA GLU E 34 -10.31 24.93 16.16
C GLU E 34 -10.48 23.51 15.64
N LYS E 35 -11.55 23.27 14.89
CA LYS E 35 -11.88 21.95 14.38
C LYS E 35 -11.92 21.92 12.85
N THR E 36 -11.49 22.99 12.19
CA THR E 36 -11.59 23.11 10.74
C THR E 36 -10.21 23.14 10.10
N HIS E 37 -10.15 22.60 8.88
CA HIS E 37 -8.94 22.58 8.05
C HIS E 37 -9.37 22.79 6.60
N ASN E 38 -8.38 22.95 5.71
CA ASN E 38 -8.73 23.31 4.34
C ASN E 38 -8.67 22.13 3.38
N GLY E 39 -8.06 21.01 3.76
CA GLY E 39 -7.91 19.87 2.88
C GLY E 39 -6.83 20.02 1.83
N LYS E 40 -5.96 21.03 1.95
CA LYS E 40 -4.95 21.33 0.96
C LYS E 40 -3.62 21.53 1.66
N LEU E 41 -2.52 21.21 0.96
CA LEU E 41 -1.16 21.32 1.49
C LEU E 41 -0.56 22.63 1.00
N CYS E 42 -0.74 23.69 1.79
CA CYS E 42 -0.38 25.05 1.41
C CYS E 42 1.08 25.35 1.68
N ASP E 43 1.52 26.52 1.20
CA ASP E 43 2.83 27.05 1.53
C ASP E 43 2.94 27.31 3.02
N LEU E 44 4.16 27.32 3.54
CA LEU E 44 4.43 27.68 4.92
C LEU E 44 5.15 29.03 4.95
N ASN E 45 4.45 30.07 5.42
CA ASN E 45 4.99 31.43 5.49
C ASN E 45 5.71 31.81 4.20
N GLY E 46 5.06 31.53 3.07
CA GLY E 46 5.51 31.99 1.78
C GLY E 46 6.48 31.07 1.04
N VAL E 47 6.96 30.01 1.68
CA VAL E 47 7.85 29.06 1.04
C VAL E 47 7.05 27.80 0.72
N LYS E 48 7.09 27.38 -0.55
CA LYS E 48 6.32 26.26 -1.06
C LYS E 48 6.98 24.94 -0.68
N PRO E 49 6.18 23.93 -0.32
CA PRO E 49 6.75 22.62 -0.04
C PRO E 49 7.40 22.02 -1.27
N LEU E 50 8.38 21.16 -1.06
CA LEU E 50 8.90 20.31 -2.11
C LEU E 50 8.06 19.04 -2.09
N ILE E 51 7.17 18.88 -3.07
CA ILE E 51 6.29 17.72 -3.15
C ILE E 51 6.95 16.69 -4.05
N LEU E 52 7.59 15.73 -3.41
CA LEU E 52 8.15 14.55 -4.05
C LEU E 52 7.02 13.52 -4.19
N LYS E 53 6.72 13.13 -5.42
CA LYS E 53 5.50 12.40 -5.73
C LYS E 53 5.82 10.94 -6.05
N ASP E 54 5.36 10.02 -5.18
CA ASP E 54 5.66 8.61 -5.34
C ASP E 54 7.14 8.43 -5.58
N CYS E 55 7.91 9.26 -4.87
CA CYS E 55 9.36 9.40 -4.98
C CYS E 55 9.91 9.47 -3.57
N SER E 56 11.19 9.22 -3.44
CA SER E 56 11.85 9.30 -2.14
C SER E 56 12.95 10.33 -2.20
N VAL E 57 13.35 10.81 -1.02
CA VAL E 57 14.47 11.73 -0.96
C VAL E 57 15.71 11.09 -1.56
N ALA E 58 15.89 9.79 -1.29
CA ALA E 58 17.00 9.03 -1.88
C ALA E 58 16.87 8.91 -3.40
N GLY E 59 15.67 8.68 -3.87
CA GLY E 59 15.45 8.52 -5.30
C GLY E 59 15.68 9.82 -6.01
N TRP E 60 15.15 10.90 -5.48
CA TRP E 60 15.29 12.22 -6.12
C TRP E 60 16.74 12.67 -6.11
N LEU E 61 17.43 12.52 -4.99
CA LEU E 61 18.82 13.03 -4.90
C LEU E 61 19.77 12.21 -5.75
N LEU E 62 19.72 10.90 -5.62
CA LEU E 62 20.71 10.08 -6.33
C LEU E 62 20.32 10.04 -7.79
N GLY E 63 19.11 10.48 -8.08
CA GLY E 63 18.58 10.37 -9.44
C GLY E 63 17.84 9.06 -9.50
N ASN E 64 16.78 8.94 -10.25
CA ASN E 64 16.17 7.62 -10.37
C ASN E 64 15.58 7.76 -11.74
N PRO E 65 15.71 6.78 -12.60
CA PRO E 65 15.23 6.98 -13.91
C PRO E 65 13.79 7.48 -13.84
N MET E 66 13.00 7.03 -12.86
CA MET E 66 11.59 7.37 -12.80
C MET E 66 11.29 8.55 -11.90
N CYS E 67 12.13 8.81 -10.90
CA CYS E 67 12.08 10.06 -10.15
C CYS E 67 12.80 11.16 -10.93
N ASP E 68 12.50 11.29 -12.23
CA ASP E 68 13.33 12.15 -13.05
C ASP E 68 12.90 13.61 -13.02
N GLU E 69 12.09 14.03 -12.03
CA GLU E 69 11.96 15.45 -11.75
C GLU E 69 13.35 16.00 -11.51
N PHE E 70 13.72 17.00 -12.30
CA PHE E 70 15.04 17.59 -12.16
C PHE E 70 14.94 18.86 -11.30
N ILE E 71 15.95 19.72 -11.40
CA ILE E 71 16.02 20.91 -10.57
C ILE E 71 14.97 21.94 -11.03
N ARG E 72 13.89 22.05 -10.27
CA ARG E 72 12.87 23.05 -10.54
C ARG E 72 12.55 23.97 -9.37
N VAL E 73 12.85 23.58 -8.14
CA VAL E 73 12.48 24.34 -6.96
C VAL E 73 13.76 24.85 -6.29
N PRO E 74 13.91 26.15 -6.06
CA PRO E 74 15.09 26.64 -5.34
C PRO E 74 15.05 26.35 -3.85
N GLU E 75 13.89 26.55 -3.22
CA GLU E 75 13.76 26.50 -1.77
C GLU E 75 12.51 25.74 -1.40
N TRP E 76 12.54 25.07 -0.25
CA TRP E 76 11.36 24.41 0.28
C TRP E 76 11.24 24.62 1.78
N SER E 77 10.01 24.92 2.21
CA SER E 77 9.68 24.94 3.63
C SER E 77 9.75 23.55 4.23
N TYR E 78 9.21 22.57 3.51
CA TYR E 78 9.14 21.21 3.98
C TYR E 78 9.07 20.29 2.78
N ILE E 79 9.25 19.00 3.02
CA ILE E 79 9.21 17.99 1.98
C ILE E 79 7.99 17.14 2.24
N VAL E 80 7.14 16.98 1.24
CA VAL E 80 5.99 16.10 1.33
C VAL E 80 6.31 14.81 0.60
N GLU E 81 6.26 13.71 1.33
CA GLU E 81 6.49 12.39 0.78
C GLU E 81 5.24 11.55 0.99
N ARG E 82 5.08 10.52 0.18
CA ARG E 82 3.97 9.62 0.39
C ARG E 82 4.34 8.59 1.45
N ALA E 83 3.31 7.93 2.01
CA ALA E 83 3.54 7.08 3.18
C ALA E 83 4.48 5.93 2.85
N ASN E 84 4.23 5.24 1.74
CA ASN E 84 5.15 4.22 1.22
C ASN E 84 5.56 4.63 -0.19
N PRO E 85 6.69 5.32 -0.33
CA PRO E 85 7.08 5.86 -1.65
C PRO E 85 7.49 4.76 -2.61
N ALA E 86 7.02 4.88 -3.86
CA ALA E 86 7.15 3.76 -4.78
C ALA E 86 8.55 3.65 -5.38
N ASN E 87 9.23 4.77 -5.66
CA ASN E 87 10.45 4.63 -6.44
C ASN E 87 11.72 4.41 -5.61
N ASP E 88 12.09 5.33 -4.72
CA ASP E 88 13.24 5.03 -3.79
C ASP E 88 14.49 4.61 -4.57
N LEU E 89 15.17 3.55 -4.11
CA LEU E 89 16.46 3.08 -4.60
C LEU E 89 16.18 1.99 -5.64
N CYS E 90 16.36 2.33 -6.91
CA CYS E 90 16.04 1.39 -7.98
C CYS E 90 16.92 0.14 -7.89
N TYR E 91 18.23 0.32 -7.76
CA TYR E 91 19.09 -0.83 -7.51
C TYR E 91 19.14 -1.09 -6.00
N PRO E 92 18.93 -2.32 -5.54
CA PRO E 92 18.88 -2.58 -4.09
C PRO E 92 20.15 -2.15 -3.38
N GLY E 93 19.98 -1.56 -2.19
CA GLY E 93 21.10 -1.02 -1.44
C GLY E 93 20.64 -0.19 -0.25
N SER E 94 21.44 0.83 0.07
CA SER E 94 21.21 1.66 1.24
C SER E 94 21.89 3.00 1.07
N LEU E 95 21.42 3.97 1.86
CA LEU E 95 22.06 5.26 1.99
C LEU E 95 22.38 5.49 3.46
N ASN E 96 23.64 5.76 3.77
CA ASN E 96 24.05 5.93 5.15
C ASN E 96 23.46 7.19 5.76
N ASP E 97 23.04 7.09 7.02
CA ASP E 97 22.54 8.23 7.76
C ASP E 97 21.48 8.96 6.94
N TYR E 98 20.59 8.17 6.33
CA TYR E 98 19.53 8.71 5.49
C TYR E 98 18.60 9.59 6.30
N GLU E 99 18.30 9.17 7.53
CA GLU E 99 17.39 9.90 8.39
C GLU E 99 17.92 11.29 8.74
N GLU E 100 19.24 11.39 8.96
CA GLU E 100 19.84 12.70 9.19
C GLU E 100 19.89 13.54 7.92
N LEU E 101 20.23 12.91 6.80
CA LEU E 101 20.21 13.61 5.51
C LEU E 101 18.84 14.21 5.24
N LYS E 102 17.77 13.48 5.57
CA LYS E 102 16.42 13.97 5.34
C LYS E 102 16.12 15.18 6.22
N HIS E 103 16.62 15.18 7.45
CA HIS E 103 16.46 16.33 8.34
C HIS E 103 17.18 17.56 7.78
N LEU E 104 18.42 17.38 7.33
CA LEU E 104 19.18 18.47 6.74
C LEU E 104 18.44 19.10 5.56
N LEU E 105 17.76 18.27 4.75
CA LEU E 105 17.11 18.68 3.53
C LEU E 105 15.63 19.01 3.69
N SER E 106 15.10 18.91 4.91
CA SER E 106 13.70 19.26 5.14
C SER E 106 13.42 20.70 4.72
N ARG E 107 14.25 21.63 5.16
CA ARG E 107 14.16 23.04 4.81
C ARG E 107 15.51 23.51 4.27
N ILE E 108 15.53 23.98 3.02
CA ILE E 108 16.76 24.44 2.37
C ILE E 108 16.46 25.76 1.67
N ASN E 109 17.32 26.77 1.87
CA ASN E 109 17.11 28.03 1.18
C ASN E 109 17.60 28.00 -0.26
N HIS E 110 18.67 27.27 -0.57
CA HIS E 110 19.15 27.20 -1.95
C HIS E 110 19.77 25.84 -2.18
N PHE E 111 19.24 25.14 -3.19
CA PHE E 111 19.71 23.83 -3.64
C PHE E 111 19.92 23.96 -5.14
N GLU E 112 21.12 23.66 -5.63
CA GLU E 112 21.38 23.71 -7.06
C GLU E 112 22.28 22.55 -7.44
N LYS E 113 21.90 21.81 -8.47
CA LYS E 113 22.73 20.71 -8.95
C LYS E 113 23.82 21.25 -9.86
N ILE E 114 25.06 20.83 -9.62
CA ILE E 114 26.18 21.25 -10.45
C ILE E 114 27.00 20.02 -10.85
N LEU E 115 27.62 20.10 -12.01
CA LEU E 115 28.42 19.02 -12.58
C LEU E 115 29.83 19.13 -12.01
N ILE E 116 30.21 18.22 -11.12
CA ILE E 116 31.48 18.32 -10.42
C ILE E 116 32.56 17.44 -11.06
N ILE E 117 32.25 16.21 -11.44
CA ILE E 117 33.19 15.35 -12.14
C ILE E 117 32.57 14.91 -13.46
N PRO E 118 32.93 15.55 -14.57
CA PRO E 118 32.34 15.19 -15.86
C PRO E 118 32.79 13.80 -16.30
N LYS E 119 31.98 13.21 -17.20
CA LYS E 119 32.31 11.89 -17.68
C LYS E 119 33.57 11.87 -18.54
N SER E 120 33.95 13.02 -19.11
CA SER E 120 35.21 13.17 -19.82
C SER E 120 36.43 12.89 -18.95
N SER E 121 36.28 12.97 -17.63
CA SER E 121 37.38 12.87 -16.68
C SER E 121 37.79 11.44 -16.35
N TRP E 122 37.20 10.43 -17.00
CA TRP E 122 37.56 9.02 -16.79
C TRP E 122 37.95 8.41 -18.13
N PRO E 123 39.12 8.78 -18.66
CA PRO E 123 39.46 8.33 -20.03
C PRO E 123 39.79 6.86 -20.12
N ASN E 124 40.29 6.24 -19.04
CA ASN E 124 40.72 4.85 -19.08
C ASN E 124 39.66 3.90 -18.51
N HIS E 125 38.41 4.34 -18.42
CA HIS E 125 37.33 3.52 -17.90
C HIS E 125 36.11 3.70 -18.80
N GLU E 126 35.19 2.74 -18.76
CA GLU E 126 33.96 2.81 -19.56
C GLU E 126 32.83 3.41 -18.75
N THR E 127 32.20 4.45 -19.31
CA THR E 127 31.16 5.24 -18.69
C THR E 127 29.75 4.86 -19.15
N SER E 128 29.64 3.88 -20.05
CA SER E 128 28.40 3.66 -20.76
C SER E 128 27.74 2.33 -20.46
N LEU E 129 28.43 1.41 -19.79
CA LEU E 129 27.91 0.07 -19.57
C LEU E 129 27.39 -0.14 -18.15
N GLY E 130 27.32 0.93 -17.34
CA GLY E 130 26.87 0.83 -15.97
C GLY E 130 25.37 0.97 -15.82
N VAL E 131 24.63 -0.07 -16.20
CA VAL E 131 23.18 -0.04 -16.22
C VAL E 131 22.65 -1.32 -15.57
N SER E 132 21.44 -1.24 -15.04
CA SER E 132 20.73 -2.42 -14.56
C SER E 132 19.27 -2.34 -14.99
N ALA E 133 18.60 -3.50 -15.00
CA ALA E 133 17.17 -3.57 -15.24
C ALA E 133 16.34 -3.28 -13.99
N ALA E 134 16.93 -3.34 -12.79
CA ALA E 134 16.27 -2.84 -11.60
C ALA E 134 15.90 -1.36 -11.75
N CYS E 135 16.74 -0.59 -12.45
CA CYS E 135 16.58 0.82 -12.76
C CYS E 135 16.18 0.95 -14.22
N PRO E 136 14.89 0.87 -14.54
CA PRO E 136 14.49 0.86 -15.94
C PRO E 136 14.03 2.24 -16.40
N TYR E 137 14.50 2.72 -17.55
CA TYR E 137 14.00 3.98 -18.08
C TYR E 137 13.54 3.74 -19.51
N GLN E 138 12.27 4.09 -19.78
CA GLN E 138 11.71 4.05 -21.12
C GLN E 138 12.01 2.72 -21.82
N GLY E 139 11.83 1.64 -21.06
CA GLY E 139 11.90 0.29 -21.57
C GLY E 139 13.28 -0.35 -21.58
N ALA E 140 14.31 0.36 -21.18
CA ALA E 140 15.69 -0.09 -21.31
C ALA E 140 16.41 -0.01 -19.98
N PRO E 141 17.44 -0.83 -19.79
CA PRO E 141 18.26 -0.72 -18.58
C PRO E 141 18.84 0.68 -18.44
N SER E 142 18.82 1.18 -17.21
CA SER E 142 19.37 2.50 -16.89
C SER E 142 19.93 2.47 -15.49
N PHE E 143 20.19 3.67 -14.94
CA PHE E 143 20.87 3.78 -13.65
C PHE E 143 20.52 5.12 -13.04
N PHE E 144 20.90 5.28 -11.76
CA PHE E 144 20.81 6.57 -11.08
C PHE E 144 21.57 7.62 -11.89
N ARG E 145 20.90 8.75 -12.18
CA ARG E 145 21.46 9.72 -13.13
C ARG E 145 22.65 10.47 -12.55
N ASN E 146 22.57 10.89 -11.29
CA ASN E 146 23.54 11.82 -10.74
C ASN E 146 24.75 11.13 -10.13
N VAL E 147 24.89 9.83 -10.37
CA VAL E 147 26.06 9.05 -9.97
C VAL E 147 26.41 8.15 -11.16
N VAL E 148 27.65 7.66 -11.19
CA VAL E 148 28.15 6.93 -12.36
C VAL E 148 28.76 5.60 -11.93
N TRP E 149 28.38 4.53 -12.62
CA TRP E 149 28.91 3.19 -12.38
C TRP E 149 29.99 2.93 -13.43
N LEU E 150 31.23 2.83 -12.98
CA LEU E 150 32.39 2.71 -13.86
C LEU E 150 32.83 1.24 -13.93
N ILE E 151 33.09 0.77 -15.15
CA ILE E 151 33.50 -0.62 -15.36
C ILE E 151 34.72 -0.65 -16.29
N LYS E 152 35.32 -1.83 -16.37
CA LYS E 152 36.62 -1.96 -17.01
C LYS E 152 36.53 -1.68 -18.51
N LYS E 153 37.57 -1.01 -19.03
CA LYS E 153 37.76 -0.78 -20.46
C LYS E 153 39.03 -1.49 -20.91
N ASN E 154 38.94 -2.21 -22.03
CA ASN E 154 40.06 -2.97 -22.56
C ASN E 154 40.63 -3.89 -21.48
N ASP E 155 39.71 -4.54 -20.74
CA ASP E 155 40.02 -5.43 -19.63
C ASP E 155 41.04 -4.80 -18.67
N ALA E 156 40.80 -3.56 -18.29
CA ALA E 156 41.70 -2.81 -17.45
C ALA E 156 40.91 -1.88 -16.53
N TYR E 157 41.24 -1.91 -15.25
CA TYR E 157 40.69 -0.97 -14.26
C TYR E 157 41.86 -0.26 -13.61
N PRO E 158 42.38 0.80 -14.24
CA PRO E 158 43.47 1.56 -13.63
C PRO E 158 43.03 2.17 -12.32
N THR E 159 43.98 2.30 -11.39
CA THR E 159 43.66 2.94 -10.13
C THR E 159 43.16 4.36 -10.40
N ILE E 160 42.08 4.74 -9.71
CA ILE E 160 41.45 6.03 -9.88
C ILE E 160 41.96 6.97 -8.80
N LYS E 161 42.34 8.19 -9.18
CA LYS E 161 42.76 9.22 -8.23
C LYS E 161 42.23 10.54 -8.75
N ILE E 162 41.19 11.08 -8.09
CA ILE E 162 40.55 12.31 -8.54
C ILE E 162 40.22 13.15 -7.31
N SER E 163 40.21 14.46 -7.51
CA SER E 163 40.05 15.42 -6.42
C SER E 163 39.18 16.59 -6.90
N TYR E 164 38.21 16.98 -6.08
CA TYR E 164 37.39 18.15 -6.38
C TYR E 164 37.47 19.13 -5.22
N ASN E 165 37.86 20.35 -5.53
CA ASN E 165 38.02 21.42 -4.56
C ASN E 165 36.89 22.41 -4.84
N ASN E 166 36.10 22.72 -3.81
CA ASN E 166 34.95 23.57 -4.03
C ASN E 166 35.43 24.97 -4.39
N THR E 167 35.22 25.40 -5.64
CA THR E 167 35.44 26.77 -6.03
C THR E 167 34.25 27.64 -5.69
N ASN E 168 33.13 27.01 -5.36
CA ASN E 168 31.91 27.71 -5.05
C ASN E 168 31.94 28.22 -3.61
N ARG E 169 31.08 29.19 -3.33
CA ARG E 169 31.04 29.82 -2.03
C ARG E 169 30.05 29.15 -1.10
N GLU E 170 29.39 28.09 -1.56
CA GLU E 170 28.31 27.43 -0.85
C GLU E 170 28.70 25.98 -0.58
N ASP E 171 28.16 25.43 0.50
CA ASP E 171 28.43 24.05 0.86
C ASP E 171 27.85 23.12 -0.19
N LEU E 172 28.52 21.97 -0.38
CA LEU E 172 28.14 21.04 -1.43
C LEU E 172 27.84 19.67 -0.84
N LEU E 173 26.76 19.07 -1.29
CA LEU E 173 26.44 17.69 -0.96
C LEU E 173 27.03 16.79 -2.03
N ILE E 174 28.00 15.97 -1.65
CA ILE E 174 28.61 15.00 -2.55
C ILE E 174 28.14 13.61 -2.14
N LEU E 175 27.69 12.84 -3.12
CA LEU E 175 27.17 11.50 -2.89
C LEU E 175 27.95 10.51 -3.75
N TRP E 176 28.37 9.40 -3.14
CA TRP E 176 29.12 8.35 -3.82
C TRP E 176 28.66 7.01 -3.28
N GLY E 177 29.19 5.93 -3.88
CA GLY E 177 28.77 4.61 -3.44
C GLY E 177 29.74 3.51 -3.78
N ILE E 178 29.52 2.38 -3.12
CA ILE E 178 30.29 1.14 -3.31
C ILE E 178 29.33 0.09 -3.86
N HIS E 179 29.81 -0.73 -4.80
CA HIS E 179 29.03 -1.85 -5.29
C HIS E 179 29.55 -3.13 -4.66
N HIS E 180 28.64 -3.89 -4.05
CA HIS E 180 28.97 -5.17 -3.44
C HIS E 180 28.66 -6.27 -4.45
N SER E 181 29.69 -7.01 -4.85
CA SER E 181 29.55 -8.04 -5.85
C SER E 181 29.01 -9.32 -5.21
N ASN E 182 28.63 -10.28 -6.06
CA ASN E 182 28.01 -11.49 -5.57
C ASN E 182 28.88 -12.73 -5.71
N ASN E 183 29.86 -12.72 -6.62
CA ASN E 183 30.78 -13.83 -6.78
C ASN E 183 32.08 -13.33 -7.40
N ALA E 184 33.13 -14.16 -7.29
CA ALA E 184 34.47 -13.75 -7.73
C ALA E 184 34.52 -13.54 -9.24
N GLU E 185 33.87 -14.42 -10.00
CA GLU E 185 33.87 -14.28 -11.45
C GLU E 185 33.16 -13.00 -11.88
N GLU E 186 32.04 -12.68 -11.24
CA GLU E 186 31.34 -11.42 -11.50
C GLU E 186 32.25 -10.22 -11.30
N GLN E 187 32.95 -10.16 -10.16
CA GLN E 187 33.84 -9.05 -9.85
C GLN E 187 34.84 -8.85 -10.98
N THR E 188 35.60 -9.90 -11.32
CA THR E 188 36.61 -9.83 -12.37
C THR E 188 36.01 -9.44 -13.71
N ASN E 189 34.80 -9.90 -14.00
CA ASN E 189 34.16 -9.57 -15.26
C ASN E 189 33.81 -8.09 -15.31
N LEU E 190 33.27 -7.55 -14.21
CA LEU E 190 32.89 -6.15 -14.18
C LEU E 190 34.11 -5.24 -14.00
N TYR E 191 35.01 -5.61 -13.08
CA TYR E 191 36.23 -4.86 -12.78
C TYR E 191 37.35 -5.88 -12.66
N LYS E 192 38.43 -5.71 -13.44
CA LYS E 192 39.41 -6.79 -13.52
C LYS E 192 40.00 -7.14 -12.15
N ASN E 193 40.27 -6.15 -11.31
CA ASN E 193 41.00 -6.40 -10.08
C ASN E 193 40.13 -7.17 -9.08
N PRO E 194 40.74 -8.10 -8.28
CA PRO E 194 39.95 -9.02 -7.44
C PRO E 194 39.73 -8.52 -6.01
N THR E 195 40.74 -7.89 -5.44
CA THR E 195 40.67 -7.25 -4.13
C THR E 195 40.63 -5.75 -4.37
N THR E 196 39.56 -5.10 -3.94
CA THR E 196 39.29 -3.71 -4.33
C THR E 196 38.99 -2.86 -3.11
N TYR E 197 39.16 -1.55 -3.28
CA TYR E 197 38.94 -0.60 -2.19
C TYR E 197 38.41 0.70 -2.77
N ILE E 198 37.81 1.52 -1.89
CA ILE E 198 37.45 2.91 -2.15
C ILE E 198 37.95 3.74 -0.98
N SER E 199 38.71 4.78 -1.28
CA SER E 199 39.26 5.67 -0.25
C SER E 199 38.77 7.09 -0.47
N VAL E 200 37.96 7.58 0.46
CA VAL E 200 37.38 8.92 0.39
C VAL E 200 37.93 9.73 1.55
N GLY E 201 38.48 10.91 1.24
CA GLY E 201 38.99 11.78 2.26
C GLY E 201 38.68 13.25 2.05
N THR E 202 38.12 13.89 3.07
CA THR E 202 38.01 15.34 3.14
C THR E 202 38.90 15.85 4.27
N SER E 203 38.68 17.10 4.67
CA SER E 203 39.30 17.59 5.89
C SER E 203 38.89 16.75 7.09
N THR E 204 37.61 16.40 7.16
CA THR E 204 36.97 15.77 8.31
C THR E 204 36.79 14.27 8.15
N LEU E 205 37.00 13.74 6.95
CA LEU E 205 36.52 12.41 6.59
C LEU E 205 37.67 11.54 6.17
N ASN E 206 37.73 10.34 6.75
CA ASN E 206 38.65 9.29 6.37
C ASN E 206 37.84 8.00 6.31
N GLN E 207 37.54 7.52 5.12
CA GLN E 207 36.84 6.25 5.06
C GLN E 207 37.40 5.38 3.95
N ARG E 208 37.40 4.07 4.24
CA ARG E 208 37.79 3.04 3.29
C ARG E 208 36.64 2.06 3.19
N LEU E 209 36.17 1.83 1.98
CA LEU E 209 35.04 0.95 1.70
C LEU E 209 35.56 -0.26 0.94
N VAL E 210 35.29 -1.45 1.46
CA VAL E 210 35.79 -2.69 0.87
C VAL E 210 34.59 -3.51 0.43
N PRO E 211 34.57 -3.99 -0.81
CA PRO E 211 33.40 -4.74 -1.31
C PRO E 211 33.18 -6.02 -0.51
N LYS E 212 31.91 -6.31 -0.25
CA LYS E 212 31.52 -7.55 0.41
C LYS E 212 30.98 -8.51 -0.65
N ILE E 213 31.79 -9.50 -1.03
CA ILE E 213 31.43 -10.44 -2.07
C ILE E 213 30.85 -11.68 -1.38
N ALA E 214 29.53 -11.75 -1.32
CA ALA E 214 28.84 -12.88 -0.70
C ALA E 214 27.49 -13.08 -1.36
N THR E 215 26.90 -14.25 -1.12
CA THR E 215 25.60 -14.56 -1.72
C THR E 215 24.49 -13.93 -0.87
N ARG E 216 23.58 -13.23 -1.54
CA ARG E 216 22.49 -12.51 -0.89
C ARG E 216 21.20 -12.78 -1.66
N SER E 217 20.09 -12.46 -1.01
CA SER E 217 18.79 -12.61 -1.65
C SER E 217 18.58 -11.57 -2.74
N GLN E 218 17.52 -11.75 -3.53
CA GLN E 218 17.27 -10.88 -4.67
C GLN E 218 16.20 -9.85 -4.33
N VAL E 219 16.54 -8.58 -4.55
CA VAL E 219 15.59 -7.47 -4.43
C VAL E 219 15.60 -6.71 -5.74
N ASN E 220 14.41 -6.33 -6.23
CA ASN E 220 14.23 -5.63 -7.50
C ASN E 220 15.07 -6.28 -8.61
N GLY E 221 15.07 -7.61 -8.64
CA GLY E 221 15.64 -8.39 -9.72
C GLY E 221 17.14 -8.59 -9.65
N GLN E 222 17.81 -8.10 -8.61
CA GLN E 222 19.25 -8.21 -8.50
C GLN E 222 19.64 -8.77 -7.15
N ARG E 223 20.66 -9.62 -7.15
CA ARG E 223 21.21 -10.16 -5.93
C ARG E 223 22.39 -9.34 -5.43
N GLY E 224 22.92 -8.43 -6.25
CA GLY E 224 23.86 -7.45 -5.78
C GLY E 224 23.20 -6.30 -5.01
N ARG E 225 24.04 -5.58 -4.29
CA ARG E 225 23.62 -4.44 -3.48
C ARG E 225 24.59 -3.31 -3.71
N MET E 226 24.09 -2.09 -3.69
CA MET E 226 24.93 -0.90 -3.81
C MET E 226 24.61 0.05 -2.66
N ASP E 227 25.58 0.26 -1.79
CA ASP E 227 25.43 1.11 -0.62
C ASP E 227 26.04 2.48 -0.90
N PHE E 228 25.30 3.54 -0.57
CA PHE E 228 25.68 4.91 -0.90
C PHE E 228 25.99 5.70 0.37
N PHE E 229 26.88 6.69 0.23
CA PHE E 229 27.36 7.50 1.34
C PHE E 229 27.40 8.97 0.93
N TRP E 230 27.37 9.87 1.92
CA TRP E 230 27.31 11.30 1.64
C TRP E 230 28.21 12.08 2.60
N THR E 231 28.65 13.25 2.15
CA THR E 231 29.38 14.21 2.98
C THR E 231 29.07 15.62 2.49
N ILE E 232 29.35 16.61 3.34
CA ILE E 232 29.19 18.02 3.00
C ILE E 232 30.57 18.62 2.85
N LEU E 233 30.86 19.16 1.67
CA LEU E 233 32.16 19.74 1.39
C LEU E 233 32.10 21.24 1.68
N LYS E 234 32.86 21.68 2.67
CA LYS E 234 32.85 23.09 3.05
C LYS E 234 33.54 23.90 1.94
N PRO E 235 33.30 25.22 1.89
CA PRO E 235 33.56 25.98 0.64
C PRO E 235 34.99 25.94 0.07
N ASP E 236 36.05 25.65 0.82
CA ASP E 236 37.37 25.57 0.18
C ASP E 236 38.11 24.28 0.51
N ASP E 237 37.40 23.23 0.92
CA ASP E 237 37.96 21.91 1.12
C ASP E 237 37.97 21.16 -0.20
N ALA E 238 38.58 19.97 -0.19
CA ALA E 238 38.64 19.11 -1.37
C ALA E 238 38.29 17.68 -0.99
N ILE E 239 37.61 16.97 -1.89
CA ILE E 239 37.28 15.57 -1.70
C ILE E 239 38.20 14.75 -2.59
N HIS E 240 38.82 13.73 -2.00
CA HIS E 240 39.87 12.93 -2.64
C HIS E 240 39.40 11.48 -2.70
N PHE E 241 39.28 10.95 -3.91
CA PHE E 241 38.77 9.61 -4.17
C PHE E 241 39.89 8.76 -4.76
N GLU E 242 40.07 7.55 -4.23
CA GLU E 242 41.01 6.60 -4.83
C GLU E 242 40.40 5.21 -4.80
N SER E 243 40.36 4.54 -5.95
CA SER E 243 39.71 3.25 -6.04
C SER E 243 40.32 2.41 -7.15
N ASN E 244 40.28 1.08 -6.98
CA ASN E 244 40.61 0.15 -8.03
C ASN E 244 39.42 -0.66 -8.53
N GLY E 245 38.24 -0.47 -7.96
CA GLY E 245 37.06 -1.16 -8.43
C GLY E 245 35.88 -0.93 -7.49
N ASN E 246 34.70 -1.35 -7.96
CA ASN E 246 33.44 -1.32 -7.20
C ASN E 246 33.02 0.08 -6.78
N PHE E 247 33.21 1.06 -7.67
CA PHE E 247 33.05 2.47 -7.32
C PHE E 247 31.92 3.09 -8.14
N ILE E 248 30.87 3.50 -7.44
CA ILE E 248 29.83 4.34 -8.01
C ILE E 248 30.23 5.78 -7.73
N ALA E 249 30.54 6.54 -8.80
CA ALA E 249 31.29 7.77 -8.63
C ALA E 249 30.43 9.01 -8.81
N PRO E 250 30.72 10.08 -8.08
CA PRO E 250 30.00 11.33 -8.30
C PRO E 250 30.19 11.80 -9.73
N GLU E 251 29.10 12.20 -10.36
CA GLU E 251 29.16 13.05 -11.53
C GLU E 251 28.57 14.42 -11.27
N TYR E 252 27.59 14.49 -10.37
CA TYR E 252 26.83 15.69 -10.06
C TYR E 252 26.83 15.87 -8.55
N ALA E 253 26.57 17.10 -8.12
CA ALA E 253 26.51 17.44 -6.71
C ALA E 253 25.56 18.61 -6.56
N TYR E 254 25.24 18.93 -5.30
CA TYR E 254 24.17 19.86 -4.96
C TYR E 254 24.73 20.95 -4.05
N LYS E 255 24.52 22.21 -4.45
CA LYS E 255 24.87 23.37 -3.64
C LYS E 255 23.80 23.60 -2.59
N ILE E 256 24.19 23.61 -1.32
CA ILE E 256 23.20 23.64 -0.25
C ILE E 256 23.51 24.79 0.71
N VAL E 257 22.48 25.58 1.03
CA VAL E 257 22.53 26.60 2.07
C VAL E 257 21.35 26.33 3.01
N LYS E 258 21.65 26.15 4.30
CA LYS E 258 20.57 25.77 5.25
C LYS E 258 20.51 26.78 6.39
N LYS E 259 19.37 27.41 6.55
CA LYS E 259 19.19 28.44 7.61
C LYS E 259 18.22 27.93 8.65
N GLY E 260 17.56 26.81 8.41
CA GLY E 260 16.51 26.35 9.35
C GLY E 260 16.18 24.89 9.18
N ASP E 261 15.41 24.32 10.10
CA ASP E 261 15.05 22.89 10.04
C ASP E 261 13.54 22.69 10.12
N SER E 262 12.97 21.83 9.27
CA SER E 262 11.53 21.45 9.30
C SER E 262 11.52 19.94 9.38
N THR E 263 10.45 19.26 8.97
CA THR E 263 10.47 17.76 8.93
C THR E 263 9.80 17.26 7.66
N ILE E 264 9.94 15.96 7.39
CA ILE E 264 9.28 15.33 6.22
C ILE E 264 7.85 14.97 6.59
N MET E 265 6.88 15.37 5.77
CA MET E 265 5.45 15.14 6.06
C MET E 265 4.95 14.03 5.17
N LYS E 266 4.20 13.09 5.74
CA LYS E 266 3.62 12.01 4.94
C LYS E 266 2.16 12.35 4.67
N SER E 267 1.84 12.75 3.44
CA SER E 267 0.48 13.11 3.06
C SER E 267 0.29 12.86 1.56
N GLY E 268 -0.96 12.60 1.19
CA GLY E 268 -1.37 12.50 -0.19
C GLY E 268 -2.23 13.63 -0.68
N VAL E 269 -2.45 14.67 0.12
CA VAL E 269 -3.31 15.78 -0.30
C VAL E 269 -2.58 16.65 -1.31
N GLU E 270 -3.33 17.54 -1.94
CA GLU E 270 -2.81 18.32 -3.05
C GLU E 270 -2.51 19.75 -2.60
N TYR E 271 -1.69 20.44 -3.39
CA TYR E 271 -1.02 21.66 -2.95
C TYR E 271 -2.00 22.79 -2.67
N GLY E 272 -2.94 23.04 -3.59
CA GLY E 272 -4.01 23.97 -3.33
C GLY E 272 -3.66 25.44 -3.35
N HIS E 273 -2.42 25.82 -3.69
CA HIS E 273 -2.04 27.19 -3.99
C HIS E 273 -2.49 28.16 -2.90
N CYS E 274 -1.96 27.95 -1.69
CA CYS E 274 -2.32 28.73 -0.53
C CYS E 274 -1.09 28.91 0.35
N ASN E 275 -1.26 29.67 1.44
CA ASN E 275 -0.22 29.90 2.43
C ASN E 275 -0.80 29.65 3.81
N THR E 276 0.03 29.20 4.74
CA THR E 276 -0.42 28.95 6.10
C THR E 276 0.75 29.05 7.07
N LYS E 277 0.39 29.22 8.35
CA LYS E 277 1.31 29.18 9.48
C LYS E 277 1.48 27.78 10.05
N CYS E 278 0.43 26.97 9.97
CA CYS E 278 0.35 25.63 10.50
C CYS E 278 -0.11 24.69 9.41
N GLN E 279 0.60 23.59 9.23
CA GLN E 279 0.21 22.60 8.21
C GLN E 279 -0.03 21.27 8.91
N THR E 280 -1.18 20.68 8.61
CA THR E 280 -1.55 19.37 9.15
C THR E 280 -1.40 18.38 7.99
N PRO E 281 -1.07 17.08 8.14
CA PRO E 281 -1.01 16.24 6.99
C PRO E 281 -2.35 16.23 6.24
N VAL E 282 -3.45 16.41 6.94
CA VAL E 282 -4.80 16.37 6.35
C VAL E 282 -5.25 17.72 5.82
N GLY E 283 -4.52 18.79 6.10
CA GLY E 283 -4.98 20.13 5.74
C GLY E 283 -4.21 21.24 6.43
N ALA E 284 -4.71 22.47 6.42
CA ALA E 284 -4.02 23.57 7.09
C ALA E 284 -4.97 24.37 7.97
N ILE E 285 -4.45 24.93 9.06
CA ILE E 285 -5.28 25.66 10.06
C ILE E 285 -5.03 27.15 9.98
N ASN E 286 -6.08 27.98 9.97
CA ASN E 286 -5.97 29.45 9.99
C ASN E 286 -6.68 29.85 11.26
N SER E 287 -5.99 29.82 12.38
CA SER E 287 -6.66 30.09 13.65
C SER E 287 -5.79 30.91 14.58
N SER E 288 -6.46 31.72 15.39
CA SER E 288 -5.87 32.35 16.56
C SER E 288 -6.11 31.54 17.82
N MET E 289 -6.95 30.51 17.76
CA MET E 289 -7.37 29.80 18.95
C MET E 289 -6.20 29.06 19.61
N PRO E 290 -6.26 28.90 20.93
CA PRO E 290 -5.17 28.20 21.65
C PRO E 290 -5.02 26.72 21.29
N PHE E 291 -6.12 26.02 21.03
CA PHE E 291 -6.08 24.56 20.93
C PHE E 291 -6.75 24.06 19.65
N HIS E 292 -6.43 22.82 19.25
CA HIS E 292 -6.90 22.24 17.99
C HIS E 292 -6.99 20.72 18.12
N ASN E 293 -7.75 20.09 17.21
CA ASN E 293 -7.90 18.63 17.21
C ASN E 293 -7.59 17.98 15.86
N ILE E 294 -7.01 18.72 14.91
CA ILE E 294 -6.93 18.23 13.53
C ILE E 294 -5.99 17.03 13.42
N HIS E 295 -4.72 17.20 13.82
CA HIS E 295 -3.74 16.12 13.64
C HIS E 295 -2.55 16.29 14.57
N PRO E 296 -1.98 15.20 15.08
CA PRO E 296 -0.81 15.32 15.96
C PRO E 296 0.40 15.94 15.28
N LEU E 297 0.75 15.44 14.10
CA LEU E 297 2.02 15.68 13.43
C LEU E 297 1.92 16.96 12.62
N THR E 298 2.13 18.08 13.29
CA THR E 298 1.95 19.40 12.72
C THR E 298 3.31 20.06 12.53
N ILE E 299 3.44 20.85 11.46
CA ILE E 299 4.64 21.65 11.23
C ILE E 299 4.23 23.11 11.06
N GLY E 300 4.98 23.99 11.71
CA GLY E 300 4.74 25.43 11.75
C GLY E 300 4.42 25.91 13.14
N GLU E 301 3.96 27.17 13.20
CA GLU E 301 3.50 27.80 14.43
C GLU E 301 2.04 27.41 14.63
N CYS E 302 1.78 26.48 15.54
CA CYS E 302 0.50 25.79 15.54
C CYS E 302 -0.26 25.94 16.85
N PRO E 303 -1.59 25.92 16.79
CA PRO E 303 -2.38 25.75 18.02
C PRO E 303 -1.98 24.48 18.74
N LYS E 304 -2.21 24.47 20.05
CA LYS E 304 -1.86 23.29 20.81
C LYS E 304 -2.86 22.18 20.56
N TYR E 305 -2.38 20.93 20.65
CA TYR E 305 -3.19 19.75 20.31
C TYR E 305 -3.79 19.18 21.59
N VAL E 306 -5.10 18.92 21.56
CA VAL E 306 -5.82 18.35 22.69
C VAL E 306 -6.68 17.18 22.21
N LYS E 307 -7.13 16.38 23.17
CA LYS E 307 -8.03 15.27 22.91
C LYS E 307 -9.50 15.64 23.03
N SER E 308 -9.81 16.92 23.13
CA SER E 308 -11.17 17.35 23.46
C SER E 308 -11.97 17.64 22.20
N ASN E 309 -13.20 17.13 22.16
CA ASN E 309 -14.08 17.39 21.03
C ASN E 309 -14.57 18.83 21.04
N LYS E 310 -14.77 19.40 22.22
CA LYS E 310 -15.24 20.78 22.33
C LYS E 310 -14.78 21.37 23.66
N LEU E 311 -14.48 22.67 23.62
CA LEU E 311 -13.99 23.44 24.78
C LEU E 311 -14.68 24.80 24.74
N VAL E 312 -15.91 24.87 25.24
CA VAL E 312 -16.74 26.05 25.05
C VAL E 312 -16.84 26.83 26.35
N LEU E 313 -16.57 28.12 26.27
CA LEU E 313 -16.48 29.04 27.40
C LEU E 313 -17.63 30.03 27.34
N ALA E 314 -18.33 30.21 28.46
CA ALA E 314 -19.50 31.08 28.47
C ALA E 314 -19.10 32.54 28.35
N THR E 315 -19.70 33.25 27.39
CA THR E 315 -19.59 34.71 27.30
C THR E 315 -20.93 35.38 27.55
N GLY E 316 -21.84 34.71 28.25
CA GLY E 316 -23.19 35.25 28.38
C GLY E 316 -23.90 34.65 29.57
N LEU E 317 -25.18 35.03 29.72
CA LEU E 317 -25.94 34.66 30.93
C LEU E 317 -26.70 33.34 30.77
N ARG E 318 -27.05 32.73 31.90
CA ARG E 318 -27.79 31.45 31.87
C ARG E 318 -29.18 31.76 31.30
N ASN E 319 -29.73 30.92 30.43
CA ASN E 319 -31.02 31.26 29.78
C ASN E 319 -32.03 30.12 29.98
N SER E 320 -33.30 30.46 30.20
CA SER E 320 -34.35 29.40 30.28
C SER E 320 -35.59 29.85 29.49
N ALA E 336 -32.01 32.02 39.64
CA ALA E 336 -31.96 31.66 41.05
C ALA E 336 -33.36 31.66 41.66
N GLY E 337 -34.21 32.56 41.19
CA GLY E 337 -35.53 32.75 41.72
C GLY E 337 -35.65 33.94 42.65
N PHE E 338 -34.58 34.33 43.34
CA PHE E 338 -34.61 35.63 44.00
C PHE E 338 -34.83 36.71 42.96
N ILE E 339 -34.07 36.64 41.87
CA ILE E 339 -34.37 37.35 40.63
C ILE E 339 -35.12 36.36 39.75
N GLU E 340 -36.21 36.80 39.14
CA GLU E 340 -37.05 35.87 38.39
C GLU E 340 -36.30 35.37 37.15
N GLY E 341 -36.87 34.33 36.53
CA GLY E 341 -36.26 33.77 35.34
C GLY E 341 -36.00 34.82 34.27
N GLY E 342 -34.97 34.55 33.46
CA GLY E 342 -34.50 35.47 32.45
C GLY E 342 -35.58 36.12 31.60
N TRP E 343 -35.50 37.43 31.41
CA TRP E 343 -36.50 38.18 30.66
C TRP E 343 -36.22 38.02 29.18
N GLN E 344 -36.99 37.16 28.50
CA GLN E 344 -36.85 37.09 27.06
C GLN E 344 -37.22 38.41 26.41
N GLY E 345 -38.02 39.23 27.10
CA GLY E 345 -38.49 40.47 26.51
C GLY E 345 -37.38 41.48 26.27
N MET E 346 -36.43 41.56 27.20
CA MET E 346 -35.35 42.52 27.03
C MET E 346 -34.47 42.12 25.87
N VAL E 347 -34.36 42.99 24.87
CA VAL E 347 -33.42 42.79 23.78
C VAL E 347 -32.43 43.93 23.63
N ASP E 348 -32.64 45.07 24.28
CA ASP E 348 -31.73 46.20 24.13
C ASP E 348 -30.42 45.97 24.87
N GLY E 349 -30.44 45.27 26.00
CA GLY E 349 -29.20 45.07 26.75
C GLY E 349 -29.24 43.87 27.68
N TRP E 350 -28.05 43.57 28.22
CA TRP E 350 -27.93 42.45 29.15
C TRP E 350 -28.60 42.74 30.50
N TYR E 351 -28.45 43.95 31.01
CA TYR E 351 -28.90 44.31 32.36
C TYR E 351 -29.94 45.40 32.25
N GLY E 352 -31.12 45.17 32.83
CA GLY E 352 -32.18 46.16 32.72
C GLY E 352 -33.33 46.04 33.71
N TYR E 353 -34.23 47.03 33.62
CA TYR E 353 -35.39 47.17 34.50
C TYR E 353 -36.66 47.24 33.66
N HIS E 354 -37.76 46.71 34.18
CA HIS E 354 -39.06 46.76 33.51
C HIS E 354 -39.94 47.78 34.24
N HIS E 355 -40.34 48.85 33.54
CA HIS E 355 -41.30 49.77 34.13
C HIS E 355 -42.71 49.30 33.78
N SER E 356 -43.50 49.03 34.83
CA SER E 356 -44.88 48.57 34.73
C SER E 356 -45.87 49.67 35.10
N ASN E 357 -45.46 50.93 34.96
CA ASN E 357 -46.32 52.06 35.26
C ASN E 357 -47.54 52.06 34.35
N GLU E 358 -48.65 52.59 34.88
CA GLU E 358 -49.87 52.69 34.07
C GLU E 358 -49.67 53.62 32.88
N GLN E 359 -48.96 54.72 33.07
CA GLN E 359 -48.79 55.70 32.00
C GLN E 359 -48.14 55.07 30.78
N GLY E 360 -47.05 54.32 31.01
CA GLY E 360 -46.49 53.48 29.98
C GLY E 360 -45.79 52.26 30.57
N SER E 361 -45.96 51.11 29.93
CA SER E 361 -45.33 49.87 30.39
C SER E 361 -44.32 49.42 29.34
N GLY E 362 -43.07 49.26 29.76
CA GLY E 362 -42.00 48.91 28.83
C GLY E 362 -40.79 48.34 29.52
N TYR E 363 -39.92 47.75 28.70
CA TYR E 363 -38.69 47.10 29.13
C TYR E 363 -37.52 48.03 28.83
N ALA E 364 -36.65 48.26 29.82
CA ALA E 364 -35.48 49.11 29.65
C ALA E 364 -34.22 48.40 30.15
N ALA E 365 -33.06 48.95 29.77
CA ALA E 365 -31.77 48.33 30.04
C ALA E 365 -30.81 49.31 30.69
N ASP E 366 -29.85 48.77 31.45
CA ASP E 366 -28.88 49.55 32.21
C ASP E 366 -27.59 49.65 31.41
N LYS E 367 -27.33 50.81 30.83
CA LYS E 367 -26.04 51.05 30.18
C LYS E 367 -24.94 51.27 31.22
N GLU E 368 -23.71 51.10 30.78
CA GLU E 368 -22.50 51.29 31.58
C GLU E 368 -22.42 50.27 32.71
N SER E 369 -23.33 49.31 32.77
CA SER E 369 -23.19 48.07 33.53
C SER E 369 -23.06 46.87 32.61
N THR E 370 -23.89 46.80 31.57
CA THR E 370 -23.72 45.79 30.53
C THR E 370 -22.38 45.93 29.82
N GLN E 371 -22.00 47.17 29.44
CA GLN E 371 -20.72 47.37 28.78
C GLN E 371 -19.56 46.86 29.63
N LYS E 372 -19.58 47.18 30.93
CA LYS E 372 -18.55 46.66 31.83
C LYS E 372 -18.51 45.14 31.81
N ALA E 373 -19.66 44.49 31.94
CA ALA E 373 -19.72 43.04 31.90
C ALA E 373 -19.20 42.48 30.57
N ILE E 374 -19.68 43.01 29.43
CA ILE E 374 -19.25 42.45 28.15
C ILE E 374 -17.75 42.64 27.95
N ASP E 375 -17.22 43.84 28.26
CA ASP E 375 -15.79 44.05 28.15
C ASP E 375 -15.02 43.07 29.04
N GLY E 376 -15.52 42.83 30.24
CA GLY E 376 -14.84 41.91 31.16
C GLY E 376 -14.82 40.48 30.66
N VAL E 377 -15.97 39.98 30.21
CA VAL E 377 -16.01 38.60 29.71
C VAL E 377 -15.22 38.49 28.41
N THR E 378 -15.36 39.49 27.52
CA THR E 378 -14.51 39.53 26.33
C THR E 378 -13.03 39.52 26.72
N ASN E 379 -12.66 40.30 27.74
CA ASN E 379 -11.29 40.29 28.23
C ASN E 379 -10.87 38.89 28.67
N LYS E 380 -11.76 38.21 29.40
CA LYS E 380 -11.49 36.86 29.89
C LYS E 380 -11.15 35.92 28.73
N VAL E 381 -12.00 35.88 27.70
CA VAL E 381 -11.76 34.94 26.62
C VAL E 381 -10.55 35.36 25.78
N ASN E 382 -10.45 36.65 25.43
CA ASN E 382 -9.32 37.08 24.62
C ASN E 382 -7.98 36.84 25.31
N SER E 383 -7.95 36.94 26.64
CA SER E 383 -6.71 36.71 27.38
C SER E 383 -6.27 35.25 27.29
N ILE E 384 -7.21 34.32 27.42
CA ILE E 384 -6.89 32.90 27.32
C ILE E 384 -6.32 32.59 25.93
N ILE E 385 -6.90 33.20 24.90
CA ILE E 385 -6.40 33.04 23.54
C ILE E 385 -5.05 33.72 23.37
N ASP E 386 -4.95 34.99 23.77
CA ASP E 386 -3.76 35.78 23.45
C ASP E 386 -2.55 35.33 24.24
N LYS E 387 -2.74 34.84 25.47
CA LYS E 387 -1.61 34.41 26.28
C LYS E 387 -0.88 33.20 25.69
N MET E 388 -1.48 32.50 24.74
CA MET E 388 -0.79 31.38 24.11
C MET E 388 0.37 31.91 23.26
N ASN E 389 1.54 31.35 23.52
CA ASN E 389 2.74 31.69 22.77
C ASN E 389 3.10 30.51 21.89
N THR E 390 3.21 30.76 20.58
CA THR E 390 3.42 29.74 19.58
C THR E 390 4.89 29.67 19.22
N GLN E 391 5.44 28.47 19.24
CA GLN E 391 6.81 28.22 18.85
C GLN E 391 6.78 27.40 17.56
N PHE E 392 7.41 27.91 16.49
CA PHE E 392 7.48 27.11 15.28
C PHE E 392 8.06 25.76 15.68
N GLU E 393 7.36 24.70 15.32
CA GLU E 393 7.82 23.37 15.69
C GLU E 393 7.37 22.41 14.59
N ALA E 394 8.15 21.37 14.41
CA ALA E 394 7.93 20.38 13.36
C ALA E 394 7.85 19.01 14.03
N VAL E 395 6.64 18.48 14.11
CA VAL E 395 6.41 17.18 14.72
C VAL E 395 6.38 16.14 13.61
N GLY E 396 7.30 15.19 13.70
CA GLY E 396 7.41 14.15 12.69
C GLY E 396 8.25 13.00 13.20
N ARG E 397 8.15 11.88 12.49
CA ARG E 397 8.88 10.66 12.85
C ARG E 397 10.08 10.55 11.91
N GLU E 398 11.28 10.47 12.48
CA GLU E 398 12.48 10.43 11.66
C GLU E 398 13.40 9.28 12.03
N PHE E 399 12.88 8.23 12.68
CA PHE E 399 13.70 7.18 13.27
C PHE E 399 13.46 5.85 12.57
N ASN E 400 14.51 5.04 12.44
CA ASN E 400 14.44 3.79 11.71
C ASN E 400 14.02 2.64 12.64
N ASN E 401 14.04 1.41 12.10
CA ASN E 401 13.58 0.25 12.87
C ASN E 401 14.52 -0.12 14.00
N LEU E 402 15.80 0.25 13.88
CA LEU E 402 16.77 0.03 14.95
C LEU E 402 16.90 1.25 15.85
N GLU E 403 16.02 2.23 15.68
CA GLU E 403 15.94 3.41 16.52
C GLU E 403 14.55 3.49 17.17
N ARG E 404 13.96 2.32 17.44
CA ARG E 404 12.61 2.23 17.95
C ARG E 404 12.50 2.79 19.36
N ARG E 405 13.58 2.66 20.14
CA ARG E 405 13.56 3.16 21.51
C ARG E 405 13.42 4.67 21.54
N ILE E 406 14.18 5.37 20.70
CA ILE E 406 14.11 6.82 20.63
C ILE E 406 12.73 7.27 20.14
N GLU E 407 12.10 6.47 19.28
CA GLU E 407 10.78 6.80 18.78
C GLU E 407 9.75 6.82 19.90
N ASN E 408 9.80 5.83 20.80
CA ASN E 408 8.88 5.81 21.93
C ASN E 408 9.09 7.03 22.81
N LEU E 409 10.34 7.45 22.97
CA LEU E 409 10.63 8.65 23.75
C LEU E 409 9.96 9.87 23.14
N ASN E 410 9.99 10.00 21.80
CA ASN E 410 9.23 11.06 21.16
C ASN E 410 7.73 10.86 21.40
N LYS E 411 7.27 9.61 21.40
CA LYS E 411 5.88 9.30 21.74
C LYS E 411 5.51 9.78 23.14
N LYS E 412 6.27 9.34 24.16
CA LYS E 412 5.97 9.71 25.54
C LYS E 412 5.87 11.21 25.70
N MET E 413 6.84 11.94 25.14
CA MET E 413 6.83 13.40 25.15
C MET E 413 5.53 13.95 24.57
N GLU E 414 5.23 13.61 23.31
CA GLU E 414 4.04 14.14 22.65
C GLU E 414 2.76 13.67 23.34
N ASP E 415 2.72 12.42 23.80
CA ASP E 415 1.56 11.97 24.55
C ASP E 415 1.47 12.65 25.92
N GLY E 416 2.60 12.77 26.62
CA GLY E 416 2.59 13.42 27.92
C GLY E 416 2.14 14.87 27.87
N PHE E 417 2.68 15.64 26.92
CA PHE E 417 2.25 17.03 26.75
C PHE E 417 0.78 17.11 26.38
N LEU E 418 0.31 16.17 25.55
CA LEU E 418 -1.09 16.15 25.15
C LEU E 418 -2.00 16.10 26.36
N ASP E 419 -1.74 15.17 27.28
CA ASP E 419 -2.57 15.02 28.48
C ASP E 419 -2.53 16.29 29.33
N VAL E 420 -1.34 16.89 29.48
CA VAL E 420 -1.23 18.12 30.27
C VAL E 420 -2.16 19.19 29.73
N TRP E 421 -2.00 19.55 28.45
CA TRP E 421 -2.82 20.60 27.85
C TRP E 421 -4.31 20.25 27.87
N THR E 422 -4.64 18.99 27.54
CA THR E 422 -6.03 18.57 27.56
C THR E 422 -6.64 18.75 28.93
N TYR E 423 -6.02 18.18 29.97
CA TYR E 423 -6.55 18.30 31.33
C TYR E 423 -6.61 19.76 31.76
N ASN E 424 -5.53 20.52 31.54
CA ASN E 424 -5.52 21.92 31.97
C ASN E 424 -6.57 22.74 31.23
N ALA E 425 -6.70 22.55 29.91
CA ALA E 425 -7.72 23.27 29.14
C ALA E 425 -9.13 22.94 29.60
N GLU E 426 -9.44 21.65 29.75
CA GLU E 426 -10.78 21.23 30.16
C GLU E 426 -11.11 21.85 31.52
N LEU E 427 -10.19 21.72 32.47
CA LEU E 427 -10.41 22.21 33.82
C LEU E 427 -10.48 23.72 33.86
N LEU E 428 -9.60 24.41 33.12
CA LEU E 428 -9.68 25.87 33.04
C LEU E 428 -11.05 26.33 32.58
N VAL E 429 -11.57 25.70 31.52
CA VAL E 429 -12.89 26.07 31.00
C VAL E 429 -13.96 25.84 32.05
N LEU E 430 -13.94 24.67 32.69
CA LEU E 430 -14.90 24.36 33.75
C LEU E 430 -14.82 25.39 34.86
N MET E 431 -13.62 25.63 35.39
CA MET E 431 -13.44 26.56 36.50
C MET E 431 -13.89 27.96 36.14
N GLU E 432 -13.29 28.53 35.09
CA GLU E 432 -13.60 29.90 34.73
C GLU E 432 -15.04 30.07 34.29
N ASN E 433 -15.71 28.98 33.87
CA ASN E 433 -17.13 29.09 33.57
C ASN E 433 -17.97 29.28 34.83
N GLU E 434 -17.66 28.54 35.90
CA GLU E 434 -18.35 28.80 37.18
C GLU E 434 -18.28 30.27 37.54
N ARG E 435 -17.09 30.85 37.52
CA ARG E 435 -16.91 32.21 37.99
C ARG E 435 -17.48 33.22 36.99
N THR E 436 -17.50 32.89 35.70
CA THR E 436 -18.21 33.75 34.76
C THR E 436 -19.69 33.85 35.11
N LEU E 437 -20.33 32.72 35.37
CA LEU E 437 -21.75 32.73 35.71
C LEU E 437 -21.99 33.45 37.04
N ASP E 438 -21.13 33.21 38.03
CA ASP E 438 -21.27 33.91 39.31
C ASP E 438 -21.05 35.41 39.15
N PHE E 439 -20.15 35.82 38.25
CA PHE E 439 -19.91 37.25 38.01
C PHE E 439 -21.22 37.94 37.64
N HIS E 440 -21.99 37.35 36.73
CA HIS E 440 -23.30 37.89 36.41
C HIS E 440 -24.20 37.89 37.63
N ASP E 441 -24.32 36.73 38.32
CA ASP E 441 -25.21 36.61 39.47
C ASP E 441 -24.92 37.70 40.51
N SER E 442 -23.63 37.87 40.88
CA SER E 442 -23.26 38.95 41.78
C SER E 442 -23.65 40.31 41.25
N ASN E 443 -23.43 40.55 39.95
CA ASN E 443 -23.75 41.84 39.37
C ASN E 443 -25.25 42.14 39.44
N VAL E 444 -26.10 41.15 39.12
CA VAL E 444 -27.54 41.38 39.21
C VAL E 444 -27.94 41.81 40.61
N LYS E 445 -27.50 41.05 41.61
CA LYS E 445 -27.88 41.33 42.99
C LYS E 445 -27.43 42.72 43.42
N ASN E 446 -26.24 43.14 43.01
CA ASN E 446 -25.75 44.46 43.39
C ASN E 446 -26.66 45.57 42.86
N LEU E 447 -27.21 45.39 41.66
CA LEU E 447 -28.18 46.35 41.14
C LEU E 447 -29.43 46.39 42.01
N TYR E 448 -29.95 45.21 42.39
CA TYR E 448 -31.11 45.13 43.28
C TYR E 448 -30.82 45.87 44.58
N ASP E 449 -29.66 45.59 45.17
CA ASP E 449 -29.28 46.20 46.44
C ASP E 449 -29.17 47.72 46.32
N LYS E 450 -28.57 48.19 45.22
CA LYS E 450 -28.48 49.64 45.00
C LYS E 450 -29.86 50.27 44.99
N VAL E 451 -30.81 49.64 44.29
CA VAL E 451 -32.18 50.15 44.24
C VAL E 451 -32.84 50.08 45.62
N ARG E 452 -32.67 48.96 46.32
CA ARG E 452 -33.24 48.84 47.67
C ARG E 452 -32.75 49.99 48.54
N LEU E 453 -31.45 50.28 48.47
CA LEU E 453 -30.88 51.39 49.20
C LEU E 453 -31.33 52.74 48.64
N GLN E 454 -31.70 52.79 47.36
CA GLN E 454 -32.21 54.05 46.81
C GLN E 454 -33.58 54.39 47.38
N LEU E 455 -34.40 53.38 47.68
CA LEU E 455 -35.76 53.56 48.18
C LEU E 455 -35.85 52.94 49.58
N ARG E 456 -35.46 53.70 50.60
CA ARG E 456 -35.28 53.14 51.93
C ARG E 456 -36.59 52.68 52.54
N ASP E 457 -37.61 53.54 52.52
CA ASP E 457 -38.94 53.15 52.95
C ASP E 457 -39.99 53.40 51.88
N ASN E 458 -39.63 54.00 50.76
CA ASN E 458 -40.57 54.36 49.71
C ASN E 458 -41.23 53.15 49.07
N ALA E 459 -40.71 51.94 49.29
CA ALA E 459 -41.26 50.75 48.65
C ALA E 459 -41.05 49.51 49.51
N LYS E 460 -41.74 48.44 49.12
CA LYS E 460 -41.77 47.16 49.82
C LYS E 460 -41.12 46.08 48.98
N GLU E 461 -40.18 45.34 49.57
CA GLU E 461 -39.66 44.14 48.94
C GLU E 461 -40.77 43.10 48.79
N LEU E 462 -40.92 42.56 47.59
CA LEU E 462 -42.00 41.64 47.30
C LEU E 462 -41.60 40.17 47.49
N GLY E 463 -40.36 39.89 47.89
CA GLY E 463 -39.85 38.55 47.88
C GLY E 463 -39.25 38.11 46.57
N ASN E 464 -39.19 38.99 45.58
CA ASN E 464 -38.57 38.70 44.30
C ASN E 464 -37.91 39.98 43.78
N GLY E 465 -37.34 39.91 42.58
CA GLY E 465 -36.70 41.09 42.01
C GLY E 465 -37.63 42.28 41.94
N CYS E 466 -38.91 42.01 41.72
CA CYS E 466 -39.93 43.06 41.70
C CYS E 466 -40.15 43.64 43.10
N PHE E 467 -40.55 44.92 43.13
CA PHE E 467 -40.76 45.69 44.35
C PHE E 467 -42.19 46.24 44.35
N GLU E 468 -42.76 46.45 45.53
CA GLU E 468 -44.07 47.10 45.65
C GLU E 468 -43.87 48.58 45.98
N PHE E 469 -44.21 49.45 45.03
CA PHE E 469 -44.06 50.90 45.18
C PHE E 469 -45.25 51.47 45.95
N TYR E 470 -45.01 52.00 47.15
CA TYR E 470 -46.10 52.64 47.89
C TYR E 470 -46.54 53.95 47.23
N HIS E 471 -45.61 54.65 46.59
CA HIS E 471 -45.85 55.95 46.00
C HIS E 471 -46.34 55.80 44.55
N LYS E 472 -46.86 56.90 44.01
CA LYS E 472 -47.21 56.97 42.60
C LYS E 472 -45.99 57.43 41.81
N CYS E 473 -45.51 56.58 40.90
CA CYS E 473 -44.28 56.87 40.16
C CYS E 473 -44.62 57.03 38.68
N ASP E 474 -44.27 58.20 38.14
CA ASP E 474 -44.46 58.51 36.73
C ASP E 474 -43.36 57.88 35.88
N ASN E 475 -43.51 58.01 34.56
CA ASN E 475 -42.46 57.52 33.65
C ASN E 475 -41.17 58.31 33.85
N GLU E 476 -41.27 59.62 34.09
CA GLU E 476 -40.09 60.40 34.44
C GLU E 476 -39.53 59.97 35.79
N CYS E 477 -40.42 59.69 36.76
CA CYS E 477 -39.99 59.22 38.08
C CYS E 477 -39.19 57.93 37.96
N MET E 478 -39.64 57.01 37.11
CA MET E 478 -38.92 55.77 36.89
C MET E 478 -37.52 56.05 36.35
N GLU E 479 -37.41 56.93 35.35
CA GLU E 479 -36.12 57.20 34.73
C GLU E 479 -35.17 57.88 35.70
N SER E 480 -35.68 58.74 36.56
CA SER E 480 -34.83 59.38 37.57
C SER E 480 -34.25 58.34 38.54
N VAL E 481 -35.00 57.27 38.81
CA VAL E 481 -34.47 56.19 39.61
C VAL E 481 -33.35 55.47 38.86
N ARG E 482 -33.53 55.29 37.56
CA ARG E 482 -32.48 54.71 36.74
C ARG E 482 -31.26 55.63 36.72
N ASN E 483 -31.51 56.94 36.62
CA ASN E 483 -30.44 57.92 36.81
C ASN E 483 -29.90 57.87 38.23
N GLY E 484 -30.61 57.24 39.15
CA GLY E 484 -30.25 57.26 40.55
C GLY E 484 -30.66 58.51 41.28
N THR E 485 -31.15 59.51 40.56
CA THR E 485 -31.55 60.81 41.13
C THR E 485 -32.96 60.67 41.70
N TYR E 486 -33.05 60.49 43.01
CA TYR E 486 -34.38 60.23 43.58
C TYR E 486 -34.51 60.88 44.96
N ASP E 487 -35.68 61.46 45.24
CA ASP E 487 -35.92 62.04 46.58
C ASP E 487 -36.90 61.13 47.32
N TYR E 488 -36.46 60.49 48.40
CA TYR E 488 -37.41 59.68 49.21
C TYR E 488 -38.49 60.60 49.78
N PRO E 489 -38.22 61.79 50.36
CA PRO E 489 -39.30 62.66 50.82
C PRO E 489 -40.28 63.14 49.75
N GLN E 490 -39.77 63.61 48.61
CA GLN E 490 -40.68 64.15 47.56
C GLN E 490 -41.75 63.10 47.30
N TYR E 491 -41.39 61.83 47.51
CA TYR E 491 -42.35 60.73 47.23
C TYR E 491 -42.57 59.86 48.47
N SER E 492 -42.48 60.41 49.68
CA SER E 492 -42.84 59.60 50.87
C SER E 492 -44.36 59.65 51.01
N GLU E 493 -45.01 60.39 50.11
CA GLU E 493 -46.48 60.55 50.12
C GLU E 493 -47.18 59.21 49.92
N GLU E 494 -48.29 58.96 50.62
CA GLU E 494 -49.15 57.75 50.45
C GLU E 494 -48.61 56.56 51.22
N ALA E 495 -47.40 56.67 51.76
CA ALA E 495 -46.81 55.49 52.42
C ALA E 495 -47.51 55.32 53.75
N ARG E 496 -47.89 56.45 54.36
CA ARG E 496 -48.54 56.40 55.68
C ARG E 496 -49.85 55.63 55.55
N LEU E 497 -50.60 55.87 54.47
CA LEU E 497 -51.91 55.20 54.35
C LEU E 497 -51.66 53.70 54.29
N LYS E 498 -50.59 53.31 53.62
CA LYS E 498 -50.33 51.86 53.44
C LYS E 498 -50.16 51.22 54.81
N ARG E 499 -49.46 51.88 55.73
CA ARG E 499 -49.40 51.33 57.10
C ARG E 499 -50.84 51.38 57.60
N GLU E 500 -51.47 50.22 57.84
CA GLU E 500 -52.90 50.24 58.21
C GLU E 500 -53.23 49.06 59.13
N ASP F 1 -39.36 33.69 71.57
CA ASP F 1 -38.88 32.71 70.62
C ASP F 1 -38.16 33.35 69.42
N GLN F 2 -37.09 32.69 68.97
CA GLN F 2 -36.32 33.14 67.82
C GLN F 2 -35.90 31.93 66.99
N ILE F 3 -35.82 32.13 65.67
CA ILE F 3 -35.39 31.09 64.75
C ILE F 3 -34.03 31.46 64.18
N CYS F 4 -33.13 30.48 64.10
CA CYS F 4 -31.77 30.69 63.66
C CYS F 4 -31.49 29.93 62.37
N ILE F 5 -30.54 30.45 61.59
CA ILE F 5 -30.04 29.79 60.39
C ILE F 5 -28.62 29.34 60.69
N GLY F 6 -28.29 28.12 60.30
CA GLY F 6 -26.96 27.59 60.62
C GLY F 6 -26.57 26.45 59.70
N TYR F 7 -25.37 25.94 59.93
CA TYR F 7 -24.82 24.83 59.17
C TYR F 7 -24.43 23.70 60.10
N HIS F 8 -24.14 22.55 59.50
CA HIS F 8 -23.92 21.30 60.22
C HIS F 8 -22.46 21.15 60.65
N ALA F 9 -22.27 20.44 61.76
CA ALA F 9 -20.93 20.10 62.26
C ALA F 9 -20.95 18.66 62.75
N ASN F 10 -19.77 18.05 62.77
CA ASN F 10 -19.69 16.61 63.04
C ASN F 10 -18.37 16.30 63.75
N ASN F 11 -18.07 15.01 63.84
CA ASN F 11 -16.89 14.50 64.55
C ASN F 11 -15.73 14.20 63.60
N SER F 12 -15.74 14.76 62.39
CA SER F 12 -14.75 14.41 61.39
C SER F 12 -13.35 14.78 61.85
N THR F 13 -12.38 13.95 61.46
CA THR F 13 -10.97 14.19 61.73
C THR F 13 -10.26 14.82 60.53
N GLU F 14 -10.96 14.99 59.41
CA GLU F 14 -10.32 15.42 58.18
C GLU F 14 -10.07 16.93 58.19
N GLN F 15 -8.85 17.31 57.80
CA GLN F 15 -8.46 18.70 57.67
C GLN F 15 -7.94 18.93 56.26
N VAL F 16 -8.20 20.12 55.72
CA VAL F 16 -7.78 20.49 54.38
C VAL F 16 -7.04 21.82 54.46
N ASP F 17 -6.48 22.22 53.33
CA ASP F 17 -5.82 23.52 53.21
C ASP F 17 -6.32 24.21 51.95
N THR F 18 -6.40 25.53 52.02
CA THR F 18 -6.77 26.35 50.88
C THR F 18 -5.59 27.24 50.50
N ILE F 19 -5.84 28.19 49.60
CA ILE F 19 -4.80 29.13 49.20
C ILE F 19 -4.50 30.10 50.35
N MET F 20 -5.53 30.53 51.07
CA MET F 20 -5.37 31.56 52.10
C MET F 20 -5.37 31.01 53.52
N GLU F 21 -5.67 29.73 53.71
CA GLU F 21 -5.79 29.17 55.05
C GLU F 21 -5.15 27.79 55.07
N LYS F 22 -4.66 27.40 56.26
CA LYS F 22 -3.96 26.14 56.46
C LYS F 22 -4.64 25.35 57.57
N ASN F 23 -4.72 24.03 57.38
CA ASN F 23 -5.26 23.10 58.36
C ASN F 23 -6.68 23.50 58.78
N VAL F 24 -7.58 23.54 57.80
CA VAL F 24 -8.96 23.92 58.01
C VAL F 24 -9.79 22.65 58.16
N THR F 25 -10.39 22.49 59.33
CA THR F 25 -11.17 21.29 59.62
C THR F 25 -12.51 21.33 58.88
N VAL F 26 -12.85 20.22 58.21
CA VAL F 26 -14.06 20.14 57.40
C VAL F 26 -14.86 18.90 57.79
N THR F 27 -16.15 18.93 57.47
CA THR F 27 -17.04 17.83 57.82
C THR F 27 -16.80 16.61 56.93
N HIS F 28 -16.65 16.81 55.63
CA HIS F 28 -16.43 15.71 54.70
C HIS F 28 -15.33 16.09 53.73
N ALA F 29 -14.67 15.07 53.19
CA ALA F 29 -13.54 15.30 52.29
C ALA F 29 -13.34 14.08 51.41
N GLN F 30 -12.57 14.28 50.35
CA GLN F 30 -12.19 13.20 49.45
C GLN F 30 -10.75 13.42 49.02
N ASP F 31 -9.94 12.38 49.17
CA ASP F 31 -8.54 12.41 48.74
C ASP F 31 -8.45 11.84 47.33
N ILE F 32 -7.88 12.61 46.40
CA ILE F 32 -7.78 12.16 45.02
C ILE F 32 -6.53 11.35 44.73
N LEU F 33 -5.55 11.36 45.63
CA LEU F 33 -4.31 10.62 45.44
C LEU F 33 -4.49 9.20 45.97
N GLU F 34 -4.18 8.21 45.14
CA GLU F 34 -4.21 6.82 45.58
C GLU F 34 -2.83 6.40 46.04
N LYS F 35 -2.76 5.84 47.25
CA LYS F 35 -1.52 5.47 47.89
C LYS F 35 -1.37 3.96 48.05
N THR F 36 -2.33 3.18 47.57
CA THR F 36 -2.36 1.74 47.80
C THR F 36 -1.96 0.96 46.55
N HIS F 37 -1.26 -0.15 46.78
CA HIS F 37 -0.92 -1.10 45.74
C HIS F 37 -1.09 -2.50 46.30
N ASN F 38 -1.42 -3.45 45.41
CA ASN F 38 -1.74 -4.80 45.85
C ASN F 38 -0.51 -5.64 46.20
N GLY F 39 0.68 -5.17 45.86
CA GLY F 39 1.90 -5.88 46.21
C GLY F 39 2.17 -7.14 45.42
N LYS F 40 1.60 -7.27 44.22
CA LYS F 40 1.78 -8.47 43.40
C LYS F 40 1.97 -8.06 41.96
N LEU F 41 2.72 -8.88 41.22
CA LEU F 41 2.90 -8.69 39.79
C LEU F 41 1.75 -9.38 39.06
N CYS F 42 0.96 -8.62 38.31
CA CYS F 42 -0.28 -9.12 37.76
C CYS F 42 -0.23 -9.20 36.24
N ASP F 43 -1.23 -9.87 35.69
CA ASP F 43 -1.50 -9.76 34.26
C ASP F 43 -1.96 -8.34 33.94
N LEU F 44 -1.78 -7.94 32.69
CA LEU F 44 -2.17 -6.58 32.27
C LEU F 44 -3.61 -6.59 31.77
N ASN F 45 -3.86 -7.19 30.61
CA ASN F 45 -5.22 -7.27 30.11
C ASN F 45 -5.59 -8.72 29.86
N GLY F 46 -5.50 -9.54 30.91
CA GLY F 46 -5.56 -10.98 30.78
C GLY F 46 -4.31 -11.61 30.22
N VAL F 47 -3.26 -10.82 30.01
CA VAL F 47 -2.03 -11.28 29.36
C VAL F 47 -0.98 -11.55 30.42
N LYS F 48 -0.38 -12.74 30.37
CA LYS F 48 0.57 -13.14 31.40
C LYS F 48 1.95 -12.56 31.09
N PRO F 49 2.63 -11.97 32.06
CA PRO F 49 3.99 -11.49 31.83
C PRO F 49 4.96 -12.64 31.75
N LEU F 50 6.12 -12.37 31.14
CA LEU F 50 7.20 -13.35 30.99
C LEU F 50 8.23 -13.04 32.07
N ILE F 51 8.26 -13.88 33.12
CA ILE F 51 9.14 -13.68 34.26
C ILE F 51 10.38 -14.53 34.03
N LEU F 52 11.47 -13.88 33.64
CA LEU F 52 12.76 -14.55 33.42
C LEU F 52 13.56 -14.51 34.72
N LYS F 53 13.11 -15.31 35.68
CA LYS F 53 13.68 -15.29 37.02
C LYS F 53 15.16 -15.59 36.99
N ASP F 54 15.97 -14.62 37.43
CA ASP F 54 17.43 -14.76 37.52
C ASP F 54 18.06 -15.07 36.16
N CYS F 55 17.38 -14.71 35.08
CA CYS F 55 17.89 -14.88 33.73
C CYS F 55 17.73 -13.60 32.95
N SER F 56 18.80 -13.16 32.28
CA SER F 56 18.69 -12.04 31.37
C SER F 56 17.85 -12.44 30.15
N VAL F 57 17.35 -11.43 29.43
CA VAL F 57 16.61 -11.69 28.20
C VAL F 57 17.50 -12.40 27.19
N ALA F 58 18.79 -12.07 27.16
CA ALA F 58 19.72 -12.77 26.28
C ALA F 58 19.84 -14.24 26.67
N GLY F 59 19.82 -14.54 27.97
CA GLY F 59 20.01 -15.92 28.41
C GLY F 59 18.89 -16.85 28.00
N TRP F 60 17.64 -16.42 28.20
CA TRP F 60 16.50 -17.25 27.83
C TRP F 60 16.45 -17.46 26.32
N LEU F 61 16.75 -16.40 25.56
CA LEU F 61 16.67 -16.46 24.11
C LEU F 61 17.81 -17.29 23.51
N LEU F 62 19.03 -17.14 24.04
CA LEU F 62 20.21 -17.79 23.47
C LEU F 62 20.48 -19.16 24.08
N GLY F 63 19.64 -19.61 25.01
CA GLY F 63 19.79 -20.93 25.59
C GLY F 63 21.00 -21.07 26.50
N ASN F 64 21.06 -20.27 27.55
CA ASN F 64 22.00 -20.53 28.62
C ASN F 64 21.67 -21.87 29.28
N PRO F 65 22.67 -22.68 29.60
CA PRO F 65 22.38 -23.94 30.31
C PRO F 65 21.58 -23.75 31.59
N MET F 66 21.82 -22.66 32.33
CA MET F 66 21.11 -22.44 33.59
C MET F 66 19.62 -22.22 33.35
N CYS F 67 19.27 -21.51 32.28
CA CYS F 67 17.88 -21.15 31.97
C CYS F 67 17.34 -22.13 30.94
N ASP F 68 16.46 -23.05 31.39
CA ASP F 68 15.96 -24.13 30.54
C ASP F 68 14.48 -24.40 30.81
N GLU F 69 13.63 -23.45 30.44
CA GLU F 69 12.19 -23.69 30.44
C GLU F 69 11.63 -23.76 29.02
N PHE F 70 12.51 -23.77 28.02
CA PHE F 70 12.20 -24.10 26.62
C PHE F 70 11.15 -23.14 26.07
N ILE F 71 10.00 -23.63 25.60
CA ILE F 71 9.05 -22.77 24.89
C ILE F 71 8.35 -21.81 25.85
N ARG F 72 8.02 -22.27 27.05
CA ARG F 72 7.27 -21.49 28.06
C ARG F 72 5.92 -21.14 27.46
N VAL F 73 5.47 -19.90 27.55
CA VAL F 73 4.20 -19.45 26.98
C VAL F 73 4.52 -18.74 25.66
N PRO F 74 3.53 -18.59 24.76
CA PRO F 74 3.76 -17.80 23.54
C PRO F 74 3.32 -16.35 23.60
N GLU F 75 2.84 -15.86 24.75
CA GLU F 75 2.21 -14.54 24.84
C GLU F 75 2.67 -13.83 26.10
N TRP F 76 3.13 -12.58 25.95
CA TRP F 76 3.56 -11.77 27.08
C TRP F 76 3.00 -10.36 26.96
N SER F 77 2.56 -9.81 28.10
CA SER F 77 2.24 -8.39 28.17
C SER F 77 3.46 -7.55 28.53
N TYR F 78 4.30 -8.05 29.44
CA TYR F 78 5.56 -7.40 29.74
C TYR F 78 6.55 -8.45 30.23
N ILE F 79 7.82 -8.06 30.28
CA ILE F 79 8.91 -8.95 30.71
C ILE F 79 9.40 -8.47 32.06
N VAL F 80 9.42 -9.37 33.03
CA VAL F 80 9.97 -9.09 34.36
C VAL F 80 11.36 -9.71 34.43
N GLU F 81 12.35 -8.89 34.74
CA GLU F 81 13.75 -9.28 34.77
C GLU F 81 14.34 -8.86 36.10
N ARG F 82 15.30 -9.63 36.60
CA ARG F 82 15.91 -9.27 37.88
C ARG F 82 16.69 -7.97 37.75
N ALA F 83 16.85 -7.27 38.88
CA ALA F 83 17.60 -6.02 38.89
C ALA F 83 19.01 -6.23 38.33
N ASN F 84 19.69 -7.27 38.81
CA ASN F 84 20.98 -7.68 38.25
C ASN F 84 20.86 -9.16 37.93
N PRO F 85 20.50 -9.51 36.69
CA PRO F 85 20.28 -10.93 36.35
C PRO F 85 21.57 -11.73 36.46
N ALA F 86 21.49 -12.85 37.18
CA ALA F 86 22.70 -13.61 37.51
C ALA F 86 23.26 -14.35 36.30
N ASN F 87 22.38 -14.93 35.48
CA ASN F 87 22.79 -15.79 34.38
C ASN F 87 22.58 -15.06 33.05
N ASP F 88 23.67 -14.86 32.31
CA ASP F 88 23.71 -14.14 31.05
C ASP F 88 25.03 -14.45 30.39
N LEU F 89 24.99 -14.71 29.09
CA LEU F 89 26.17 -14.83 28.24
C LEU F 89 27.28 -15.60 28.96
N CYS F 90 27.01 -16.88 29.22
CA CYS F 90 27.92 -17.69 30.03
C CYS F 90 29.33 -17.59 29.49
N TYR F 91 29.50 -17.85 28.22
CA TYR F 91 30.76 -17.57 27.59
C TYR F 91 30.78 -16.09 27.23
N PRO F 92 31.80 -15.34 27.65
CA PRO F 92 31.72 -13.88 27.58
C PRO F 92 31.60 -13.35 26.16
N GLY F 93 30.85 -12.26 26.01
CA GLY F 93 30.66 -11.65 24.72
C GLY F 93 29.54 -10.61 24.75
N SER F 94 29.04 -10.32 23.55
CA SER F 94 28.09 -9.24 23.32
C SER F 94 26.96 -9.69 22.41
N LEU F 95 25.83 -9.01 22.55
CA LEU F 95 24.69 -9.17 21.66
C LEU F 95 24.43 -7.81 21.03
N ASN F 96 24.65 -7.70 19.72
CA ASN F 96 24.50 -6.40 19.07
C ASN F 96 23.06 -5.93 19.17
N ASP F 97 22.89 -4.62 19.38
CA ASP F 97 21.57 -4.00 19.50
C ASP F 97 20.66 -4.80 20.43
N TYR F 98 21.24 -5.22 21.56
CA TYR F 98 20.53 -6.00 22.58
C TYR F 98 19.34 -5.23 23.14
N GLU F 99 19.53 -3.95 23.45
CA GLU F 99 18.47 -3.17 24.07
C GLU F 99 17.29 -2.99 23.13
N GLU F 100 17.55 -2.84 21.83
CA GLU F 100 16.46 -2.78 20.86
C GLU F 100 15.74 -4.12 20.76
N LEU F 101 16.49 -5.22 20.82
CA LEU F 101 15.88 -6.54 20.81
C LEU F 101 14.96 -6.74 22.00
N LYS F 102 15.36 -6.22 23.18
CA LYS F 102 14.51 -6.32 24.36
C LYS F 102 13.20 -5.58 24.15
N HIS F 103 13.25 -4.41 23.51
CA HIS F 103 12.03 -3.69 23.19
C HIS F 103 11.16 -4.46 22.21
N LEU F 104 11.78 -5.10 21.22
CA LEU F 104 11.04 -5.94 20.28
C LEU F 104 10.31 -7.06 20.99
N LEU F 105 10.95 -7.66 21.99
CA LEU F 105 10.41 -8.81 22.69
C LEU F 105 9.55 -8.44 23.89
N SER F 106 9.39 -7.14 24.15
CA SER F 106 8.66 -6.68 25.33
C SER F 106 7.20 -7.15 25.30
N ARG F 107 6.54 -6.96 24.16
CA ARG F 107 5.17 -7.42 23.97
C ARG F 107 5.12 -8.17 22.64
N ILE F 108 4.91 -9.48 22.69
CA ILE F 108 4.82 -10.32 21.50
C ILE F 108 3.63 -11.23 21.66
N ASN F 109 2.73 -11.23 20.67
CA ASN F 109 1.54 -12.06 20.77
C ASN F 109 1.82 -13.53 20.53
N HIS F 110 2.73 -13.88 19.62
CA HIS F 110 2.99 -15.31 19.41
C HIS F 110 4.49 -15.57 19.22
N PHE F 111 5.02 -16.46 20.05
CA PHE F 111 6.43 -16.82 20.12
C PHE F 111 6.52 -18.34 20.24
N GLU F 112 7.31 -18.96 19.37
CA GLU F 112 7.51 -20.40 19.44
C GLU F 112 8.88 -20.73 18.88
N LYS F 113 9.55 -21.71 19.50
CA LYS F 113 10.85 -22.13 19.03
C LYS F 113 10.69 -23.17 17.94
N ILE F 114 11.45 -23.01 16.86
CA ILE F 114 11.48 -23.93 15.74
C ILE F 114 12.94 -24.27 15.47
N LEU F 115 13.15 -25.43 14.85
CA LEU F 115 14.49 -25.83 14.42
C LEU F 115 14.63 -25.50 12.95
N ILE F 116 15.66 -24.72 12.61
CA ILE F 116 15.88 -24.26 11.25
C ILE F 116 17.05 -24.97 10.60
N ILE F 117 18.19 -25.10 11.29
CA ILE F 117 19.36 -25.72 10.70
C ILE F 117 19.64 -27.01 11.44
N PRO F 118 19.53 -28.16 10.78
CA PRO F 118 19.63 -29.43 11.51
C PRO F 118 21.06 -29.71 11.96
N LYS F 119 21.16 -30.46 13.05
CA LYS F 119 22.46 -30.94 13.51
C LYS F 119 23.13 -31.76 12.42
N SER F 120 22.34 -32.60 11.73
CA SER F 120 22.76 -33.40 10.58
C SER F 120 23.27 -32.56 9.40
N SER F 121 22.97 -31.27 9.36
CA SER F 121 23.34 -30.44 8.22
C SER F 121 24.82 -30.10 8.17
N TRP F 122 25.64 -30.61 9.08
CA TRP F 122 27.04 -30.23 9.19
C TRP F 122 27.96 -31.45 9.04
N PRO F 123 28.03 -32.02 7.85
CA PRO F 123 29.11 -32.97 7.56
C PRO F 123 30.40 -32.21 7.34
N ASN F 124 31.50 -32.95 7.31
CA ASN F 124 32.82 -32.39 7.08
C ASN F 124 33.20 -31.39 8.16
N HIS F 125 32.45 -31.31 9.27
CA HIS F 125 32.73 -30.38 10.34
C HIS F 125 32.33 -30.99 11.68
N GLU F 126 33.24 -30.93 12.64
CA GLU F 126 32.98 -31.46 13.97
C GLU F 126 31.91 -30.62 14.68
N THR F 127 31.01 -31.29 15.39
CA THR F 127 30.01 -30.62 16.21
C THR F 127 30.16 -30.91 17.68
N SER F 128 30.79 -32.04 18.03
CA SER F 128 30.79 -32.54 19.39
C SER F 128 31.69 -31.74 20.31
N LEU F 129 32.82 -31.25 19.80
CA LEU F 129 33.86 -30.69 20.64
C LEU F 129 33.55 -29.29 21.12
N GLY F 130 32.51 -28.64 20.62
CA GLY F 130 32.21 -27.27 20.99
C GLY F 130 31.60 -27.10 22.36
N VAL F 131 32.43 -27.11 23.40
CA VAL F 131 32.00 -26.88 24.77
C VAL F 131 33.05 -26.01 25.44
N SER F 132 32.65 -25.34 26.52
CA SER F 132 33.62 -24.60 27.31
C SER F 132 33.16 -24.57 28.76
N ALA F 133 34.15 -24.59 29.67
CA ALA F 133 33.85 -24.57 31.10
C ALA F 133 32.96 -23.39 31.49
N ALA F 134 33.08 -22.26 30.79
CA ALA F 134 32.31 -21.06 31.14
C ALA F 134 30.81 -21.35 31.22
N CYS F 135 30.35 -22.23 30.34
CA CYS F 135 28.93 -22.63 30.38
C CYS F 135 28.90 -24.06 30.91
N PRO F 136 28.42 -24.29 32.13
CA PRO F 136 28.29 -25.64 32.67
C PRO F 136 26.88 -26.10 33.09
N TYR F 137 26.44 -27.27 32.59
CA TYR F 137 25.14 -27.82 33.02
C TYR F 137 25.45 -29.08 33.81
N GLN F 138 24.92 -29.20 35.03
CA GLN F 138 25.30 -30.34 35.90
C GLN F 138 26.82 -30.32 36.01
N GLY F 139 27.40 -29.14 36.24
CA GLY F 139 28.87 -29.02 36.41
C GLY F 139 29.63 -29.61 35.25
N ALA F 140 28.99 -29.72 34.09
CA ALA F 140 29.64 -30.36 32.94
C ALA F 140 29.93 -29.30 31.88
N PRO F 141 31.17 -29.26 31.32
CA PRO F 141 31.51 -28.27 30.33
C PRO F 141 30.42 -28.39 29.25
N SER F 142 29.83 -27.27 28.86
CA SER F 142 28.72 -27.30 27.88
C SER F 142 28.80 -26.06 27.03
N PHE F 143 27.77 -25.80 26.20
CA PHE F 143 27.75 -24.61 25.32
C PHE F 143 26.31 -24.10 25.18
N PHE F 144 26.13 -22.97 24.50
CA PHE F 144 24.80 -22.36 24.33
C PHE F 144 23.87 -23.32 23.58
N ARG F 145 22.65 -23.51 24.07
CA ARG F 145 21.73 -24.51 23.48
C ARG F 145 21.18 -24.21 22.09
N ASN F 146 20.68 -23.00 21.85
CA ASN F 146 19.95 -22.72 20.58
C ASN F 146 20.90 -22.31 19.46
N VAL F 147 22.20 -22.49 19.65
CA VAL F 147 23.20 -22.22 18.63
C VAL F 147 24.18 -23.39 18.65
N VAL F 148 25.15 -23.40 17.72
CA VAL F 148 26.07 -24.52 17.59
C VAL F 148 27.49 -23.99 17.37
N TRP F 149 28.45 -24.53 18.10
CA TRP F 149 29.86 -24.17 17.96
C TRP F 149 30.53 -25.16 17.01
N LEU F 150 30.91 -24.68 15.82
CA LEU F 150 31.51 -25.53 14.79
C LEU F 150 33.02 -25.59 14.99
N ILE F 151 33.54 -26.82 15.08
CA ILE F 151 34.97 -27.07 15.24
C ILE F 151 35.44 -27.89 14.05
N LYS F 152 36.73 -27.77 13.75
CA LYS F 152 37.30 -28.45 12.60
C LYS F 152 37.27 -29.96 12.78
N LYS F 153 37.10 -30.66 11.66
CA LYS F 153 37.18 -32.11 11.63
C LYS F 153 38.40 -32.54 10.83
N ASN F 154 39.04 -33.63 11.26
CA ASN F 154 40.34 -34.06 10.75
C ASN F 154 41.30 -32.88 10.94
N ASP F 155 41.95 -32.38 9.90
CA ASP F 155 42.78 -31.19 9.98
C ASP F 155 42.37 -30.18 8.91
N ALA F 156 41.08 -30.08 8.65
CA ALA F 156 40.58 -29.22 7.58
C ALA F 156 39.27 -28.58 8.00
N TYR F 157 39.02 -27.39 7.46
CA TYR F 157 37.78 -26.64 7.68
C TYR F 157 37.34 -26.10 6.34
N PRO F 158 36.71 -26.93 5.50
CA PRO F 158 36.23 -26.45 4.20
C PRO F 158 35.18 -25.37 4.38
N THR F 159 35.11 -24.48 3.39
CA THR F 159 34.17 -23.37 3.47
C THR F 159 32.73 -23.86 3.56
N ILE F 160 31.94 -23.17 4.36
CA ILE F 160 30.55 -23.53 4.61
C ILE F 160 29.66 -22.63 3.78
N LYS F 161 28.71 -23.23 3.07
CA LYS F 161 27.65 -22.51 2.37
C LYS F 161 26.33 -23.17 2.72
N ILE F 162 25.37 -22.37 3.19
CA ILE F 162 24.08 -22.89 3.64
C ILE F 162 23.05 -21.78 3.52
N SER F 163 21.79 -22.17 3.33
CA SER F 163 20.71 -21.21 3.18
C SER F 163 19.45 -21.77 3.83
N TYR F 164 18.66 -20.88 4.46
CA TYR F 164 17.38 -21.28 5.03
C TYR F 164 16.28 -20.38 4.47
N ASN F 165 15.22 -20.99 3.95
CA ASN F 165 14.13 -20.26 3.31
C ASN F 165 12.93 -20.33 4.24
N ASN F 166 12.50 -19.17 4.76
CA ASN F 166 11.42 -19.12 5.75
C ASN F 166 10.08 -19.43 5.10
N THR F 167 9.60 -20.64 5.37
CA THR F 167 8.35 -21.13 4.82
C THR F 167 7.22 -21.11 5.85
N ASN F 168 7.41 -20.41 6.97
CA ASN F 168 6.48 -20.51 8.09
C ASN F 168 5.45 -19.40 8.14
N ARG F 169 5.31 -18.59 7.09
CA ARG F 169 4.27 -17.58 6.99
C ARG F 169 4.36 -16.55 8.12
N GLU F 170 5.34 -16.68 9.02
CA GLU F 170 5.61 -15.73 10.08
C GLU F 170 7.07 -15.30 9.93
N ASP F 171 7.41 -14.13 10.46
CA ASP F 171 8.80 -13.70 10.44
C ASP F 171 9.57 -14.31 11.60
N LEU F 172 10.88 -14.50 11.39
CA LEU F 172 11.72 -15.35 12.23
C LEU F 172 12.83 -14.53 12.87
N LEU F 173 13.08 -14.80 14.15
CA LEU F 173 14.22 -14.23 14.88
C LEU F 173 15.36 -15.23 14.80
N ILE F 174 16.35 -14.93 13.94
CA ILE F 174 17.49 -15.81 13.74
C ILE F 174 18.71 -15.16 14.36
N LEU F 175 19.52 -15.97 15.06
CA LEU F 175 20.67 -15.50 15.82
C LEU F 175 21.90 -16.31 15.45
N TRP F 176 23.01 -15.63 15.25
CA TRP F 176 24.29 -16.28 14.95
C TRP F 176 25.38 -15.56 15.72
N GLY F 177 26.58 -16.09 15.65
CA GLY F 177 27.67 -15.55 16.44
C GLY F 177 29.02 -15.84 15.82
N ILE F 178 30.00 -15.01 16.17
CA ILE F 178 31.38 -15.18 15.76
C ILE F 178 32.20 -15.44 17.02
N HIS F 179 33.24 -16.26 16.88
CA HIS F 179 34.14 -16.56 17.99
C HIS F 179 35.47 -15.85 17.77
N HIS F 180 35.96 -15.20 18.83
CA HIS F 180 37.25 -14.54 18.84
C HIS F 180 38.23 -15.42 19.60
N SER F 181 39.28 -15.88 18.92
CA SER F 181 40.28 -16.75 19.52
C SER F 181 41.37 -15.92 20.21
N ASN F 182 42.10 -16.57 21.11
CA ASN F 182 43.06 -15.87 21.96
C ASN F 182 44.47 -15.83 21.38
N ASN F 183 44.85 -16.83 20.58
CA ASN F 183 46.20 -16.92 20.06
C ASN F 183 46.16 -17.46 18.64
N ALA F 184 47.26 -17.23 17.91
CA ALA F 184 47.40 -17.81 16.59
C ALA F 184 47.43 -19.34 16.66
N GLU F 185 48.07 -19.88 17.70
CA GLU F 185 48.09 -21.33 17.88
C GLU F 185 46.70 -21.86 18.20
N GLU F 186 45.94 -21.13 19.03
CA GLU F 186 44.56 -21.51 19.28
C GLU F 186 43.74 -21.53 18.00
N GLN F 187 44.01 -20.61 17.08
CA GLN F 187 43.29 -20.58 15.82
C GLN F 187 43.45 -21.91 15.09
N THR F 188 44.68 -22.23 14.70
CA THR F 188 44.91 -23.41 13.87
C THR F 188 44.44 -24.70 14.56
N ASN F 189 44.55 -24.76 15.89
CA ASN F 189 44.14 -25.98 16.58
C ASN F 189 42.63 -26.15 16.61
N LEU F 190 41.87 -25.04 16.64
CA LEU F 190 40.42 -25.11 16.67
C LEU F 190 39.82 -25.10 15.27
N TYR F 191 40.39 -24.30 14.37
CA TYR F 191 39.92 -24.20 12.98
C TYR F 191 41.17 -24.07 12.12
N LYS F 192 41.47 -25.11 11.32
CA LYS F 192 42.77 -25.17 10.64
C LYS F 192 43.10 -23.91 9.85
N ASN F 193 42.10 -23.14 9.41
CA ASN F 193 42.35 -21.99 8.54
C ASN F 193 42.84 -20.80 9.36
N PRO F 194 43.93 -20.14 8.96
CA PRO F 194 44.46 -19.01 9.74
C PRO F 194 43.64 -17.75 9.58
N THR F 195 43.17 -17.47 8.36
CA THR F 195 42.41 -16.27 8.06
C THR F 195 40.99 -16.65 7.71
N THR F 196 40.04 -16.19 8.53
CA THR F 196 38.66 -16.64 8.48
C THR F 196 37.72 -15.45 8.33
N TYR F 197 36.47 -15.76 7.97
CA TYR F 197 35.43 -14.76 7.81
C TYR F 197 34.07 -15.42 8.02
N ILE F 198 33.04 -14.58 8.16
CA ILE F 198 31.65 -15.02 8.15
C ILE F 198 30.85 -14.02 7.32
N SER F 199 30.08 -14.52 6.36
CA SER F 199 29.22 -13.69 5.51
C SER F 199 27.77 -14.11 5.70
N VAL F 200 26.92 -13.16 6.07
CA VAL F 200 25.49 -13.39 6.28
C VAL F 200 24.71 -12.40 5.44
N GLY F 201 23.73 -12.90 4.68
CA GLY F 201 23.00 -12.03 3.78
C GLY F 201 21.56 -12.44 3.49
N THR F 202 20.62 -11.55 3.79
CA THR F 202 19.22 -11.72 3.46
C THR F 202 18.85 -10.71 2.37
N SER F 203 17.56 -10.39 2.26
CA SER F 203 17.14 -9.35 1.34
C SER F 203 17.48 -7.95 1.84
N THR F 204 17.75 -7.81 3.14
CA THR F 204 18.04 -6.54 3.77
C THR F 204 19.38 -6.54 4.50
N LEU F 205 20.12 -7.65 4.45
CA LEU F 205 21.31 -7.81 5.26
C LEU F 205 22.52 -8.08 4.38
N ASN F 206 23.64 -7.41 4.69
CA ASN F 206 24.90 -7.57 3.97
C ASN F 206 26.00 -7.48 5.03
N GLN F 207 26.39 -8.64 5.57
CA GLN F 207 27.24 -8.70 6.75
C GLN F 207 28.54 -9.41 6.44
N ARG F 208 29.63 -8.89 7.01
CA ARG F 208 30.95 -9.49 6.92
C ARG F 208 31.62 -9.38 8.28
N LEU F 209 31.93 -10.52 8.88
CA LEU F 209 32.52 -10.57 10.22
C LEU F 209 33.90 -11.21 10.13
N VAL F 210 34.90 -10.56 10.72
CA VAL F 210 36.26 -11.09 10.75
C VAL F 210 36.70 -11.19 12.21
N PRO F 211 37.35 -12.27 12.62
CA PRO F 211 37.76 -12.39 14.02
C PRO F 211 38.87 -11.41 14.38
N LYS F 212 38.90 -11.04 15.65
CA LYS F 212 39.92 -10.15 16.21
C LYS F 212 40.76 -10.99 17.16
N ILE F 213 41.93 -11.42 16.70
CA ILE F 213 42.83 -12.25 17.48
C ILE F 213 43.70 -11.34 18.34
N ALA F 214 43.45 -11.34 19.64
CA ALA F 214 44.13 -10.41 20.54
C ALA F 214 44.10 -10.97 21.95
N THR F 215 45.03 -10.49 22.77
CA THR F 215 45.02 -10.83 24.19
C THR F 215 43.92 -10.06 24.91
N ARG F 216 43.19 -10.75 25.76
CA ARG F 216 42.10 -10.15 26.51
C ARG F 216 42.08 -10.72 27.92
N SER F 217 41.32 -10.07 28.80
CA SER F 217 41.30 -10.46 30.23
C SER F 217 40.31 -11.59 30.42
N GLN F 218 40.14 -12.07 31.65
CA GLN F 218 39.33 -13.29 31.87
C GLN F 218 37.99 -12.99 32.49
N VAL F 219 36.91 -13.22 31.75
CA VAL F 219 35.55 -13.01 32.29
C VAL F 219 34.94 -14.39 32.45
N ASN F 220 34.24 -14.61 33.57
CA ASN F 220 33.74 -15.96 33.88
C ASN F 220 34.89 -16.94 33.61
N GLY F 221 34.70 -17.86 32.69
CA GLY F 221 35.75 -18.86 32.48
C GLY F 221 37.01 -18.43 31.76
N GLN F 222 36.89 -17.67 30.67
CA GLN F 222 38.13 -17.50 29.86
C GLN F 222 38.35 -16.13 29.22
N ARG F 223 39.43 -16.05 28.45
CA ARG F 223 39.84 -14.79 27.81
C ARG F 223 39.25 -14.67 26.42
N GLY F 224 38.57 -15.70 25.94
CA GLY F 224 37.91 -15.59 24.66
C GLY F 224 36.60 -14.81 24.72
N ARG F 225 36.19 -14.30 23.57
CA ARG F 225 34.93 -13.57 23.44
C ARG F 225 34.14 -14.12 22.27
N MET F 226 32.82 -14.00 22.35
CA MET F 226 31.95 -14.42 21.25
C MET F 226 30.84 -13.40 21.06
N ASP F 227 30.85 -12.72 19.92
CA ASP F 227 29.85 -11.72 19.59
C ASP F 227 28.70 -12.36 18.84
N PHE F 228 27.48 -12.02 19.25
CA PHE F 228 26.27 -12.50 18.60
C PHE F 228 25.53 -11.34 17.95
N PHE F 229 24.84 -11.66 16.86
CA PHE F 229 24.04 -10.71 16.11
C PHE F 229 22.70 -11.36 15.77
N TRP F 230 21.72 -10.53 15.44
CA TRP F 230 20.38 -11.02 15.23
C TRP F 230 19.76 -10.32 14.02
N THR F 231 18.71 -10.95 13.49
CA THR F 231 17.96 -10.39 12.38
C THR F 231 16.55 -10.94 12.42
N ILE F 232 15.68 -10.36 11.59
CA ILE F 232 14.31 -10.79 11.44
C ILE F 232 14.10 -11.19 9.99
N LEU F 233 14.01 -12.49 9.74
CA LEU F 233 13.84 -13.02 8.40
C LEU F 233 12.36 -13.00 8.05
N LYS F 234 11.99 -12.22 7.03
CA LYS F 234 10.60 -12.08 6.65
C LYS F 234 10.18 -13.28 5.80
N PRO F 235 8.87 -13.54 5.71
CA PRO F 235 8.40 -14.70 4.94
C PRO F 235 8.89 -14.68 3.50
N ASP F 236 9.28 -15.87 3.01
CA ASP F 236 9.75 -16.07 1.64
C ASP F 236 11.02 -15.27 1.38
N ASP F 237 11.93 -15.26 2.35
CA ASP F 237 13.26 -14.68 2.23
C ASP F 237 14.26 -15.70 2.80
N ALA F 238 15.53 -15.55 2.44
CA ALA F 238 16.56 -16.52 2.79
C ALA F 238 17.69 -15.89 3.59
N ILE F 239 18.45 -16.73 4.30
CA ILE F 239 19.43 -16.23 5.26
C ILE F 239 20.87 -16.27 4.75
N HIS F 240 21.19 -17.19 3.83
CA HIS F 240 22.49 -17.24 3.12
C HIS F 240 23.71 -16.99 4.02
N PHE F 241 23.95 -17.92 4.94
CA PHE F 241 25.19 -17.95 5.71
C PHE F 241 26.35 -18.50 4.89
N GLU F 242 27.56 -18.01 5.17
CA GLU F 242 28.81 -18.55 4.60
C GLU F 242 29.97 -18.32 5.57
N SER F 243 30.84 -19.31 5.73
CA SER F 243 31.94 -19.19 6.70
C SER F 243 33.06 -20.20 6.46
N ASN F 244 34.30 -19.76 6.72
CA ASN F 244 35.48 -20.63 6.67
C ASN F 244 36.16 -20.74 8.03
N GLY F 245 35.42 -20.61 9.12
CA GLY F 245 35.99 -20.73 10.45
C GLY F 245 35.40 -19.72 11.41
N ASN F 246 35.54 -20.02 12.71
CA ASN F 246 35.11 -19.14 13.80
C ASN F 246 33.62 -18.82 13.74
N PHE F 247 32.82 -19.81 13.36
CA PHE F 247 31.39 -19.63 13.12
C PHE F 247 30.58 -20.29 14.23
N ILE F 248 29.66 -19.54 14.81
CA ILE F 248 28.67 -20.04 15.76
C ILE F 248 27.32 -20.00 15.06
N ALA F 249 26.87 -21.18 14.58
CA ALA F 249 25.79 -21.37 13.62
C ALA F 249 24.46 -21.62 14.32
N PRO F 250 23.38 -21.00 13.85
CA PRO F 250 22.07 -21.23 14.49
C PRO F 250 21.61 -22.67 14.28
N GLU F 251 21.09 -23.28 15.33
CA GLU F 251 20.42 -24.56 15.21
C GLU F 251 18.92 -24.44 15.36
N TYR F 252 18.47 -23.81 16.44
CA TYR F 252 17.07 -23.49 16.65
C TYR F 252 16.83 -22.02 16.31
N ALA F 253 15.57 -21.64 16.30
CA ALA F 253 15.18 -20.26 15.98
C ALA F 253 13.81 -20.01 16.56
N TYR F 254 13.35 -18.76 16.50
CA TYR F 254 12.11 -18.36 17.14
C TYR F 254 11.18 -17.70 16.13
N LYS F 255 9.89 -18.02 16.26
CA LYS F 255 8.83 -17.44 15.44
C LYS F 255 8.21 -16.24 16.17
N ILE F 256 8.16 -15.10 15.49
CA ILE F 256 7.81 -13.82 16.12
C ILE F 256 6.54 -13.26 15.47
N VAL F 257 5.57 -12.90 16.30
CA VAL F 257 4.42 -12.10 15.88
C VAL F 257 4.32 -10.94 16.87
N LYS F 258 4.63 -9.72 16.40
CA LYS F 258 4.67 -8.56 17.27
C LYS F 258 3.55 -7.61 16.88
N LYS F 259 2.68 -7.31 17.84
CA LYS F 259 1.53 -6.45 17.63
C LYS F 259 1.50 -5.26 18.58
N GLY F 260 2.45 -5.17 19.50
CA GLY F 260 2.51 -4.09 20.48
C GLY F 260 3.90 -3.97 21.06
N ASP F 261 4.08 -2.90 21.84
CA ASP F 261 5.33 -2.59 22.52
C ASP F 261 5.06 -2.32 24.00
N SER F 262 5.99 -2.78 24.84
CA SER F 262 5.96 -2.51 26.27
C SER F 262 7.40 -2.31 26.73
N THR F 263 7.65 -2.45 28.03
CA THR F 263 9.01 -2.36 28.55
C THR F 263 9.29 -3.49 29.53
N ILE F 264 10.58 -3.69 29.78
CA ILE F 264 11.05 -4.68 30.73
C ILE F 264 10.93 -4.08 32.13
N MET F 265 10.28 -4.81 33.04
CA MET F 265 10.08 -4.33 34.40
C MET F 265 11.11 -4.98 35.31
N LYS F 266 11.97 -4.15 35.92
CA LYS F 266 12.92 -4.67 36.90
C LYS F 266 12.21 -4.74 38.25
N SER F 267 12.00 -5.97 38.74
CA SER F 267 11.28 -6.17 39.99
C SER F 267 11.66 -7.54 40.54
N GLY F 268 11.34 -7.74 41.82
CA GLY F 268 11.50 -9.03 42.46
C GLY F 268 10.20 -9.53 43.06
N VAL F 269 9.13 -8.77 42.88
CA VAL F 269 7.83 -9.17 43.38
C VAL F 269 7.35 -10.43 42.67
N GLU F 270 6.40 -11.11 43.28
CA GLU F 270 5.94 -12.42 42.81
C GLU F 270 4.63 -12.31 42.05
N TYR F 271 4.39 -13.31 41.20
CA TYR F 271 3.17 -13.39 40.42
C TYR F 271 1.97 -13.64 41.33
N GLY F 272 0.96 -12.78 41.23
CA GLY F 272 -0.20 -12.85 42.08
C GLY F 272 -1.45 -13.44 41.46
N HIS F 273 -1.39 -13.92 40.22
CA HIS F 273 -2.55 -14.45 39.51
C HIS F 273 -3.69 -13.43 39.51
N CYS F 274 -3.40 -12.24 38.99
CA CYS F 274 -4.35 -11.14 39.02
C CYS F 274 -4.38 -10.45 37.65
N ASN F 275 -5.25 -9.45 37.54
CA ASN F 275 -5.37 -8.61 36.37
C ASN F 275 -5.42 -7.15 36.84
N THR F 276 -4.82 -6.25 36.07
CA THR F 276 -4.77 -4.86 36.48
C THR F 276 -4.65 -3.97 35.25
N LYS F 277 -5.27 -2.79 35.33
CA LYS F 277 -5.08 -1.78 34.31
C LYS F 277 -3.71 -1.10 34.43
N CYS F 278 -3.11 -1.12 35.63
CA CYS F 278 -1.86 -0.43 35.88
C CYS F 278 -0.98 -1.27 36.78
N GLN F 279 0.29 -1.39 36.42
CA GLN F 279 1.24 -2.23 37.14
C GLN F 279 2.53 -1.45 37.39
N THR F 280 2.89 -1.32 38.66
CA THR F 280 4.15 -0.76 39.11
C THR F 280 5.10 -1.88 39.52
N PRO F 281 6.41 -1.62 39.61
CA PRO F 281 7.34 -2.70 40.01
C PRO F 281 7.10 -3.22 41.41
N VAL F 282 6.52 -2.42 42.31
CA VAL F 282 6.20 -2.90 43.65
C VAL F 282 4.84 -3.56 43.72
N GLY F 283 3.92 -3.24 42.82
CA GLY F 283 2.60 -3.81 42.86
C GLY F 283 1.69 -3.19 41.81
N ALA F 284 0.44 -3.62 41.83
CA ALA F 284 -0.55 -3.22 40.84
C ALA F 284 -1.63 -2.36 41.49
N ILE F 285 -2.33 -1.60 40.65
CA ILE F 285 -3.35 -0.65 41.10
C ILE F 285 -4.67 -0.97 40.43
N ASN F 286 -5.76 -0.87 41.21
CA ASN F 286 -7.12 -1.05 40.72
C ASN F 286 -7.93 0.23 40.88
N SER F 287 -7.27 1.38 40.88
CA SER F 287 -7.90 2.65 41.16
C SER F 287 -8.24 3.39 39.87
N SER F 288 -9.22 4.29 39.97
CA SER F 288 -9.59 5.19 38.90
C SER F 288 -9.22 6.64 39.21
N MET F 289 -8.53 6.88 40.32
CA MET F 289 -8.19 8.22 40.75
C MET F 289 -7.17 8.85 39.79
N PRO F 290 -7.06 10.19 39.78
CA PRO F 290 -6.22 10.85 38.77
C PRO F 290 -4.71 10.83 39.06
N PHE F 291 -4.29 10.78 40.32
CA PHE F 291 -2.87 10.86 40.64
C PHE F 291 -2.47 9.77 41.63
N HIS F 292 -1.18 9.43 41.60
CA HIS F 292 -0.62 8.38 42.44
C HIS F 292 0.81 8.74 42.82
N ASN F 293 1.31 8.09 43.88
CA ASN F 293 2.68 8.32 44.36
C ASN F 293 3.41 7.02 44.65
N ILE F 294 3.07 5.95 43.93
CA ILE F 294 3.66 4.65 44.20
C ILE F 294 5.06 4.56 43.61
N HIS F 295 5.17 4.75 42.29
CA HIS F 295 6.44 4.57 41.60
C HIS F 295 6.36 5.36 40.29
N PRO F 296 7.48 5.95 39.85
CA PRO F 296 7.46 6.59 38.52
C PRO F 296 7.31 5.60 37.38
N LEU F 297 7.99 4.45 37.45
CA LEU F 297 8.07 3.52 36.32
C LEU F 297 6.85 2.62 36.32
N THR F 298 5.82 3.03 35.59
CA THR F 298 4.56 2.30 35.55
C THR F 298 4.28 1.79 34.14
N ILE F 299 3.51 0.71 34.06
CA ILE F 299 3.08 0.12 32.80
C ILE F 299 1.57 0.00 32.84
N GLY F 300 0.89 0.59 31.87
CA GLY F 300 -0.55 0.52 31.74
C GLY F 300 -1.19 1.89 31.75
N GLU F 301 -2.53 1.89 31.81
CA GLU F 301 -3.28 3.14 32.00
C GLU F 301 -3.16 3.52 33.47
N CYS F 302 -2.15 4.34 33.76
CA CYS F 302 -1.84 4.67 35.14
C CYS F 302 -2.13 6.14 35.43
N PRO F 303 -2.52 6.47 36.66
CA PRO F 303 -2.65 7.88 37.04
C PRO F 303 -1.31 8.59 36.98
N LYS F 304 -1.37 9.92 36.94
CA LYS F 304 -0.16 10.71 36.81
C LYS F 304 0.62 10.73 38.12
N TYR F 305 1.93 10.58 38.01
CA TYR F 305 2.79 10.54 39.19
C TYR F 305 3.09 11.95 39.67
N VAL F 306 3.02 12.13 40.99
CA VAL F 306 3.28 13.42 41.63
C VAL F 306 4.14 13.20 42.85
N LYS F 307 4.72 14.29 43.36
CA LYS F 307 5.56 14.25 44.54
C LYS F 307 4.80 14.50 45.85
N SER F 308 3.48 14.61 45.79
CA SER F 308 2.71 14.96 46.97
C SER F 308 2.33 13.72 47.78
N ASN F 309 2.30 13.88 49.10
CA ASN F 309 1.97 12.77 49.99
C ASN F 309 0.47 12.57 50.17
N LYS F 310 -0.31 13.63 50.02
CA LYS F 310 -1.76 13.58 50.15
C LYS F 310 -2.37 14.79 49.46
N LEU F 311 -3.52 14.60 48.81
CA LEU F 311 -4.25 15.69 48.17
C LEU F 311 -5.70 15.60 48.63
N VAL F 312 -6.06 16.38 49.65
CA VAL F 312 -7.38 16.31 50.26
C VAL F 312 -8.24 17.44 49.70
N LEU F 313 -9.39 17.08 49.15
CA LEU F 313 -10.37 18.03 48.63
C LEU F 313 -11.47 18.27 49.64
N ALA F 314 -11.99 19.50 49.65
CA ALA F 314 -13.06 19.89 50.56
C ALA F 314 -14.39 19.51 49.93
N THR F 315 -15.07 18.52 50.50
CA THR F 315 -16.40 18.12 50.07
C THR F 315 -17.46 18.40 51.13
N GLY F 316 -17.12 19.21 52.13
CA GLY F 316 -18.04 19.49 53.21
C GLY F 316 -18.00 20.91 53.71
N LEU F 317 -18.08 21.09 55.03
CA LEU F 317 -18.17 22.41 55.65
C LEU F 317 -17.13 22.52 56.75
N ARG F 318 -16.73 23.75 57.04
CA ARG F 318 -15.80 24.01 58.13
C ARG F 318 -16.52 24.02 59.47
N ASN F 319 -15.91 23.39 60.46
CA ASN F 319 -16.56 23.16 61.75
C ASN F 319 -15.59 23.48 62.88
N SER F 320 -16.15 23.60 64.08
CA SER F 320 -15.35 23.89 65.28
C SER F 320 -14.99 22.61 66.02
N ILE F 335 -14.26 37.90 62.76
CA ILE F 335 -14.32 36.84 63.76
C ILE F 335 -15.65 36.97 64.49
N ALA F 336 -16.14 35.85 65.03
CA ALA F 336 -17.40 35.79 65.77
C ALA F 336 -18.56 36.31 64.92
N GLY F 337 -18.79 35.61 63.80
CA GLY F 337 -19.84 36.02 62.87
C GLY F 337 -20.88 34.94 62.59
N PHE F 338 -22.07 35.37 62.17
CA PHE F 338 -23.22 34.50 61.89
C PHE F 338 -23.43 33.60 63.11
N ILE F 339 -23.60 32.29 62.93
CA ILE F 339 -23.51 31.34 64.02
C ILE F 339 -22.02 30.97 64.18
N GLU F 340 -21.38 31.58 65.19
CA GLU F 340 -19.95 31.39 65.41
C GLU F 340 -19.57 29.91 65.42
N GLY F 341 -20.43 29.07 65.99
CA GLY F 341 -20.20 27.64 66.00
C GLY F 341 -21.36 26.86 65.40
N GLY F 342 -21.03 25.92 64.51
CA GLY F 342 -22.07 25.12 63.88
C GLY F 342 -22.78 24.23 64.87
N TRP F 343 -24.04 23.94 64.56
CA TRP F 343 -24.83 23.09 65.45
C TRP F 343 -24.36 21.64 65.34
N GLN F 344 -23.46 21.24 66.23
CA GLN F 344 -22.87 19.90 66.16
C GLN F 344 -23.92 18.80 66.29
N GLY F 345 -25.04 19.10 66.95
CA GLY F 345 -26.09 18.10 67.09
C GLY F 345 -26.92 17.90 65.84
N MET F 346 -26.92 18.88 64.94
CA MET F 346 -27.76 18.83 63.75
C MET F 346 -27.27 17.75 62.80
N VAL F 347 -28.05 16.70 62.62
CA VAL F 347 -27.77 15.63 61.66
C VAL F 347 -28.76 15.64 60.51
N ASP F 348 -29.59 16.68 60.41
CA ASP F 348 -30.63 16.70 59.37
C ASP F 348 -30.04 17.01 58.00
N GLY F 349 -29.16 17.99 57.90
CA GLY F 349 -28.57 18.32 56.62
C GLY F 349 -27.46 19.34 56.77
N TRP F 350 -26.94 19.77 55.62
CA TRP F 350 -25.86 20.76 55.62
C TRP F 350 -26.36 22.14 56.06
N TYR F 351 -27.55 22.53 55.61
CA TYR F 351 -28.12 23.84 55.88
C TYR F 351 -29.42 23.66 56.65
N GLY F 352 -29.64 24.46 57.70
CA GLY F 352 -30.85 24.23 58.47
C GLY F 352 -31.29 25.37 59.37
N TYR F 353 -32.42 25.13 60.05
CA TYR F 353 -33.09 26.06 60.96
C TYR F 353 -33.12 25.43 62.35
N HIS F 354 -33.42 26.25 63.36
CA HIS F 354 -33.40 25.74 64.75
C HIS F 354 -34.70 26.12 65.46
N HIS F 355 -35.22 25.22 66.29
CA HIS F 355 -36.51 25.45 66.99
C HIS F 355 -36.34 25.47 68.50
N SER F 356 -36.92 26.47 69.18
CA SER F 356 -36.97 26.44 70.66
C SER F 356 -38.37 26.94 71.00
N ASN F 357 -39.39 26.22 70.52
CA ASN F 357 -40.79 26.69 70.68
C ASN F 357 -41.45 25.92 71.80
N GLU F 358 -42.58 26.41 72.30
CA GLU F 358 -43.31 25.65 73.31
C GLU F 358 -43.79 24.31 72.75
N GLN F 359 -44.27 24.31 71.51
CA GLN F 359 -44.81 23.09 70.92
C GLN F 359 -43.71 22.05 70.68
N GLY F 360 -42.51 22.51 70.31
CA GLY F 360 -41.38 21.62 70.13
C GLY F 360 -40.08 22.39 70.05
N SER F 361 -38.99 21.70 70.36
CA SER F 361 -37.65 22.27 70.36
C SER F 361 -36.69 21.35 69.62
N GLY F 362 -35.84 21.92 68.76
CA GLY F 362 -34.89 21.14 67.99
C GLY F 362 -34.24 21.87 66.83
N TYR F 363 -33.95 21.15 65.75
CA TYR F 363 -33.34 21.71 64.55
C TYR F 363 -33.91 21.01 63.33
N ALA F 364 -33.88 21.67 62.17
CA ALA F 364 -34.42 21.06 60.96
C ALA F 364 -33.80 21.71 59.72
N ALA F 365 -33.64 20.90 58.66
CA ALA F 365 -32.85 21.28 57.50
C ALA F 365 -33.74 21.66 56.31
N ASP F 366 -33.36 22.74 55.63
CA ASP F 366 -34.06 23.18 54.43
C ASP F 366 -33.78 22.23 53.27
N LYS F 367 -34.82 21.57 52.77
CA LYS F 367 -34.69 20.83 51.52
C LYS F 367 -34.59 21.80 50.35
N GLU F 368 -34.19 21.27 49.19
CA GLU F 368 -33.86 22.02 47.99
C GLU F 368 -32.59 22.85 48.16
N SER F 369 -32.02 22.87 49.37
CA SER F 369 -30.73 23.50 49.65
C SER F 369 -29.62 22.47 49.84
N THR F 370 -29.88 21.40 50.59
CA THR F 370 -28.85 20.41 50.86
C THR F 370 -28.52 19.60 49.62
N GLN F 371 -29.54 19.10 48.91
CA GLN F 371 -29.29 18.26 47.75
C GLN F 371 -28.53 19.00 46.66
N LYS F 372 -28.85 20.29 46.46
CA LYS F 372 -28.12 21.09 45.48
C LYS F 372 -26.64 21.18 45.84
N ALA F 373 -26.34 21.34 47.13
CA ALA F 373 -24.94 21.48 47.55
C ALA F 373 -24.17 20.18 47.38
N ILE F 374 -24.76 19.06 47.78
CA ILE F 374 -24.06 17.78 47.68
C ILE F 374 -23.85 17.40 46.21
N ASP F 375 -24.88 17.56 45.38
CA ASP F 375 -24.72 17.22 43.97
C ASP F 375 -23.80 18.20 43.26
N GLY F 376 -23.75 19.45 43.72
CA GLY F 376 -22.88 20.44 43.11
C GLY F 376 -21.42 20.23 43.47
N VAL F 377 -21.16 19.94 44.75
CA VAL F 377 -19.79 19.66 45.17
C VAL F 377 -19.31 18.33 44.59
N THR F 378 -20.18 17.32 44.59
CA THR F 378 -19.81 16.03 43.99
C THR F 378 -19.52 16.16 42.51
N ASN F 379 -20.33 16.95 41.78
CA ASN F 379 -20.03 17.22 40.39
C ASN F 379 -18.66 17.89 40.25
N LYS F 380 -18.31 18.75 41.20
CA LYS F 380 -17.01 19.42 41.16
C LYS F 380 -15.89 18.42 41.41
N VAL F 381 -16.08 17.51 42.36
CA VAL F 381 -15.07 16.49 42.62
C VAL F 381 -15.02 15.50 41.47
N ASN F 382 -16.17 15.08 40.95
CA ASN F 382 -16.21 14.14 39.84
C ASN F 382 -15.53 14.71 38.60
N SER F 383 -15.68 16.02 38.38
CA SER F 383 -15.10 16.64 37.19
C SER F 383 -13.58 16.54 37.19
N ILE F 384 -12.95 16.71 38.35
CA ILE F 384 -11.50 16.69 38.43
C ILE F 384 -10.95 15.29 38.13
N ILE F 385 -11.66 14.25 38.57
CA ILE F 385 -11.21 12.89 38.33
C ILE F 385 -11.51 12.47 36.90
N ASP F 386 -12.72 12.77 36.41
CA ASP F 386 -13.16 12.24 35.14
C ASP F 386 -12.44 12.91 33.97
N LYS F 387 -12.26 14.22 34.04
CA LYS F 387 -11.63 14.95 32.93
C LYS F 387 -10.18 14.55 32.71
N MET F 388 -9.62 13.72 33.59
CA MET F 388 -8.26 13.19 33.41
C MET F 388 -8.30 12.11 32.33
N ASN F 389 -7.81 12.44 31.13
CA ASN F 389 -7.71 11.47 30.05
C ASN F 389 -6.35 10.81 30.12
N THR F 390 -6.32 9.63 30.76
CA THR F 390 -5.12 8.81 30.90
C THR F 390 -5.21 7.51 30.12
N GLN F 391 -5.90 7.52 28.97
CA GLN F 391 -5.99 6.31 28.17
C GLN F 391 -4.66 5.93 27.53
N PHE F 392 -3.66 6.80 27.63
CA PHE F 392 -2.35 6.49 27.07
C PHE F 392 -1.66 5.41 27.90
N GLU F 393 -1.06 4.46 27.20
CA GLU F 393 -0.29 3.39 27.83
C GLU F 393 1.18 3.78 27.86
N ALA F 394 1.82 3.58 29.00
CA ALA F 394 3.13 4.15 29.28
C ALA F 394 4.16 3.07 29.58
N VAL F 395 5.43 3.49 29.57
CA VAL F 395 6.57 2.63 29.82
C VAL F 395 7.68 3.45 30.48
N GLY F 396 8.51 2.76 31.27
CA GLY F 396 9.77 3.30 31.74
C GLY F 396 10.91 2.39 31.32
N ARG F 397 11.86 2.90 30.52
CA ARG F 397 12.72 2.04 29.71
C ARG F 397 14.20 2.04 30.14
N GLU F 398 15.07 1.65 29.21
CA GLU F 398 16.47 1.34 29.49
C GLU F 398 17.33 1.60 28.27
N PHE F 399 18.52 2.18 28.50
CA PHE F 399 19.54 2.48 27.48
C PHE F 399 20.86 1.88 27.94
N ASN F 400 21.91 1.95 27.12
CA ASN F 400 23.17 1.34 27.50
C ASN F 400 24.18 2.38 28.04
N ASN F 401 25.37 1.88 28.39
CA ASN F 401 26.37 2.71 29.06
C ASN F 401 26.82 3.87 28.18
N LEU F 402 26.94 3.63 26.88
CA LEU F 402 27.35 4.65 25.93
C LEU F 402 26.15 5.40 25.37
N GLU F 403 24.98 5.25 26.01
CA GLU F 403 23.77 5.98 25.65
C GLU F 403 23.29 6.81 26.84
N ARG F 404 24.24 7.31 27.64
CA ARG F 404 23.91 8.04 28.86
C ARG F 404 23.27 9.39 28.56
N ARG F 405 23.74 10.07 27.52
CA ARG F 405 23.19 11.37 27.18
C ARG F 405 21.71 11.27 26.89
N ILE F 406 21.31 10.27 26.10
CA ILE F 406 19.91 10.03 25.80
C ILE F 406 19.13 9.70 27.07
N GLU F 407 19.77 8.95 27.99
CA GLU F 407 19.13 8.62 29.26
C GLU F 407 18.70 9.86 30.02
N ASN F 408 19.56 10.89 30.05
CA ASN F 408 19.22 12.11 30.75
C ASN F 408 18.03 12.80 30.09
N LEU F 409 17.95 12.72 28.76
CA LEU F 409 16.79 13.25 28.04
C LEU F 409 15.51 12.56 28.48
N ASN F 410 15.56 11.25 28.69
CA ASN F 410 14.43 10.55 29.30
C ASN F 410 14.20 11.04 30.73
N LYS F 411 15.27 11.10 31.53
CA LYS F 411 15.13 11.49 32.92
C LYS F 411 14.60 12.91 33.06
N LYS F 412 15.18 13.86 32.33
CA LYS F 412 14.70 15.24 32.37
C LYS F 412 13.22 15.33 32.00
N MET F 413 12.80 14.56 30.98
CA MET F 413 11.42 14.62 30.53
C MET F 413 10.46 14.25 31.66
N GLU F 414 10.69 13.12 32.31
CA GLU F 414 9.76 12.69 33.35
C GLU F 414 9.85 13.57 34.58
N ASP F 415 11.05 14.04 34.93
CA ASP F 415 11.16 14.99 36.04
C ASP F 415 10.40 16.28 35.75
N GLY F 416 10.46 16.76 34.51
CA GLY F 416 9.69 17.94 34.16
C GLY F 416 8.21 17.70 34.26
N PHE F 417 7.76 16.49 33.91
CA PHE F 417 6.35 16.18 33.96
C PHE F 417 5.86 16.00 35.39
N LEU F 418 6.73 15.53 36.30
CA LEU F 418 6.37 15.48 37.71
C LEU F 418 6.21 16.87 38.27
N ASP F 419 7.04 17.81 37.83
CA ASP F 419 6.89 19.19 38.30
C ASP F 419 5.62 19.83 37.77
N VAL F 420 5.23 19.51 36.53
CA VAL F 420 4.03 20.12 35.96
C VAL F 420 2.77 19.57 36.63
N TRP F 421 2.71 18.25 36.81
CA TRP F 421 1.51 17.65 37.37
C TRP F 421 1.37 17.98 38.86
N THR F 422 2.47 17.88 39.61
CA THR F 422 2.44 18.19 41.04
C THR F 422 2.04 19.64 41.28
N TYR F 423 2.72 20.57 40.63
CA TYR F 423 2.45 21.98 40.87
C TYR F 423 1.03 22.35 40.45
N ASN F 424 0.60 21.90 39.27
CA ASN F 424 -0.74 22.23 38.80
C ASN F 424 -1.81 21.57 39.64
N ALA F 425 -1.59 20.32 40.05
CA ALA F 425 -2.58 19.64 40.89
C ALA F 425 -2.69 20.33 42.26
N GLU F 426 -1.55 20.64 42.89
CA GLU F 426 -1.58 21.19 44.23
C GLU F 426 -2.26 22.56 44.27
N LEU F 427 -1.90 23.44 43.33
CA LEU F 427 -2.56 24.74 43.27
C LEU F 427 -4.04 24.60 42.96
N LEU F 428 -4.40 23.65 42.10
CA LEU F 428 -5.80 23.42 41.78
C LEU F 428 -6.60 23.00 43.01
N VAL F 429 -6.04 22.09 43.81
CA VAL F 429 -6.70 21.67 45.05
C VAL F 429 -6.85 22.86 45.99
N LEU F 430 -5.80 23.66 46.14
CA LEU F 430 -5.85 24.80 47.05
C LEU F 430 -6.88 25.83 46.60
N MET F 431 -6.87 26.17 45.30
CA MET F 431 -7.88 27.09 44.78
C MET F 431 -9.28 26.55 44.99
N GLU F 432 -9.54 25.32 44.51
CA GLU F 432 -10.90 24.80 44.52
C GLU F 432 -11.41 24.60 45.94
N ASN F 433 -10.55 24.20 46.87
CA ASN F 433 -11.01 24.02 48.26
C ASN F 433 -11.54 25.33 48.83
N GLU F 434 -10.83 26.44 48.62
CA GLU F 434 -11.35 27.76 48.97
C GLU F 434 -12.72 27.98 48.35
N ARG F 435 -12.86 27.68 47.05
CA ARG F 435 -14.09 27.94 46.33
C ARG F 435 -15.27 27.14 46.88
N THR F 436 -15.01 25.88 47.27
CA THR F 436 -16.03 25.09 47.95
C THR F 436 -16.61 25.85 49.14
N LEU F 437 -15.74 26.35 50.01
CA LEU F 437 -16.18 26.98 51.25
C LEU F 437 -16.94 28.28 50.96
N ASP F 438 -16.37 29.14 50.10
CA ASP F 438 -17.05 30.37 49.75
C ASP F 438 -18.44 30.12 49.15
N PHE F 439 -18.62 28.96 48.52
CA PHE F 439 -19.94 28.59 47.99
C PHE F 439 -20.92 28.33 49.13
N HIS F 440 -20.45 27.75 50.23
CA HIS F 440 -21.31 27.52 51.38
C HIS F 440 -21.66 28.83 52.08
N ASP F 441 -20.67 29.70 52.30
CA ASP F 441 -20.91 30.94 53.04
C ASP F 441 -21.92 31.82 52.32
N SER F 442 -21.81 31.93 50.99
CA SER F 442 -22.80 32.69 50.25
C SER F 442 -24.14 31.97 50.23
N ASN F 443 -24.12 30.64 50.27
CA ASN F 443 -25.36 29.88 50.24
C ASN F 443 -26.16 30.08 51.53
N VAL F 444 -25.49 30.08 52.68
CA VAL F 444 -26.18 30.30 53.94
C VAL F 444 -26.72 31.73 54.00
N LYS F 445 -25.94 32.71 53.51
CA LYS F 445 -26.40 34.10 53.52
C LYS F 445 -27.69 34.26 52.72
N ASN F 446 -27.86 33.47 51.66
CA ASN F 446 -29.07 33.56 50.86
C ASN F 446 -30.27 33.03 51.63
N LEU F 447 -30.06 31.97 52.43
CA LEU F 447 -31.13 31.46 53.27
C LEU F 447 -31.58 32.49 54.31
N TYR F 448 -30.65 33.33 54.78
CA TYR F 448 -31.04 34.42 55.67
C TYR F 448 -32.02 35.37 54.97
N ASP F 449 -31.68 35.79 53.75
CA ASP F 449 -32.54 36.73 53.03
C ASP F 449 -33.94 36.19 52.81
N LYS F 450 -34.05 34.87 52.61
CA LYS F 450 -35.35 34.21 52.62
C LYS F 450 -36.15 34.62 53.86
N VAL F 451 -35.54 34.47 55.04
CA VAL F 451 -36.24 34.75 56.29
C VAL F 451 -36.38 36.26 56.51
N ARG F 452 -35.37 37.03 56.09
CA ARG F 452 -35.43 38.48 56.30
C ARG F 452 -36.58 39.09 55.51
N LEU F 453 -36.65 38.81 54.20
CA LEU F 453 -37.72 39.37 53.38
C LEU F 453 -39.08 38.83 53.80
N GLN F 454 -39.11 37.63 54.38
CA GLN F 454 -40.38 37.05 54.82
C GLN F 454 -40.91 37.72 56.08
N LEU F 455 -40.02 38.20 56.95
CA LEU F 455 -40.39 38.88 58.19
C LEU F 455 -39.72 40.25 58.16
N ARG F 456 -40.36 41.20 57.47
CA ARG F 456 -39.77 42.53 57.30
C ARG F 456 -39.84 43.33 58.60
N ASP F 457 -41.05 43.56 59.10
CA ASP F 457 -41.25 44.29 60.34
C ASP F 457 -41.71 43.42 61.50
N ASN F 458 -42.15 42.18 61.23
CA ASN F 458 -42.60 41.30 62.29
C ASN F 458 -41.47 40.79 63.17
N ALA F 459 -40.21 41.11 62.84
CA ALA F 459 -39.07 40.63 63.60
C ALA F 459 -37.85 41.44 63.22
N LYS F 460 -36.89 41.48 64.14
CA LYS F 460 -35.57 42.06 63.89
C LYS F 460 -34.52 40.99 64.13
N GLU F 461 -33.49 40.98 63.29
CA GLU F 461 -32.44 39.98 63.39
C GLU F 461 -31.51 40.31 64.54
N LEU F 462 -31.20 39.30 65.36
CA LEU F 462 -30.33 39.50 66.51
C LEU F 462 -28.87 39.70 66.12
N GLY F 463 -28.47 39.23 64.95
CA GLY F 463 -27.07 39.14 64.61
C GLY F 463 -26.41 37.85 65.02
N ASN F 464 -27.13 36.99 65.75
CA ASN F 464 -26.65 35.69 66.19
C ASN F 464 -26.96 34.59 65.18
N GLY F 465 -27.14 34.96 63.91
CA GLY F 465 -27.75 34.05 62.95
C GLY F 465 -29.21 33.79 63.20
N CYS F 466 -29.79 34.40 64.24
CA CYS F 466 -31.17 34.16 64.65
C CYS F 466 -32.02 35.40 64.39
N PHE F 467 -33.13 35.22 63.70
CA PHE F 467 -34.14 36.25 63.61
C PHE F 467 -35.08 36.12 64.80
N GLU F 468 -35.33 37.24 65.49
CA GLU F 468 -36.08 37.23 66.74
C GLU F 468 -37.49 37.75 66.49
N PHE F 469 -38.48 36.86 66.60
CA PHE F 469 -39.87 37.25 66.49
C PHE F 469 -40.22 38.30 67.53
N TYR F 470 -40.62 39.48 67.07
CA TYR F 470 -41.23 40.43 68.00
C TYR F 470 -42.55 39.89 68.53
N HIS F 471 -43.29 39.16 67.69
CA HIS F 471 -44.52 38.49 68.09
C HIS F 471 -44.18 37.04 68.47
N LYS F 472 -45.17 36.15 68.45
CA LYS F 472 -45.00 34.75 68.84
C LYS F 472 -45.50 33.82 67.74
N CYS F 473 -44.89 32.63 67.68
CA CYS F 473 -45.19 31.62 66.67
C CYS F 473 -45.23 30.25 67.32
N ASP F 474 -45.77 29.25 66.60
CA ASP F 474 -45.79 27.88 67.09
C ASP F 474 -44.99 26.98 66.13
N ASN F 475 -45.06 25.67 66.37
CA ASN F 475 -44.37 24.72 65.49
C ASN F 475 -44.85 24.85 64.05
N GLU F 476 -46.16 25.04 63.85
CA GLU F 476 -46.67 25.20 62.50
C GLU F 476 -46.14 26.47 61.86
N CYS F 477 -46.03 27.56 62.64
CA CYS F 477 -45.39 28.75 62.11
C CYS F 477 -43.95 28.47 61.69
N MET F 478 -43.30 27.56 62.40
CA MET F 478 -41.88 27.25 62.08
C MET F 478 -41.78 26.60 60.70
N GLU F 479 -42.67 25.66 60.38
CA GLU F 479 -42.69 25.04 59.03
C GLU F 479 -43.03 26.08 57.99
N SER F 480 -43.89 27.06 58.30
CA SER F 480 -44.36 28.02 57.27
C SER F 480 -43.21 28.79 56.64
N VAL F 481 -42.20 29.16 57.44
CA VAL F 481 -41.01 29.89 56.90
C VAL F 481 -40.29 28.99 55.91
N ARG F 482 -40.10 27.73 56.30
CA ARG F 482 -39.39 26.77 55.42
C ARG F 482 -40.28 26.52 54.21
N ASN F 483 -41.57 26.25 54.46
CA ASN F 483 -42.45 26.11 53.30
C ASN F 483 -42.34 27.30 52.36
N GLY F 484 -42.00 28.47 52.88
CA GLY F 484 -42.15 29.70 52.14
C GLY F 484 -43.55 30.27 52.17
N THR F 485 -44.43 29.71 53.01
CA THR F 485 -45.82 30.12 53.07
C THR F 485 -46.13 30.79 54.40
N TYR F 486 -45.46 31.90 54.70
CA TYR F 486 -45.68 32.60 55.95
C TYR F 486 -46.51 33.86 55.73
N ASP F 487 -47.39 34.15 56.68
CA ASP F 487 -48.33 35.26 56.60
C ASP F 487 -47.79 36.44 57.39
N TYR F 488 -47.41 37.51 56.68
CA TYR F 488 -46.96 38.75 57.30
C TYR F 488 -48.13 39.65 57.68
N PRO F 489 -49.08 39.93 56.78
CA PRO F 489 -50.20 40.80 57.18
C PRO F 489 -51.04 40.24 58.32
N GLN F 490 -51.05 38.92 58.50
CA GLN F 490 -51.77 38.32 59.62
C GLN F 490 -51.25 38.85 60.95
N TYR F 491 -49.95 38.70 61.20
CA TYR F 491 -49.32 39.10 62.44
C TYR F 491 -48.71 40.50 62.36
N SER F 492 -49.27 41.35 61.49
CA SER F 492 -48.62 42.62 61.16
C SER F 492 -48.51 43.54 62.37
N GLU F 493 -49.59 43.70 63.13
CA GLU F 493 -49.59 44.64 64.26
C GLU F 493 -49.68 43.95 65.61
N GLU F 494 -49.57 42.62 65.66
CA GLU F 494 -49.44 41.95 66.95
C GLU F 494 -48.22 42.47 67.70
N ALA F 495 -47.16 42.79 66.95
CA ALA F 495 -45.88 43.15 67.52
C ALA F 495 -45.66 44.65 67.58
N ARG F 496 -46.63 45.46 67.12
CA ARG F 496 -46.46 46.91 67.12
C ARG F 496 -46.01 47.43 68.48
N LEU F 497 -46.78 47.12 69.52
CA LEU F 497 -46.40 47.48 70.88
C LEU F 497 -45.70 46.35 71.61
N LYS F 498 -45.74 45.13 71.06
CA LYS F 498 -45.11 43.97 71.67
C LYS F 498 -43.59 44.05 71.67
N ARG F 499 -43.03 45.16 71.16
CA ARG F 499 -41.60 45.41 71.33
C ARG F 499 -41.25 45.37 72.81
N GLU F 500 -40.23 44.59 73.15
CA GLU F 500 -39.83 44.45 74.55
C GLU F 500 -38.36 44.82 74.76
C1 NAG G . -44.27 -39.92 -10.24
C2 NAG G . -43.43 -39.85 -8.99
C3 NAG G . -42.31 -40.78 -9.31
C4 NAG G . -42.87 -42.19 -9.47
C5 NAG G . -43.81 -42.16 -10.66
C6 NAG G . -44.59 -43.44 -10.90
C7 NAG G . -43.18 -37.82 -7.71
C8 NAG G . -42.02 -37.34 -6.92
N2 NAG G . -42.88 -38.54 -8.79
O3 NAG G . -41.32 -40.68 -8.30
O4 NAG G . -41.76 -43.07 -9.69
O5 NAG G . -44.82 -41.20 -10.43
O6 NAG G . -45.50 -43.59 -9.81
O7 NAG G . -44.32 -37.60 -7.41
C1 NAG G . -41.67 -44.17 -8.76
C2 NAG G . -42.22 -43.81 -7.38
C3 NAG G . -42.88 -44.94 -6.60
C4 NAG G . -43.59 -45.90 -7.51
C5 NAG G . -42.60 -46.37 -8.55
C6 NAG G . -43.20 -47.45 -9.45
C7 NAG G . -41.29 -42.28 -5.68
C8 NAG G . -40.17 -42.12 -4.69
N2 NAG G . -41.13 -43.25 -6.58
O3 NAG G . -43.86 -44.37 -5.73
O4 NAG G . -44.04 -47.01 -6.74
O5 NAG G . -42.29 -45.29 -9.39
O6 NAG G . -43.94 -46.80 -10.47
O7 NAG G . -42.26 -41.56 -5.67
C1 NAG H . -11.23 -8.74 17.42
C2 NAG H . -11.78 -7.45 16.84
C3 NAG H . -10.61 -6.76 16.22
C4 NAG H . -9.59 -6.60 17.32
C5 NAG H . -9.00 -7.93 17.71
C6 NAG H . -8.02 -7.80 18.84
C7 NAG H . -13.92 -7.21 15.77
C8 NAG H . -14.36 -6.57 14.50
N2 NAG H . -12.71 -7.71 15.77
O3 NAG H . -11.03 -5.49 15.72
O4 NAG H . -8.70 -5.46 17.04
O5 NAG H . -10.09 -8.64 18.27
O6 NAG H . -8.79 -7.50 20.00
O7 NAG H . -14.63 -7.26 16.75
C1 NAG H . -8.61 -4.25 17.90
C2 NAG H . -9.85 -3.64 18.63
C3 NAG H . -9.57 -2.45 19.53
C4 NAG H . -8.25 -2.63 20.27
C5 NAG H . -7.17 -3.00 19.28
C6 NAG H . -5.80 -3.06 19.95
C7 NAG H . -11.10 -2.54 16.71
C8 NAG H . -12.52 -2.33 16.26
N2 NAG H . -10.98 -3.38 17.75
O3 NAG H . -10.60 -2.40 20.51
O4 NAG H . -7.94 -1.39 20.92
O5 NAG H . -7.48 -4.27 18.77
O6 NAG H . -5.32 -1.74 20.22
O7 NAG H . -10.18 -1.97 16.15
C1 NAG I . 41.59 24.61 -2.88
C2 NAG I . 42.77 24.35 -1.97
C3 NAG I . 42.97 25.62 -1.18
C4 NAG I . 43.03 26.83 -2.10
C5 NAG I . 41.79 26.91 -2.97
C6 NAG I . 41.85 28.01 -4.02
C7 NAG I . 42.92 22.05 -1.28
C8 NAG I . 42.78 21.10 -0.14
N2 NAG I . 42.48 23.27 -1.07
O3 NAG I . 44.19 25.54 -0.44
O4 NAG I . 43.25 28.02 -1.31
O5 NAG I . 41.80 25.72 -3.71
O6 NAG I . 42.88 27.64 -4.95
O7 NAG I . 43.44 21.72 -2.32
C1 NAG I . 44.44 28.80 -1.62
C2 NAG I . 44.58 29.92 -0.60
C3 NAG I . 45.72 30.83 -0.90
C4 NAG I . 47.00 30.06 -1.01
C5 NAG I . 46.89 28.85 -1.96
C6 NAG I . 48.14 28.04 -1.86
C7 NAG I . 42.53 31.27 -1.57
C8 NAG I . 41.22 31.98 -1.26
N2 NAG I . 43.27 30.66 -0.46
O3 NAG I . 45.85 31.78 0.19
O4 NAG I . 48.02 30.94 -1.50
O5 NAG I . 45.72 28.00 -1.67
O6 NAG I . 47.86 26.87 -1.13
O7 NAG I . 42.92 31.22 -2.70
C1 GAL J . -20.49 9.09 26.99
C2 GAL J . -20.87 8.83 25.55
C3 GAL J . -19.88 9.48 24.57
C4 GAL J . -19.56 10.91 24.98
C5 GAL J . -19.27 11.05 26.47
C6 GAL J . -19.16 12.49 26.90
O1 GAL J . -21.49 8.57 27.82
O2 GAL J . -20.95 7.42 25.36
O3 GAL J . -20.37 9.53 23.23
O4 GAL J . -20.68 11.74 24.67
O5 GAL J . -20.34 10.49 27.21
O6 GAL J . -18.79 12.58 28.28
C1 NAG J . -20.87 8.39 22.60
C2 NAG J . -20.55 8.50 21.11
C3 NAG J . -21.22 7.35 20.38
C4 NAG J . -20.73 6.02 20.92
C5 NAG J . -20.78 6.01 22.45
C6 NAG J . -20.00 4.87 23.06
C7 NAG J . -19.95 10.56 20.03
C8 NAG J . -20.39 11.90 19.54
N2 NAG J . -20.90 9.77 20.51
O3 NAG J . -20.91 7.48 18.99
O4 NAG J . -21.58 5.00 20.42
O5 NAG J . -20.19 7.21 22.99
O6 NAG J . -20.49 3.62 22.61
O7 NAG J . -18.77 10.21 19.98
C1 GAL J . -21.95 7.39 18.08
C2 GAL J . -21.47 7.71 16.67
C3 GAL J . -22.58 7.53 15.65
C4 GAL J . -23.22 6.15 15.78
C5 GAL J . -23.67 6.01 17.24
C6 GAL J . -24.43 4.73 17.51
O2 GAL J . -20.99 9.03 16.67
O3 GAL J . -21.96 7.74 14.40
O4 GAL J . -22.28 5.18 15.40
O5 GAL J . -22.53 6.09 18.09
O6 GAL J . -23.53 3.64 17.60
C1 SIA J . -21.72 8.85 12.33
C2 SIA J . -22.73 8.57 13.52
C3 SIA J . -23.34 9.87 14.05
C4 SIA J . -24.09 10.62 12.95
C5 SIA J . -25.28 9.76 12.51
C6 SIA J . -24.81 8.35 12.10
C7 SIA J . -25.96 7.33 12.06
C8 SIA J . -25.43 5.92 11.77
C9 SIA J . -26.52 5.05 11.17
C10 SIA J . -27.31 10.26 11.13
C11 SIA J . -27.80 10.92 9.84
N5 SIA J . -25.97 10.34 11.34
O1A SIA J . -20.91 9.78 12.61
O1B SIA J . -21.82 8.16 11.28
O4 SIA J . -24.60 11.90 13.38
O6 SIA J . -23.87 7.78 13.02
O7 SIA J . -26.72 7.38 13.27
O8 SIA J . -24.30 6.01 10.90
O9 SIA J . -26.13 3.68 11.22
O10 SIA J . -28.10 9.72 11.89
C1 GAL K . -64.88 5.38 -18.50
C2 GAL K . -63.58 5.28 -17.72
C3 GAL K . -63.19 3.85 -17.40
C4 GAL K . -64.38 3.07 -16.85
C5 GAL K . -65.57 3.20 -17.79
C6 GAL K . -66.80 2.49 -17.27
O1 GAL K . -65.27 6.70 -18.57
O2 GAL K . -62.55 5.94 -18.45
O3 GAL K . -62.18 3.82 -16.39
O4 GAL K . -64.74 3.59 -15.58
O5 GAL K . -65.90 4.59 -17.89
O6 GAL K . -67.74 2.25 -18.30
C1 NAG K . -60.85 3.99 -16.77
C2 NAG K . -60.33 2.88 -17.67
C3 NAG K . -58.82 2.98 -17.69
C4 NAG K . -58.41 4.35 -18.20
C5 NAG K . -59.02 5.41 -17.30
C6 NAG K . -58.75 6.82 -17.76
C7 NAG K . -61.64 0.87 -18.03
C8 NAG K . -62.04 -0.46 -17.50
N2 NAG K . -60.79 1.57 -17.26
O3 NAG K . -58.19 1.93 -18.42
O4 NAG K . -56.99 4.46 -18.17
O5 NAG K . -60.46 5.26 -17.27
O6 NAG K . -57.35 7.09 -17.79
O7 NAG K . -62.05 1.30 -19.10
C1 GAL K . -57.87 0.79 -17.68
C2 GAL K . -57.14 -0.22 -18.56
C3 GAL K . -56.65 -1.41 -17.74
C4 GAL K . -55.86 -0.95 -16.52
C5 GAL K . -56.75 0.03 -15.76
C6 GAL K . -56.15 0.50 -14.44
O2 GAL K . -58.01 -0.62 -19.58
O3 GAL K . -55.88 -2.15 -18.65
O4 GAL K . -54.66 -0.35 -16.97
O5 GAL K . -57.06 1.15 -16.58
O6 GAL K . -55.17 1.47 -14.69
C1 SIA K . -55.38 -4.17 -19.83
C2 SIA K . -56.16 -3.57 -18.58
C3 SIA K . -57.61 -4.06 -18.54
C4 SIA K . -57.68 -5.58 -18.48
C5 SIA K . -57.06 -6.06 -17.17
C6 SIA K . -55.64 -5.48 -17.01
C7 SIA K . -55.14 -5.56 -15.55
C8 SIA K . -53.76 -4.88 -15.42
C9 SIA K . -53.02 -5.41 -14.20
C10 SIA K . -57.09 -8.25 -15.97
C11 SIA K . -56.91 -9.76 -16.14
N5 SIA K . -56.95 -7.52 -17.10
O1A SIA K . -56.05 -4.01 -20.90
O1B SIA K . -54.25 -4.67 -19.66
O4 SIA K . -59.03 -6.09 -18.55
O6 SIA K . -55.54 -4.09 -17.34
O7 SIA K . -56.11 -5.01 -14.66
O8 SIA K . -53.02 -5.06 -16.61
O9 SIA K . -51.93 -4.55 -13.89
O10 SIA K . -57.35 -7.77 -14.86
C1 GAL L . -44.75 -46.11 11.11
C2 GAL L . -45.07 -44.73 10.57
C3 GAL L . -44.34 -43.63 11.33
C4 GAL L . -44.46 -43.82 12.83
C5 GAL L . -44.13 -45.24 13.25
C6 GAL L . -44.40 -45.49 14.72
O1 GAL L . -45.57 -47.04 10.49
O2 GAL L . -44.77 -44.71 9.17
O3 GAL L . -44.85 -42.34 11.00
O4 GAL L . -45.79 -43.52 13.24
O5 GAL L . -44.97 -46.14 12.52
O6 GAL L . -43.92 -46.76 15.12
C1 NAG L . -44.43 -41.72 9.83
C2 NAG L . -42.91 -41.58 9.75
C3 NAG L . -42.57 -40.73 8.55
C4 NAG L . -43.15 -41.36 7.30
C5 NAG L . -44.66 -41.48 7.47
C6 NAG L . -45.34 -42.16 6.30
C7 NAG L . -41.49 -41.73 11.72
C8 NAG L . -41.20 -41.16 13.08
N2 NAG L . -42.31 -41.03 10.95
O3 NAG L . -41.17 -40.52 8.42
O4 NAG L . -42.85 -40.54 6.18
O5 NAG L . -44.96 -42.27 8.64
O6 NAG L . -45.05 -41.49 5.08
O7 NAG L . -41.00 -42.79 11.34
C1 GAL L . -40.72 -39.26 8.84
C2 GAL L . -39.24 -39.10 8.48
C3 GAL L . -38.74 -37.70 8.82
C4 GAL L . -39.65 -36.64 8.21
C5 GAL L . -41.08 -36.95 8.67
C6 GAL L . -42.09 -35.91 8.23
O2 GAL L . -38.51 -40.07 9.20
O3 GAL L . -37.43 -37.67 8.34
O4 GAL L . -39.51 -36.70 6.81
O5 GAL L . -41.45 -38.24 8.22
O6 GAL L . -42.41 -36.11 6.87
C1 SIA L . -35.09 -37.35 8.60
C2 SIA L . -36.51 -37.05 9.25
C3 SIA L . -36.53 -37.47 10.73
C4 SIA L . -35.46 -36.73 11.54
C5 SIA L . -35.77 -35.24 11.53
C6 SIA L . -35.94 -34.74 10.07
C7 SIA L . -36.69 -33.38 10.01
C8 SIA L . -36.92 -32.97 8.54
C9 SIA L . -37.09 -31.46 8.43
C10 SIA L . -34.92 -33.31 12.86
C11 SIA L . -33.66 -32.63 13.40
N5 SIA L . -34.71 -34.44 12.13
O1A SIA L . -34.69 -38.53 8.87
O1B SIA L . -34.53 -36.46 7.92
O4 SIA L . -35.38 -37.16 12.90
O6 SIA L . -36.74 -35.60 9.26
O7 SIA L . -37.89 -33.42 10.76
O8 SIA L . -35.85 -33.44 7.74
O9 SIA L . -37.65 -31.14 7.16
O10 SIA L . -36.03 -32.84 13.10
C1 GAL M . 17.85 -17.54 -20.78
C2 GAL M . 18.92 -17.26 -19.74
C3 GAL M . 19.87 -16.13 -20.12
C4 GAL M . 20.29 -16.23 -21.57
C5 GAL M . 19.09 -16.43 -22.48
C6 GAL M . 19.48 -16.62 -23.94
O1 GAL M . 17.22 -18.74 -20.48
O2 GAL M . 18.27 -16.98 -18.49
O3 GAL M . 21.06 -16.15 -19.33
O4 GAL M . 21.18 -17.33 -21.72
O5 GAL M . 18.42 -17.64 -22.09
O6 GAL M . 18.35 -16.55 -24.80
C1 NAG M . 21.02 -15.77 -18.00
C2 NAG M . 20.58 -14.33 -17.78
C3 NAG M . 20.89 -13.97 -16.33
C4 NAG M . 20.10 -14.88 -15.41
C5 NAG M . 20.43 -16.34 -15.73
C6 NAG M . 19.51 -17.30 -15.01
C7 NAG M . 20.41 -12.65 -19.51
C8 NAG M . 21.09 -12.15 -20.75
N2 NAG M . 21.17 -13.37 -18.68
O3 NAG M . 20.62 -12.60 -16.07
O4 NAG M . 20.47 -14.59 -14.07
O5 NAG M . 20.27 -16.61 -17.13
O6 NAG M . 19.44 -16.98 -13.62
O7 NAG M . 19.23 -12.43 -19.27
C1 GAL M . 21.72 -11.83 -15.70
C2 GAL M . 21.20 -10.45 -15.33
C3 GAL M . 22.30 -9.57 -14.74
C4 GAL M . 23.00 -10.30 -13.59
C5 GAL M . 23.47 -11.65 -14.14
C6 GAL M . 24.30 -12.44 -13.14
O2 GAL M . 20.67 -9.86 -16.50
O3 GAL M . 21.64 -8.40 -14.34
O4 GAL M . 22.08 -10.42 -12.53
O5 GAL M . 22.36 -12.41 -14.56
O6 GAL M . 23.45 -13.03 -12.19
C1 SIA M . 21.31 -6.04 -14.39
C2 SIA M . 22.35 -7.20 -14.70
C3 SIA M . 22.92 -7.07 -16.13
C4 SIA M . 23.62 -5.73 -16.32
C5 SIA M . 24.83 -5.66 -15.39
C6 SIA M . 24.40 -5.96 -13.93
C7 SIA M . 25.61 -6.35 -13.04
C8 SIA M . 25.13 -6.73 -11.62
C9 SIA M . 26.25 -6.55 -10.62
C10 SIA M . 26.81 -4.13 -15.27
C11 SIA M . 27.24 -2.66 -15.28
N5 SIA M . 25.47 -4.34 -15.39
O1A SIA M . 20.47 -5.91 -15.32
O1B SIA M . 21.42 -5.42 -13.31
O4 SIA M . 24.08 -5.51 -17.66
O6 SIA M . 23.51 -7.07 -13.81
O7 SIA M . 26.39 -7.36 -13.65
O8 SIA M . 23.98 -5.97 -11.28
O9 SIA M . 25.92 -7.23 -9.41
O10 SIA M . 27.65 -5.04 -15.15
C1 GAL N . 50.34 -28.61 31.76
C2 GAL N . 48.93 -28.16 31.39
C3 GAL N . 48.13 -27.69 32.61
C4 GAL N . 48.30 -28.63 33.81
C5 GAL N . 49.77 -28.92 34.05
C6 GAL N . 50.00 -29.90 35.17
O1 GAL N . 50.91 -29.26 30.66
O2 GAL N . 49.04 -27.13 30.41
O3 GAL N . 46.73 -27.61 32.30
O4 GAL N . 47.62 -29.85 33.58
O5 GAL N . 50.33 -29.51 32.87
O6 GAL N . 49.10 -29.66 36.25
C1 NAG N . 46.38 -26.59 31.42
C2 NAG N . 44.86 -26.40 31.38
C3 NAG N . 44.53 -25.21 30.48
C4 NAG N . 45.31 -23.98 30.95
C5 NAG N . 46.80 -24.30 30.95
C6 NAG N . 47.64 -23.14 31.46
C7 NAG N . 42.90 -27.80 30.97
C8 NAG N . 42.37 -28.93 30.14
N2 NAG N . 44.21 -27.60 30.91
O3 NAG N . 43.13 -24.94 30.45
O4 NAG N . 45.07 -22.88 30.08
O5 NAG N . 47.05 -25.41 31.83
O6 NAG N . 47.38 -21.96 30.71
O7 NAG N . 42.17 -27.10 31.66
C1 GAL N . 42.59 -24.56 29.23
C2 GAL N . 41.08 -24.34 29.33
C3 GAL N . 40.48 -23.97 27.99
C4 GAL N . 41.24 -22.80 27.36
C5 GAL N . 42.71 -23.21 27.31
C6 GAL N . 43.59 -22.19 26.61
O2 GAL N . 40.50 -25.51 29.84
O3 GAL N . 39.13 -23.67 28.28
O4 GAL N . 41.01 -21.65 28.14
O5 GAL N . 43.19 -23.43 28.63
O6 GAL N . 43.84 -21.10 27.46
C1 SIA N . 36.79 -24.00 27.99
C2 SIA N . 38.22 -24.25 27.34
C3 SIA N . 38.38 -25.72 26.93
C4 SIA N . 37.30 -26.15 25.93
C5 SIA N . 37.47 -25.35 24.64
C6 SIA N . 37.50 -23.83 24.96
C7 SIA N . 38.08 -23.00 23.78
C8 SIA N . 38.19 -21.52 24.18
C9 SIA N . 38.21 -20.64 22.94
C10 SIA N . 36.51 -25.60 22.35
C11 SIA N . 35.23 -25.85 21.56
N5 SIA N . 36.37 -25.58 23.70
O1A SIA N . 36.54 -24.86 28.88
O1B SIA N . 36.11 -23.02 27.61
O4 SIA N . 37.36 -27.55 25.61
O6 SIA N . 38.31 -23.49 26.07
O7 SIA N . 39.33 -23.55 23.37
O8 SIA N . 37.11 -21.17 25.05
O9 SIA N . 38.65 -19.33 23.28
O10 SIA N . 37.59 -25.44 21.76
C1 GAL O . 64.26 20.51 0.70
C2 GAL O . 63.01 19.67 0.79
C3 GAL O . 62.61 19.35 2.23
C4 GAL O . 63.82 18.88 3.03
C5 GAL O . 65.01 19.81 2.85
C6 GAL O . 66.25 19.29 3.53
O1 GAL O . 64.65 20.63 -0.63
O2 GAL O . 61.94 20.32 0.11
O3 GAL O . 61.65 18.30 2.21
O4 GAL O . 64.18 17.57 2.61
O5 GAL O . 65.31 19.91 1.45
O6 GAL O . 67.29 20.28 3.53
C1 NAG O . 60.30 18.65 2.21
C2 NAG O . 59.77 18.94 3.61
C3 NAG O . 58.24 18.98 3.51
C4 NAG O . 57.84 20.07 2.53
C5 NAG O . 58.52 19.84 1.19
C6 NAG O . 58.32 20.96 0.20
C7 NAG O . 61.09 18.33 5.53
C8 NAG O . 61.46 17.25 6.51
N2 NAG O . 60.24 17.97 4.57
O3 NAG O . 57.62 19.13 4.79
O4 NAG O . 56.42 20.03 2.35
O5 NAG O . 59.95 19.73 1.37
O6 NAG O . 57.00 20.95 -0.34
O7 NAG O . 61.57 19.46 5.59
C1 GAL O . 57.35 17.96 5.49
C2 GAL O . 56.65 18.24 6.81
C3 GAL O . 56.21 16.95 7.50
C4 GAL O . 55.39 16.09 6.54
C5 GAL O . 56.24 15.90 5.28
C6 GAL O . 55.62 14.95 4.27
O2 GAL O . 57.54 18.96 7.63
O3 GAL O . 55.48 17.38 8.63
O4 GAL O . 54.18 16.74 6.29
O5 GAL O . 56.51 17.15 4.68
O6 GAL O . 54.59 15.62 3.57
C1 SIA O . 55.07 17.46 10.96
C2 SIA O . 55.81 16.64 9.81
C3 SIA O . 57.29 16.40 10.17
C4 SIA O . 57.43 15.63 11.47
C5 SIA O . 56.81 14.23 11.29
C6 SIA O . 55.37 14.36 10.76
C7 SIA O . 54.86 13.02 10.15
C8 SIA O . 53.45 13.21 9.55
C9 SIA O . 52.73 11.88 9.48
C10 SIA O . 56.93 12.14 12.65
C11 SIA O . 56.82 11.57 14.05
N5 SIA O . 56.76 13.48 12.55
O1A SIA O . 55.74 18.47 11.31
O1B SIA O . 53.97 17.05 11.37
O4 SIA O . 58.79 15.47 11.90
O6 SIA O . 55.21 15.30 9.72
O7 SIA O . 55.80 12.51 9.22
O8 SIA O . 52.73 14.16 10.31
O9 SIA O . 51.60 12.01 8.61
O10 SIA O . 57.16 11.41 11.70
C1 NAG P . 45.58 -8.37 38.32
C2 NAG P . 44.57 -8.34 39.47
C3 NAG P . 44.03 -9.74 39.73
C4 NAG P . 43.32 -10.20 38.48
C5 NAG P . 44.30 -10.16 37.32
C6 NAG P . 43.61 -10.46 36.00
C7 NAG P . 44.77 -6.62 41.10
C8 NAG P . 44.82 -6.42 42.58
N2 NAG P . 45.16 -7.81 40.67
O3 NAG P . 43.09 -9.73 40.81
O4 NAG P . 42.84 -11.53 38.68
O5 NAG P . 44.84 -8.85 37.19
O6 NAG P . 44.51 -10.09 34.95
O7 NAG P . 44.37 -5.77 40.32
C1 NAG Q . -42.79 11.62 -19.57
C2 NAG Q . -43.73 10.43 -19.61
C3 NAG Q . -44.02 10.08 -21.07
C4 NAG Q . -44.33 11.31 -21.91
C5 NAG Q . -43.25 12.35 -21.70
C6 NAG Q . -43.54 13.62 -22.46
C7 NAG Q . -43.65 8.73 -17.95
C8 NAG Q . -43.75 7.24 -17.99
N2 NAG Q . -43.11 9.29 -19.00
O3 NAG Q . -45.16 9.23 -21.15
O4 NAG Q . -44.34 10.93 -23.29
O5 NAG Q . -43.31 12.69 -20.34
O6 NAG Q . -42.70 14.62 -21.87
O7 NAG Q . -44.07 9.38 -17.02
C1 NAG R . 32.34 1.25 -38.49
C2 NAG R . 32.79 2.35 -37.53
C3 NAG R . 32.03 3.61 -37.73
C4 NAG R . 32.12 4.07 -39.15
C5 NAG R . 31.67 2.97 -40.11
C6 NAG R . 31.81 3.44 -41.52
C7 NAG R . 33.81 1.78 -35.26
C8 NAG R . 33.68 1.32 -33.80
N2 NAG R . 32.63 1.89 -36.11
O3 NAG R . 32.57 4.64 -36.85
O4 NAG R . 31.29 5.22 -39.34
O5 NAG R . 32.45 1.73 -39.91
O6 NAG R . 30.57 3.89 -41.97
O7 NAG R . 34.89 2.04 -35.70
C1 NAG S . 19.36 -52.13 -40.20
C2 NAG S . 18.76 -53.18 -39.27
C3 NAG S . 19.44 -53.25 -37.95
C4 NAG S . 20.94 -53.36 -38.04
C5 NAG S . 21.53 -52.34 -39.01
C6 NAG S . 22.99 -52.63 -39.20
C7 NAG S . 16.27 -53.67 -39.66
C8 NAG S . 14.79 -53.33 -39.44
N2 NAG S . 17.32 -52.85 -39.05
O3 NAG S . 18.95 -54.42 -37.24
O4 NAG S . 21.49 -53.14 -36.75
O5 NAG S . 20.85 -52.33 -40.32
O6 NAG S . 23.17 -53.79 -39.98
O7 NAG S . 16.57 -54.61 -40.33
C1 NAG T . 12.77 -18.79 -1.11
C2 NAG T . 13.60 -18.02 -2.13
C3 NAG T . 12.67 -17.23 -3.07
C4 NAG T . 11.45 -18.02 -3.50
C5 NAG T . 10.73 -18.62 -2.32
C6 NAG T . 9.54 -19.46 -2.72
C7 NAG T . 15.21 -16.17 -1.92
C8 NAG T . 14.81 -14.77 -1.53
N2 NAG T . 14.49 -17.15 -1.39
O3 NAG T . 13.34 -16.90 -4.28
O4 NAG T . 10.61 -17.11 -4.22
O5 NAG T . 11.66 -19.48 -1.68
O6 NAG T . 8.55 -18.69 -3.41
O7 NAG T . 16.15 -16.38 -2.67
#